data_4GZY
#
_entry.id   4GZY
#
_cell.length_a   207.210
_cell.length_b   207.210
_cell.length_c   203.223
_cell.angle_alpha   90.00
_cell.angle_beta   90.00
_cell.angle_gamma   120.00
#
_symmetry.space_group_name_H-M   'P 31 2 1'
#
loop_
_entity.id
_entity.type
_entity.pdbx_description
1 polymer 'DNA-directed RNA polymerase subunit alpha'
2 polymer 'DNA-directed RNA polymerase subunit beta'
3 polymer "DNA-directed RNA polymerase subunit beta'"
4 polymer 'DNA-directed RNA polymerase subunit omega'
5 polymer 'non-template DNA'
6 polymer 'RNA transcript'
7 polymer 'template DNA'
8 non-polymer 'ZINC ION'
9 non-polymer 'MAGNESIUM ION'
#
loop_
_entity_poly.entity_id
_entity_poly.type
_entity_poly.pdbx_seq_one_letter_code
_entity_poly.pdbx_strand_id
1 'polypeptide(L)'
;MLDSKLKAPVFTVRTQGREYGEFVLEPLERGFGVTLGNPLRRILLSSIPGTAVTSVYIEDVLHEFSTIPGVKEDVVEIIL
NLKELVVRFLNPSLQTVTLLLKAEGPKEVKARDFLPVADVEIMNPDLHIATLEEGGRLNMEVRVDRGVGYVPAEKHGIKD
RINAIPVDAVFSPVRRVAFQVEDTRLGQRTDLDKLTLRIWTDGSVTPLEALNQAVEILREHLTYFSNPQAAAVAAPEEAK
EPEAPPEQEEELDLPLEELGLSTRVLHSLKEEGIESVRALLALNLKDLKNIPGIGERSLEEIKEALEKKGFTLKE
;
A,B
2 'polypeptide(L)'
;MEIKRFGRIREVIPLPPLTEIQVESYRRALQADVPPEKRENVGIQAAFRETFPIEEEDKGKGGLVLDFLEYRLGEPPFPQ
DECREKDLTYQAPLYARLQLIHKDTGLIKEDEVFLGHIPLMTEDGSFIINGADRVIVSQIHRSPGVYFTPDPARPGRYIA
SIIPLPKRGPWIDLEVEPNGVVSMKVNKRKFPLVLLLRVLGYDQETLARELGAYGELVQGLMDESVFAMRPEEALIRLFT
LLRPGDPPKRDKAVAYVYGLIADPRRYDLGEAGRYKAEEKLGIRLSGRTLARFEDGEFKDEVFLPTLRYLFALTAGVPGH
EVDDIDHLGNRRIRTVGELMTDQFRVGLARLARGVRERMLMGSEDSLTPAKLVNSRPLEAAIREFFSRSQLSQFKDETNP
LSSLRHKRRISALGPGGLTRERAGFDVRDVHRTHYGRICPVETPEGANIGLITSLAAYARVDELGFIRTPYRRVVGGVVT
DEVVYMTATEEDRYTIAQANTPLEGNRIAAERVVARRKGEPVIVSPEEVEFMDVSPKQVFSVNTNLIPFLEHDDANRALM
GSNMQTQAVPLIRAQAPVVMTGLEERVVRDSLAALYAEEDGEVAKVDGNRIVVRYEDGRLVEYPLRRFYRSNQGTALDQR
PRVVVGQRVRKGDLLADGPASENGFLALGQNVLVAIMPFDGYNFEDAIVISEELLKRDFYTSIHIERYEIEARDTKLGPE
RITRDIPHLSEAALRDLDEEGVVRIGAEVKPGDILVGRTSFKGESEPTPEERLLRSIFGEKARDVKDTSLRVPPGEGGIV
VRTVRLRRGDPGVELKPGVREVVRVYVAQKRKLQVGDKLANRHGNKGVVAKILPVEDMPHLPDGTPVDVILNPLGVPSRM
NLGQILETHLGLAGYFLGQRYISPIFDGAKEPEIKELLAQAFEVYFGKRKGEGFGVDKREVEVLRRAEKLGLVTPGKTPE
EQLKELFLQGKVVLYDGRTGEPIEGPIVVGQMFIMKLYHMVEDKMHARSTGPYSLITQQPLGGKAQFGGQRFGEMEVWAL
EAYGAAHTLQEMLTLKSDDIEGRNAAYEAIIKGEDVPEPSVPESFRVLVKELQALALDVQTLDEKDNPVDIFEGLASKR
;
C
3 'polypeptide(L)'
;MKKEVRKVRIALASPEKIRSWSYGEVEKPETINYRTLKPERDGLFDERIFGPIKDYECACGKYKRQRFEGKVCERCGVEV
TKSIVRRYRMGHIELATPAAHIWFVKDVPSKIGTLLDLSATELEQVLYFSKYIVLDPKGAILNGVPVEKRQLLTDEEYRE
LRYGKQETYPLPPGVDALVKDGEEVVKGQELAPGVVSRLDGVALYRFPRRVRVEYVKKERAGLRLPLAAWVEKEAYKPGE
ILAELPEPYLFRAEEEGVVELKELEEGAFLVLRREDEPVATYFLPVGMTPLVVHGEIVEKGQPLAEAKGLLRMPRQVRAA
QVEAEEEGETVYLTLFLEWTEPKDYRVQPHMNVVVPEGARVEAGDKIVAAIDPEEEVIAEAEGVVHLHEPASILVVKARV
YPFEDDVEVSTGDRVAPGDVLADGGKVKSDVYGRVEVDLVRNVVRVVESYDIDARMGAEAIQQLLKELDLEALEKELLEE
MKHPSRARRAKARKRLEVVRAFLDSGNRPEWMILEAVPVLPPDLRPMVQVDGGRFATSDLNDLYRRLINRNNRLKKLLAQ
GAPEIIIRNEKRMLQEAVDALLDNGRRGAPVTNPGSDRPLRSLTDILSGKQGRFRQNLLGKRVDYSGRSVIVVGPQLKLH
QCGLPKRMALELFKPFLLKKMEEKGIAPNVKAARRMLERQRDIKDEVWDALEEVIHGKVVLLNRAPTLHRLGIQAFQPVL
VEGQSIQLHPLVCEAFNADFDGDQMAVHVPLSSFAQAEARIQMLSAHNLLSPASGEPLAKPSRDIILGLYYITQVRKEKK
GAGLEFATPEEALAAHERGEVALNAPIKVAGRETSVGRLKYVFANPDEALLAVAHGIVDLQDVVTVRYMGKRLETSPGRI
LFARIVAEAVEDEKVAWELIQLDVPQEKNSLKDLVYQAFLRLGMEKTARLLDALKYYGFTFSTTSGITIGIDDAVIPEEK
KQYLEEADRKLLQIEQAYEMGFLTDRERYDQILQLWTETTEKVTQAVFKNFEENYPFNPLYVMAQSGARGNPQQIRQLCG
LRGLMQKPSGETFEVPVRSSFREGLTVLEYFISSHGARKGGADTALRTADSGYLTRKLVDVTHEIVVREADCGTTNYISV
PLFQPDEVTRSLRLRKRADIEAGLYGRVLAREVEVLGVRLEEGRYLSMDDVHLLIKAAEAGEIQEVPVRSPLTCQTRYGV
CQKCYGYDLSMARPVSIGEAVGIVAAQSIGEPGTQLTMRTFHTGGVAGAADITQGLPRVIELFEARRPKAKAVISEIDGV
VRIEETEEKLSVFVESEGFSKEYKLPKEARLLVKDGDYVEAGQPLTRGAIDPHQLLEAKGPEAVERYLVEEIQKVYRAQG
VKLHDKHIEIVVRQMMKYVEVTDPGDSRLLEGQVLEKWDVEALNERLIAEGKTPVAWKPLLMGVTKSALSTKSWLSAASF
QNTTHVLTEAAIAGKKDELIGLKENVILGRLIPAGTGSDFVRFTQVVDQKTLKAIEEARKEAVEAKERPAARRGVKREQP
GKQAHHHHHHHHHH
;
D
4 'polypeptide(L)'
;MAEPGIDKLFGMVDSKYRLTVVVAKRAQQLLRHGFKNTVLEPEERPKMQTLEGLFDDPNAVTWAMKELLTGRLVFGENLV
PEDRLQKEMERLYPVEREE
;
E
5 'polydeoxyribonucleotide' (DG)(DG)(DA)(DA)(DG)(DA)(DG)(DA)(DT)(DT)(DC)(DC)(DC) N
6 'polyribonucleotide' CCUGACUAGUCUUUCAGGUAAUGUGUGCU R
7 'polydeoxyribonucleotide'
;(DG)(DG)(DG)(DA)(DA)(DT)(DC)(DT)(DC)(DT)(DT)(DC)(DC)(DA)(DG)(DC)(DA)(DC)(DA)(DC)
(DA)(DT)
;
T
#
loop_
_chem_comp.id
_chem_comp.type
_chem_comp.name
_chem_comp.formula
A RNA linking ADENOSINE-5'-MONOPHOSPHATE 'C10 H14 N5 O7 P'
C RNA linking CYTIDINE-5'-MONOPHOSPHATE 'C9 H14 N3 O8 P'
DA DNA linking 2'-DEOXYADENOSINE-5'-MONOPHOSPHATE 'C10 H14 N5 O6 P'
DC DNA linking 2'-DEOXYCYTIDINE-5'-MONOPHOSPHATE 'C9 H14 N3 O7 P'
DG DNA linking 2'-DEOXYGUANOSINE-5'-MONOPHOSPHATE 'C10 H14 N5 O7 P'
DT DNA linking THYMIDINE-5'-MONOPHOSPHATE 'C10 H15 N2 O8 P'
G RNA linking GUANOSINE-5'-MONOPHOSPHATE 'C10 H14 N5 O8 P'
MG non-polymer 'MAGNESIUM ION' 'Mg 2'
U RNA linking URIDINE-5'-MONOPHOSPHATE 'C9 H13 N2 O9 P'
ZN non-polymer 'ZINC ION' 'Zn 2'
#
# COMPACT_ATOMS: atom_id res chain seq x y z
N LYS A 7 68.13 11.31 -14.54
CA LYS A 7 66.69 11.34 -14.78
C LYS A 7 66.09 9.94 -14.84
N ALA A 8 66.86 8.95 -14.38
CA ALA A 8 66.38 7.57 -14.32
C ALA A 8 65.88 7.25 -12.92
N PRO A 9 64.61 6.81 -12.82
CA PRO A 9 63.90 6.53 -11.58
C PRO A 9 64.62 5.59 -10.63
N VAL A 10 64.78 6.03 -9.39
CA VAL A 10 65.48 5.29 -8.35
C VAL A 10 64.47 4.59 -7.45
N PHE A 11 64.83 3.39 -7.01
CA PHE A 11 63.91 2.52 -6.28
C PHE A 11 64.48 2.17 -4.89
N THR A 12 63.79 2.61 -3.84
CA THR A 12 64.25 2.36 -2.48
C THR A 12 63.29 1.45 -1.70
N VAL A 13 63.85 0.56 -0.89
CA VAL A 13 63.04 -0.40 -0.14
C VAL A 13 63.21 -0.25 1.36
N ARG A 14 62.10 -0.23 2.09
CA ARG A 14 62.14 -0.18 3.55
C ARG A 14 61.28 -1.25 4.20
N THR A 15 61.68 -2.51 4.07
CA THR A 15 60.91 -3.61 4.64
C THR A 15 61.17 -3.84 6.13
N GLN A 16 60.27 -3.34 6.98
CA GLN A 16 60.37 -3.52 8.43
C GLN A 16 59.73 -4.83 8.86
N GLY A 17 60.54 -5.88 8.96
CA GLY A 17 60.05 -7.19 9.35
C GLY A 17 59.52 -8.01 8.19
N ARG A 18 58.29 -8.52 8.33
CA ARG A 18 57.69 -9.37 7.32
C ARG A 18 56.20 -9.05 7.16
N GLU A 19 55.66 -8.26 8.09
CA GLU A 19 54.26 -7.86 8.05
C GLU A 19 54.10 -6.55 7.29
N TYR A 20 55.01 -5.61 7.51
CA TYR A 20 54.94 -4.31 6.87
C TYR A 20 56.02 -4.14 5.82
N GLY A 21 55.75 -3.30 4.83
CA GLY A 21 56.69 -3.03 3.77
C GLY A 21 56.43 -1.66 3.15
N GLU A 22 57.51 -0.99 2.77
CA GLU A 22 57.40 0.36 2.22
C GLU A 22 58.26 0.43 0.97
N PHE A 23 57.81 1.18 -0.03
CA PHE A 23 58.52 1.24 -1.30
C PHE A 23 58.56 2.66 -1.87
N VAL A 24 59.71 3.06 -2.40
CA VAL A 24 59.87 4.42 -2.90
C VAL A 24 60.37 4.44 -4.34
N LEU A 25 59.78 5.34 -5.13
CA LEU A 25 60.18 5.52 -6.52
C LEU A 25 60.35 7.01 -6.79
N GLU A 26 61.56 7.43 -7.16
CA GLU A 26 61.82 8.86 -7.41
C GLU A 26 62.99 9.11 -8.37
N PRO A 27 62.79 9.98 -9.38
CA PRO A 27 61.60 10.79 -9.61
C PRO A 27 60.72 10.29 -10.75
N LEU A 28 59.48 10.77 -10.80
CA LEU A 28 58.57 10.56 -11.91
C LEU A 28 58.16 11.90 -12.48
N GLU A 29 57.87 11.95 -13.77
CA GLU A 29 57.74 13.24 -14.46
C GLU A 29 56.60 14.13 -13.97
N ARG A 30 55.38 13.87 -14.43
CA ARG A 30 54.25 14.73 -14.09
C ARG A 30 53.04 13.90 -13.70
N GLY A 31 52.75 13.87 -12.40
CA GLY A 31 51.61 13.13 -11.88
C GLY A 31 51.65 11.64 -12.12
N PHE A 32 52.79 11.14 -12.57
CA PHE A 32 52.96 9.71 -12.84
C PHE A 32 53.03 8.86 -11.57
N GLY A 33 52.95 9.51 -10.41
CA GLY A 33 52.92 8.80 -9.15
C GLY A 33 51.55 8.19 -8.92
N VAL A 34 50.52 8.98 -9.22
CA VAL A 34 49.14 8.54 -9.05
C VAL A 34 48.79 7.54 -10.13
N THR A 35 49.40 7.73 -11.29
CA THR A 35 49.22 6.85 -12.45
C THR A 35 49.78 5.45 -12.17
N LEU A 36 50.62 5.33 -11.15
CA LEU A 36 51.18 4.03 -10.76
C LEU A 36 50.72 3.60 -9.39
N GLY A 37 50.47 4.56 -8.51
CA GLY A 37 50.12 4.29 -7.14
C GLY A 37 48.80 3.56 -7.03
N ASN A 38 47.75 4.17 -7.56
CA ASN A 38 46.44 3.55 -7.50
C ASN A 38 46.33 2.18 -8.19
N PRO A 39 46.74 2.08 -9.48
CA PRO A 39 46.55 0.81 -10.20
C PRO A 39 47.18 -0.40 -9.51
N LEU A 40 48.23 -0.16 -8.73
CA LEU A 40 48.86 -1.24 -8.00
C LEU A 40 48.03 -1.57 -6.78
N ARG A 41 47.61 -0.54 -6.05
CA ARG A 41 46.76 -0.70 -4.88
C ARG A 41 45.53 -1.52 -5.21
N ARG A 42 44.99 -1.29 -6.40
CA ARG A 42 43.86 -2.07 -6.89
C ARG A 42 44.22 -3.54 -7.00
N ILE A 43 45.34 -3.84 -7.64
CA ILE A 43 45.73 -5.23 -7.86
C ILE A 43 46.20 -5.89 -6.57
N LEU A 44 46.81 -5.11 -5.69
CA LEU A 44 47.27 -5.62 -4.40
C LEU A 44 46.10 -6.05 -3.52
N LEU A 45 45.02 -5.27 -3.53
CA LEU A 45 43.83 -5.59 -2.74
C LEU A 45 42.93 -6.60 -3.44
N SER A 46 42.86 -6.52 -4.77
CA SER A 46 42.00 -7.41 -5.54
C SER A 46 42.60 -8.80 -5.69
N SER A 47 43.59 -8.91 -6.57
CA SER A 47 44.17 -10.21 -6.90
C SER A 47 45.09 -10.74 -5.81
N ILE A 48 46.24 -11.27 -6.21
CA ILE A 48 47.25 -11.83 -5.32
C ILE A 48 46.79 -13.09 -4.57
N PRO A 49 47.49 -14.21 -4.78
CA PRO A 49 47.15 -15.48 -4.15
C PRO A 49 47.27 -15.42 -2.63
N GLY A 50 46.23 -15.87 -1.94
CA GLY A 50 46.23 -15.89 -0.49
C GLY A 50 45.96 -17.28 0.06
N THR A 51 45.95 -17.39 1.38
CA THR A 51 45.70 -18.66 2.04
C THR A 51 44.78 -18.49 3.25
N ALA A 52 43.68 -19.21 3.26
CA ALA A 52 42.70 -19.10 4.35
C ALA A 52 42.09 -20.46 4.69
N VAL A 53 41.30 -20.49 5.76
CA VAL A 53 40.67 -21.71 6.20
C VAL A 53 39.36 -21.94 5.46
N THR A 54 39.19 -23.13 4.90
CA THR A 54 38.04 -23.41 4.05
C THR A 54 36.94 -24.15 4.80
N SER A 55 37.31 -25.23 5.48
CA SER A 55 36.33 -25.99 6.26
C SER A 55 36.95 -26.62 7.51
N VAL A 56 36.12 -26.93 8.49
CA VAL A 56 36.58 -27.43 9.78
C VAL A 56 35.65 -28.53 10.28
N TYR A 57 36.23 -29.58 10.86
CA TYR A 57 35.43 -30.65 11.46
C TYR A 57 35.77 -30.79 12.93
N ILE A 58 34.75 -30.68 13.78
CA ILE A 58 34.95 -30.82 15.22
C ILE A 58 34.61 -32.24 15.67
N GLU A 59 35.11 -32.63 16.84
CA GLU A 59 34.96 -33.99 17.37
C GLU A 59 33.52 -34.49 17.39
N ASP A 60 32.64 -33.79 18.11
CA ASP A 60 31.26 -34.21 18.22
C ASP A 60 30.28 -33.21 17.61
N VAL A 61 30.78 -32.06 17.20
CA VAL A 61 29.92 -31.02 16.63
C VAL A 61 29.41 -31.40 15.24
N LEU A 62 28.10 -31.32 15.04
CA LEU A 62 27.49 -31.61 13.76
C LEU A 62 27.34 -30.36 12.92
N HIS A 63 26.56 -29.41 13.40
CA HIS A 63 26.28 -28.20 12.64
C HIS A 63 27.05 -26.99 13.17
N GLU A 64 27.04 -25.90 12.41
CA GLU A 64 27.78 -24.71 12.79
C GLU A 64 27.19 -24.07 14.06
N PHE A 65 25.90 -24.29 14.28
CA PHE A 65 25.18 -23.68 15.39
C PHE A 65 25.11 -24.61 16.59
N SER A 66 26.26 -24.90 17.19
CA SER A 66 26.28 -25.75 18.38
C SER A 66 27.10 -25.19 19.52
N THR A 67 27.32 -26.05 20.50
CA THR A 67 28.15 -25.73 21.65
C THR A 67 28.96 -26.97 22.01
N ILE A 68 29.98 -26.76 22.84
CA ILE A 68 30.80 -27.85 23.33
C ILE A 68 31.05 -27.71 24.83
N PRO A 69 30.78 -28.78 25.59
CA PRO A 69 31.08 -28.81 27.02
C PRO A 69 32.53 -28.41 27.27
N GLY A 70 32.76 -27.53 28.22
CA GLY A 70 34.09 -27.07 28.53
C GLY A 70 34.59 -25.94 27.65
N VAL A 71 33.72 -25.46 26.76
CA VAL A 71 34.09 -24.39 25.84
C VAL A 71 33.25 -23.13 25.99
N LYS A 72 33.91 -22.05 26.38
CA LYS A 72 33.29 -20.73 26.56
C LYS A 72 32.70 -20.19 25.26
N GLU A 73 33.46 -20.30 24.16
CA GLU A 73 33.02 -19.78 22.86
C GLU A 73 32.17 -20.81 22.13
N ASP A 74 30.99 -20.41 21.63
CA ASP A 74 30.19 -21.33 20.83
C ASP A 74 30.84 -21.59 19.48
N VAL A 75 30.39 -22.62 18.77
CA VAL A 75 31.04 -23.07 17.54
C VAL A 75 31.28 -21.95 16.53
N VAL A 76 30.25 -21.15 16.29
CA VAL A 76 30.34 -20.03 15.35
C VAL A 76 31.43 -19.05 15.74
N GLU A 77 31.51 -18.72 17.03
CA GLU A 77 32.52 -17.80 17.53
C GLU A 77 33.92 -18.38 17.40
N ILE A 78 34.05 -19.68 17.67
CA ILE A 78 35.34 -20.34 17.57
C ILE A 78 35.85 -20.24 16.14
N ILE A 79 35.00 -20.70 15.22
CA ILE A 79 35.30 -20.71 13.79
C ILE A 79 35.59 -19.31 13.27
N LEU A 80 34.86 -18.34 13.82
CA LEU A 80 35.04 -16.94 13.47
C LEU A 80 36.49 -16.49 13.75
N ASN A 81 37.14 -17.12 14.73
CA ASN A 81 38.54 -16.83 15.01
C ASN A 81 39.49 -17.39 13.97
N LEU A 82 39.14 -18.55 13.41
CA LEU A 82 39.97 -19.22 12.40
C LEU A 82 40.14 -18.37 11.15
N LYS A 83 39.27 -17.39 10.96
CA LYS A 83 39.41 -16.49 9.83
C LYS A 83 40.55 -15.49 10.06
N GLU A 84 40.81 -15.19 11.32
CA GLU A 84 41.86 -14.24 11.68
C GLU A 84 43.22 -14.96 11.76
N LEU A 85 43.25 -16.21 11.27
CA LEU A 85 44.46 -17.03 11.26
C LEU A 85 45.24 -16.88 9.96
N VAL A 86 46.57 -16.91 10.06
CA VAL A 86 47.42 -16.89 8.88
C VAL A 86 48.28 -18.14 8.84
N VAL A 87 48.19 -18.89 7.75
CA VAL A 87 48.97 -20.11 7.63
C VAL A 87 49.84 -20.06 6.37
N ARG A 88 51.09 -19.66 6.53
CA ARG A 88 51.99 -19.53 5.38
C ARG A 88 52.59 -20.87 4.95
N PHE A 89 52.40 -21.19 3.68
CA PHE A 89 52.97 -22.40 3.09
C PHE A 89 54.37 -22.07 2.59
N LEU A 90 55.00 -23.04 1.93
CA LEU A 90 56.35 -22.84 1.40
C LEU A 90 56.42 -22.98 -0.13
N ASN A 91 55.86 -24.06 -0.66
CA ASN A 91 55.86 -24.32 -2.10
C ASN A 91 54.47 -24.20 -2.72
N PRO A 92 54.38 -23.90 -4.02
CA PRO A 92 53.08 -23.90 -4.71
C PRO A 92 52.35 -25.24 -4.63
N SER A 93 53.08 -26.33 -4.45
CA SER A 93 52.50 -27.67 -4.43
C SER A 93 51.40 -27.80 -3.36
N LEU A 94 51.65 -27.19 -2.21
CA LEU A 94 50.70 -27.18 -1.11
C LEU A 94 49.42 -26.47 -1.49
N GLN A 95 48.40 -27.27 -1.79
CA GLN A 95 47.11 -26.72 -2.19
C GLN A 95 46.03 -27.00 -1.16
N THR A 96 46.19 -28.09 -0.40
CA THR A 96 45.21 -28.50 0.59
C THR A 96 45.84 -29.05 1.87
N VAL A 97 46.34 -28.19 2.75
CA VAL A 97 46.92 -28.69 4.00
C VAL A 97 45.87 -28.78 5.11
N THR A 98 45.58 -30.01 5.52
CA THR A 98 44.62 -30.26 6.59
C THR A 98 45.31 -30.30 7.95
N LEU A 99 45.38 -29.14 8.60
CA LEU A 99 45.96 -29.06 9.94
C LEU A 99 45.08 -29.81 10.92
N LEU A 100 45.70 -30.28 12.00
CA LEU A 100 44.99 -30.99 13.06
C LEU A 100 45.25 -30.31 14.40
N LEU A 101 44.28 -30.39 15.30
CA LEU A 101 44.44 -29.85 16.65
C LEU A 101 43.54 -30.52 17.68
N LYS A 102 44.16 -31.01 18.74
CA LYS A 102 43.40 -31.58 19.86
C LYS A 102 44.07 -31.35 21.21
N ALA A 103 43.27 -30.91 22.19
CA ALA A 103 43.78 -30.62 23.53
C ALA A 103 42.69 -30.59 24.58
N GLU A 104 43.11 -30.54 25.84
CA GLU A 104 42.20 -30.50 26.98
C GLU A 104 42.79 -29.72 28.15
N GLY A 105 42.03 -29.64 29.25
CA GLY A 105 42.47 -28.96 30.45
C GLY A 105 42.31 -27.45 30.36
N PRO A 106 42.19 -26.78 31.51
CA PRO A 106 42.01 -25.33 31.57
C PRO A 106 43.16 -24.54 30.95
N LYS A 107 43.00 -24.16 29.69
CA LYS A 107 44.03 -23.43 28.97
C LYS A 107 43.45 -22.73 27.74
N GLU A 108 43.85 -21.48 27.51
CA GLU A 108 43.47 -20.79 26.30
C GLU A 108 44.16 -21.44 25.10
N VAL A 109 43.38 -22.08 24.25
CA VAL A 109 43.94 -22.73 23.07
C VAL A 109 44.38 -21.68 22.05
N LYS A 110 45.65 -21.31 22.13
CA LYS A 110 46.21 -20.37 21.17
C LYS A 110 46.43 -21.12 19.87
N ALA A 111 46.75 -20.39 18.79
CA ALA A 111 46.91 -21.04 17.49
C ALA A 111 48.30 -21.66 17.36
N ARG A 112 49.12 -21.49 18.39
CA ARG A 112 50.46 -22.08 18.41
C ARG A 112 50.43 -23.56 18.81
N ASP A 113 49.23 -24.12 18.96
CA ASP A 113 49.12 -25.50 19.44
C ASP A 113 48.85 -26.50 18.31
N PHE A 114 48.61 -25.98 17.11
CA PHE A 114 48.40 -26.85 15.95
C PHE A 114 49.61 -27.73 15.68
N LEU A 115 49.34 -29.00 15.37
CA LEU A 115 50.40 -29.93 15.03
C LEU A 115 51.13 -29.51 13.76
N PRO A 116 52.44 -29.27 13.88
CA PRO A 116 53.25 -28.76 12.76
C PRO A 116 53.31 -29.72 11.58
N VAL A 117 53.46 -29.17 10.39
CA VAL A 117 53.50 -29.97 9.17
C VAL A 117 54.77 -29.65 8.36
N ALA A 118 55.20 -30.61 7.53
CA ALA A 118 56.46 -30.58 6.78
C ALA A 118 56.94 -29.20 6.33
N ASP A 119 56.27 -28.63 5.34
CA ASP A 119 56.69 -27.37 4.77
C ASP A 119 55.67 -26.26 5.01
N VAL A 120 55.04 -26.27 6.18
CA VAL A 120 54.00 -25.31 6.51
C VAL A 120 54.25 -24.63 7.86
N GLU A 121 54.10 -23.31 7.91
CA GLU A 121 54.32 -22.56 9.14
C GLU A 121 53.15 -21.64 9.47
N ILE A 122 52.75 -21.59 10.73
CA ILE A 122 51.71 -20.69 11.20
C ILE A 122 52.28 -19.35 11.71
N MET A 123 52.14 -18.30 10.91
CA MET A 123 52.67 -16.98 11.24
C MET A 123 51.89 -16.32 12.36
N ASN A 124 50.75 -16.91 12.69
CA ASN A 124 49.82 -16.34 13.66
C ASN A 124 49.61 -17.29 14.84
N PRO A 125 50.58 -17.32 15.76
CA PRO A 125 50.54 -18.30 16.86
C PRO A 125 49.66 -17.88 18.03
N ASP A 126 49.67 -16.59 18.37
CA ASP A 126 49.00 -16.09 19.56
C ASP A 126 47.49 -16.13 19.47
N LEU A 127 46.99 -16.35 18.26
CA LEU A 127 45.57 -16.23 17.97
C LEU A 127 44.70 -17.13 18.85
N HIS A 128 43.69 -16.53 19.45
CA HIS A 128 42.83 -17.25 20.37
C HIS A 128 41.82 -18.09 19.61
N ILE A 129 41.80 -19.40 19.89
CA ILE A 129 40.79 -20.26 19.28
C ILE A 129 39.58 -20.42 20.18
N ALA A 130 39.82 -20.96 21.37
CA ALA A 130 38.79 -21.20 22.36
C ALA A 130 39.40 -21.42 23.73
N THR A 131 38.72 -20.96 24.78
CA THR A 131 39.14 -21.23 26.15
C THR A 131 38.57 -22.55 26.62
N LEU A 132 39.43 -23.43 27.12
CA LEU A 132 38.96 -24.72 27.63
C LEU A 132 38.74 -24.71 29.13
N GLU A 133 37.63 -25.32 29.55
CA GLU A 133 37.22 -25.37 30.95
C GLU A 133 37.68 -26.69 31.55
N GLU A 134 37.50 -26.84 32.86
CA GLU A 134 37.86 -28.06 33.57
C GLU A 134 37.22 -29.29 32.91
N GLY A 135 38.01 -30.03 32.16
CA GLY A 135 37.53 -31.23 31.49
C GLY A 135 37.15 -30.99 30.04
N GLY A 136 37.21 -29.73 29.61
CA GLY A 136 36.93 -29.39 28.23
C GLY A 136 37.97 -29.96 27.30
N ARG A 137 37.55 -30.44 26.14
CA ARG A 137 38.46 -31.13 25.24
C ARG A 137 37.97 -31.01 23.80
N LEU A 138 38.83 -30.57 22.89
CA LEU A 138 38.40 -30.44 21.51
C LEU A 138 39.29 -31.22 20.55
N ASN A 139 38.66 -31.98 19.66
CA ASN A 139 39.42 -32.78 18.69
C ASN A 139 39.02 -32.45 17.26
N MET A 140 39.73 -31.50 16.64
CA MET A 140 39.30 -30.92 15.36
C MET A 140 40.32 -30.98 14.21
N GLU A 141 39.78 -31.05 13.00
CA GLU A 141 40.53 -31.05 11.75
C GLU A 141 40.25 -29.75 11.00
N VAL A 142 41.24 -28.86 10.93
CA VAL A 142 41.10 -27.58 10.24
C VAL A 142 41.73 -27.64 8.84
N ARG A 143 40.91 -27.79 7.81
CA ARG A 143 41.41 -27.85 6.45
C ARG A 143 41.72 -26.45 5.89
N VAL A 144 42.88 -26.32 5.25
CA VAL A 144 43.32 -25.04 4.68
C VAL A 144 43.64 -25.14 3.19
N ASP A 145 43.01 -24.28 2.40
CA ASP A 145 43.14 -24.27 0.94
C ASP A 145 43.82 -22.97 0.47
N ARG A 146 44.20 -22.94 -0.80
CA ARG A 146 44.86 -21.76 -1.37
C ARG A 146 44.04 -21.24 -2.55
N GLY A 147 43.50 -20.03 -2.41
CA GLY A 147 42.71 -19.42 -3.45
C GLY A 147 43.01 -17.93 -3.60
N VAL A 148 42.12 -17.20 -4.25
CA VAL A 148 42.32 -15.77 -4.47
C VAL A 148 41.03 -14.99 -4.19
N GLY A 149 41.16 -13.83 -3.55
CA GLY A 149 40.02 -12.96 -3.32
C GLY A 149 39.04 -13.49 -2.28
N TYR A 150 37.85 -12.91 -2.25
CA TYR A 150 36.81 -13.33 -1.30
C TYR A 150 35.98 -14.48 -1.86
N VAL A 151 35.93 -15.58 -1.12
CA VAL A 151 35.14 -16.73 -1.54
C VAL A 151 34.19 -17.12 -0.40
N PRO A 152 32.91 -16.70 -0.50
CA PRO A 152 31.90 -16.99 0.53
C PRO A 152 31.73 -18.48 0.76
N ALA A 153 31.56 -18.90 2.01
CA ALA A 153 31.46 -20.31 2.34
C ALA A 153 30.24 -20.94 1.69
N GLU A 154 29.22 -20.11 1.48
CA GLU A 154 27.97 -20.57 0.88
C GLU A 154 28.11 -20.83 -0.62
N LYS A 155 29.35 -20.92 -1.09
CA LYS A 155 29.64 -21.15 -2.50
C LYS A 155 30.37 -22.47 -2.73
N HIS A 156 31.53 -22.62 -2.09
CA HIS A 156 32.34 -23.84 -2.25
C HIS A 156 31.79 -25.01 -1.46
N GLY A 157 31.54 -24.78 -0.17
CA GLY A 157 31.05 -25.81 0.72
C GLY A 157 31.90 -27.06 0.67
N ILE A 158 33.18 -26.93 1.02
CA ILE A 158 34.08 -28.08 0.95
C ILE A 158 33.83 -29.05 2.10
N LYS A 159 33.33 -30.23 1.76
CA LYS A 159 33.04 -31.25 2.75
C LYS A 159 34.26 -32.16 2.94
N ASP A 160 35.17 -31.72 3.80
CA ASP A 160 36.36 -32.51 4.13
C ASP A 160 35.92 -33.85 4.70
N ARG A 161 35.45 -33.83 5.95
CA ARG A 161 34.88 -35.03 6.57
C ARG A 161 33.45 -35.22 6.07
N ILE A 162 32.53 -35.35 7.02
CA ILE A 162 31.11 -35.50 6.70
C ILE A 162 30.30 -34.41 7.41
N ASN A 163 30.61 -34.20 8.68
CA ASN A 163 29.98 -33.12 9.43
C ASN A 163 30.84 -31.86 9.46
N ALA A 164 31.81 -31.80 8.56
CA ALA A 164 32.71 -30.65 8.49
C ALA A 164 31.91 -29.42 8.11
N ILE A 165 32.20 -28.32 8.78
CA ILE A 165 31.48 -27.08 8.53
C ILE A 165 32.35 -26.05 7.78
N PRO A 166 31.93 -25.69 6.56
CA PRO A 166 32.65 -24.77 5.66
C PRO A 166 32.81 -23.37 6.26
N VAL A 167 33.94 -22.74 5.99
CA VAL A 167 34.23 -21.40 6.52
C VAL A 167 34.47 -20.43 5.38
N ASP A 168 34.04 -19.18 5.56
CA ASP A 168 34.30 -18.12 4.58
C ASP A 168 35.77 -18.01 4.25
N ALA A 169 36.11 -18.26 2.99
CA ALA A 169 37.47 -18.15 2.53
C ALA A 169 37.81 -16.70 2.20
N VAL A 170 38.68 -16.10 3.00
CA VAL A 170 39.14 -14.75 2.73
C VAL A 170 40.60 -14.78 2.31
N PHE A 171 40.83 -15.04 1.02
CA PHE A 171 42.18 -15.10 0.48
C PHE A 171 42.66 -13.71 0.08
N SER A 172 43.62 -13.19 0.83
CA SER A 172 44.21 -11.89 0.53
C SER A 172 45.30 -11.60 1.54
N PRO A 173 46.54 -11.97 1.22
CA PRO A 173 47.62 -11.72 2.15
C PRO A 173 47.79 -10.23 2.40
N VAL A 174 47.60 -9.43 1.37
CA VAL A 174 47.69 -7.98 1.53
C VAL A 174 46.51 -7.52 2.37
N ARG A 175 46.80 -6.91 3.51
CA ARG A 175 45.74 -6.40 4.37
C ARG A 175 45.39 -4.95 4.02
N ARG A 176 46.40 -4.08 3.95
CA ARG A 176 46.15 -2.68 3.65
C ARG A 176 47.18 -2.10 2.68
N VAL A 177 46.80 -1.10 1.91
CA VAL A 177 47.75 -0.43 1.00
C VAL A 177 47.44 1.07 0.93
N ALA A 178 48.46 1.91 0.92
CA ALA A 178 48.24 3.34 0.70
C ALA A 178 49.43 3.94 -0.01
N PHE A 179 49.23 4.96 -0.83
CA PHE A 179 50.35 5.60 -1.50
C PHE A 179 50.39 7.10 -1.23
N GLN A 180 51.58 7.67 -1.28
CA GLN A 180 51.76 9.10 -1.07
C GLN A 180 52.57 9.67 -2.23
N VAL A 181 52.26 10.90 -2.62
CA VAL A 181 52.94 11.54 -3.73
C VAL A 181 53.61 12.83 -3.30
N GLU A 182 54.93 12.76 -3.10
CA GLU A 182 55.71 13.92 -2.70
C GLU A 182 56.41 14.51 -3.93
N ASP A 183 57.51 15.22 -3.69
CA ASP A 183 58.30 15.79 -4.78
C ASP A 183 59.74 16.12 -4.36
N THR A 184 60.47 16.74 -5.29
CA THR A 184 61.90 17.14 -5.24
C THR A 184 62.73 16.41 -6.31
N ARG A 185 64.05 16.48 -6.16
CA ARG A 185 65.01 15.85 -7.08
C ARG A 185 64.99 16.53 -8.47
N LEU A 186 66.15 16.55 -9.13
CA LEU A 186 66.32 17.26 -10.42
C LEU A 186 66.01 18.75 -10.31
N GLY A 187 67.06 19.57 -10.17
CA GLY A 187 66.91 20.99 -9.92
C GLY A 187 66.35 21.81 -11.07
N GLN A 188 66.11 21.16 -12.20
CA GLN A 188 65.62 21.84 -13.39
C GLN A 188 64.11 22.04 -13.37
N ARG A 189 63.36 20.95 -13.52
CA ARG A 189 61.90 21.04 -13.50
C ARG A 189 61.36 20.82 -12.09
N THR A 190 60.58 21.78 -11.61
CA THR A 190 60.04 21.73 -10.25
C THR A 190 58.92 20.71 -10.12
N ASP A 191 57.90 20.84 -10.98
CA ASP A 191 56.76 19.94 -10.94
C ASP A 191 57.19 18.50 -11.22
N LEU A 192 57.52 17.76 -10.17
CA LEU A 192 57.86 16.35 -10.32
C LEU A 192 57.15 15.51 -9.25
N ASP A 193 57.18 14.19 -9.42
CA ASP A 193 56.50 13.31 -8.47
C ASP A 193 57.44 12.35 -7.77
N LYS A 194 57.10 12.04 -6.53
CA LYS A 194 57.81 11.01 -5.79
C LYS A 194 56.81 10.02 -5.19
N LEU A 195 56.80 8.79 -5.71
CA LEU A 195 55.84 7.79 -5.26
C LEU A 195 56.34 7.06 -4.01
N THR A 196 55.46 6.92 -3.01
CA THR A 196 55.75 6.08 -1.83
C THR A 196 54.58 5.14 -1.50
N LEU A 197 54.76 3.88 -1.87
CA LEU A 197 53.73 2.87 -1.75
C LEU A 197 53.94 2.04 -0.48
N ARG A 198 53.02 2.16 0.47
CA ARG A 198 53.03 1.41 1.72
C ARG A 198 52.10 0.21 1.67
N ILE A 199 52.63 -0.96 1.98
CA ILE A 199 51.87 -2.20 1.94
C ILE A 199 51.95 -2.93 3.28
N TRP A 200 50.79 -3.34 3.78
CA TRP A 200 50.67 -4.13 5.00
C TRP A 200 50.07 -5.48 4.64
N THR A 201 50.83 -6.55 4.86
CA THR A 201 50.33 -7.90 4.56
C THR A 201 50.30 -8.76 5.81
N ASP A 202 49.48 -9.81 5.78
CA ASP A 202 49.22 -10.65 6.95
C ASP A 202 50.38 -11.57 7.32
N GLY A 203 51.44 -11.56 6.51
CA GLY A 203 52.62 -12.34 6.81
C GLY A 203 52.84 -13.53 5.90
N SER A 204 51.74 -14.10 5.39
CA SER A 204 51.82 -15.24 4.49
C SER A 204 52.58 -14.89 3.21
N VAL A 205 52.56 -13.61 2.87
CA VAL A 205 53.32 -13.07 1.75
C VAL A 205 53.92 -11.73 2.15
N THR A 206 55.25 -11.62 2.13
CA THR A 206 55.93 -10.36 2.45
C THR A 206 55.57 -9.30 1.43
N PRO A 207 55.41 -8.04 1.87
CA PRO A 207 54.99 -6.94 1.02
C PRO A 207 55.75 -6.84 -0.31
N LEU A 208 57.04 -7.19 -0.31
CA LEU A 208 57.83 -7.18 -1.53
C LEU A 208 57.33 -8.22 -2.53
N GLU A 209 57.10 -9.43 -2.04
CA GLU A 209 56.59 -10.53 -2.87
C GLU A 209 55.26 -10.14 -3.50
N ALA A 210 54.36 -9.63 -2.66
CA ALA A 210 53.06 -9.15 -3.11
C ALA A 210 53.19 -8.08 -4.19
N LEU A 211 54.08 -7.12 -3.96
CA LEU A 211 54.31 -6.04 -4.92
C LEU A 211 54.75 -6.59 -6.26
N ASN A 212 55.75 -7.48 -6.24
CA ASN A 212 56.22 -8.09 -7.47
C ASN A 212 55.13 -8.86 -8.20
N GLN A 213 54.37 -9.67 -7.47
CA GLN A 213 53.24 -10.39 -8.05
C GLN A 213 52.26 -9.44 -8.74
N ALA A 214 51.87 -8.38 -8.03
CA ALA A 214 50.97 -7.37 -8.59
C ALA A 214 51.53 -6.77 -9.89
N VAL A 215 52.81 -6.42 -9.87
CA VAL A 215 53.49 -5.94 -11.07
C VAL A 215 53.34 -6.93 -12.22
N GLU A 216 53.62 -8.22 -11.95
CA GLU A 216 53.47 -9.23 -12.98
C GLU A 216 52.05 -9.25 -13.54
N ILE A 217 51.07 -9.20 -12.63
CA ILE A 217 49.66 -9.17 -13.02
C ILE A 217 49.39 -8.02 -14.00
N LEU A 218 49.68 -6.80 -13.57
CA LEU A 218 49.47 -5.61 -14.38
C LEU A 218 50.14 -5.73 -15.75
N ARG A 219 51.39 -6.21 -15.77
CA ARG A 219 52.13 -6.38 -17.01
C ARG A 219 51.40 -7.30 -17.97
N GLU A 220 51.05 -8.49 -17.47
CA GLU A 220 50.29 -9.45 -18.25
C GLU A 220 49.02 -8.80 -18.81
N HIS A 221 48.35 -8.00 -18.00
CA HIS A 221 47.14 -7.32 -18.48
C HIS A 221 47.45 -6.29 -19.57
N LEU A 222 48.62 -5.67 -19.49
CA LEU A 222 49.04 -4.70 -20.49
C LEU A 222 49.30 -5.36 -21.82
N THR A 223 49.79 -6.60 -21.78
CA THR A 223 50.09 -7.32 -23.02
C THR A 223 48.84 -7.54 -23.87
N TYR A 224 47.67 -7.59 -23.22
CA TYR A 224 46.42 -7.98 -23.88
C TYR A 224 46.01 -7.09 -25.05
N PHE A 225 46.50 -5.85 -25.08
CA PHE A 225 46.11 -4.90 -26.12
C PHE A 225 46.77 -5.16 -27.47
N SER A 226 47.30 -6.36 -27.65
CA SER A 226 48.09 -6.68 -28.83
C SER A 226 47.29 -6.72 -30.12
N ASN A 227 46.68 -7.86 -30.42
CA ASN A 227 46.00 -8.07 -31.69
C ASN A 227 44.55 -7.59 -31.72
N PRO A 228 44.28 -6.58 -32.56
CA PRO A 228 42.94 -6.01 -32.73
C PRO A 228 42.05 -6.86 -33.65
N GLN A 229 40.76 -6.52 -33.71
CA GLN A 229 39.80 -7.24 -34.55
C GLN A 229 38.76 -6.30 -35.17
N LYS B 7 40.31 -15.57 -17.79
CA LYS B 7 40.49 -16.03 -19.16
C LYS B 7 41.39 -15.10 -19.95
N ALA B 8 41.05 -14.90 -21.21
CA ALA B 8 41.80 -14.02 -22.09
C ALA B 8 40.84 -13.07 -22.80
N PRO B 9 41.05 -11.76 -22.61
CA PRO B 9 40.17 -10.73 -23.17
C PRO B 9 40.54 -10.40 -24.61
N VAL B 10 39.53 -10.24 -25.45
CA VAL B 10 39.76 -9.84 -26.83
C VAL B 10 39.69 -8.33 -26.95
N PHE B 11 40.46 -7.84 -27.92
CA PHE B 11 40.65 -6.42 -28.12
C PHE B 11 40.03 -6.11 -29.48
N THR B 12 38.93 -5.36 -29.48
CA THR B 12 38.23 -5.05 -30.73
C THR B 12 38.31 -3.56 -31.06
N VAL B 13 38.71 -3.23 -32.29
CA VAL B 13 38.90 -1.85 -32.70
C VAL B 13 37.78 -1.39 -33.64
N ARG B 14 37.23 -0.21 -33.38
CA ARG B 14 36.37 0.47 -34.35
C ARG B 14 36.95 1.84 -34.63
N THR B 15 37.82 1.91 -35.64
CA THR B 15 38.51 3.16 -35.95
C THR B 15 37.76 3.94 -37.02
N GLN B 16 37.83 5.27 -36.94
CA GLN B 16 37.21 6.15 -37.91
C GLN B 16 38.25 7.09 -38.47
N GLY B 17 39.11 6.58 -39.33
CA GLY B 17 40.12 7.38 -39.99
C GLY B 17 41.43 7.40 -39.22
N ARG B 18 41.86 8.61 -38.90
CA ARG B 18 43.16 8.81 -38.27
C ARG B 18 43.05 9.55 -36.95
N GLU B 19 41.86 10.03 -36.62
CA GLU B 19 41.68 10.83 -35.42
C GLU B 19 40.95 10.07 -34.31
N TYR B 20 39.85 9.41 -34.65
CA TYR B 20 39.03 8.77 -33.63
C TYR B 20 39.03 7.25 -33.70
N GLY B 21 39.17 6.62 -32.54
CA GLY B 21 39.14 5.18 -32.46
C GLY B 21 38.45 4.72 -31.19
N GLU B 22 37.70 3.63 -31.28
CA GLU B 22 37.05 3.09 -30.09
C GLU B 22 37.52 1.68 -29.84
N PHE B 23 38.18 1.45 -28.69
CA PHE B 23 38.79 0.16 -28.39
C PHE B 23 38.07 -0.56 -27.25
N VAL B 24 37.74 -1.82 -27.47
CA VAL B 24 37.01 -2.56 -26.45
C VAL B 24 37.69 -3.85 -26.06
N LEU B 25 38.13 -3.92 -24.81
CA LEU B 25 38.81 -5.09 -24.32
C LEU B 25 37.91 -5.82 -23.33
N GLU B 26 37.55 -7.06 -23.65
CA GLU B 26 36.64 -7.82 -22.81
C GLU B 26 36.71 -9.33 -23.04
N PRO B 27 36.46 -10.14 -21.99
CA PRO B 27 36.03 -9.78 -20.63
C PRO B 27 37.18 -9.52 -19.65
N LEU B 28 36.92 -8.66 -18.67
CA LEU B 28 37.91 -8.35 -17.65
C LEU B 28 37.50 -8.88 -16.29
N GLU B 29 38.48 -9.23 -15.46
CA GLU B 29 38.24 -9.62 -14.08
C GLU B 29 37.65 -8.44 -13.33
N ARG B 30 36.84 -8.71 -12.32
CA ARG B 30 36.09 -7.66 -11.63
C ARG B 30 37.01 -6.56 -11.10
N GLY B 31 36.72 -5.32 -11.48
CA GLY B 31 37.49 -4.20 -10.98
C GLY B 31 38.58 -3.74 -11.93
N PHE B 32 39.10 -4.67 -12.74
CA PHE B 32 40.21 -4.36 -13.64
C PHE B 32 39.86 -3.38 -14.76
N GLY B 33 38.56 -3.17 -14.96
CA GLY B 33 38.09 -2.21 -15.94
C GLY B 33 38.69 -0.85 -15.73
N VAL B 34 38.40 -0.24 -14.58
CA VAL B 34 38.94 1.08 -14.29
C VAL B 34 40.43 0.98 -13.99
N THR B 35 40.83 -0.13 -13.36
CA THR B 35 42.23 -0.42 -13.06
C THR B 35 43.17 -0.28 -14.25
N LEU B 36 42.69 -0.67 -15.43
CA LEU B 36 43.48 -0.54 -16.65
C LEU B 36 43.17 0.74 -17.38
N GLY B 37 41.89 1.07 -17.45
CA GLY B 37 41.42 2.19 -18.23
C GLY B 37 41.88 3.54 -17.73
N ASN B 38 41.92 3.69 -16.40
CA ASN B 38 42.27 4.98 -15.82
C ASN B 38 43.74 5.41 -15.96
N PRO B 39 44.72 4.51 -15.71
CA PRO B 39 46.11 4.95 -15.87
C PRO B 39 46.39 5.39 -17.30
N LEU B 40 45.87 4.65 -18.27
CA LEU B 40 46.12 4.95 -19.68
C LEU B 40 45.62 6.35 -19.98
N ARG B 41 44.42 6.68 -19.51
CA ARG B 41 43.84 7.99 -19.74
C ARG B 41 44.77 9.12 -19.29
N ARG B 42 45.46 8.91 -18.17
CA ARG B 42 46.36 9.92 -17.64
C ARG B 42 47.56 10.02 -18.56
N ILE B 43 48.09 8.85 -18.89
CA ILE B 43 49.23 8.74 -19.79
C ILE B 43 48.96 9.41 -21.14
N LEU B 44 47.82 9.09 -21.73
CA LEU B 44 47.45 9.62 -23.05
C LEU B 44 47.41 11.15 -23.07
N LEU B 45 46.84 11.74 -22.03
CA LEU B 45 46.65 13.19 -22.00
C LEU B 45 47.88 13.99 -21.56
N SER B 46 48.98 13.31 -21.27
CA SER B 46 50.15 14.02 -20.73
C SER B 46 51.51 13.40 -21.03
N SER B 47 51.57 12.26 -21.69
CA SER B 47 52.86 11.63 -21.94
C SER B 47 53.28 11.55 -23.41
N ILE B 48 52.30 11.36 -24.30
CA ILE B 48 52.59 11.18 -25.73
C ILE B 48 53.34 12.37 -26.32
N PRO B 49 54.52 12.10 -26.91
CA PRO B 49 55.33 13.17 -27.47
C PRO B 49 54.78 13.74 -28.77
N GLY B 50 54.35 14.99 -28.71
CA GLY B 50 53.94 15.73 -29.89
C GLY B 50 54.71 17.03 -30.03
N THR B 51 54.09 18.03 -30.63
CA THR B 51 54.67 19.36 -30.71
C THR B 51 53.59 20.42 -30.61
N ALA B 52 54.02 21.67 -30.49
CA ALA B 52 53.08 22.79 -30.43
C ALA B 52 53.77 24.12 -30.71
N VAL B 53 52.95 25.15 -30.91
CA VAL B 53 53.43 26.52 -31.07
C VAL B 53 53.62 27.14 -29.69
N THR B 54 54.88 27.32 -29.28
CA THR B 54 55.18 27.85 -27.97
C THR B 54 55.12 29.37 -27.92
N SER B 55 55.66 30.02 -28.94
CA SER B 55 55.60 31.48 -29.02
C SER B 55 55.75 32.02 -30.45
N VAL B 56 55.14 33.18 -30.70
CA VAL B 56 55.07 33.76 -32.03
C VAL B 56 55.50 35.21 -32.02
N TYR B 57 56.29 35.60 -33.02
CA TYR B 57 56.66 36.99 -33.20
C TYR B 57 56.09 37.58 -34.49
N ILE B 58 55.41 38.72 -34.36
CA ILE B 58 54.87 39.43 -35.50
C ILE B 58 55.58 40.77 -35.62
N GLU B 59 55.52 41.38 -36.79
CA GLU B 59 56.25 42.62 -37.06
C GLU B 59 55.72 43.84 -36.32
N ASP B 60 54.49 44.25 -36.62
CA ASP B 60 53.91 45.43 -36.00
C ASP B 60 52.98 45.10 -34.85
N VAL B 61 53.34 44.06 -34.08
CA VAL B 61 52.54 43.64 -32.94
C VAL B 61 53.39 43.64 -31.66
N LEU B 62 52.92 44.37 -30.64
CA LEU B 62 53.63 44.49 -29.38
C LEU B 62 53.03 43.60 -28.27
N HIS B 63 51.72 43.76 -28.04
CA HIS B 63 51.01 43.00 -27.01
C HIS B 63 50.16 41.86 -27.58
N GLU B 64 49.80 40.93 -26.71
CA GLU B 64 48.95 39.80 -27.07
C GLU B 64 47.52 40.25 -27.39
N PHE B 65 47.08 41.35 -26.77
CA PHE B 65 45.74 41.87 -26.98
C PHE B 65 45.75 43.12 -27.84
N SER B 66 46.22 42.96 -29.07
CA SER B 66 46.31 44.08 -30.00
C SER B 66 45.39 43.85 -31.20
N THR B 67 45.32 44.84 -32.07
CA THR B 67 44.57 44.71 -33.32
C THR B 67 45.31 45.37 -34.46
N ILE B 68 45.65 44.59 -35.48
CA ILE B 68 46.39 45.14 -36.62
C ILE B 68 45.51 45.45 -37.83
N PRO B 69 45.31 46.74 -38.12
CA PRO B 69 44.48 47.17 -39.25
C PRO B 69 45.02 46.62 -40.58
N GLY B 70 44.11 46.22 -41.46
CA GLY B 70 44.50 45.57 -42.70
C GLY B 70 44.32 44.07 -42.53
N VAL B 71 44.55 43.60 -41.31
CA VAL B 71 44.30 42.21 -40.98
C VAL B 71 43.03 42.15 -40.12
N LYS B 72 41.99 41.53 -40.67
CA LYS B 72 40.66 41.54 -40.05
C LYS B 72 40.62 40.86 -38.68
N GLU B 73 41.19 39.66 -38.61
CA GLU B 73 41.13 38.87 -37.39
C GLU B 73 42.04 39.42 -36.28
N ASP B 74 41.47 39.64 -35.10
CA ASP B 74 42.21 40.12 -33.93
C ASP B 74 43.38 39.20 -33.58
N VAL B 75 44.40 39.76 -32.94
CA VAL B 75 45.66 39.04 -32.71
C VAL B 75 45.48 37.75 -31.93
N VAL B 76 44.67 37.83 -30.88
CA VAL B 76 44.35 36.65 -30.09
C VAL B 76 43.71 35.54 -30.96
N GLU B 77 42.76 35.90 -31.82
CA GLU B 77 42.11 34.95 -32.73
C GLU B 77 43.12 34.21 -33.64
N ILE B 78 44.08 34.94 -34.17
CA ILE B 78 45.15 34.37 -34.96
C ILE B 78 45.97 33.41 -34.10
N ILE B 79 46.30 33.87 -32.90
CA ILE B 79 47.10 33.09 -31.96
C ILE B 79 46.43 31.74 -31.62
N LEU B 80 45.10 31.74 -31.55
CA LEU B 80 44.34 30.50 -31.35
C LEU B 80 44.60 29.53 -32.51
N ASN B 81 44.41 30.03 -33.73
CA ASN B 81 44.62 29.24 -34.92
C ASN B 81 46.05 28.72 -35.02
N LEU B 82 46.99 29.48 -34.48
CA LEU B 82 48.38 29.02 -34.40
C LEU B 82 48.46 27.77 -33.54
N LYS B 83 47.66 27.74 -32.48
CA LYS B 83 47.59 26.57 -31.60
C LYS B 83 46.85 25.42 -32.25
N GLU B 84 46.00 25.74 -33.22
CA GLU B 84 45.16 24.72 -33.85
C GLU B 84 45.89 23.83 -34.87
N LEU B 85 47.10 24.22 -35.28
CA LEU B 85 47.85 23.44 -36.27
C LEU B 85 48.69 22.34 -35.64
N VAL B 86 49.02 21.33 -36.42
CA VAL B 86 49.86 20.25 -35.93
C VAL B 86 50.98 19.91 -36.90
N VAL B 87 52.21 19.98 -36.43
CA VAL B 87 53.36 19.62 -37.26
C VAL B 87 53.99 18.31 -36.79
N ARG B 88 54.91 17.80 -37.59
CA ARG B 88 55.57 16.55 -37.26
C ARG B 88 57.03 16.61 -37.70
N PHE B 89 57.91 16.17 -36.81
CA PHE B 89 59.34 16.20 -37.06
C PHE B 89 59.83 14.84 -37.57
N LEU B 90 60.49 14.85 -38.73
CA LEU B 90 60.94 13.61 -39.36
C LEU B 90 62.00 12.87 -38.56
N ASN B 91 63.08 13.57 -38.21
CA ASN B 91 64.13 12.96 -37.39
C ASN B 91 64.06 13.45 -35.95
N PRO B 92 64.52 12.62 -35.01
CA PRO B 92 64.51 13.02 -33.59
C PRO B 92 65.41 14.23 -33.31
N SER B 93 66.36 14.51 -34.21
CA SER B 93 67.30 15.60 -33.99
C SER B 93 66.59 16.93 -33.79
N LEU B 94 65.57 17.18 -34.60
CA LEU B 94 64.79 18.41 -34.49
C LEU B 94 64.09 18.46 -33.14
N GLN B 95 64.52 19.40 -32.31
CA GLN B 95 63.92 19.60 -31.01
C GLN B 95 63.16 20.92 -30.97
N THR B 96 63.72 21.94 -31.60
CA THR B 96 63.11 23.26 -31.64
C THR B 96 63.31 23.90 -33.01
N VAL B 97 62.21 24.12 -33.73
CA VAL B 97 62.29 24.65 -35.09
C VAL B 97 61.46 25.93 -35.24
N THR B 98 61.86 26.84 -36.11
CA THR B 98 61.12 28.09 -36.28
C THR B 98 60.58 28.28 -37.70
N LEU B 99 59.26 28.27 -37.83
CA LEU B 99 58.58 28.50 -39.10
C LEU B 99 58.52 29.98 -39.46
N LEU B 100 58.75 30.28 -40.74
CA LEU B 100 58.75 31.65 -41.24
C LEU B 100 57.55 31.90 -42.14
N LEU B 101 56.98 33.10 -42.04
CA LEU B 101 55.79 33.44 -42.80
C LEU B 101 55.78 34.89 -43.26
N LYS B 102 55.37 35.10 -44.51
CA LYS B 102 55.36 36.43 -45.12
C LYS B 102 54.36 36.49 -46.27
N ALA B 103 53.41 37.41 -46.19
CA ALA B 103 52.41 37.57 -47.24
C ALA B 103 51.70 38.94 -47.15
N GLU B 104 51.28 39.45 -48.29
CA GLU B 104 50.57 40.73 -48.34
C GLU B 104 49.36 40.68 -49.27
N GLY B 105 48.49 41.67 -49.18
CA GLY B 105 47.37 41.82 -50.10
C GLY B 105 46.17 40.94 -49.79
N PRO B 106 45.13 41.02 -50.63
CA PRO B 106 43.86 40.29 -50.45
C PRO B 106 43.99 38.76 -50.57
N LYS B 107 45.17 38.23 -50.28
CA LYS B 107 45.38 36.80 -50.17
C LYS B 107 45.03 36.41 -48.75
N GLU B 108 44.93 35.12 -48.48
CA GLU B 108 44.82 34.66 -47.10
C GLU B 108 45.94 33.69 -46.80
N VAL B 109 46.31 33.61 -45.54
CA VAL B 109 47.36 32.70 -45.12
C VAL B 109 46.77 31.47 -44.47
N LYS B 110 47.18 30.32 -45.00
CA LYS B 110 46.90 29.01 -44.43
C LYS B 110 48.21 28.44 -43.89
N ALA B 111 48.11 27.34 -43.15
CA ALA B 111 49.28 26.75 -42.51
C ALA B 111 50.30 26.18 -43.50
N ARG B 112 49.91 26.08 -44.77
CA ARG B 112 50.82 25.58 -45.81
C ARG B 112 51.73 26.67 -46.35
N ASP B 113 51.42 27.93 -46.02
CA ASP B 113 52.21 29.06 -46.50
C ASP B 113 53.54 29.17 -45.75
N PHE B 114 53.59 28.59 -44.56
CA PHE B 114 54.82 28.57 -43.78
C PHE B 114 55.90 27.83 -44.56
N LEU B 115 56.96 28.55 -44.92
CA LEU B 115 58.09 27.99 -45.66
C LEU B 115 58.65 26.76 -44.97
N PRO B 116 58.55 25.60 -45.64
CA PRO B 116 58.95 24.29 -45.10
C PRO B 116 60.45 24.23 -44.78
N VAL B 117 60.75 24.03 -43.51
CA VAL B 117 62.13 24.02 -43.06
C VAL B 117 62.63 22.61 -42.82
N ALA B 118 63.42 22.12 -43.77
CA ALA B 118 64.09 20.82 -43.63
C ALA B 118 63.12 19.67 -43.34
N ASP B 119 63.37 18.97 -42.24
CA ASP B 119 62.62 17.77 -41.89
C ASP B 119 61.33 18.05 -41.14
N VAL B 120 60.66 19.12 -41.55
CA VAL B 120 59.41 19.52 -40.91
C VAL B 120 58.22 19.28 -41.82
N GLU B 121 57.31 18.42 -41.38
CA GLU B 121 56.09 18.16 -42.12
C GLU B 121 54.91 18.88 -41.47
N ILE B 122 54.02 19.43 -42.30
CA ILE B 122 52.80 20.04 -41.80
C ILE B 122 51.61 19.13 -42.07
N MET B 123 51.18 18.42 -41.03
CA MET B 123 50.10 17.42 -41.12
C MET B 123 48.72 18.05 -41.32
N ASN B 124 48.69 19.38 -41.46
CA ASN B 124 47.43 20.10 -41.57
C ASN B 124 47.69 21.44 -42.25
N PRO B 125 47.56 21.46 -43.59
CA PRO B 125 47.94 22.63 -44.38
C PRO B 125 46.85 23.69 -44.53
N ASP B 126 45.61 23.26 -44.78
CA ASP B 126 44.56 24.21 -45.09
C ASP B 126 43.95 24.86 -43.85
N LEU B 127 44.68 24.82 -42.74
CA LEU B 127 44.21 25.51 -41.55
C LEU B 127 44.31 27.00 -41.79
N HIS B 128 43.19 27.68 -41.66
CA HIS B 128 43.15 29.11 -41.88
C HIS B 128 43.97 29.85 -40.82
N ILE B 129 45.02 30.55 -41.25
CA ILE B 129 45.78 31.39 -40.33
C ILE B 129 45.19 32.79 -40.26
N ALA B 130 45.15 33.49 -41.40
CA ALA B 130 44.59 34.86 -41.39
C ALA B 130 44.17 35.44 -42.75
N THR B 131 43.00 36.07 -42.80
CA THR B 131 42.56 36.81 -43.98
C THR B 131 43.09 38.24 -43.98
N LEU B 132 43.60 38.67 -45.13
CA LEU B 132 44.25 39.98 -45.24
C LEU B 132 43.54 40.89 -46.24
N GLU B 133 43.41 42.16 -45.91
CA GLU B 133 42.74 43.11 -46.81
C GLU B 133 43.70 43.71 -47.83
N GLU B 134 43.26 44.78 -48.50
CA GLU B 134 44.13 45.54 -49.37
C GLU B 134 45.20 46.21 -48.51
N GLY B 135 46.44 46.17 -48.97
CA GLY B 135 47.55 46.76 -48.22
C GLY B 135 47.74 46.13 -46.86
N GLY B 136 47.28 44.89 -46.70
CA GLY B 136 47.40 44.16 -45.45
C GLY B 136 48.71 43.40 -45.39
N ARG B 137 49.66 43.95 -44.66
CA ARG B 137 50.99 43.38 -44.60
C ARG B 137 51.15 42.49 -43.38
N LEU B 138 51.74 41.31 -43.58
CA LEU B 138 51.85 40.34 -42.50
C LEU B 138 53.14 39.52 -42.59
N ASN B 139 54.07 39.80 -41.69
CA ASN B 139 55.35 39.12 -41.68
C ASN B 139 55.68 38.56 -40.29
N MET B 140 55.27 37.32 -40.04
CA MET B 140 55.39 36.72 -38.71
C MET B 140 56.28 35.48 -38.68
N GLU B 141 56.67 35.06 -37.49
CA GLU B 141 57.44 33.83 -37.29
C GLU B 141 57.01 33.06 -36.03
N VAL B 142 57.12 31.74 -36.09
CA VAL B 142 56.51 30.86 -35.09
C VAL B 142 57.48 29.80 -34.57
N ARG B 143 57.47 29.59 -33.26
CA ARG B 143 58.33 28.57 -32.65
C ARG B 143 57.59 27.24 -32.49
N VAL B 144 58.36 26.15 -32.58
CA VAL B 144 57.84 24.80 -32.44
C VAL B 144 58.78 23.94 -31.59
N ASP B 145 58.32 23.55 -30.40
CA ASP B 145 59.11 22.71 -29.52
C ASP B 145 58.48 21.32 -29.44
N ARG B 146 59.19 20.38 -28.81
CA ARG B 146 58.66 19.03 -28.64
C ARG B 146 58.32 18.72 -27.19
N GLY B 147 57.36 19.46 -26.63
CA GLY B 147 56.89 19.19 -25.29
C GLY B 147 56.01 17.97 -25.18
N VAL B 148 55.32 17.84 -24.05
CA VAL B 148 54.51 16.68 -23.77
C VAL B 148 53.30 17.02 -22.92
N GLY B 149 52.22 17.46 -23.56
CA GLY B 149 51.00 17.77 -22.84
C GLY B 149 50.51 19.18 -23.03
N TYR B 150 50.10 19.83 -21.95
CA TYR B 150 49.61 21.20 -22.04
C TYR B 150 50.34 22.10 -21.05
N VAL B 151 50.88 23.21 -21.55
CA VAL B 151 51.60 24.16 -20.72
C VAL B 151 51.17 25.58 -21.01
N PRO B 152 50.44 26.19 -20.07
CA PRO B 152 49.92 27.55 -20.23
C PRO B 152 51.03 28.52 -20.66
N ALA B 153 50.64 29.53 -21.43
CA ALA B 153 51.59 30.47 -22.03
C ALA B 153 52.37 31.22 -20.96
N GLU B 154 51.67 31.60 -19.90
CA GLU B 154 52.27 32.36 -18.81
C GLU B 154 53.07 31.44 -17.87
N LYS B 155 53.63 30.37 -18.42
CA LYS B 155 54.46 29.45 -17.65
C LYS B 155 55.84 29.34 -18.29
N HIS B 156 55.89 29.54 -19.60
CA HIS B 156 57.15 29.53 -20.32
C HIS B 156 57.38 30.87 -21.04
N GLY B 157 56.52 31.16 -22.01
CA GLY B 157 56.61 32.37 -22.80
C GLY B 157 57.97 32.57 -23.43
N ILE B 158 58.36 31.66 -24.30
CA ILE B 158 59.68 31.72 -24.93
C ILE B 158 59.87 33.02 -25.71
N LYS B 159 60.66 33.93 -25.15
CA LYS B 159 60.98 35.19 -25.81
C LYS B 159 62.04 34.99 -26.89
N ASP B 160 61.66 34.31 -27.97
CA ASP B 160 62.56 34.08 -29.11
C ASP B 160 63.15 35.40 -29.60
N ARG B 161 62.28 36.30 -30.05
CA ARG B 161 62.69 37.64 -30.42
C ARG B 161 62.67 38.53 -29.19
N ILE B 162 62.64 39.84 -29.41
CA ILE B 162 62.67 40.81 -28.33
C ILE B 162 61.30 41.01 -27.69
N ASN B 163 60.28 41.22 -28.53
CA ASN B 163 58.94 41.47 -28.05
C ASN B 163 57.92 40.46 -28.59
N ALA B 164 58.33 39.20 -28.63
CA ALA B 164 57.45 38.12 -29.08
C ALA B 164 56.28 37.93 -28.12
N ILE B 165 55.36 37.04 -28.47
CA ILE B 165 54.20 36.79 -27.62
C ILE B 165 54.13 35.34 -27.16
N PRO B 166 53.99 35.13 -25.85
CA PRO B 166 53.80 33.78 -25.29
C PRO B 166 52.51 33.15 -25.83
N VAL B 167 52.60 31.88 -26.19
CA VAL B 167 51.46 31.15 -26.71
C VAL B 167 51.29 29.83 -25.97
N ASP B 168 50.07 29.55 -25.51
CA ASP B 168 49.80 28.32 -24.78
C ASP B 168 50.18 27.12 -25.64
N ALA B 169 51.04 26.25 -25.10
CA ALA B 169 51.60 25.17 -25.89
C ALA B 169 50.80 23.87 -25.76
N VAL B 170 50.03 23.55 -26.80
CA VAL B 170 49.14 22.40 -26.77
C VAL B 170 49.79 21.15 -27.38
N PHE B 171 50.83 20.66 -26.72
CA PHE B 171 51.63 19.55 -27.24
C PHE B 171 50.83 18.27 -27.49
N SER B 172 50.05 17.86 -26.49
CA SER B 172 49.43 16.54 -26.47
C SER B 172 48.62 16.24 -27.72
N PRO B 173 49.12 15.31 -28.56
CA PRO B 173 48.50 14.91 -29.81
C PRO B 173 47.04 14.51 -29.64
N VAL B 174 46.72 13.82 -28.56
CA VAL B 174 45.32 13.46 -28.31
C VAL B 174 44.49 14.71 -27.96
N ARG B 175 43.38 14.89 -28.64
CA ARG B 175 42.47 15.99 -28.37
C ARG B 175 41.74 15.73 -27.07
N ARG B 176 41.32 14.47 -26.88
CA ARG B 176 40.69 14.04 -25.63
C ARG B 176 40.57 12.53 -25.59
N VAL B 177 40.51 11.96 -24.38
CA VAL B 177 40.39 10.52 -24.22
C VAL B 177 39.36 10.17 -23.16
N ALA B 178 38.32 9.43 -23.54
CA ALA B 178 37.28 9.09 -22.57
C ALA B 178 37.06 7.59 -22.50
N PHE B 179 36.79 7.07 -21.31
CA PHE B 179 36.60 5.63 -21.17
C PHE B 179 35.43 5.29 -20.24
N GLN B 180 34.89 4.09 -20.40
CA GLN B 180 33.78 3.63 -19.59
C GLN B 180 33.91 2.14 -19.34
N VAL B 181 33.38 1.68 -18.21
CA VAL B 181 33.45 0.27 -17.88
C VAL B 181 32.06 -0.33 -17.75
N GLU B 182 31.56 -0.93 -18.83
CA GLU B 182 30.23 -1.54 -18.79
C GLU B 182 30.30 -2.92 -18.15
N ASP B 183 29.14 -3.52 -17.93
CA ASP B 183 29.08 -4.85 -17.33
C ASP B 183 28.79 -5.91 -18.38
N THR B 184 29.55 -6.99 -18.33
CA THR B 184 29.40 -8.10 -19.27
C THR B 184 29.38 -9.38 -18.48
N ARG B 185 28.72 -10.39 -19.02
CA ARG B 185 28.60 -11.70 -18.38
C ARG B 185 29.37 -12.79 -19.09
N LEU B 186 29.56 -13.90 -18.38
CA LEU B 186 30.28 -15.06 -18.88
C LEU B 186 29.53 -16.30 -18.43
N GLY B 187 28.25 -16.37 -18.75
CA GLY B 187 27.42 -17.48 -18.34
C GLY B 187 27.19 -17.54 -16.83
N GLN B 188 28.24 -17.86 -16.09
CA GLN B 188 28.15 -17.94 -14.64
C GLN B 188 27.86 -16.57 -14.03
N ARG B 189 28.81 -15.67 -14.22
CA ARG B 189 28.80 -14.37 -13.56
C ARG B 189 28.51 -13.25 -14.55
N THR B 190 27.89 -12.18 -14.08
CA THR B 190 27.53 -11.05 -14.92
C THR B 190 28.31 -9.81 -14.50
N ASP B 191 28.97 -9.90 -13.35
CA ASP B 191 29.71 -8.76 -12.85
C ASP B 191 31.11 -8.68 -13.43
N LEU B 192 31.26 -9.00 -14.72
CA LEU B 192 32.58 -8.91 -15.33
C LEU B 192 32.79 -7.58 -16.03
N ASP B 193 33.88 -6.90 -15.70
CA ASP B 193 34.12 -5.58 -16.26
C ASP B 193 34.39 -5.61 -17.76
N LYS B 194 33.96 -4.56 -18.44
CA LYS B 194 34.10 -4.43 -19.88
C LYS B 194 34.66 -3.06 -20.20
N LEU B 195 35.90 -3.04 -20.68
CA LEU B 195 36.61 -1.79 -20.92
C LEU B 195 36.34 -1.22 -22.31
N THR B 196 35.70 -0.06 -22.35
CA THR B 196 35.55 0.65 -23.62
C THR B 196 36.19 2.03 -23.61
N LEU B 197 37.23 2.17 -24.42
CA LEU B 197 38.12 3.33 -24.39
C LEU B 197 38.14 4.04 -25.74
N ARG B 198 37.60 5.26 -25.76
CA ARG B 198 37.54 6.07 -26.97
C ARG B 198 38.63 7.16 -26.97
N ILE B 199 39.27 7.37 -28.12
CA ILE B 199 40.38 8.32 -28.24
C ILE B 199 40.23 9.31 -29.41
N TRP B 200 40.46 10.59 -29.14
CA TRP B 200 40.35 11.66 -30.14
C TRP B 200 41.68 12.39 -30.31
N THR B 201 42.22 12.33 -31.53
CA THR B 201 43.54 12.88 -31.84
C THR B 201 43.46 14.07 -32.80
N ASP B 202 44.60 14.70 -33.07
CA ASP B 202 44.68 15.84 -33.99
C ASP B 202 45.15 15.42 -35.37
N GLY B 203 45.44 14.13 -35.50
CA GLY B 203 45.87 13.58 -36.78
C GLY B 203 47.36 13.37 -36.86
N SER B 204 48.08 13.83 -35.83
CA SER B 204 49.52 13.64 -35.77
C SER B 204 49.84 12.16 -35.70
N VAL B 205 48.94 11.40 -35.10
CA VAL B 205 49.13 9.98 -34.87
C VAL B 205 47.76 9.31 -34.70
N THR B 206 47.60 8.12 -35.28
CA THR B 206 46.33 7.40 -35.22
C THR B 206 46.09 6.90 -33.80
N PRO B 207 44.82 6.78 -33.38
CA PRO B 207 44.51 6.36 -32.00
C PRO B 207 45.26 5.11 -31.54
N LEU B 208 45.27 4.09 -32.39
CA LEU B 208 45.94 2.83 -32.07
C LEU B 208 47.42 3.02 -31.74
N GLU B 209 48.10 3.86 -32.52
CA GLU B 209 49.51 4.15 -32.28
C GLU B 209 49.69 4.80 -30.91
N ALA B 210 48.82 5.76 -30.59
CA ALA B 210 48.85 6.45 -29.31
C ALA B 210 48.64 5.48 -28.14
N LEU B 211 47.71 4.55 -28.31
CA LEU B 211 47.48 3.53 -27.32
C LEU B 211 48.72 2.67 -27.14
N ASN B 212 49.32 2.27 -28.25
CA ASN B 212 50.56 1.52 -28.22
C ASN B 212 51.59 2.26 -27.36
N GLN B 213 51.71 3.57 -27.62
CA GLN B 213 52.55 4.46 -26.84
C GLN B 213 52.24 4.38 -25.35
N ALA B 214 50.96 4.51 -25.00
CA ALA B 214 50.53 4.44 -23.61
C ALA B 214 50.99 3.13 -22.94
N VAL B 215 50.61 2.00 -23.54
CA VAL B 215 50.99 0.70 -22.99
C VAL B 215 52.51 0.59 -22.80
N GLU B 216 53.28 0.99 -23.81
CA GLU B 216 54.74 0.96 -23.69
C GLU B 216 55.22 1.79 -22.49
N ILE B 217 54.75 3.04 -22.41
CA ILE B 217 55.11 3.94 -21.33
C ILE B 217 54.82 3.33 -19.96
N LEU B 218 53.69 2.65 -19.85
CA LEU B 218 53.35 2.01 -18.58
C LEU B 218 54.30 0.85 -18.27
N ARG B 219 54.57 0.01 -19.26
CA ARG B 219 55.46 -1.15 -19.08
C ARG B 219 56.85 -0.71 -18.60
N GLU B 220 57.44 0.25 -19.30
CA GLU B 220 58.76 0.79 -18.94
C GLU B 220 58.79 1.24 -17.50
N HIS B 221 57.66 1.76 -17.01
CA HIS B 221 57.53 2.18 -15.63
C HIS B 221 57.42 0.98 -14.70
N LEU B 222 56.78 -0.08 -15.17
CA LEU B 222 56.67 -1.29 -14.37
C LEU B 222 58.03 -1.98 -14.22
N THR B 223 58.96 -1.67 -15.11
CA THR B 223 60.31 -2.23 -14.98
C THR B 223 61.21 -1.49 -13.99
N TYR B 224 60.71 -0.41 -13.40
CA TYR B 224 61.51 0.39 -12.46
C TYR B 224 61.58 -0.25 -11.07
N PHE B 225 60.63 -1.12 -10.77
CA PHE B 225 60.59 -1.78 -9.47
C PHE B 225 61.38 -3.08 -9.49
N SER B 226 62.67 -2.99 -9.82
CA SER B 226 63.49 -4.19 -10.00
C SER B 226 64.83 -4.21 -9.25
N ASN B 227 65.40 -3.03 -9.00
CA ASN B 227 66.69 -2.95 -8.31
C ASN B 227 66.60 -2.24 -6.96
N PRO B 228 66.27 -3.00 -5.90
CA PRO B 228 66.08 -2.45 -4.55
C PRO B 228 67.37 -1.87 -3.99
N GLN B 229 67.26 -0.92 -3.07
CA GLN B 229 68.42 -0.32 -2.43
C GLN B 229 68.15 0.01 -0.96
N MET C 1 38.13 0.92 23.68
CA MET C 1 36.81 0.81 24.31
C MET C 1 36.48 2.04 25.15
N GLU C 2 36.48 1.92 26.48
CA GLU C 2 36.17 3.03 27.41
C GLU C 2 34.99 3.96 27.05
N ILE C 3 34.74 4.97 27.88
CA ILE C 3 33.63 5.89 27.68
C ILE C 3 34.00 7.31 28.15
N LYS C 4 33.33 8.33 27.61
CA LYS C 4 33.39 9.67 28.17
C LYS C 4 32.00 10.30 28.20
N ARG C 5 31.38 10.35 29.39
CA ARG C 5 30.05 10.93 29.53
C ARG C 5 30.12 12.45 29.39
N PHE C 6 28.97 13.06 29.09
CA PHE C 6 28.90 14.51 28.92
C PHE C 6 27.80 15.10 29.78
N GLY C 7 26.83 14.28 30.15
CA GLY C 7 25.65 14.73 30.87
C GLY C 7 25.95 15.30 32.24
N ARG C 8 25.44 16.50 32.51
CA ARG C 8 25.79 17.18 33.75
C ARG C 8 24.54 17.48 34.61
N ILE C 9 23.38 17.08 34.12
CA ILE C 9 22.17 17.09 34.95
C ILE C 9 22.13 15.83 35.80
N ARG C 10 22.41 16.00 37.09
CA ARG C 10 22.44 14.90 38.03
C ARG C 10 21.08 14.20 38.12
N GLU C 11 21.01 12.99 37.58
CA GLU C 11 19.80 12.18 37.65
C GLU C 11 19.51 11.80 39.10
N VAL C 12 18.60 12.55 39.72
CA VAL C 12 18.34 12.39 41.14
C VAL C 12 17.73 11.03 41.46
N ILE C 13 17.05 10.45 40.48
CA ILE C 13 16.43 9.14 40.66
C ILE C 13 16.63 8.27 39.43
N PRO C 14 16.97 6.98 39.66
CA PRO C 14 17.10 6.00 38.58
C PRO C 14 15.76 5.77 37.88
N LEU C 15 15.81 5.29 36.65
CA LEU C 15 14.58 4.95 35.93
C LEU C 15 13.91 3.77 36.63
N PRO C 16 12.58 3.82 36.73
CA PRO C 16 11.79 2.74 37.34
C PRO C 16 11.98 1.46 36.57
N PRO C 17 11.68 0.32 37.20
CA PRO C 17 11.71 -0.94 36.47
C PRO C 17 10.75 -0.84 35.28
N LEU C 18 11.35 -0.78 34.09
CA LEU C 18 10.63 -0.55 32.84
C LEU C 18 9.47 -1.51 32.65
N THR C 19 9.66 -2.77 33.01
CA THR C 19 8.56 -3.72 32.94
C THR C 19 7.87 -3.84 34.29
N GLU C 20 7.17 -2.79 34.69
CA GLU C 20 6.40 -2.84 35.92
C GLU C 20 4.91 -2.72 35.61
N ILE C 21 4.61 -2.07 34.50
CA ILE C 21 3.22 -1.84 34.11
C ILE C 21 2.55 -3.17 33.85
N GLN C 22 3.33 -4.14 33.38
CA GLN C 22 2.82 -5.46 33.08
C GLN C 22 2.92 -6.39 34.27
N VAL C 23 3.97 -6.23 35.06
CA VAL C 23 4.20 -7.11 36.20
C VAL C 23 3.39 -6.71 37.44
N GLU C 24 3.69 -5.54 37.98
CA GLU C 24 3.06 -5.06 39.21
C GLU C 24 1.54 -5.07 39.15
N SER C 25 1.00 -4.66 37.99
CA SER C 25 -0.44 -4.67 37.76
C SER C 25 -1.00 -6.07 37.97
N TYR C 26 -0.29 -7.06 37.47
CA TYR C 26 -0.76 -8.44 37.53
C TYR C 26 -0.61 -9.01 38.93
N ARG C 27 0.49 -8.66 39.60
CA ARG C 27 0.73 -9.13 40.95
C ARG C 27 -0.35 -8.59 41.90
N ARG C 28 -0.70 -7.32 41.71
CA ARG C 28 -1.75 -6.69 42.49
C ARG C 28 -3.13 -7.14 42.01
N ALA C 29 -3.20 -7.73 40.82
CA ALA C 29 -4.47 -8.20 40.28
C ALA C 29 -4.88 -9.55 40.85
N LEU C 30 -4.08 -10.10 41.75
CA LEU C 30 -4.42 -11.36 42.39
C LEU C 30 -3.81 -11.52 43.79
N GLN C 31 -4.55 -12.16 44.69
CA GLN C 31 -4.09 -12.37 46.06
C GLN C 31 -3.31 -13.66 46.18
N ALA C 32 -2.53 -14.00 45.15
CA ALA C 32 -1.72 -15.21 45.19
C ALA C 32 -0.41 -15.00 45.93
N ASP C 33 0.00 -13.74 46.04
CA ASP C 33 1.20 -13.39 46.79
C ASP C 33 0.99 -13.58 48.30
N VAL C 34 0.20 -12.69 48.88
CA VAL C 34 -0.09 -12.70 50.31
C VAL C 34 -1.28 -13.62 50.61
N PRO C 35 -1.35 -14.16 51.84
CA PRO C 35 -2.44 -15.03 52.31
C PRO C 35 -3.85 -14.51 52.01
N PRO C 36 -4.82 -15.43 51.82
CA PRO C 36 -6.22 -15.10 51.47
C PRO C 36 -6.98 -14.33 52.56
N GLU C 37 -6.31 -14.02 53.66
CA GLU C 37 -6.92 -13.25 54.75
C GLU C 37 -6.34 -11.84 54.79
N LYS C 38 -5.26 -11.63 54.05
CA LYS C 38 -4.58 -10.34 54.08
C LYS C 38 -5.37 -9.26 53.33
N ARG C 39 -4.66 -8.23 52.91
CA ARG C 39 -5.27 -7.07 52.28
C ARG C 39 -5.57 -7.33 50.80
N GLU C 40 -5.52 -6.26 50.01
CA GLU C 40 -5.70 -6.33 48.57
C GLU C 40 -7.04 -6.96 48.18
N ASN C 41 -8.13 -6.27 48.50
CA ASN C 41 -9.45 -6.76 48.11
C ASN C 41 -9.63 -6.73 46.61
N VAL C 42 -9.01 -5.74 45.97
CA VAL C 42 -9.15 -5.52 44.53
C VAL C 42 -8.67 -6.70 43.68
N GLY C 43 -8.85 -6.58 42.37
CA GLY C 43 -8.50 -7.65 41.46
C GLY C 43 -9.50 -8.78 41.55
N ILE C 44 -9.05 -9.98 41.16
CA ILE C 44 -9.86 -11.19 41.17
C ILE C 44 -10.74 -11.28 42.42
N GLN C 45 -10.12 -11.18 43.59
CA GLN C 45 -10.85 -11.22 44.86
C GLN C 45 -12.06 -10.29 44.87
N ALA C 46 -11.86 -9.01 44.54
CA ALA C 46 -12.97 -8.06 44.45
C ALA C 46 -14.09 -8.62 43.61
N ALA C 47 -13.73 -9.05 42.40
CA ALA C 47 -14.67 -9.59 41.43
C ALA C 47 -15.57 -10.62 42.07
N PHE C 48 -15.00 -11.43 42.96
CA PHE C 48 -15.78 -12.41 43.70
C PHE C 48 -16.94 -11.75 44.42
N ARG C 49 -16.65 -10.95 45.45
CA ARG C 49 -17.71 -10.44 46.32
C ARG C 49 -18.72 -9.53 45.61
N GLU C 50 -18.37 -9.06 44.43
CA GLU C 50 -19.29 -8.27 43.61
C GLU C 50 -20.41 -9.15 43.05
N THR C 51 -20.13 -10.43 42.86
CA THR C 51 -21.13 -11.36 42.35
C THR C 51 -21.13 -12.65 43.14
N PHE C 52 -20.68 -12.57 44.40
CA PHE C 52 -20.59 -13.75 45.24
C PHE C 52 -21.87 -13.98 46.07
N PRO C 53 -22.29 -12.98 46.88
CA PRO C 53 -23.51 -13.30 47.62
C PRO C 53 -24.73 -13.12 46.74
N ILE C 54 -25.11 -14.18 46.04
CA ILE C 54 -26.17 -14.11 45.05
C ILE C 54 -27.55 -14.39 45.68
N GLU C 55 -27.99 -13.47 46.53
CA GLU C 55 -29.25 -13.58 47.27
C GLU C 55 -30.46 -13.75 46.35
N GLU C 56 -31.29 -14.74 46.65
CA GLU C 56 -32.50 -15.00 45.87
C GLU C 56 -33.74 -14.49 46.60
N GLY C 63 -33.93 -19.99 48.39
CA GLY C 63 -32.83 -19.93 49.33
C GLY C 63 -31.47 -20.07 48.65
N LEU C 64 -30.82 -18.95 48.40
CA LEU C 64 -29.55 -18.93 47.69
C LEU C 64 -28.63 -17.81 48.17
N VAL C 65 -27.66 -18.14 49.01
CA VAL C 65 -26.69 -17.16 49.51
C VAL C 65 -25.27 -17.73 49.57
N LEU C 66 -24.54 -17.66 48.45
CA LEU C 66 -23.14 -18.06 48.43
C LEU C 66 -22.31 -16.97 49.14
N ASP C 67 -21.06 -17.25 49.48
CA ASP C 67 -20.23 -16.26 50.18
C ASP C 67 -18.74 -16.50 49.98
N PHE C 68 -17.98 -15.41 49.93
CA PHE C 68 -16.54 -15.50 49.68
C PHE C 68 -15.79 -16.05 50.90
N LEU C 69 -15.49 -17.34 50.83
CA LEU C 69 -14.73 -18.02 51.87
C LEU C 69 -13.35 -18.38 51.37
N GLU C 70 -12.56 -17.35 51.06
CA GLU C 70 -11.20 -17.48 50.55
C GLU C 70 -11.12 -18.15 49.16
N TYR C 71 -10.02 -17.90 48.47
CA TYR C 71 -9.76 -18.51 47.17
C TYR C 71 -8.25 -18.69 46.99
N ARG C 72 -7.85 -19.81 46.39
CA ARG C 72 -6.43 -20.07 46.18
C ARG C 72 -6.15 -21.01 45.01
N LEU C 73 -5.07 -20.70 44.28
CA LEU C 73 -4.55 -21.52 43.21
C LEU C 73 -3.08 -21.17 43.10
N GLY C 74 -2.42 -21.54 42.00
CA GLY C 74 -1.08 -21.03 41.77
C GLY C 74 -0.03 -22.00 41.26
N GLU C 75 -0.32 -23.30 41.30
CA GLU C 75 0.63 -24.28 40.80
C GLU C 75 0.24 -24.75 39.41
N PRO C 76 1.11 -24.48 38.42
CA PRO C 76 0.79 -24.68 37.01
C PRO C 76 0.86 -26.14 36.57
N PRO C 77 0.12 -26.50 35.52
CA PRO C 77 0.30 -27.81 34.90
C PRO C 77 1.76 -28.04 34.49
N PHE C 78 2.32 -27.13 33.69
CA PHE C 78 3.65 -27.33 33.11
C PHE C 78 4.51 -26.07 33.10
N PRO C 79 5.85 -26.23 33.26
CA PRO C 79 6.81 -25.13 33.38
C PRO C 79 6.89 -24.16 32.20
N GLN C 80 7.73 -23.13 32.39
CA GLN C 80 7.92 -22.05 31.42
C GLN C 80 8.29 -22.56 30.03
N ASP C 81 9.37 -23.32 29.94
CA ASP C 81 9.85 -23.78 28.64
C ASP C 81 9.02 -24.91 28.05
N GLU C 82 8.51 -25.80 28.89
CA GLU C 82 7.78 -26.97 28.40
C GLU C 82 6.44 -26.60 27.76
N CYS C 83 5.86 -25.50 28.22
CA CYS C 83 4.64 -24.99 27.61
C CYS C 83 4.90 -24.40 26.23
N ARG C 84 6.13 -23.94 26.02
CA ARG C 84 6.50 -23.33 24.75
C ARG C 84 6.72 -24.38 23.66
N GLU C 85 7.02 -25.61 24.07
CA GLU C 85 7.35 -26.65 23.11
C GLU C 85 6.14 -27.53 22.77
N LYS C 86 5.13 -27.47 23.62
CA LYS C 86 4.04 -28.44 23.53
C LYS C 86 2.65 -27.79 23.40
N ASP C 87 2.60 -26.58 22.84
CA ASP C 87 1.33 -25.94 22.49
C ASP C 87 0.36 -25.84 23.68
N LEU C 88 0.86 -25.29 24.78
CA LEU C 88 0.13 -25.23 26.03
C LEU C 88 0.08 -23.81 26.57
N THR C 89 -0.34 -23.69 27.82
CA THR C 89 -0.43 -22.39 28.47
C THR C 89 0.23 -22.41 29.83
N TYR C 90 0.91 -21.33 30.20
CA TYR C 90 1.47 -21.22 31.54
C TYR C 90 0.40 -20.73 32.51
N GLN C 91 -0.67 -21.52 32.61
CA GLN C 91 -1.82 -21.21 33.45
C GLN C 91 -1.81 -21.97 34.77
N ALA C 92 -2.94 -21.91 35.48
CA ALA C 92 -3.09 -22.61 36.76
C ALA C 92 -4.56 -22.97 37.03
N PRO C 93 -4.79 -24.20 37.53
CA PRO C 93 -6.14 -24.65 37.84
C PRO C 93 -6.79 -23.79 38.92
N LEU C 94 -7.95 -23.22 38.62
CA LEU C 94 -8.65 -22.38 39.57
C LEU C 94 -9.52 -23.21 40.53
N TYR C 95 -9.15 -23.16 41.81
CA TYR C 95 -9.86 -23.89 42.85
C TYR C 95 -10.91 -22.98 43.47
N ALA C 96 -10.48 -22.14 44.41
CA ALA C 96 -11.34 -21.23 45.19
C ALA C 96 -12.33 -21.96 46.08
N ARG C 97 -12.41 -21.54 47.34
CA ARG C 97 -13.31 -22.17 48.30
C ARG C 97 -14.67 -21.47 48.36
N LEU C 98 -15.73 -22.26 48.19
CA LEU C 98 -17.07 -21.74 47.96
C LEU C 98 -18.17 -22.53 48.67
N GLN C 99 -18.82 -21.87 49.64
CA GLN C 99 -19.91 -22.48 50.39
C GLN C 99 -21.27 -21.87 50.04
N LEU C 100 -22.34 -22.59 50.38
CA LEU C 100 -23.69 -22.11 50.15
C LEU C 100 -24.50 -22.02 51.44
N ILE C 101 -25.27 -20.95 51.57
CA ILE C 101 -26.19 -20.78 52.69
C ILE C 101 -27.62 -20.66 52.16
N HIS C 102 -28.46 -21.63 52.51
CA HIS C 102 -29.88 -21.59 52.14
C HIS C 102 -30.61 -20.63 53.08
N LYS C 103 -31.77 -20.14 52.64
CA LYS C 103 -32.56 -19.21 53.46
C LYS C 103 -32.91 -19.84 54.80
N ASP C 104 -33.29 -21.11 54.77
CA ASP C 104 -33.57 -21.87 55.98
C ASP C 104 -32.30 -22.47 56.58
N THR C 105 -32.47 -23.43 57.47
CA THR C 105 -31.33 -24.06 58.15
C THR C 105 -30.56 -25.00 57.23
N GLY C 106 -29.36 -25.40 57.65
CA GLY C 106 -28.50 -26.24 56.84
C GLY C 106 -27.45 -25.42 56.12
N LEU C 107 -26.18 -25.83 56.27
CA LEU C 107 -25.07 -25.08 55.70
C LEU C 107 -24.07 -26.03 55.05
N ILE C 108 -24.22 -26.26 53.75
CA ILE C 108 -23.35 -27.19 53.03
C ILE C 108 -22.23 -26.47 52.28
N LYS C 109 -21.01 -26.97 52.43
CA LYS C 109 -19.84 -26.35 51.83
C LYS C 109 -18.99 -27.37 51.07
N GLU C 110 -18.38 -26.92 49.98
CA GLU C 110 -17.43 -27.74 49.25
C GLU C 110 -16.37 -26.85 48.62
N ASP C 111 -15.23 -26.73 49.30
CA ASP C 111 -14.13 -25.83 48.92
C ASP C 111 -13.81 -25.74 47.44
N GLU C 112 -12.84 -26.56 47.01
CA GLU C 112 -12.28 -26.45 45.67
C GLU C 112 -13.26 -26.86 44.57
N VAL C 113 -13.33 -26.06 43.50
CA VAL C 113 -14.07 -26.43 42.29
C VAL C 113 -13.24 -26.07 41.05
N PHE C 114 -12.86 -27.06 40.25
CA PHE C 114 -12.11 -26.83 39.02
C PHE C 114 -12.94 -26.06 38.01
N LEU C 115 -13.31 -24.83 38.37
CA LEU C 115 -14.22 -24.07 37.53
C LEU C 115 -13.48 -23.27 36.46
N GLY C 116 -12.24 -23.66 36.17
CA GLY C 116 -11.48 -23.08 35.08
C GLY C 116 -9.98 -22.96 35.32
N HIS C 117 -9.28 -22.33 34.38
CA HIS C 117 -7.84 -22.10 34.53
C HIS C 117 -7.53 -20.60 34.53
N ILE C 118 -6.27 -20.24 34.75
CA ILE C 118 -5.85 -18.84 34.71
C ILE C 118 -4.36 -18.66 34.43
N PRO C 119 -4.02 -18.06 33.27
CA PRO C 119 -2.64 -17.82 32.83
C PRO C 119 -1.83 -16.97 33.80
N LEU C 120 -0.62 -17.40 34.11
CA LEU C 120 0.32 -16.60 34.90
C LEU C 120 1.26 -15.86 33.97
N MET C 121 2.14 -15.05 34.55
CA MET C 121 3.02 -14.21 33.76
C MET C 121 4.47 -14.45 34.14
N THR C 122 5.35 -14.48 33.13
CA THR C 122 6.77 -14.62 33.36
C THR C 122 7.30 -13.40 34.10
N GLU C 123 8.48 -13.53 34.69
CA GLU C 123 9.14 -12.40 35.36
C GLU C 123 9.60 -11.33 34.37
N ASP C 124 9.33 -11.55 33.09
CA ASP C 124 9.69 -10.58 32.05
C ASP C 124 8.47 -9.81 31.55
N GLY C 125 7.28 -10.36 31.71
CA GLY C 125 6.06 -9.66 31.37
C GLY C 125 5.16 -10.28 30.31
N SER C 126 5.47 -11.50 29.87
CA SER C 126 4.61 -12.18 28.90
C SER C 126 3.90 -13.41 29.46
N PHE C 127 2.92 -13.93 28.71
CA PHE C 127 2.23 -15.16 29.09
C PHE C 127 2.18 -16.15 27.94
N ILE C 128 2.87 -17.27 28.09
CA ILE C 128 2.87 -18.31 27.07
C ILE C 128 1.47 -18.88 26.89
N ILE C 129 0.80 -18.45 25.84
CA ILE C 129 -0.56 -18.91 25.58
C ILE C 129 -0.63 -19.76 24.32
N ASN C 130 -1.19 -20.95 24.46
CA ASN C 130 -1.33 -21.87 23.33
C ASN C 130 0.01 -22.13 22.63
N GLY C 131 1.07 -22.23 23.42
CA GLY C 131 2.40 -22.43 22.88
C GLY C 131 2.86 -21.27 22.00
N ALA C 132 2.77 -20.06 22.53
CA ALA C 132 3.17 -18.86 21.79
C ALA C 132 3.31 -17.67 22.74
N ASP C 133 4.49 -17.09 22.82
CA ASP C 133 4.71 -15.96 23.71
C ASP C 133 3.84 -14.76 23.33
N ARG C 134 2.87 -14.43 24.18
CA ARG C 134 1.98 -13.31 23.91
C ARG C 134 1.97 -12.30 25.05
N VAL C 135 1.46 -11.11 24.77
CA VAL C 135 1.45 -10.05 25.75
C VAL C 135 0.29 -9.10 25.50
N ILE C 136 -0.32 -8.65 26.59
CA ILE C 136 -1.49 -7.77 26.56
C ILE C 136 -1.07 -6.35 26.86
N VAL C 137 -1.23 -5.45 25.90
CA VAL C 137 -0.78 -4.08 26.08
C VAL C 137 -1.77 -3.32 26.96
N SER C 138 -1.45 -2.07 27.28
CA SER C 138 -2.31 -1.27 28.12
C SER C 138 -3.34 -0.54 27.26
N GLN C 139 -4.31 0.12 27.88
CA GLN C 139 -5.32 0.85 27.12
C GLN C 139 -5.76 2.17 27.76
N ILE C 140 -5.74 3.26 27.00
CA ILE C 140 -6.17 4.54 27.53
C ILE C 140 -7.65 4.78 27.24
N HIS C 141 -8.37 5.36 28.20
CA HIS C 141 -9.80 5.64 28.03
C HIS C 141 -10.33 6.59 29.10
N ARG C 142 -11.33 7.39 28.74
CA ARG C 142 -11.95 8.35 29.65
C ARG C 142 -12.38 7.71 30.97
N SER C 143 -11.92 8.28 32.08
CA SER C 143 -12.13 7.69 33.39
C SER C 143 -13.53 7.98 33.92
N PRO C 144 -14.25 6.93 34.33
CA PRO C 144 -15.61 7.09 34.85
C PRO C 144 -15.68 8.08 36.01
N GLY C 145 -16.44 9.16 35.82
CA GLY C 145 -16.67 10.12 36.88
C GLY C 145 -17.56 11.26 36.42
N VAL C 146 -17.64 12.31 37.24
CA VAL C 146 -18.42 13.48 36.87
C VAL C 146 -17.58 14.50 36.10
N TYR C 147 -18.12 14.97 34.97
CA TYR C 147 -17.42 15.97 34.15
C TYR C 147 -18.33 17.05 33.57
N PHE C 148 -17.74 18.19 33.26
CA PHE C 148 -18.47 19.33 32.69
C PHE C 148 -17.82 19.88 31.43
N THR C 149 -18.39 19.52 30.29
CA THR C 149 -17.89 19.94 28.99
C THR C 149 -18.95 20.80 28.29
N PRO C 150 -18.51 21.70 27.39
CA PRO C 150 -19.42 22.60 26.68
C PRO C 150 -20.53 21.89 25.90
N ASP C 151 -21.67 22.56 25.78
CA ASP C 151 -22.83 22.05 25.06
C ASP C 151 -22.63 22.23 23.55
N PRO C 152 -22.76 21.13 22.79
CA PRO C 152 -22.65 21.05 21.33
C PRO C 152 -23.06 22.31 20.57
N ALA C 153 -24.35 22.64 20.60
CA ALA C 153 -24.91 23.70 19.75
C ALA C 153 -24.90 25.09 20.38
N ARG C 154 -24.71 25.15 21.70
CA ARG C 154 -24.77 26.41 22.41
C ARG C 154 -23.56 26.63 23.30
N PRO C 155 -22.69 27.59 22.92
CA PRO C 155 -21.54 28.00 23.72
C PRO C 155 -21.94 28.91 24.87
N GLY C 156 -23.23 28.96 25.18
CA GLY C 156 -23.73 29.74 26.30
C GLY C 156 -23.86 28.91 27.56
N ARG C 157 -24.58 27.79 27.46
CA ARG C 157 -24.79 26.92 28.61
C ARG C 157 -23.94 25.66 28.47
N TYR C 158 -23.73 24.96 29.58
CA TYR C 158 -22.90 23.77 29.59
C TYR C 158 -23.71 22.55 30.02
N ILE C 159 -23.10 21.38 29.92
CA ILE C 159 -23.76 20.15 30.35
C ILE C 159 -22.89 19.34 31.31
N ALA C 160 -23.53 18.58 32.19
CA ALA C 160 -22.83 17.69 33.09
C ALA C 160 -22.75 16.30 32.48
N SER C 161 -21.90 15.46 33.05
CA SER C 161 -21.67 14.11 32.54
C SER C 161 -21.20 13.20 33.66
N ILE C 162 -21.81 12.02 33.76
CA ILE C 162 -21.39 11.02 34.74
C ILE C 162 -21.16 9.66 34.07
N ILE C 163 -19.93 9.39 33.65
CA ILE C 163 -19.58 8.11 33.03
C ILE C 163 -19.37 7.00 34.08
N PRO C 164 -20.01 5.85 33.87
CA PRO C 164 -19.69 4.67 34.69
C PRO C 164 -19.49 3.40 33.85
N LEU C 165 -18.25 2.92 33.75
CA LEU C 165 -18.00 1.66 33.06
C LEU C 165 -18.54 0.55 33.95
N PRO C 166 -18.86 -0.64 33.39
CA PRO C 166 -18.78 -1.13 32.01
C PRO C 166 -19.89 -0.58 31.13
N LYS C 167 -20.11 -1.21 29.98
CA LYS C 167 -21.14 -0.76 29.03
C LYS C 167 -22.52 -0.79 29.64
N ARG C 168 -22.90 -1.93 30.22
CA ARG C 168 -24.14 -2.00 30.98
C ARG C 168 -24.01 -1.14 32.24
N GLY C 169 -24.82 -0.10 32.29
CA GLY C 169 -24.68 0.97 33.24
C GLY C 169 -24.95 2.26 32.51
N PRO C 170 -25.80 3.13 33.08
CA PRO C 170 -26.32 4.30 32.37
C PRO C 170 -25.27 5.29 31.94
N TRP C 171 -25.68 6.29 31.18
CA TRP C 171 -24.81 7.38 30.74
C TRP C 171 -25.51 8.69 31.06
N ILE C 172 -25.31 9.20 32.27
CA ILE C 172 -26.07 10.35 32.74
C ILE C 172 -25.53 11.70 32.27
N ASP C 173 -26.41 12.54 31.70
CA ASP C 173 -26.06 13.91 31.33
C ASP C 173 -27.05 14.92 31.91
N LEU C 174 -26.55 16.01 32.46
CA LEU C 174 -27.41 17.07 32.99
C LEU C 174 -27.23 18.34 32.17
N GLU C 175 -28.32 18.78 31.58
CA GLU C 175 -28.28 19.93 30.68
C GLU C 175 -29.30 20.96 31.14
N VAL C 176 -28.89 22.22 31.22
CA VAL C 176 -29.86 23.26 31.53
C VAL C 176 -30.50 23.78 30.23
N GLU C 177 -31.64 23.20 29.88
CA GLU C 177 -32.36 23.57 28.66
C GLU C 177 -32.49 25.09 28.57
N PRO C 178 -32.16 25.65 27.39
CA PRO C 178 -32.13 27.10 27.12
C PRO C 178 -33.36 27.85 27.62
N ASN C 179 -34.50 27.16 27.66
CA ASN C 179 -35.72 27.69 28.26
C ASN C 179 -35.51 28.01 29.73
N GLY C 180 -34.92 27.06 30.46
CA GLY C 180 -34.59 27.27 31.86
C GLY C 180 -34.59 25.98 32.67
N VAL C 181 -35.46 25.06 32.29
CA VAL C 181 -35.60 23.79 33.00
C VAL C 181 -34.34 22.95 32.85
N VAL C 182 -33.96 22.25 33.91
CA VAL C 182 -32.80 21.36 33.87
C VAL C 182 -33.25 19.94 33.57
N SER C 183 -32.78 19.39 32.45
CA SER C 183 -33.21 18.07 32.01
C SER C 183 -32.27 16.96 32.46
N MET C 184 -32.86 15.94 33.07
CA MET C 184 -32.16 14.73 33.45
C MET C 184 -32.11 13.79 32.26
N LYS C 185 -30.90 13.46 31.82
CA LYS C 185 -30.69 12.50 30.74
C LYS C 185 -30.15 11.19 31.28
N VAL C 186 -30.99 10.16 31.23
CA VAL C 186 -30.64 8.83 31.70
C VAL C 186 -30.82 7.85 30.57
N ASN C 187 -29.84 6.96 30.39
CA ASN C 187 -29.75 6.09 29.22
C ASN C 187 -29.62 6.90 27.93
N LYS C 188 -30.62 7.73 27.67
CA LYS C 188 -30.59 8.68 26.56
C LYS C 188 -31.75 9.65 26.74
N ARG C 189 -32.89 9.09 27.14
CA ARG C 189 -34.12 9.84 27.38
C ARG C 189 -33.97 10.99 28.40
N LYS C 190 -34.83 12.00 28.28
CA LYS C 190 -34.79 13.16 29.18
C LYS C 190 -36.09 13.34 29.93
N PHE C 191 -36.00 13.93 31.12
CA PHE C 191 -37.18 14.30 31.90
C PHE C 191 -36.82 15.29 33.01
N PRO C 192 -37.80 16.06 33.52
CA PRO C 192 -37.54 17.00 34.63
C PRO C 192 -36.74 16.39 35.78
N LEU C 193 -35.49 16.83 35.92
CA LEU C 193 -34.56 16.33 36.92
C LEU C 193 -35.05 16.59 38.33
N VAL C 194 -35.85 17.65 38.46
CA VAL C 194 -36.42 18.05 39.74
C VAL C 194 -37.24 16.93 40.37
N LEU C 195 -37.79 16.03 39.54
CA LEU C 195 -38.59 14.92 40.02
C LEU C 195 -37.71 13.90 40.72
N LEU C 196 -36.55 13.62 40.14
CA LEU C 196 -35.58 12.74 40.77
C LEU C 196 -34.97 13.40 42.00
N LEU C 197 -34.88 14.73 41.96
CA LEU C 197 -34.46 15.47 43.15
C LEU C 197 -35.50 15.28 44.25
N ARG C 198 -36.76 15.12 43.85
CA ARG C 198 -37.84 14.91 44.82
C ARG C 198 -37.87 13.48 45.32
N VAL C 199 -37.41 12.54 44.49
CA VAL C 199 -37.31 11.13 44.89
C VAL C 199 -36.46 11.00 46.13
N LEU C 200 -35.31 11.67 46.10
CA LEU C 200 -34.31 11.56 47.14
C LEU C 200 -34.73 12.27 48.43
N GLY C 201 -35.76 13.12 48.32
CA GLY C 201 -36.33 13.77 49.48
C GLY C 201 -35.96 15.23 49.63
N TYR C 202 -35.87 15.95 48.52
CA TYR C 202 -35.53 17.36 48.56
C TYR C 202 -36.75 18.25 48.61
N ASP C 203 -36.81 19.11 49.62
CA ASP C 203 -37.88 20.09 49.71
C ASP C 203 -37.53 21.24 48.78
N GLN C 204 -38.54 22.01 48.40
CA GLN C 204 -38.30 23.14 47.52
C GLN C 204 -37.41 24.13 48.24
N GLU C 205 -37.54 24.22 49.56
CA GLU C 205 -36.76 25.17 50.36
C GLU C 205 -35.26 24.88 50.46
N THR C 206 -34.90 23.69 50.94
CA THR C 206 -33.49 23.30 51.02
C THR C 206 -32.79 23.40 49.67
N LEU C 207 -33.46 22.91 48.63
CA LEU C 207 -32.98 22.99 47.27
C LEU C 207 -32.77 24.45 46.86
N ALA C 208 -33.76 25.28 47.18
CA ALA C 208 -33.72 26.71 46.91
C ALA C 208 -32.48 27.29 47.54
N ARG C 209 -32.14 26.76 48.72
CA ARG C 209 -30.97 27.20 49.47
C ARG C 209 -29.67 26.82 48.76
N GLU C 210 -29.42 25.51 48.72
CA GLU C 210 -28.20 24.96 48.18
C GLU C 210 -27.89 25.53 46.81
N LEU C 211 -28.85 25.45 45.90
CA LEU C 211 -28.61 25.91 44.54
C LEU C 211 -28.69 27.41 44.41
N GLY C 212 -29.60 28.02 45.16
CA GLY C 212 -29.82 29.45 45.11
C GLY C 212 -28.59 30.25 45.47
N ALA C 213 -27.75 29.65 46.31
CA ALA C 213 -26.41 30.17 46.64
C ALA C 213 -25.86 31.30 45.76
N TYR C 214 -25.97 31.16 44.42
CA TYR C 214 -25.43 32.15 43.50
C TYR C 214 -26.34 32.52 42.33
N GLY C 215 -26.05 31.94 41.18
CA GLY C 215 -26.79 32.21 39.96
C GLY C 215 -28.26 31.93 40.13
N GLU C 216 -29.08 32.88 39.70
CA GLU C 216 -30.53 32.77 39.82
C GLU C 216 -31.11 31.52 39.13
N LEU C 217 -30.35 30.97 38.18
CA LEU C 217 -30.72 29.80 37.36
C LEU C 217 -31.51 28.67 38.05
N VAL C 218 -31.49 28.69 39.38
CA VAL C 218 -32.26 27.79 40.24
C VAL C 218 -33.76 27.83 39.95
N GLN C 219 -34.23 28.97 39.46
CA GLN C 219 -35.63 29.13 39.13
C GLN C 219 -36.03 28.21 38.00
N GLY C 220 -35.04 27.63 37.33
CA GLY C 220 -35.30 26.68 36.27
C GLY C 220 -35.76 25.33 36.81
N LEU C 221 -35.52 25.09 38.10
CA LEU C 221 -35.77 23.75 38.65
C LEU C 221 -36.59 23.73 39.94
N MET C 222 -36.23 24.62 40.87
CA MET C 222 -36.77 24.66 42.23
C MET C 222 -38.29 24.57 42.28
N ASP C 223 -38.90 25.04 41.21
CA ASP C 223 -40.34 25.11 41.08
C ASP C 223 -41.06 23.78 41.08
N GLU C 224 -41.81 23.59 40.00
CA GLU C 224 -42.67 22.43 39.80
C GLU C 224 -43.58 22.21 41.01
N SER C 225 -44.25 23.27 41.45
CA SER C 225 -45.14 23.20 42.60
C SER C 225 -46.09 22.00 42.52
N VAL C 226 -47.05 22.05 41.60
CA VAL C 226 -47.99 20.96 41.34
C VAL C 226 -47.27 19.68 40.92
N PHE C 227 -46.05 19.84 40.44
CA PHE C 227 -45.29 18.72 39.89
C PHE C 227 -44.32 18.12 40.92
N ALA C 228 -43.96 18.91 41.92
CA ALA C 228 -43.05 18.45 42.96
C ALA C 228 -43.59 18.77 44.35
N MET C 229 -44.73 18.18 44.67
CA MET C 229 -45.32 18.28 46.00
C MET C 229 -45.80 16.91 46.44
N ARG C 230 -44.88 15.95 46.38
CA ARG C 230 -45.20 14.54 46.62
C ARG C 230 -43.92 13.76 46.95
N PRO C 231 -43.82 13.24 48.19
CA PRO C 231 -42.61 12.58 48.72
C PRO C 231 -42.18 11.32 47.96
N GLU C 232 -42.98 10.27 48.01
CA GLU C 232 -42.59 8.99 47.42
C GLU C 232 -43.16 8.81 46.01
N GLU C 233 -44.07 9.71 45.64
CA GLU C 233 -44.79 9.60 44.37
C GLU C 233 -43.90 9.90 43.18
N ALA C 234 -42.78 10.56 43.42
CA ALA C 234 -41.83 10.85 42.35
C ALA C 234 -41.29 9.56 41.75
N LEU C 235 -41.20 8.52 42.58
CA LEU C 235 -40.83 7.20 42.11
C LEU C 235 -41.89 6.66 41.17
N ILE C 236 -43.11 6.55 41.68
CA ILE C 236 -44.23 5.98 40.93
C ILE C 236 -44.42 6.69 39.60
N ARG C 237 -44.32 8.02 39.62
CA ARG C 237 -44.47 8.82 38.42
C ARG C 237 -43.28 8.68 37.48
N LEU C 238 -42.07 8.62 38.05
CA LEU C 238 -40.87 8.41 37.23
C LEU C 238 -40.99 7.13 36.43
N PHE C 239 -41.40 6.04 37.10
CA PHE C 239 -41.56 4.75 36.45
C PHE C 239 -42.50 4.87 35.25
N THR C 240 -43.63 5.55 35.47
CA THR C 240 -44.59 5.78 34.40
C THR C 240 -43.94 6.52 33.24
N LEU C 241 -43.18 7.56 33.56
CA LEU C 241 -42.57 8.44 32.56
C LEU C 241 -41.23 7.94 32.03
N LEU C 242 -40.73 6.83 32.58
CA LEU C 242 -39.42 6.32 32.16
C LEU C 242 -39.49 4.84 31.75
N ARG C 243 -40.24 4.04 32.51
CA ARG C 243 -40.41 2.62 32.20
C ARG C 243 -41.89 2.30 32.00
N PRO C 244 -42.41 2.55 30.78
CA PRO C 244 -43.82 2.38 30.41
C PRO C 244 -44.38 1.02 30.83
N GLY C 245 -45.22 1.02 31.87
CA GLY C 245 -45.74 -0.20 32.46
C GLY C 245 -46.62 0.00 33.67
N ASP C 246 -46.34 -0.76 34.73
CA ASP C 246 -47.22 -0.78 35.91
C ASP C 246 -46.61 -0.06 37.12
N PRO C 247 -47.38 0.86 37.71
CA PRO C 247 -46.93 1.69 38.85
C PRO C 247 -46.85 1.11 40.28
N PRO C 248 -46.84 -0.23 40.48
CA PRO C 248 -46.50 -0.61 41.85
C PRO C 248 -45.04 -0.40 42.27
N LYS C 249 -44.41 -1.45 42.79
CA LYS C 249 -43.11 -1.32 43.45
C LYS C 249 -41.93 -1.64 42.54
N ARG C 250 -42.20 -1.83 41.25
CA ARG C 250 -41.13 -2.08 40.28
C ARG C 250 -40.13 -0.93 40.27
N ASP C 251 -40.62 0.29 40.35
CA ASP C 251 -39.78 1.48 40.41
C ASP C 251 -38.94 1.51 41.69
N LYS C 252 -39.58 1.09 42.79
CA LYS C 252 -38.93 1.08 44.10
C LYS C 252 -37.85 0.01 44.09
N ALA C 253 -37.89 -0.83 43.06
CA ALA C 253 -36.84 -1.83 42.84
C ALA C 253 -35.80 -1.33 41.84
N VAL C 254 -36.24 -0.53 40.87
CA VAL C 254 -35.32 0.11 39.92
C VAL C 254 -34.42 1.04 40.73
N ALA C 255 -34.93 1.43 41.89
CA ALA C 255 -34.19 2.23 42.88
C ALA C 255 -32.75 1.76 43.02
N TYR C 256 -32.61 0.44 43.16
CA TYR C 256 -31.31 -0.19 43.32
C TYR C 256 -30.46 -0.10 42.05
N VAL C 257 -31.11 -0.05 40.89
CA VAL C 257 -30.41 -0.05 39.60
C VAL C 257 -29.66 1.25 39.36
N TYR C 258 -30.29 2.38 39.68
CA TYR C 258 -29.58 3.65 39.69
C TYR C 258 -29.04 3.89 41.08
N GLY C 259 -28.89 2.79 41.81
CA GLY C 259 -28.44 2.84 43.18
C GLY C 259 -27.03 2.34 43.34
N LEU C 260 -26.91 1.10 43.81
CA LEU C 260 -25.60 0.47 44.02
C LEU C 260 -25.59 -1.02 43.66
N ILE C 261 -24.47 -1.69 43.93
CA ILE C 261 -24.27 -3.10 43.55
C ILE C 261 -24.38 -3.42 42.05
N ALA C 262 -25.55 -3.14 41.48
CA ALA C 262 -25.86 -3.53 40.10
C ALA C 262 -25.18 -2.64 39.07
N ASP C 263 -26.02 -1.95 38.29
CA ASP C 263 -25.58 -1.10 37.18
C ASP C 263 -24.42 -0.14 37.42
N PRO C 264 -24.48 0.66 38.50
CA PRO C 264 -23.40 1.64 38.67
C PRO C 264 -22.08 0.96 39.05
N ARG C 265 -20.99 1.69 38.83
CA ARG C 265 -19.65 1.13 38.93
C ARG C 265 -19.28 0.70 40.36
N ARG C 266 -18.66 -0.48 40.45
CA ARG C 266 -18.22 -1.04 41.73
C ARG C 266 -16.73 -0.75 41.91
N TYR C 267 -16.41 0.54 41.93
CA TYR C 267 -15.03 1.03 42.02
C TYR C 267 -14.60 1.43 43.43
N ASP C 268 -15.03 0.66 44.42
CA ASP C 268 -14.67 0.85 45.84
C ASP C 268 -15.13 2.17 46.45
N LEU C 269 -15.16 2.22 47.78
CA LEU C 269 -15.49 3.44 48.51
C LEU C 269 -14.19 4.16 48.85
N GLY C 270 -13.67 4.94 47.91
CA GLY C 270 -12.43 5.65 48.13
C GLY C 270 -11.53 5.82 46.91
N GLU C 271 -11.59 4.88 45.97
CA GLU C 271 -10.69 4.90 44.81
C GLU C 271 -11.29 5.67 43.62
N ALA C 272 -11.64 4.94 42.55
CA ALA C 272 -12.00 5.60 41.28
C ALA C 272 -13.05 6.71 41.40
N GLY C 273 -14.33 6.33 41.51
CA GLY C 273 -15.41 7.28 41.69
C GLY C 273 -15.15 8.38 42.71
N ARG C 274 -14.80 7.97 43.93
CA ARG C 274 -14.50 8.89 45.02
C ARG C 274 -13.47 9.92 44.59
N TYR C 275 -12.21 9.50 44.62
CA TYR C 275 -11.06 10.33 44.31
C TYR C 275 -11.21 11.18 43.05
N LYS C 276 -11.69 10.59 41.96
CA LYS C 276 -11.93 11.37 40.76
C LYS C 276 -12.89 12.49 41.05
N ALA C 277 -14.11 12.13 41.47
CA ALA C 277 -15.14 13.12 41.79
C ALA C 277 -14.58 14.24 42.66
N GLU C 278 -14.30 13.93 43.93
CA GLU C 278 -13.77 14.92 44.88
C GLU C 278 -12.60 15.76 44.36
N GLU C 279 -11.51 15.10 43.93
CA GLU C 279 -10.32 15.83 43.49
C GLU C 279 -10.60 16.72 42.29
N LYS C 280 -11.60 16.37 41.50
CA LYS C 280 -11.99 17.19 40.36
C LYS C 280 -13.13 18.15 40.70
N LEU C 281 -14.25 17.58 41.12
CA LEU C 281 -15.44 18.37 41.38
C LEU C 281 -16.12 17.94 42.68
N GLY C 282 -17.34 18.40 42.89
CA GLY C 282 -18.11 18.02 44.06
C GLY C 282 -17.29 18.15 45.33
N ILE C 283 -17.63 17.34 46.33
CA ILE C 283 -16.89 17.34 47.59
C ILE C 283 -16.81 15.94 48.16
N ARG C 284 -17.92 15.21 48.09
CA ARG C 284 -18.03 13.94 48.80
C ARG C 284 -18.53 12.77 47.95
N LEU C 285 -18.03 11.58 48.25
CA LEU C 285 -18.65 10.35 47.80
C LEU C 285 -18.96 9.41 48.97
N SER C 286 -20.24 9.22 49.26
CA SER C 286 -20.68 8.34 50.34
C SER C 286 -21.12 6.97 49.81
N GLY C 287 -20.17 6.06 49.68
CA GLY C 287 -20.44 4.75 49.11
C GLY C 287 -20.06 4.74 47.65
N ARG C 288 -19.79 3.56 47.10
CA ARG C 288 -19.28 3.41 45.73
C ARG C 288 -20.00 4.29 44.73
N THR C 289 -21.33 4.17 44.68
CA THR C 289 -22.14 5.05 43.84
C THR C 289 -23.35 5.55 44.60
N LEU C 290 -24.25 6.21 43.88
CA LEU C 290 -25.31 6.96 44.50
C LEU C 290 -26.47 6.17 45.11
N ALA C 291 -26.26 5.58 46.29
CA ALA C 291 -27.36 4.98 47.00
C ALA C 291 -27.18 4.86 48.50
N ARG C 292 -28.18 5.38 49.20
CA ARG C 292 -28.26 5.20 50.62
C ARG C 292 -29.76 5.05 50.94
N PHE C 293 -30.14 3.86 51.41
CA PHE C 293 -31.53 3.54 51.68
C PHE C 293 -31.71 2.91 53.05
N GLU C 294 -31.63 3.75 54.08
CA GLU C 294 -31.80 3.30 55.46
C GLU C 294 -33.12 2.57 55.63
N ASP C 295 -34.22 3.30 55.48
CA ASP C 295 -35.55 2.73 55.65
C ASP C 295 -36.37 2.85 54.37
N GLY C 296 -35.89 2.22 53.31
CA GLY C 296 -36.55 2.32 52.02
C GLY C 296 -36.32 3.66 51.37
N GLU C 297 -36.18 4.71 52.18
CA GLU C 297 -35.97 6.07 51.71
C GLU C 297 -34.73 6.21 50.86
N PHE C 298 -34.57 7.39 50.27
CA PHE C 298 -33.38 7.66 49.47
C PHE C 298 -32.47 8.66 50.13
N LYS C 299 -31.23 8.65 49.67
CA LYS C 299 -30.29 9.70 50.00
C LYS C 299 -29.31 9.83 48.84
N ASP C 300 -28.67 10.98 48.73
CA ASP C 300 -27.76 11.20 47.63
C ASP C 300 -26.65 12.17 48.00
N GLU C 301 -25.49 12.01 47.37
CA GLU C 301 -24.43 13.01 47.49
C GLU C 301 -23.91 13.51 46.14
N VAL C 302 -23.67 12.64 45.16
CA VAL C 302 -23.12 13.13 43.89
C VAL C 302 -24.06 14.07 43.10
N PHE C 303 -25.35 13.77 43.08
CA PHE C 303 -26.33 14.59 42.37
C PHE C 303 -26.31 16.07 42.72
N LEU C 304 -26.34 16.40 44.01
CA LEU C 304 -26.49 17.80 44.39
C LEU C 304 -25.23 18.65 44.17
N PRO C 305 -24.05 18.20 44.63
CA PRO C 305 -22.83 18.79 44.07
C PRO C 305 -22.76 18.86 42.54
N THR C 306 -23.30 17.88 41.82
CA THR C 306 -23.26 17.93 40.36
C THR C 306 -24.01 19.17 39.89
N LEU C 307 -25.23 19.29 40.39
CA LEU C 307 -26.08 20.44 40.12
C LEU C 307 -25.39 21.75 40.49
N ARG C 308 -24.82 21.79 41.69
CA ARG C 308 -24.14 22.97 42.19
C ARG C 308 -23.02 23.41 41.27
N TYR C 309 -22.22 22.45 40.82
CA TYR C 309 -21.05 22.77 40.00
C TYR C 309 -21.48 23.23 38.61
N LEU C 310 -22.53 22.59 38.10
CA LEU C 310 -23.14 22.99 36.83
C LEU C 310 -23.50 24.47 36.80
N PHE C 311 -24.27 24.92 37.79
CA PHE C 311 -24.68 26.32 37.87
C PHE C 311 -23.46 27.22 37.99
N ALA C 312 -22.50 26.79 38.79
CA ALA C 312 -21.26 27.53 39.01
C ALA C 312 -20.61 27.85 37.69
N LEU C 313 -20.52 26.82 36.85
CA LEU C 313 -19.89 26.94 35.55
C LEU C 313 -20.73 27.81 34.63
N THR C 314 -22.04 27.56 34.63
CA THR C 314 -22.94 28.30 33.76
C THR C 314 -23.29 29.66 34.33
N ALA C 315 -22.50 30.16 35.27
CA ALA C 315 -22.72 31.50 35.81
C ALA C 315 -21.42 32.25 36.10
N GLY C 316 -21.23 32.61 37.37
CA GLY C 316 -20.08 33.38 37.77
C GLY C 316 -18.80 32.57 37.78
N VAL C 317 -17.86 32.95 38.64
CA VAL C 317 -16.59 32.26 38.69
C VAL C 317 -16.29 31.72 40.10
N PRO C 318 -16.99 30.65 40.51
CA PRO C 318 -16.62 30.02 41.78
C PRO C 318 -15.38 29.13 41.66
N GLY C 319 -14.28 29.69 41.16
CA GLY C 319 -13.03 28.96 41.09
C GLY C 319 -12.82 28.16 39.82
N HIS C 320 -13.21 28.74 38.68
CA HIS C 320 -12.98 28.17 37.34
C HIS C 320 -13.25 26.67 37.20
N GLU C 321 -14.40 26.34 36.63
CA GLU C 321 -14.86 24.96 36.60
C GLU C 321 -15.01 24.39 35.19
N VAL C 322 -13.90 24.06 34.53
CA VAL C 322 -13.99 23.47 33.20
C VAL C 322 -13.22 22.16 33.03
N ASP C 323 -13.92 21.09 32.65
CA ASP C 323 -13.26 19.81 32.39
C ASP C 323 -12.89 19.65 30.91
N ASP C 324 -11.72 19.05 30.67
CA ASP C 324 -11.25 18.79 29.30
C ASP C 324 -11.33 17.29 28.99
N ILE C 325 -12.14 16.93 28.00
CA ILE C 325 -12.42 15.53 27.65
C ILE C 325 -11.19 14.63 27.59
N ASP C 326 -10.11 15.14 27.01
CA ASP C 326 -8.87 14.38 26.89
C ASP C 326 -7.70 15.10 27.55
N HIS C 327 -7.90 15.55 28.79
CA HIS C 327 -6.87 16.20 29.59
C HIS C 327 -5.92 15.16 30.17
N LEU C 328 -6.15 13.90 29.83
CA LEU C 328 -5.36 12.78 30.35
C LEU C 328 -5.57 12.58 31.86
N GLY C 329 -5.82 13.68 32.56
CA GLY C 329 -6.22 13.63 33.96
C GLY C 329 -7.69 13.31 34.04
N ASN C 330 -8.25 12.92 32.90
CA ASN C 330 -9.63 12.48 32.80
C ASN C 330 -9.69 11.13 32.11
N ARG C 331 -8.53 10.66 31.66
CA ARG C 331 -8.44 9.36 30.98
C ARG C 331 -7.50 8.36 31.68
N ARG C 332 -8.12 7.36 32.31
CA ARG C 332 -7.44 6.22 32.91
C ARG C 332 -6.65 5.38 31.92
N ILE C 333 -5.81 4.51 32.48
CA ILE C 333 -5.08 3.51 31.70
C ILE C 333 -5.33 2.12 32.26
N ARG C 334 -6.28 1.41 31.67
CA ARG C 334 -6.44 -0.01 31.94
C ARG C 334 -5.13 -0.73 31.69
N THR C 335 -4.46 -1.06 32.79
CA THR C 335 -3.26 -1.89 32.74
C THR C 335 -3.68 -3.33 32.49
N VAL C 336 -2.70 -4.22 32.42
CA VAL C 336 -2.91 -5.62 32.08
C VAL C 336 -3.77 -6.33 33.11
N GLY C 337 -3.42 -6.15 34.39
CA GLY C 337 -4.15 -6.74 35.48
C GLY C 337 -5.61 -6.29 35.56
N GLU C 338 -5.87 -5.05 35.13
CA GLU C 338 -7.23 -4.54 35.13
C GLU C 338 -8.05 -5.21 34.02
N LEU C 339 -7.41 -5.46 32.89
CA LEU C 339 -8.05 -6.16 31.77
C LEU C 339 -8.41 -7.58 32.21
N MET C 340 -7.41 -8.27 32.74
CA MET C 340 -7.61 -9.62 33.29
C MET C 340 -8.74 -9.64 34.32
N THR C 341 -8.65 -8.81 35.35
CA THR C 341 -9.66 -8.81 36.41
C THR C 341 -11.06 -8.49 35.89
N ASP C 342 -11.16 -7.54 34.97
CA ASP C 342 -12.41 -7.20 34.31
C ASP C 342 -13.03 -8.42 33.61
N GLN C 343 -12.24 -9.12 32.81
CA GLN C 343 -12.73 -10.35 32.17
C GLN C 343 -13.19 -11.37 33.22
N PHE C 344 -12.45 -11.45 34.31
CA PHE C 344 -12.80 -12.36 35.40
C PHE C 344 -14.19 -12.02 35.97
N ARG C 345 -14.45 -10.73 36.17
CA ARG C 345 -15.77 -10.27 36.61
C ARG C 345 -16.83 -10.71 35.62
N VAL C 346 -16.57 -10.44 34.34
CA VAL C 346 -17.49 -10.84 33.28
C VAL C 346 -17.87 -12.32 33.34
N GLY C 347 -16.89 -13.18 33.57
CA GLY C 347 -17.15 -14.60 33.70
C GLY C 347 -17.97 -14.96 34.94
N LEU C 348 -17.57 -14.37 36.08
CA LEU C 348 -18.30 -14.58 37.33
C LEU C 348 -19.78 -14.25 37.20
N ALA C 349 -20.07 -13.20 36.45
CA ALA C 349 -21.45 -12.81 36.18
C ALA C 349 -22.22 -13.94 35.50
N ARG C 350 -21.62 -14.55 34.48
CA ARG C 350 -22.29 -15.64 33.78
C ARG C 350 -22.46 -16.87 34.67
N LEU C 351 -21.47 -17.12 35.52
CA LEU C 351 -21.58 -18.16 36.53
C LEU C 351 -22.80 -17.92 37.43
N ALA C 352 -22.97 -16.66 37.81
CA ALA C 352 -24.10 -16.26 38.65
C ALA C 352 -25.43 -16.43 37.92
N ARG C 353 -25.42 -16.24 36.59
CA ARG C 353 -26.65 -16.48 35.83
C ARG C 353 -26.99 -17.96 35.82
N GLY C 354 -25.95 -18.78 35.71
CA GLY C 354 -26.10 -20.22 35.86
C GLY C 354 -26.69 -20.63 37.21
N VAL C 355 -26.16 -20.08 38.29
CA VAL C 355 -26.66 -20.44 39.62
C VAL C 355 -28.08 -19.91 39.87
N ARG C 356 -28.41 -18.81 39.21
CA ARG C 356 -29.77 -18.30 39.22
C ARG C 356 -30.71 -19.28 38.52
N GLU C 357 -30.29 -19.79 37.37
CA GLU C 357 -31.11 -20.76 36.64
C GLU C 357 -31.29 -22.08 37.40
N ARG C 358 -30.22 -22.54 38.02
CA ARG C 358 -30.21 -23.90 38.61
C ARG C 358 -31.11 -24.10 39.83
N MET C 359 -31.59 -23.02 40.44
CA MET C 359 -32.47 -23.16 41.60
C MET C 359 -33.79 -23.83 41.21
N LEU C 360 -34.10 -23.76 39.93
CA LEU C 360 -35.31 -24.38 39.41
C LEU C 360 -35.11 -25.89 39.17
N MET C 361 -33.87 -26.30 38.91
CA MET C 361 -33.58 -27.70 38.62
C MET C 361 -33.02 -28.44 39.82
N GLY C 362 -33.25 -27.90 41.01
CA GLY C 362 -32.80 -28.53 42.24
C GLY C 362 -33.74 -29.63 42.69
N SER C 363 -33.19 -30.62 43.38
CA SER C 363 -34.00 -31.72 43.89
C SER C 363 -34.56 -31.37 45.27
N GLU C 364 -33.69 -31.41 46.28
CA GLU C 364 -34.06 -31.09 47.65
C GLU C 364 -33.42 -29.79 48.14
N ASP C 365 -32.50 -29.89 49.09
CA ASP C 365 -31.91 -28.73 49.74
C ASP C 365 -30.47 -28.45 49.33
N SER C 366 -29.55 -29.25 49.87
CA SER C 366 -28.11 -29.08 49.61
C SER C 366 -27.74 -29.17 48.14
N LEU C 367 -27.01 -28.16 47.66
CA LEU C 367 -26.54 -28.20 46.28
C LEU C 367 -25.36 -27.28 45.98
N THR C 368 -24.46 -27.12 46.95
CA THR C 368 -23.29 -26.25 46.79
C THR C 368 -22.31 -26.63 45.67
N PRO C 369 -21.78 -27.88 45.70
CA PRO C 369 -20.72 -28.20 44.75
C PRO C 369 -21.19 -28.52 43.32
N ALA C 370 -21.64 -29.76 43.10
CA ALA C 370 -21.87 -30.28 41.77
C ALA C 370 -23.25 -29.97 41.18
N LYS C 371 -24.01 -29.09 41.82
CA LYS C 371 -25.35 -28.81 41.32
C LYS C 371 -25.57 -27.35 40.97
N LEU C 372 -24.65 -26.49 41.40
CA LEU C 372 -24.78 -25.06 41.17
C LEU C 372 -23.61 -24.46 40.37
N VAL C 373 -22.41 -24.49 40.96
CA VAL C 373 -21.28 -23.76 40.41
C VAL C 373 -20.53 -24.49 39.29
N ASN C 374 -20.70 -24.03 38.06
CA ASN C 374 -20.08 -24.70 36.90
C ASN C 374 -18.76 -24.13 36.38
N SER C 375 -18.25 -24.73 35.30
CA SER C 375 -16.91 -24.44 34.84
C SER C 375 -16.82 -23.90 33.41
N ARG C 376 -17.94 -23.40 32.91
CA ARG C 376 -18.02 -22.88 31.55
C ARG C 376 -17.94 -21.34 31.41
N PRO C 377 -18.63 -20.59 32.28
CA PRO C 377 -18.52 -19.12 32.21
C PRO C 377 -17.13 -18.58 32.47
N LEU C 378 -16.48 -19.05 33.53
CA LEU C 378 -15.16 -18.57 33.91
C LEU C 378 -14.13 -18.95 32.85
N GLU C 379 -14.25 -20.19 32.37
CA GLU C 379 -13.41 -20.65 31.27
C GLU C 379 -13.63 -19.80 30.02
N ALA C 380 -14.88 -19.43 29.75
CA ALA C 380 -15.18 -18.58 28.60
C ALA C 380 -14.50 -17.23 28.76
N ALA C 381 -14.53 -16.69 29.97
CA ALA C 381 -13.98 -15.37 30.25
C ALA C 381 -12.47 -15.33 30.10
N ILE C 382 -11.79 -16.32 30.66
CA ILE C 382 -10.34 -16.30 30.74
C ILE C 382 -9.65 -16.90 29.52
N ARG C 383 -10.28 -17.90 28.91
CA ARG C 383 -9.70 -18.56 27.74
C ARG C 383 -9.80 -17.72 26.47
N GLU C 384 -10.98 -17.16 26.22
CA GLU C 384 -11.20 -16.34 25.02
C GLU C 384 -10.33 -15.10 25.04
N PHE C 385 -10.16 -14.53 26.22
CA PHE C 385 -9.45 -13.26 26.35
C PHE C 385 -7.98 -13.35 25.93
N PHE C 386 -7.26 -14.31 26.51
CA PHE C 386 -5.84 -14.47 26.22
C PHE C 386 -5.54 -15.01 24.83
N SER C 387 -6.55 -15.14 23.98
CA SER C 387 -6.32 -15.70 22.65
C SER C 387 -7.20 -15.11 21.55
N ARG C 388 -8.21 -14.32 21.92
CA ARG C 388 -9.09 -13.69 20.94
C ARG C 388 -9.11 -12.18 21.06
N SER C 389 -8.69 -11.68 22.22
CA SER C 389 -8.72 -10.24 22.46
C SER C 389 -7.80 -9.53 21.49
N GLN C 390 -8.29 -8.45 20.90
CA GLN C 390 -7.50 -7.65 19.97
C GLN C 390 -6.33 -7.05 20.73
N LEU C 391 -6.50 -7.00 22.05
CA LEU C 391 -5.58 -6.35 22.96
C LEU C 391 -4.37 -7.20 23.35
N SER C 392 -4.49 -8.51 23.21
CA SER C 392 -3.35 -9.40 23.43
C SER C 392 -2.76 -9.80 22.08
N GLN C 393 -1.45 -9.66 21.93
CA GLN C 393 -0.78 -9.96 20.66
C GLN C 393 0.46 -10.81 20.78
N PHE C 394 0.91 -11.28 19.62
CA PHE C 394 2.23 -11.89 19.44
C PHE C 394 3.28 -10.96 20.02
N LYS C 395 4.17 -11.51 20.82
CA LYS C 395 5.21 -10.72 21.45
C LYS C 395 6.27 -10.35 20.42
N ASP C 396 6.41 -9.05 20.15
CA ASP C 396 7.38 -8.58 19.18
C ASP C 396 8.78 -8.75 19.75
N GLU C 397 9.41 -9.89 19.44
CA GLU C 397 10.74 -10.21 19.98
C GLU C 397 11.83 -10.22 18.92
N THR C 398 11.88 -9.17 18.10
CA THR C 398 12.94 -9.05 17.12
C THR C 398 14.26 -8.96 17.87
N ASN C 399 14.33 -8.02 18.81
CA ASN C 399 15.45 -7.93 19.73
C ASN C 399 14.91 -7.65 21.13
N PRO C 400 15.73 -7.85 22.16
CA PRO C 400 15.28 -7.57 23.52
C PRO C 400 14.62 -6.20 23.70
N LEU C 401 15.20 -5.15 23.10
CA LEU C 401 14.64 -3.81 23.22
C LEU C 401 13.23 -3.72 22.67
N SER C 402 13.01 -4.37 21.53
CA SER C 402 11.69 -4.45 20.92
C SER C 402 10.67 -5.05 21.87
N SER C 403 11.07 -6.17 22.49
CA SER C 403 10.20 -6.90 23.39
C SER C 403 9.84 -6.04 24.58
N LEU C 404 10.84 -5.35 25.11
CA LEU C 404 10.63 -4.43 26.22
C LEU C 404 9.65 -3.32 25.85
N ARG C 405 9.82 -2.73 24.67
CA ARG C 405 8.98 -1.63 24.25
C ARG C 405 7.55 -2.08 24.06
N HIS C 406 7.39 -3.30 23.54
CA HIS C 406 6.07 -3.83 23.25
C HIS C 406 5.18 -3.87 24.49
N LYS C 407 5.78 -4.12 25.65
CA LYS C 407 5.03 -4.18 26.91
C LYS C 407 4.74 -2.77 27.43
N ARG C 408 5.67 -1.86 27.19
CA ARG C 408 5.56 -0.50 27.70
C ARG C 408 4.73 0.39 26.79
N ARG C 409 3.85 -0.21 25.99
CA ARG C 409 3.07 0.57 25.05
C ARG C 409 1.62 0.72 25.48
N ILE C 410 1.02 1.85 25.09
CA ILE C 410 -0.37 2.15 25.42
C ILE C 410 -1.18 2.24 24.13
N SER C 411 -2.24 1.44 24.03
CA SER C 411 -3.10 1.44 22.85
C SER C 411 -4.49 1.97 23.15
N ALA C 412 -5.05 2.77 22.24
CA ALA C 412 -6.41 3.26 22.39
C ALA C 412 -7.39 2.18 21.97
N LEU C 413 -7.04 1.45 20.92
CA LEU C 413 -7.91 0.40 20.40
C LEU C 413 -8.14 -0.67 21.46
N GLY C 414 -9.40 -0.98 21.72
CA GLY C 414 -9.72 -1.96 22.74
C GLY C 414 -11.08 -2.57 22.59
N PRO C 415 -11.78 -2.75 23.72
CA PRO C 415 -13.11 -3.36 23.80
C PRO C 415 -14.22 -2.55 23.12
N GLY C 416 -13.88 -1.44 22.48
CA GLY C 416 -14.84 -0.69 21.70
C GLY C 416 -15.73 0.25 22.50
N GLY C 417 -15.98 -0.08 23.76
CA GLY C 417 -16.79 0.74 24.63
C GLY C 417 -16.06 1.98 25.09
N LEU C 418 -14.81 2.11 24.64
CA LEU C 418 -13.96 3.21 25.05
C LEU C 418 -13.32 3.89 23.85
N THR C 419 -12.85 3.09 22.89
CA THR C 419 -12.30 3.63 21.66
C THR C 419 -12.69 2.78 20.44
N ARG C 420 -13.10 3.46 19.39
CA ARG C 420 -13.57 2.82 18.17
C ARG C 420 -12.41 2.71 17.17
N GLU C 421 -12.71 2.56 15.89
CA GLU C 421 -11.70 2.69 14.85
C GLU C 421 -12.22 3.55 13.69
N ARG C 422 -13.13 4.45 14.03
CA ARG C 422 -13.68 5.38 13.04
C ARG C 422 -13.71 6.80 13.62
N ALA C 423 -12.84 7.03 14.60
CA ALA C 423 -12.71 8.33 15.22
C ALA C 423 -11.25 8.59 15.59
N GLY C 424 -10.61 9.51 14.85
CA GLY C 424 -9.25 9.89 15.14
C GLY C 424 -8.93 11.32 14.77
N PHE C 425 -7.76 11.51 14.16
CA PHE C 425 -7.27 12.82 13.72
C PHE C 425 -7.12 13.84 14.84
N ASP C 426 -8.18 14.01 15.63
CA ASP C 426 -8.18 14.95 16.75
C ASP C 426 -7.76 14.26 18.06
N VAL C 427 -8.17 13.00 18.22
CA VAL C 427 -7.82 12.22 19.41
C VAL C 427 -6.33 11.89 19.41
N ARG C 428 -5.78 11.73 18.21
CA ARG C 428 -4.42 11.28 18.04
C ARG C 428 -3.40 12.33 18.46
N ASP C 429 -3.80 13.60 18.32
CA ASP C 429 -2.93 14.73 18.64
C ASP C 429 -2.29 14.68 20.01
N VAL C 430 -1.04 15.15 20.08
CA VAL C 430 -0.33 15.26 21.35
C VAL C 430 -0.91 16.36 22.22
N HIS C 431 -1.84 15.97 23.08
CA HIS C 431 -2.35 16.85 24.11
C HIS C 431 -1.20 17.33 25.03
N ARG C 432 -1.48 18.36 25.82
CA ARG C 432 -0.49 19.04 26.65
C ARG C 432 0.04 18.19 27.79
N THR C 433 -0.83 17.39 28.39
CA THR C 433 -0.45 16.62 29.56
C THR C 433 0.28 15.32 29.24
N HIS C 434 0.49 15.01 27.95
CA HIS C 434 1.29 13.84 27.60
C HIS C 434 2.73 14.08 28.04
N TYR C 435 3.05 15.34 28.29
CA TYR C 435 4.38 15.77 28.72
C TYR C 435 4.84 14.96 29.92
N GLY C 436 5.94 14.23 29.75
CA GLY C 436 6.46 13.41 30.83
C GLY C 436 5.67 12.15 31.02
N ARG C 437 4.47 12.11 30.47
CA ARG C 437 3.57 10.98 30.69
C ARG C 437 3.54 10.06 29.48
N ILE C 438 3.47 10.64 28.29
CA ILE C 438 3.42 9.87 27.06
C ILE C 438 4.36 10.48 26.01
N CYS C 439 5.07 9.61 25.31
CA CYS C 439 5.96 10.06 24.25
C CYS C 439 5.17 10.74 23.14
N PRO C 440 5.60 11.95 22.76
CA PRO C 440 5.04 12.69 21.64
C PRO C 440 5.71 12.30 20.32
N VAL C 441 6.37 11.15 20.30
CA VAL C 441 7.13 10.73 19.13
C VAL C 441 6.88 9.26 18.73
N GLU C 442 6.82 8.37 19.72
CA GLU C 442 6.81 6.91 19.48
C GLU C 442 5.68 6.37 18.59
N THR C 443 4.58 7.10 18.47
CA THR C 443 3.43 6.69 17.66
C THR C 443 3.76 6.09 16.31
N PRO C 444 3.43 4.80 16.11
CA PRO C 444 3.78 4.11 14.86
C PRO C 444 3.22 4.85 13.67
N GLU C 445 4.11 5.25 12.77
CA GLU C 445 3.71 5.97 11.57
C GLU C 445 2.85 5.09 10.68
N GLY C 446 2.41 5.64 9.55
CA GLY C 446 1.49 4.94 8.68
C GLY C 446 0.10 5.01 9.27
N ALA C 447 -0.86 4.35 8.64
CA ALA C 447 -2.23 4.33 9.13
C ALA C 447 -2.21 3.76 10.55
N ASN C 448 -3.25 4.07 11.32
CA ASN C 448 -3.34 3.68 12.72
C ASN C 448 -2.33 4.44 13.57
N ILE C 449 -1.92 5.62 13.09
CA ILE C 449 -1.00 6.48 13.84
C ILE C 449 -1.76 7.24 14.90
N GLY C 450 -1.11 7.53 16.02
CA GLY C 450 -1.74 8.29 17.09
C GLY C 450 -2.59 7.44 18.01
N LEU C 451 -3.14 6.35 17.47
CA LEU C 451 -3.96 5.43 18.23
C LEU C 451 -3.10 4.51 19.09
N ILE C 452 -1.80 4.48 18.81
CA ILE C 452 -0.85 3.73 19.62
C ILE C 452 0.28 4.66 20.06
N THR C 453 0.55 4.72 21.35
CA THR C 453 1.62 5.57 21.87
C THR C 453 2.30 4.84 23.01
N SER C 454 3.62 4.75 23.02
CA SER C 454 4.31 4.13 24.15
C SER C 454 4.44 5.10 25.31
N LEU C 455 4.38 4.56 26.53
CA LEU C 455 4.47 5.34 27.76
C LEU C 455 5.84 5.98 27.88
N ALA C 456 5.90 7.17 28.49
CA ALA C 456 7.17 7.87 28.68
C ALA C 456 8.11 7.05 29.54
N ALA C 457 9.36 7.50 29.61
CA ALA C 457 10.40 6.77 30.32
C ALA C 457 10.07 6.61 31.81
N TYR C 458 10.24 7.70 32.56
CA TYR C 458 10.03 7.68 33.99
C TYR C 458 8.57 7.53 34.41
N ALA C 459 7.66 7.70 33.47
CA ALA C 459 6.23 7.64 33.76
C ALA C 459 5.85 6.27 34.33
N ARG C 460 4.79 6.25 35.15
CA ARG C 460 4.29 5.00 35.69
C ARG C 460 2.84 5.15 36.19
N VAL C 461 2.06 4.08 36.05
CA VAL C 461 0.67 4.05 36.49
C VAL C 461 0.56 3.92 38.01
N ASP C 462 -0.39 4.63 38.62
CA ASP C 462 -0.57 4.62 40.08
C ASP C 462 -1.87 3.96 40.56
N GLU C 463 -2.06 2.68 40.24
CA GLU C 463 -3.27 1.95 40.64
C GLU C 463 -4.56 2.58 40.10
N LEU C 464 -4.80 3.82 40.49
CA LEU C 464 -5.97 4.58 40.05
C LEU C 464 -6.04 4.72 38.53
N GLY C 465 -4.90 4.54 37.86
CA GLY C 465 -4.88 4.47 36.42
C GLY C 465 -4.13 5.59 35.74
N PHE C 466 -4.26 6.80 36.27
CA PHE C 466 -3.68 7.97 35.63
C PHE C 466 -2.16 7.91 35.69
N ILE C 467 -1.50 8.53 34.71
CA ILE C 467 -0.04 8.53 34.67
C ILE C 467 0.51 9.55 35.63
N ARG C 468 1.51 9.15 36.40
CA ARG C 468 2.19 10.10 37.28
C ARG C 468 3.59 10.39 36.75
N THR C 469 4.02 11.63 36.89
CA THR C 469 5.37 12.02 36.52
C THR C 469 6.22 12.42 37.71
N PRO C 470 7.49 12.01 37.70
CA PRO C 470 8.41 12.37 38.77
C PRO C 470 8.79 13.85 38.65
N TYR C 471 8.49 14.62 39.69
CA TYR C 471 8.77 16.04 39.68
C TYR C 471 9.53 16.43 40.93
N ARG C 472 10.62 17.16 40.75
CA ARG C 472 11.41 17.63 41.88
C ARG C 472 10.89 18.96 42.37
N ARG C 473 10.21 18.94 43.52
CA ARG C 473 9.73 20.18 44.12
C ARG C 473 10.91 21.03 44.58
N VAL C 474 10.64 22.29 44.85
CA VAL C 474 11.68 23.22 45.30
C VAL C 474 11.18 24.10 46.44
N VAL C 475 12.07 24.40 47.40
CA VAL C 475 11.73 25.24 48.53
C VAL C 475 12.04 26.70 48.21
N GLY C 476 11.01 27.44 47.78
CA GLY C 476 11.17 28.82 47.39
C GLY C 476 12.16 28.99 46.25
N GLY C 477 13.44 29.06 46.59
CA GLY C 477 14.50 29.20 45.61
C GLY C 477 15.32 27.94 45.43
N VAL C 478 15.55 27.20 46.51
CA VAL C 478 16.38 26.01 46.49
C VAL C 478 15.60 24.78 46.02
N VAL C 479 16.24 23.95 45.20
CA VAL C 479 15.60 22.73 44.71
C VAL C 479 15.58 21.67 45.81
N THR C 480 14.42 21.03 45.97
CA THR C 480 14.30 19.97 46.97
C THR C 480 14.59 18.63 46.32
N ASP C 481 15.24 17.75 47.07
CA ASP C 481 15.56 16.42 46.58
C ASP C 481 14.42 15.45 46.83
N GLU C 482 13.21 15.98 46.93
CA GLU C 482 12.03 15.15 47.05
C GLU C 482 11.36 15.00 45.68
N VAL C 483 11.11 13.75 45.30
CA VAL C 483 10.45 13.47 44.03
C VAL C 483 8.98 13.11 44.23
N VAL C 484 8.11 14.02 43.82
CA VAL C 484 6.68 13.80 43.91
C VAL C 484 6.14 13.40 42.56
N TYR C 485 5.48 12.24 42.51
CA TYR C 485 4.85 11.79 41.27
C TYR C 485 3.47 12.40 41.11
N MET C 486 3.37 13.40 40.24
CA MET C 486 2.13 14.15 40.06
C MET C 486 1.21 13.59 38.97
N THR C 487 -0.08 13.73 39.21
CA THR C 487 -1.13 13.37 38.25
C THR C 487 -1.25 14.50 37.24
N ALA C 488 -1.81 14.21 36.06
CA ALA C 488 -2.01 15.23 35.03
C ALA C 488 -2.84 16.41 35.54
N THR C 489 -3.91 16.12 36.28
CA THR C 489 -4.79 17.15 36.82
C THR C 489 -4.13 17.98 37.91
N GLU C 490 -3.17 17.39 38.61
CA GLU C 490 -2.47 18.08 39.70
C GLU C 490 -1.30 18.89 39.18
N GLU C 491 -0.83 18.53 37.99
CA GLU C 491 0.31 19.20 37.38
C GLU C 491 -0.02 20.63 36.99
N ASP C 492 -1.22 20.83 36.45
CA ASP C 492 -1.67 22.15 36.01
C ASP C 492 -1.62 23.16 37.15
N ARG C 493 -1.80 22.68 38.37
CA ARG C 493 -1.88 23.56 39.53
C ARG C 493 -0.51 24.07 40.02
N TYR C 494 0.50 23.98 39.16
CA TYR C 494 1.83 24.37 39.59
C TYR C 494 2.66 25.05 38.50
N THR C 495 3.76 25.68 38.91
CA THR C 495 4.71 26.30 38.00
C THR C 495 6.02 25.51 38.04
N ILE C 496 6.28 24.74 36.99
CA ILE C 496 7.46 23.85 36.95
C ILE C 496 8.54 24.31 35.98
N ALA C 497 9.78 24.33 36.45
CA ALA C 497 10.91 24.74 35.63
C ALA C 497 11.52 23.58 34.85
N GLN C 498 12.23 23.91 33.78
CA GLN C 498 12.92 22.92 32.95
C GLN C 498 14.18 22.40 33.64
N ALA C 499 14.66 21.25 33.20
CA ALA C 499 15.82 20.60 33.82
C ALA C 499 17.14 21.17 33.33
N ASN C 500 17.09 22.09 32.38
CA ASN C 500 18.30 22.69 31.82
C ASN C 500 18.77 23.90 32.62
N THR C 501 17.93 24.37 33.53
CA THR C 501 18.20 25.57 34.31
C THR C 501 19.46 25.39 35.16
N PRO C 502 20.38 26.36 35.08
CA PRO C 502 21.65 26.37 35.82
C PRO C 502 21.43 26.28 37.33
N LEU C 503 22.23 25.44 37.99
CA LEU C 503 22.03 25.13 39.40
C LEU C 503 23.36 25.05 40.15
N GLU C 504 23.43 25.70 41.31
CA GLU C 504 24.60 25.55 42.19
C GLU C 504 24.32 24.49 43.26
N GLY C 505 24.71 23.26 43.00
CA GLY C 505 24.45 22.16 43.91
C GLY C 505 22.97 21.83 44.00
N ASN C 506 22.20 22.76 44.53
CA ASN C 506 20.74 22.63 44.59
C ASN C 506 20.04 23.98 44.61
N ARG C 507 20.82 25.04 44.37
CA ARG C 507 20.27 26.40 44.36
C ARG C 507 20.27 27.01 42.96
N ILE C 508 19.13 27.62 42.59
CA ILE C 508 18.99 28.30 41.31
C ILE C 508 20.01 29.42 41.15
N ALA C 509 20.62 29.52 39.96
CA ALA C 509 21.62 30.55 39.72
C ALA C 509 21.32 31.39 38.47
N ALA C 510 20.02 31.57 38.19
CA ALA C 510 19.59 32.36 37.04
C ALA C 510 18.40 33.24 37.38
N GLU C 511 18.54 34.55 37.17
CA GLU C 511 17.47 35.50 37.46
C GLU C 511 16.19 35.17 36.70
N ARG C 512 16.35 34.64 35.50
CA ARG C 512 15.21 34.24 34.68
C ARG C 512 15.23 32.73 34.42
N VAL C 513 14.14 32.07 34.83
CA VAL C 513 14.04 30.63 34.79
C VAL C 513 12.96 30.19 33.81
N VAL C 514 13.34 29.33 32.86
CA VAL C 514 12.35 28.81 31.92
C VAL C 514 11.42 27.85 32.65
N ALA C 515 10.12 28.07 32.51
CA ALA C 515 9.16 27.24 33.21
C ALA C 515 7.90 27.04 32.40
N ARG C 516 6.93 26.32 32.97
CA ARG C 516 5.67 26.08 32.27
C ARG C 516 4.52 26.01 33.26
N ARG C 517 3.56 26.90 33.08
CA ARG C 517 2.44 27.03 34.02
C ARG C 517 1.43 25.90 33.81
N LYS C 518 0.20 26.26 33.45
CA LYS C 518 -0.82 25.25 33.19
C LYS C 518 -0.66 24.63 31.80
N GLY C 519 0.56 24.25 31.47
CA GLY C 519 0.85 23.60 30.21
C GLY C 519 1.21 24.58 29.09
N GLU C 520 2.07 25.55 29.41
CA GLU C 520 2.51 26.53 28.43
C GLU C 520 3.79 27.23 28.87
N PRO C 521 4.70 27.48 27.92
CA PRO C 521 6.00 28.14 28.10
C PRO C 521 5.89 29.51 28.75
N VAL C 522 6.32 29.63 30.01
CA VAL C 522 6.40 30.94 30.66
C VAL C 522 7.73 31.08 31.40
N ILE C 523 8.40 32.21 31.22
CA ILE C 523 9.67 32.44 31.90
C ILE C 523 9.48 33.23 33.19
N VAL C 524 9.74 32.59 34.33
CA VAL C 524 9.48 33.19 35.64
C VAL C 524 10.74 33.48 36.46
N SER C 525 10.53 33.79 37.74
CA SER C 525 11.62 34.10 38.66
C SER C 525 11.87 32.89 39.57
N PRO C 526 13.08 32.76 40.11
CA PRO C 526 13.48 31.61 40.93
C PRO C 526 12.62 31.39 42.18
N GLU C 527 11.68 32.29 42.44
CA GLU C 527 10.82 32.15 43.62
C GLU C 527 9.54 31.39 43.29
N GLU C 528 8.95 31.69 42.14
CA GLU C 528 7.66 31.11 41.76
C GLU C 528 7.79 29.66 41.33
N VAL C 529 9.02 29.22 41.17
CA VAL C 529 9.30 27.81 40.93
C VAL C 529 8.82 27.02 42.15
N GLU C 530 8.14 25.91 41.90
CA GLU C 530 7.60 25.08 42.98
C GLU C 530 7.98 23.64 42.76
N PHE C 531 8.12 23.28 41.48
CA PHE C 531 8.61 21.96 41.10
C PHE C 531 9.64 22.09 39.98
N MET C 532 10.27 20.98 39.63
CA MET C 532 11.24 20.96 38.54
C MET C 532 11.29 19.57 37.93
N ASP C 533 11.36 19.52 36.60
CA ASP C 533 11.50 18.23 35.90
C ASP C 533 12.77 17.55 36.36
N VAL C 534 12.69 16.24 36.54
CA VAL C 534 13.84 15.46 36.96
C VAL C 534 14.96 15.58 35.93
N SER C 535 14.63 15.26 34.69
CA SER C 535 15.61 15.20 33.62
C SER C 535 14.88 15.29 32.30
N PRO C 536 15.50 15.90 31.28
CA PRO C 536 14.84 15.95 29.98
C PRO C 536 14.53 14.56 29.42
N LYS C 537 15.14 13.53 30.01
CA LYS C 537 14.96 12.17 29.52
C LYS C 537 13.57 11.63 29.83
N GLN C 538 12.79 12.40 30.57
CA GLN C 538 11.47 11.94 31.01
C GLN C 538 10.35 12.34 30.04
N VAL C 539 10.71 13.08 28.99
CA VAL C 539 9.73 13.51 28.00
C VAL C 539 9.36 12.40 27.01
N PHE C 540 10.31 11.53 26.72
CA PHE C 540 10.20 10.58 25.62
C PHE C 540 10.22 9.13 26.08
N SER C 541 9.51 8.27 25.34
CA SER C 541 9.61 6.84 25.57
C SER C 541 11.05 6.39 25.33
N VAL C 542 11.44 5.30 25.99
CA VAL C 542 12.83 4.83 25.97
C VAL C 542 13.49 4.73 24.58
N ASN C 543 12.76 4.28 23.57
CA ASN C 543 13.32 4.19 22.22
C ASN C 543 13.82 5.54 21.73
N THR C 544 13.01 6.57 21.89
CA THR C 544 13.42 7.93 21.52
C THR C 544 14.60 8.35 22.40
N ASN C 545 14.63 7.85 23.64
CA ASN C 545 15.72 8.15 24.55
C ASN C 545 16.97 7.34 24.24
N LEU C 546 16.90 6.51 23.20
CA LEU C 546 18.07 5.81 22.70
C LEU C 546 18.56 6.46 21.42
N ILE C 547 18.40 7.78 21.33
CA ILE C 547 18.77 8.51 20.13
C ILE C 547 19.62 9.74 20.44
N PRO C 548 20.92 9.66 20.16
CA PRO C 548 21.87 10.75 20.45
C PRO C 548 21.55 12.01 19.66
N PHE C 549 21.97 13.16 20.17
CA PHE C 549 21.75 14.44 19.51
C PHE C 549 20.34 14.61 18.96
N LEU C 550 19.35 14.17 19.73
CA LEU C 550 17.96 14.22 19.30
C LEU C 550 17.47 15.65 19.08
N GLU C 551 18.06 16.60 19.81
CA GLU C 551 17.67 18.00 19.68
C GLU C 551 17.96 18.55 18.29
N HIS C 552 18.69 17.76 17.50
CA HIS C 552 19.07 18.16 16.15
C HIS C 552 18.40 17.27 15.13
N ASP C 553 17.33 16.59 15.55
CA ASP C 553 16.53 15.79 14.62
C ASP C 553 15.12 16.33 14.47
N ASP C 554 14.57 16.22 13.26
CA ASP C 554 13.18 16.57 13.05
C ASP C 554 12.31 15.58 13.83
N ALA C 555 11.17 16.05 14.30
CA ALA C 555 10.24 15.21 15.04
C ALA C 555 9.78 14.03 14.18
N ASN C 556 9.64 14.26 12.88
CA ASN C 556 9.15 13.21 11.98
C ASN C 556 10.20 12.12 11.77
N ARG C 557 11.45 12.54 11.63
CA ARG C 557 12.55 11.60 11.44
C ARG C 557 12.80 10.83 12.71
N ALA C 558 12.78 11.54 13.83
CA ALA C 558 13.02 10.95 15.14
C ALA C 558 12.06 9.80 15.38
N LEU C 559 10.81 9.96 14.93
CA LEU C 559 9.81 8.91 15.03
C LEU C 559 10.29 7.63 14.37
N MET C 560 10.74 7.76 13.12
CA MET C 560 11.17 6.58 12.41
C MET C 560 12.38 6.02 13.14
N GLY C 561 13.30 6.89 13.51
CA GLY C 561 14.47 6.49 14.28
C GLY C 561 14.15 5.67 15.51
N SER C 562 13.10 6.08 16.23
CA SER C 562 12.70 5.44 17.46
C SER C 562 12.02 4.14 17.13
N ASN C 563 11.42 4.09 15.96
CA ASN C 563 10.62 2.95 15.57
C ASN C 563 11.43 1.89 14.83
N MET C 564 12.65 2.22 14.42
CA MET C 564 13.50 1.29 13.68
C MET C 564 14.09 0.21 14.60
N GLN C 565 14.49 0.62 15.79
CA GLN C 565 15.11 -0.28 16.76
C GLN C 565 14.25 -1.51 17.05
N THR C 566 12.93 -1.32 17.06
CA THR C 566 11.97 -2.39 17.31
C THR C 566 12.16 -3.56 16.34
N GLN C 567 12.79 -3.29 15.20
CA GLN C 567 12.97 -4.32 14.19
C GLN C 567 14.43 -4.50 13.78
N ALA C 568 15.34 -4.27 14.72
CA ALA C 568 16.75 -4.45 14.45
C ALA C 568 17.18 -5.89 14.73
N VAL C 569 17.56 -6.62 13.68
CA VAL C 569 17.96 -8.00 13.81
C VAL C 569 19.24 -8.15 14.60
N PRO C 570 19.22 -9.02 15.62
CA PRO C 570 20.38 -9.33 16.46
C PRO C 570 21.54 -9.90 15.64
N LEU C 571 22.61 -9.14 15.50
CA LEU C 571 23.79 -9.58 14.79
C LEU C 571 24.69 -10.43 15.68
N ILE C 572 25.36 -11.41 15.09
CA ILE C 572 26.24 -12.29 15.85
C ILE C 572 27.37 -11.50 16.49
N ARG C 573 27.86 -10.49 15.78
CA ARG C 573 28.93 -9.65 16.31
C ARG C 573 28.41 -8.25 16.48
N ALA C 574 27.50 -8.07 17.43
CA ALA C 574 26.87 -6.76 17.57
C ALA C 574 27.62 -5.84 18.50
N GLN C 575 27.98 -4.67 17.97
CA GLN C 575 28.69 -3.66 18.73
C GLN C 575 27.72 -2.73 19.45
N ALA C 576 28.23 -2.03 20.45
CA ALA C 576 27.50 -0.98 21.13
C ALA C 576 27.69 0.31 20.35
N PRO C 577 26.72 1.22 20.39
CA PRO C 577 26.88 2.49 19.69
C PRO C 577 28.09 3.28 20.17
N VAL C 578 28.89 3.76 19.22
CA VAL C 578 30.04 4.61 19.51
C VAL C 578 29.57 5.91 20.18
N VAL C 579 28.34 6.32 19.88
CA VAL C 579 27.73 7.43 20.59
C VAL C 579 26.39 7.00 21.12
N MET C 580 26.29 6.86 22.43
CA MET C 580 25.05 6.40 23.06
C MET C 580 24.54 7.39 24.08
N THR C 581 23.41 7.06 24.68
CA THR C 581 22.75 8.00 25.57
C THR C 581 22.85 7.58 27.04
N GLY C 582 23.06 6.30 27.28
CA GLY C 582 23.17 5.81 28.65
C GLY C 582 22.08 4.84 29.04
N LEU C 583 21.02 4.80 28.25
CA LEU C 583 19.91 3.90 28.55
C LEU C 583 20.18 2.45 28.20
N GLU C 584 21.28 2.18 27.51
CA GLU C 584 21.54 0.84 26.99
C GLU C 584 21.71 -0.18 28.12
N GLU C 585 22.63 0.14 29.02
CA GLU C 585 22.97 -0.73 30.16
C GLU C 585 21.75 -1.07 31.01
N ARG C 586 20.84 -0.12 31.12
CA ARG C 586 19.61 -0.30 31.87
C ARG C 586 18.63 -1.14 31.06
N VAL C 587 18.64 -0.92 29.75
CA VAL C 587 17.72 -1.62 28.86
C VAL C 587 17.97 -3.13 28.87
N VAL C 588 19.22 -3.53 28.76
CA VAL C 588 19.50 -4.97 28.69
C VAL C 588 19.07 -5.68 29.98
N ARG C 589 19.29 -5.04 31.12
CA ARG C 589 18.97 -5.66 32.41
C ARG C 589 17.48 -5.68 32.70
N ASP C 590 16.82 -4.56 32.44
CA ASP C 590 15.40 -4.45 32.71
C ASP C 590 14.59 -5.30 31.74
N SER C 591 15.12 -5.51 30.53
CA SER C 591 14.42 -6.30 29.52
C SER C 591 14.65 -7.80 29.67
N LEU C 592 15.32 -8.18 30.76
CA LEU C 592 15.69 -9.57 31.00
C LEU C 592 16.36 -10.23 29.80
N ALA C 593 17.23 -9.48 29.14
CA ALA C 593 17.94 -9.96 27.96
C ALA C 593 19.05 -10.91 28.38
N ALA C 594 20.01 -10.39 29.13
CA ALA C 594 21.18 -11.15 29.55
C ALA C 594 21.01 -11.67 30.97
N LEU C 595 22.06 -12.32 31.48
CA LEU C 595 22.04 -12.86 32.84
C LEU C 595 23.09 -12.17 33.72
N TYR C 596 22.66 -11.70 34.88
CA TYR C 596 23.56 -11.03 35.81
C TYR C 596 23.85 -11.90 37.03
N ALA C 597 24.55 -11.33 38.00
CA ALA C 597 24.84 -12.04 39.24
C ALA C 597 23.85 -11.65 40.33
N GLU C 598 23.50 -12.60 41.19
CA GLU C 598 22.53 -12.36 42.25
C GLU C 598 23.18 -11.98 43.58
N GLU C 599 24.40 -12.46 43.80
CA GLU C 599 25.15 -12.18 45.02
C GLU C 599 26.66 -12.29 44.77
N ASP C 600 27.45 -11.53 45.53
CA ASP C 600 28.90 -11.45 45.30
C ASP C 600 29.56 -12.82 45.29
N GLY C 601 30.73 -12.90 44.63
CA GLY C 601 31.49 -14.14 44.62
C GLY C 601 32.50 -14.32 43.50
N GLU C 602 33.08 -15.51 43.45
CA GLU C 602 34.08 -15.86 42.46
C GLU C 602 33.47 -16.76 41.39
N VAL C 603 34.23 -17.07 40.36
CA VAL C 603 33.70 -17.84 39.24
C VAL C 603 34.13 -19.30 39.33
N ALA C 604 33.19 -20.21 39.16
CA ALA C 604 33.52 -21.64 39.23
C ALA C 604 33.77 -22.27 37.88
N LYS C 605 32.76 -22.28 37.01
CA LYS C 605 32.88 -22.95 35.72
C LYS C 605 32.20 -22.17 34.59
N VAL C 606 33.01 -21.59 33.71
CA VAL C 606 32.49 -20.86 32.55
C VAL C 606 32.41 -21.76 31.33
N ASP C 607 31.27 -22.41 31.15
CA ASP C 607 31.02 -23.23 29.98
C ASP C 607 30.24 -22.39 28.97
N GLY C 608 29.99 -22.95 27.80
CA GLY C 608 29.10 -22.32 26.83
C GLY C 608 27.67 -22.77 27.07
N ASN C 609 27.44 -23.39 28.22
CA ASN C 609 26.10 -23.86 28.59
C ASN C 609 25.76 -23.55 30.03
N ARG C 610 26.74 -23.04 30.77
CA ARG C 610 26.52 -22.78 32.18
C ARG C 610 27.54 -21.82 32.77
N ILE C 611 27.14 -21.16 33.85
CA ILE C 611 28.05 -20.34 34.63
C ILE C 611 27.77 -20.55 36.12
N VAL C 612 28.66 -21.25 36.81
CA VAL C 612 28.48 -21.52 38.24
C VAL C 612 29.16 -20.46 39.11
N VAL C 613 28.40 -19.94 40.09
CA VAL C 613 28.83 -18.78 40.88
C VAL C 613 29.14 -19.09 42.35
N ARG C 614 30.26 -18.56 42.85
CA ARG C 614 30.70 -18.82 44.22
C ARG C 614 30.15 -17.85 45.25
N TYR C 615 28.90 -18.06 45.65
CA TYR C 615 28.34 -17.25 46.71
C TYR C 615 29.09 -17.54 48.01
N GLU C 616 29.35 -16.49 48.78
CA GLU C 616 30.06 -16.62 50.04
C GLU C 616 29.31 -17.52 51.01
N ASP C 617 27.99 -17.58 50.86
CA ASP C 617 27.15 -18.39 51.75
C ASP C 617 27.20 -19.88 51.44
N GLY C 618 28.34 -20.36 50.98
CA GLY C 618 28.55 -21.77 50.71
C GLY C 618 27.55 -22.31 49.71
N ARG C 619 27.21 -21.49 48.73
CA ARG C 619 26.25 -21.87 47.71
C ARG C 619 26.74 -21.57 46.30
N LEU C 620 26.58 -22.52 45.39
CA LEU C 620 26.79 -22.26 43.98
C LEU C 620 25.54 -22.59 43.16
N VAL C 621 24.82 -21.56 42.74
CA VAL C 621 23.56 -21.75 42.03
C VAL C 621 23.80 -21.91 40.52
N GLU C 622 23.13 -22.88 39.92
CA GLU C 622 23.33 -23.22 38.51
C GLU C 622 22.68 -22.21 37.56
N TYR C 623 23.44 -21.78 36.56
CA TYR C 623 22.95 -20.88 35.53
C TYR C 623 23.00 -21.56 34.16
N PRO C 624 21.86 -21.59 33.45
CA PRO C 624 21.88 -22.05 32.08
C PRO C 624 22.38 -20.95 31.16
N LEU C 625 23.08 -21.35 30.11
CA LEU C 625 23.45 -20.42 29.07
C LEU C 625 22.96 -21.03 27.78
N ARG C 626 21.83 -20.50 27.31
CA ARG C 626 21.09 -21.07 26.20
C ARG C 626 21.53 -20.43 24.88
N ARG C 627 21.86 -21.29 23.92
CA ARG C 627 22.50 -20.87 22.68
C ARG C 627 21.54 -20.53 21.54
N PHE C 628 20.64 -21.43 21.16
CA PHE C 628 19.80 -21.17 19.98
C PHE C 628 18.31 -21.38 20.13
N TYR C 629 17.67 -20.39 20.72
CA TYR C 629 16.25 -20.44 20.96
C TYR C 629 15.54 -19.48 20.01
N ARG C 630 14.70 -20.06 19.15
CA ARG C 630 13.98 -19.32 18.14
C ARG C 630 13.08 -18.24 18.73
N SER C 631 13.30 -17.00 18.32
CA SER C 631 12.45 -15.89 18.75
C SER C 631 11.08 -16.02 18.10
N ASN C 632 10.10 -15.34 18.68
CA ASN C 632 8.74 -15.36 18.17
C ASN C 632 8.66 -14.79 16.75
N GLN C 633 9.67 -14.00 16.39
CA GLN C 633 9.68 -13.34 15.09
C GLN C 633 10.49 -14.11 14.05
N GLY C 634 11.53 -14.80 14.51
CA GLY C 634 12.37 -15.60 13.62
C GLY C 634 13.86 -15.46 13.91
N THR C 635 14.21 -14.41 14.64
CA THR C 635 15.61 -14.16 14.98
C THR C 635 16.08 -15.22 15.96
N ALA C 636 17.38 -15.23 16.27
CA ALA C 636 17.89 -16.22 17.22
C ALA C 636 18.44 -15.56 18.48
N LEU C 637 18.06 -16.12 19.62
CA LEU C 637 18.48 -15.60 20.91
C LEU C 637 19.62 -16.45 21.45
N ASP C 638 20.77 -15.82 21.70
CA ASP C 638 21.92 -16.53 22.24
C ASP C 638 22.52 -15.82 23.45
N GLN C 639 22.77 -16.59 24.50
CA GLN C 639 23.43 -16.06 25.69
C GLN C 639 24.86 -16.58 25.77
N ARG C 640 25.83 -15.68 25.64
CA ARG C 640 27.24 -16.05 25.62
C ARG C 640 27.97 -15.44 26.82
N PRO C 641 28.84 -16.23 27.46
CA PRO C 641 29.54 -15.86 28.70
C PRO C 641 30.50 -14.69 28.51
N ARG C 642 30.69 -13.88 29.57
CA ARG C 642 31.54 -12.70 29.48
C ARG C 642 32.60 -12.62 30.57
N VAL C 643 32.69 -13.65 31.40
CA VAL C 643 33.70 -13.72 32.46
C VAL C 643 34.50 -15.01 32.30
N VAL C 644 35.78 -14.96 32.67
CA VAL C 644 36.67 -16.13 32.57
C VAL C 644 36.72 -16.84 33.91
N VAL C 645 37.03 -18.13 33.89
CA VAL C 645 37.17 -18.93 35.11
C VAL C 645 38.26 -18.38 36.03
N GLY C 646 37.92 -18.24 37.31
CA GLY C 646 38.86 -17.75 38.30
C GLY C 646 38.84 -16.25 38.45
N GLN C 647 37.64 -15.67 38.39
CA GLN C 647 37.48 -14.23 38.54
C GLN C 647 36.39 -13.92 39.55
N ARG C 648 36.55 -12.82 40.29
CA ARG C 648 35.58 -12.45 41.30
C ARG C 648 34.57 -11.44 40.76
N VAL C 649 33.29 -11.85 40.74
CA VAL C 649 32.23 -10.99 40.23
C VAL C 649 31.48 -10.37 41.41
N ARG C 650 30.69 -9.34 41.14
CA ARG C 650 29.90 -8.70 42.19
C ARG C 650 28.40 -8.89 41.96
N LYS C 651 27.61 -8.66 43.02
CA LYS C 651 26.15 -8.75 42.94
C LYS C 651 25.60 -7.70 42.01
N GLY C 652 24.93 -8.15 40.95
CA GLY C 652 24.32 -7.25 39.99
C GLY C 652 25.22 -7.00 38.80
N ASP C 653 26.28 -7.79 38.69
CA ASP C 653 27.19 -7.68 37.56
C ASP C 653 26.94 -8.80 36.56
N LEU C 654 27.22 -8.52 35.29
CA LEU C 654 26.88 -9.44 34.22
C LEU C 654 27.80 -10.65 34.19
N LEU C 655 27.26 -11.76 33.75
CA LEU C 655 28.03 -12.98 33.59
C LEU C 655 27.95 -13.41 32.13
N ALA C 656 26.88 -12.99 31.47
CA ALA C 656 26.70 -13.32 30.05
C ALA C 656 25.98 -12.19 29.32
N ASP C 657 26.05 -12.23 27.99
CA ASP C 657 25.41 -11.25 27.14
C ASP C 657 24.12 -11.78 26.53
N GLY C 658 23.21 -10.87 26.22
CA GLY C 658 21.97 -11.22 25.57
C GLY C 658 22.12 -11.23 24.05
N PRO C 659 21.01 -11.48 23.34
CA PRO C 659 20.99 -11.54 21.88
C PRO C 659 21.43 -10.22 21.26
N ALA C 660 21.30 -9.12 22.00
CA ALA C 660 21.68 -7.81 21.48
C ALA C 660 22.46 -6.97 22.47
N SER C 661 23.46 -7.57 23.11
CA SER C 661 24.28 -6.84 24.07
C SER C 661 25.78 -7.07 23.87
N GLU C 662 26.57 -6.07 24.21
CA GLU C 662 28.02 -6.17 24.15
C GLU C 662 28.59 -5.69 25.48
N ASN C 663 28.97 -6.64 26.33
CA ASN C 663 29.52 -6.32 27.64
C ASN C 663 28.56 -5.48 28.49
N GLY C 664 27.26 -5.69 28.30
CA GLY C 664 26.27 -4.97 29.09
C GLY C 664 25.61 -3.80 28.39
N PHE C 665 26.09 -3.45 27.20
CA PHE C 665 25.50 -2.35 26.45
C PHE C 665 24.61 -2.85 25.32
N LEU C 666 23.45 -2.21 25.16
CA LEU C 666 22.49 -2.58 24.11
C LEU C 666 23.16 -2.55 22.73
N ALA C 667 23.47 -3.74 22.22
CA ALA C 667 24.14 -3.88 20.95
C ALA C 667 23.13 -4.16 19.85
N LEU C 668 22.67 -3.11 19.20
CA LEU C 668 21.62 -3.22 18.20
C LEU C 668 22.09 -2.95 16.78
N GLY C 669 23.33 -3.31 16.46
CA GLY C 669 23.83 -3.05 15.12
C GLY C 669 25.34 -3.06 15.03
N GLN C 670 25.89 -2.20 14.18
CA GLN C 670 27.33 -2.12 14.01
C GLN C 670 27.81 -0.68 14.00
N ASN C 671 29.07 -0.49 14.37
CA ASN C 671 29.72 0.81 14.24
C ASN C 671 30.61 0.82 13.02
N VAL C 672 30.14 1.46 11.95
CA VAL C 672 30.88 1.44 10.71
C VAL C 672 31.36 2.81 10.27
N LEU C 673 32.58 2.84 9.75
CA LEU C 673 33.18 4.08 9.30
C LEU C 673 32.49 4.55 8.03
N VAL C 674 31.62 5.53 8.17
CA VAL C 674 30.81 6.02 7.07
C VAL C 674 31.34 7.32 6.49
N ALA C 675 31.37 7.39 5.16
CA ALA C 675 31.64 8.63 4.44
C ALA C 675 30.35 9.07 3.77
N ILE C 676 29.82 10.20 4.22
CA ILE C 676 28.60 10.74 3.64
C ILE C 676 28.95 11.59 2.42
N MET C 677 28.59 11.07 1.25
CA MET C 677 28.86 11.68 -0.04
C MET C 677 28.00 10.95 -1.07
N PRO C 678 27.72 11.62 -2.21
CA PRO C 678 27.01 10.95 -3.29
C PRO C 678 27.98 10.02 -4.00
N PHE C 679 27.54 8.85 -4.43
CA PHE C 679 28.44 7.96 -5.13
C PHE C 679 27.79 7.33 -6.35
N ASP C 680 28.39 7.61 -7.50
CA ASP C 680 27.79 7.38 -8.81
C ASP C 680 26.28 7.58 -8.73
N GLY C 681 25.52 6.51 -8.98
CA GLY C 681 24.09 6.55 -8.81
C GLY C 681 23.65 5.56 -7.76
N TYR C 682 24.61 4.83 -7.21
CA TYR C 682 24.31 3.73 -6.32
C TYR C 682 23.59 4.16 -5.03
N ASN C 683 23.82 5.38 -4.57
CA ASN C 683 23.11 5.85 -3.39
C ASN C 683 21.98 6.83 -3.73
N PHE C 684 21.37 6.61 -4.90
CA PHE C 684 20.23 7.40 -5.34
C PHE C 684 19.07 7.27 -4.37
N GLU C 685 18.31 8.34 -4.18
CA GLU C 685 17.26 8.38 -3.18
C GLU C 685 17.80 8.06 -1.78
N ASP C 686 17.41 6.93 -1.23
CA ASP C 686 17.91 6.52 0.07
C ASP C 686 18.75 5.26 -0.02
N ALA C 687 18.97 4.77 -1.23
CA ALA C 687 19.83 3.61 -1.43
C ALA C 687 21.19 3.83 -0.75
N ILE C 688 21.81 2.74 -0.32
CA ILE C 688 23.07 2.81 0.41
C ILE C 688 24.16 1.96 -0.23
N VAL C 689 25.34 2.55 -0.37
CA VAL C 689 26.51 1.83 -0.89
C VAL C 689 27.29 1.21 0.27
N ILE C 690 27.86 0.03 0.05
CA ILE C 690 28.47 -0.70 1.15
C ILE C 690 29.80 -1.35 0.74
N SER C 691 30.73 -1.42 1.69
CA SER C 691 32.03 -2.05 1.44
C SER C 691 31.93 -3.57 1.46
N GLU C 692 32.67 -4.21 0.57
CA GLU C 692 32.72 -5.66 0.55
C GLU C 692 33.33 -6.16 1.85
N GLU C 693 34.16 -5.32 2.47
CA GLU C 693 34.84 -5.66 3.72
C GLU C 693 33.85 -6.09 4.80
N LEU C 694 32.71 -5.40 4.88
CA LEU C 694 31.67 -5.71 5.87
C LEU C 694 31.17 -7.15 5.78
N LEU C 695 31.46 -7.81 4.66
CA LEU C 695 31.05 -9.19 4.49
C LEU C 695 32.22 -10.12 4.81
N LYS C 696 33.42 -9.65 4.52
CA LYS C 696 34.62 -10.44 4.72
C LYS C 696 34.86 -10.74 6.19
N ARG C 697 34.34 -9.88 7.06
CA ARG C 697 34.54 -10.06 8.50
C ARG C 697 33.23 -10.22 9.28
N ASP C 698 32.25 -10.86 8.63
CA ASP C 698 30.93 -11.16 9.22
C ASP C 698 30.31 -10.06 10.05
N PHE C 699 30.33 -8.83 9.56
CA PHE C 699 29.85 -7.70 10.35
C PHE C 699 28.34 -7.75 10.52
N TYR C 700 27.61 -7.70 9.42
CA TYR C 700 26.15 -7.80 9.48
C TYR C 700 25.69 -9.20 9.11
N THR C 701 25.88 -10.14 10.03
CA THR C 701 25.45 -11.52 9.81
C THR C 701 24.42 -11.90 10.87
N SER C 702 23.34 -12.53 10.46
CA SER C 702 22.31 -12.93 11.40
C SER C 702 22.08 -14.42 11.37
N ILE C 703 21.27 -14.92 12.30
CA ILE C 703 20.96 -16.33 12.34
C ILE C 703 19.45 -16.50 12.46
N HIS C 704 18.80 -16.89 11.37
CA HIS C 704 17.36 -17.08 11.39
C HIS C 704 16.98 -18.55 11.44
N ILE C 705 16.02 -18.89 12.29
CA ILE C 705 15.63 -20.27 12.46
C ILE C 705 14.19 -20.49 12.05
N GLU C 706 13.99 -20.95 10.82
CA GLU C 706 12.65 -21.21 10.31
C GLU C 706 12.12 -22.53 10.87
N ARG C 707 10.93 -22.49 11.45
CA ARG C 707 10.31 -23.67 12.03
C ARG C 707 9.27 -24.28 11.10
N TYR C 708 9.56 -25.47 10.57
CA TYR C 708 8.59 -26.21 9.77
C TYR C 708 7.86 -27.24 10.62
N GLU C 709 6.76 -27.77 10.11
CA GLU C 709 5.92 -28.68 10.89
C GLU C 709 5.04 -29.55 10.00
N ILE C 710 4.61 -30.68 10.55
CA ILE C 710 3.65 -31.56 9.87
C ILE C 710 2.80 -32.27 10.93
N GLU C 711 1.54 -32.53 10.60
CA GLU C 711 0.65 -33.23 11.52
C GLU C 711 0.27 -34.60 10.98
N ALA C 712 0.10 -35.56 11.89
CA ALA C 712 -0.28 -36.92 11.51
C ALA C 712 -1.74 -37.22 11.85
N ARG C 713 -2.64 -36.72 11.00
CA ARG C 713 -4.06 -36.96 11.21
C ARG C 713 -4.44 -38.38 10.79
N ASP C 714 -5.14 -39.07 11.67
CA ASP C 714 -5.53 -40.46 11.43
C ASP C 714 -6.88 -40.54 10.72
N THR C 715 -6.85 -40.42 9.39
CA THR C 715 -8.08 -40.51 8.60
C THR C 715 -8.61 -41.94 8.56
N LYS C 716 -9.89 -42.08 8.19
CA LYS C 716 -10.55 -43.40 8.14
C LYS C 716 -10.42 -44.03 6.77
N LEU C 717 -10.24 -43.19 5.76
CA LEU C 717 -10.03 -43.64 4.40
C LEU C 717 -8.60 -44.15 4.23
N GLY C 718 -7.75 -43.79 5.18
CA GLY C 718 -6.35 -44.18 5.15
C GLY C 718 -5.53 -43.50 6.22
N PRO C 719 -5.25 -44.23 7.33
CA PRO C 719 -4.47 -43.78 8.48
C PRO C 719 -3.07 -43.28 8.09
N GLU C 720 -2.90 -41.96 8.10
CA GLU C 720 -1.60 -41.35 7.82
C GLU C 720 -0.60 -41.68 8.91
N ARG C 721 0.65 -41.89 8.54
CA ARG C 721 1.69 -42.17 9.53
C ARG C 721 3.06 -41.80 9.00
N ILE C 722 3.94 -41.42 9.92
CA ILE C 722 5.29 -41.01 9.53
C ILE C 722 6.33 -42.13 9.66
N THR C 723 6.94 -42.48 8.53
CA THR C 723 8.02 -43.47 8.49
C THR C 723 9.14 -43.01 7.55
N ARG C 724 10.31 -43.62 7.68
CA ARG C 724 11.43 -43.31 6.79
C ARG C 724 11.26 -44.01 5.43
N ASP C 725 10.11 -43.78 4.80
CA ASP C 725 9.81 -44.41 3.53
C ASP C 725 9.11 -43.47 2.56
N ILE C 726 9.77 -43.20 1.45
CA ILE C 726 9.19 -42.40 0.39
C ILE C 726 9.04 -43.30 -0.85
N PRO C 727 7.81 -43.79 -1.07
CA PRO C 727 7.42 -44.93 -1.91
C PRO C 727 7.97 -44.99 -3.34
N HIS C 728 8.25 -43.87 -4.00
CA HIS C 728 8.41 -43.95 -5.45
C HIS C 728 9.80 -43.95 -6.10
N LEU C 729 10.65 -42.97 -5.81
CA LEU C 729 11.82 -42.77 -6.69
C LEU C 729 13.26 -43.01 -6.17
N SER C 730 13.75 -42.19 -5.24
CA SER C 730 15.19 -42.19 -4.97
C SER C 730 15.64 -42.40 -3.51
N GLU C 731 16.81 -43.01 -3.37
CA GLU C 731 17.46 -43.18 -2.07
C GLU C 731 18.34 -41.95 -1.80
N ALA C 732 18.74 -41.29 -2.87
CA ALA C 732 19.60 -40.11 -2.82
C ALA C 732 18.96 -38.97 -2.05
N ALA C 733 17.63 -38.90 -2.10
CA ALA C 733 16.87 -37.89 -1.37
C ALA C 733 16.67 -38.31 0.08
N LEU C 734 16.89 -39.60 0.35
CA LEU C 734 16.75 -40.14 1.69
C LEU C 734 18.10 -40.24 2.41
N ARG C 735 19.15 -39.77 1.73
CA ARG C 735 20.51 -39.81 2.28
C ARG C 735 20.63 -39.01 3.57
N ASP C 736 19.75 -38.04 3.75
CA ASP C 736 19.73 -37.25 4.98
C ASP C 736 18.77 -37.85 6.01
N LEU C 737 17.76 -38.57 5.56
CA LEU C 737 16.79 -39.18 6.47
C LEU C 737 17.48 -40.21 7.36
N ASP C 738 17.79 -39.78 8.59
CA ASP C 738 18.50 -40.62 9.54
C ASP C 738 17.54 -41.44 10.39
N GLU C 739 16.78 -40.75 11.24
CA GLU C 739 15.83 -41.42 12.12
C GLU C 739 14.72 -42.07 11.32
N GLU C 740 14.03 -43.02 11.94
CA GLU C 740 12.95 -43.74 11.26
C GLU C 740 11.73 -42.84 11.11
N GLY C 741 11.82 -41.91 10.18
CA GLY C 741 10.77 -40.93 9.96
C GLY C 741 11.28 -39.50 10.06
N VAL C 742 12.26 -39.27 10.93
CA VAL C 742 12.80 -37.93 11.15
C VAL C 742 14.15 -37.73 10.45
N VAL C 743 14.33 -36.56 9.84
CA VAL C 743 15.60 -36.20 9.19
C VAL C 743 16.67 -35.95 10.25
N ARG C 744 17.93 -36.19 9.90
CA ARG C 744 19.03 -35.98 10.84
C ARG C 744 19.20 -34.50 11.22
N ILE C 745 19.76 -34.27 12.41
CA ILE C 745 20.10 -32.93 12.84
C ILE C 745 21.48 -32.57 12.29
N GLY C 746 21.62 -31.35 11.78
CA GLY C 746 22.89 -30.89 11.23
C GLY C 746 22.98 -31.10 9.73
N ALA C 747 21.91 -31.59 9.13
CA ALA C 747 21.87 -31.79 7.68
C ALA C 747 21.59 -30.48 6.95
N GLU C 748 21.97 -30.42 5.68
CA GLU C 748 21.74 -29.25 4.86
C GLU C 748 20.52 -29.49 3.97
N VAL C 749 19.48 -28.69 4.18
CA VAL C 749 18.27 -28.81 3.39
C VAL C 749 18.14 -27.63 2.45
N LYS C 750 17.73 -27.91 1.21
CA LYS C 750 17.62 -26.89 0.18
C LYS C 750 16.23 -26.94 -0.44
N PRO C 751 15.73 -25.80 -0.99
CA PRO C 751 14.37 -25.73 -1.54
C PRO C 751 13.99 -26.92 -2.41
N GLY C 752 13.24 -27.85 -1.84
CA GLY C 752 12.83 -29.06 -2.53
C GLY C 752 13.35 -30.31 -1.86
N ASP C 753 14.25 -30.11 -0.89
CA ASP C 753 14.82 -31.22 -0.15
C ASP C 753 13.79 -31.81 0.81
N ILE C 754 13.92 -33.10 1.07
CA ILE C 754 12.94 -33.81 1.89
C ILE C 754 13.22 -33.67 3.37
N LEU C 755 12.25 -33.12 4.09
CA LEU C 755 12.42 -32.83 5.51
C LEU C 755 11.78 -33.91 6.35
N VAL C 756 10.58 -34.34 5.94
CA VAL C 756 9.85 -35.37 6.66
C VAL C 756 9.37 -36.42 5.65
N GLY C 757 9.19 -37.65 6.08
CA GLY C 757 8.70 -38.70 5.22
C GLY C 757 7.43 -39.32 5.76
N ARG C 758 6.33 -39.19 5.01
CA ARG C 758 5.06 -39.78 5.40
C ARG C 758 4.05 -39.81 4.25
N THR C 759 3.14 -40.78 4.29
CA THR C 759 2.23 -40.98 3.17
C THR C 759 0.76 -41.16 3.60
N SER C 760 -0.14 -40.84 2.67
CA SER C 760 -1.58 -40.95 2.92
C SER C 760 -2.31 -41.52 1.71
N PHE C 761 -3.54 -41.99 1.94
CA PHE C 761 -4.37 -42.62 0.92
C PHE C 761 -5.08 -41.59 0.05
N VAL C 785 1.05 -46.24 -2.18
CA VAL C 785 0.54 -45.07 -1.48
C VAL C 785 1.33 -43.82 -1.87
N LYS C 786 0.62 -42.78 -2.31
CA LYS C 786 1.23 -41.57 -2.83
C LYS C 786 2.01 -40.79 -1.77
N ASP C 787 3.03 -40.04 -2.21
CA ASP C 787 3.87 -39.29 -1.28
C ASP C 787 3.25 -37.94 -0.91
N THR C 788 2.92 -37.77 0.35
CA THR C 788 2.37 -36.51 0.85
C THR C 788 3.26 -35.94 1.95
N SER C 789 4.56 -36.15 1.82
CA SER C 789 5.51 -35.77 2.84
C SER C 789 5.75 -34.26 2.93
N LEU C 790 6.68 -33.85 3.78
CA LEU C 790 6.98 -32.44 3.97
C LEU C 790 8.33 -32.09 3.38
N ARG C 791 8.30 -31.27 2.34
CA ARG C 791 9.55 -30.84 1.71
C ARG C 791 9.80 -29.35 1.98
N VAL C 792 11.03 -28.92 1.70
CA VAL C 792 11.43 -27.54 1.90
C VAL C 792 10.94 -26.64 0.77
N PRO C 793 10.10 -25.65 1.12
CA PRO C 793 9.49 -24.60 0.29
C PRO C 793 10.48 -23.91 -0.67
N PRO C 794 9.96 -23.20 -1.69
CA PRO C 794 10.84 -22.61 -2.70
C PRO C 794 11.84 -21.60 -2.13
N GLY C 795 11.55 -21.06 -0.94
CA GLY C 795 12.42 -20.09 -0.31
C GLY C 795 13.82 -20.63 -0.08
N GLU C 796 14.07 -21.19 1.11
CA GLU C 796 15.37 -21.75 1.43
C GLU C 796 15.28 -22.56 2.70
N GLY C 797 16.04 -23.65 2.75
CA GLY C 797 16.15 -24.44 3.96
C GLY C 797 17.28 -23.90 4.81
N GLY C 798 18.39 -24.63 4.82
CA GLY C 798 19.54 -24.25 5.62
C GLY C 798 20.02 -25.44 6.43
N ILE C 799 20.49 -25.20 7.64
CA ILE C 799 21.04 -26.25 8.47
C ILE C 799 20.17 -26.55 9.68
N VAL C 800 19.77 -27.82 9.80
CA VAL C 800 18.89 -28.26 10.88
C VAL C 800 19.59 -28.19 12.23
N VAL C 801 18.91 -27.66 13.24
CA VAL C 801 19.50 -27.55 14.57
C VAL C 801 18.79 -28.36 15.64
N ARG C 802 17.49 -28.57 15.47
CA ARG C 802 16.68 -29.29 16.46
C ARG C 802 15.45 -29.91 15.82
N THR C 803 15.08 -31.10 16.27
CA THR C 803 13.94 -31.83 15.72
C THR C 803 13.01 -32.30 16.82
N VAL C 804 11.91 -31.58 17.02
CA VAL C 804 10.96 -31.94 18.07
C VAL C 804 9.81 -32.80 17.53
N ARG C 805 9.51 -33.88 18.23
CA ARG C 805 8.48 -34.82 17.80
C ARG C 805 7.57 -35.20 18.96
N LEU C 806 6.32 -34.74 18.89
CA LEU C 806 5.32 -35.07 19.89
C LEU C 806 4.49 -36.27 19.44
N ARG C 807 4.79 -37.43 20.01
CA ARG C 807 4.14 -38.69 19.64
C ARG C 807 2.77 -38.88 20.30
N ARG C 808 2.21 -40.07 20.13
CA ARG C 808 0.93 -40.46 20.76
C ARG C 808 1.09 -40.69 22.26
N GLY C 809 2.07 -41.49 22.64
CA GLY C 809 2.36 -41.72 24.05
C GLY C 809 3.02 -40.50 24.66
N ASP C 810 2.27 -39.40 24.69
CA ASP C 810 2.81 -38.10 25.10
C ASP C 810 2.54 -37.77 26.57
N PRO C 811 3.60 -37.71 27.37
CA PRO C 811 3.48 -37.40 28.81
C PRO C 811 2.88 -36.02 29.06
N GLY C 812 1.58 -35.87 28.79
CA GLY C 812 0.87 -34.65 29.12
C GLY C 812 1.02 -33.51 28.12
N VAL C 813 0.30 -33.64 26.99
CA VAL C 813 0.28 -32.60 25.95
C VAL C 813 -1.16 -32.39 25.48
N GLU C 814 -1.38 -31.37 24.66
CA GLU C 814 -2.68 -31.17 24.01
C GLU C 814 -2.84 -32.01 22.75
N LEU C 815 -2.12 -31.61 21.70
CA LEU C 815 -2.17 -32.25 20.39
C LEU C 815 -3.53 -32.06 19.70
N LYS C 816 -3.50 -31.54 18.48
CA LYS C 816 -4.73 -31.23 17.75
C LYS C 816 -5.58 -32.49 17.50
N PRO C 817 -6.92 -32.34 17.53
CA PRO C 817 -7.86 -33.45 17.33
C PRO C 817 -7.64 -34.16 16.00
N GLY C 818 -7.73 -35.49 16.01
CA GLY C 818 -7.53 -36.28 14.80
C GLY C 818 -6.06 -36.59 14.56
N VAL C 819 -5.20 -35.66 14.95
CA VAL C 819 -3.77 -35.82 14.76
C VAL C 819 -3.22 -36.82 15.78
N ARG C 820 -2.30 -37.66 15.34
CA ARG C 820 -1.69 -38.64 16.24
C ARG C 820 -0.36 -38.15 16.78
N GLU C 821 0.41 -37.47 15.93
CA GLU C 821 1.71 -36.95 16.32
C GLU C 821 2.20 -35.80 15.45
N VAL C 822 2.93 -34.87 16.05
CA VAL C 822 3.49 -33.74 15.29
C VAL C 822 5.01 -33.74 15.19
N VAL C 823 5.52 -33.35 14.03
CA VAL C 823 6.95 -33.32 13.76
C VAL C 823 7.37 -31.91 13.37
N ARG C 824 8.01 -31.21 14.30
CA ARG C 824 8.50 -29.85 14.07
C ARG C 824 10.02 -29.83 13.86
N VAL C 825 10.46 -29.13 12.83
CA VAL C 825 11.88 -29.02 12.54
C VAL C 825 12.38 -27.58 12.58
N TYR C 826 13.42 -27.35 13.36
CA TYR C 826 14.05 -26.05 13.43
C TYR C 826 15.19 -26.01 12.43
N VAL C 827 14.96 -25.40 11.27
CA VAL C 827 16.02 -25.26 10.29
C VAL C 827 16.62 -23.87 10.38
N ALA C 828 17.86 -23.78 10.85
CA ALA C 828 18.50 -22.49 10.97
C ALA C 828 19.41 -22.20 9.79
N GLN C 829 19.76 -20.93 9.64
CA GLN C 829 20.72 -20.52 8.62
C GLN C 829 21.26 -19.14 8.96
N LYS C 830 22.52 -18.91 8.60
CA LYS C 830 23.13 -17.62 8.86
C LYS C 830 23.17 -16.77 7.59
N ARG C 831 22.58 -15.58 7.65
CA ARG C 831 22.48 -14.74 6.48
C ARG C 831 23.36 -13.50 6.59
N LYS C 832 24.16 -13.29 5.56
CA LYS C 832 25.03 -12.13 5.47
C LYS C 832 24.32 -10.97 4.79
N LEU C 833 24.94 -9.80 4.89
CA LEU C 833 24.37 -8.59 4.32
C LEU C 833 24.49 -8.62 2.81
N GLN C 834 23.36 -8.75 2.13
CA GLN C 834 23.38 -8.80 0.68
C GLN C 834 22.65 -7.62 0.05
N VAL C 835 22.94 -7.35 -1.22
CA VAL C 835 22.32 -6.24 -1.92
C VAL C 835 20.82 -6.41 -1.90
N GLY C 836 20.13 -5.44 -1.32
CA GLY C 836 18.69 -5.50 -1.19
C GLY C 836 18.21 -5.46 0.24
N ASP C 837 19.11 -5.70 1.20
CA ASP C 837 18.71 -5.65 2.60
C ASP C 837 18.48 -4.23 3.07
N LYS C 838 17.74 -4.11 4.17
CA LYS C 838 17.33 -2.80 4.66
C LYS C 838 18.20 -2.36 5.83
N LEU C 839 18.83 -1.20 5.68
CA LEU C 839 19.71 -0.68 6.72
C LEU C 839 19.21 0.67 7.18
N ALA C 840 19.40 0.97 8.44
CA ALA C 840 19.01 2.28 8.97
C ALA C 840 19.76 2.60 10.25
N ASN C 841 19.63 3.84 10.70
CA ASN C 841 20.26 4.28 11.93
C ASN C 841 19.27 4.65 13.03
N ARG C 842 19.77 5.36 14.03
CA ARG C 842 18.93 5.81 15.13
C ARG C 842 18.30 7.14 14.79
N HIS C 843 18.93 7.92 13.94
CA HIS C 843 18.41 9.25 13.62
C HIS C 843 17.25 9.18 12.63
N GLY C 844 17.16 8.05 11.92
CA GLY C 844 15.98 7.76 11.14
C GLY C 844 16.14 7.80 9.64
N ASN C 845 17.27 7.28 9.15
CA ASN C 845 17.48 7.18 7.72
C ASN C 845 17.41 5.74 7.25
N LYS C 846 16.24 5.32 6.78
CA LYS C 846 16.10 4.00 6.17
C LYS C 846 16.86 3.98 4.85
N GLY C 847 17.15 2.78 4.36
CA GLY C 847 17.80 2.65 3.06
C GLY C 847 18.23 1.25 2.71
N VAL C 848 17.76 0.75 1.58
CA VAL C 848 18.13 -0.59 1.12
C VAL C 848 19.51 -0.58 0.45
N VAL C 849 20.27 -1.68 0.63
CA VAL C 849 21.59 -1.81 0.02
C VAL C 849 21.52 -1.93 -1.50
N ALA C 850 22.25 -1.08 -2.20
CA ALA C 850 22.22 -1.07 -3.67
C ALA C 850 23.37 -1.83 -4.30
N LYS C 851 24.58 -1.56 -3.83
CA LYS C 851 25.78 -2.19 -4.40
C LYS C 851 26.83 -2.44 -3.35
N ILE C 852 27.53 -3.55 -3.50
CA ILE C 852 28.62 -3.90 -2.61
C ILE C 852 29.93 -3.79 -3.37
N LEU C 853 30.47 -2.57 -3.46
CA LEU C 853 31.73 -2.37 -4.15
C LEU C 853 32.83 -3.08 -3.38
N PRO C 854 33.78 -3.70 -4.11
CA PRO C 854 34.95 -4.31 -3.46
C PRO C 854 35.83 -3.26 -2.80
N VAL C 855 36.75 -3.70 -1.94
CA VAL C 855 37.56 -2.79 -1.15
C VAL C 855 38.36 -1.79 -2.00
N GLU C 856 38.80 -2.23 -3.17
CA GLU C 856 39.73 -1.43 -3.97
C GLU C 856 39.10 -0.17 -4.55
N ASP C 857 37.84 -0.26 -4.99
CA ASP C 857 37.20 0.88 -5.64
C ASP C 857 36.28 1.65 -4.71
N MET C 858 36.62 1.67 -3.43
CA MET C 858 35.86 2.39 -2.42
C MET C 858 36.65 3.60 -1.93
N PRO C 859 35.96 4.75 -1.74
CA PRO C 859 36.59 5.96 -1.21
C PRO C 859 37.40 5.66 0.04
N HIS C 860 38.67 6.04 0.05
CA HIS C 860 39.53 5.76 1.18
C HIS C 860 40.32 6.99 1.62
N LEU C 861 40.65 7.03 2.90
CA LEU C 861 41.43 8.13 3.50
C LEU C 861 42.86 8.12 2.97
N PRO C 862 43.64 9.17 3.27
CA PRO C 862 45.08 9.13 2.95
C PRO C 862 45.75 7.98 3.67
N ASP C 863 45.25 7.67 4.86
CA ASP C 863 45.62 6.44 5.55
C ASP C 863 45.15 5.27 4.68
N GLY C 864 45.75 4.10 4.89
CA GLY C 864 45.38 2.92 4.12
C GLY C 864 43.93 2.47 4.32
N THR C 865 43.22 3.12 5.23
CA THR C 865 41.91 2.67 5.66
C THR C 865 40.77 3.15 4.75
N PRO C 866 39.98 2.19 4.21
CA PRO C 866 38.81 2.43 3.37
C PRO C 866 37.57 2.70 4.20
N VAL C 867 36.51 3.12 3.54
CA VAL C 867 35.24 3.43 4.17
C VAL C 867 34.33 2.20 4.09
N ASP C 868 33.43 2.04 5.05
CA ASP C 868 32.53 0.89 5.06
C ASP C 868 31.22 1.18 4.35
N VAL C 869 30.59 2.29 4.71
CA VAL C 869 29.29 2.64 4.15
C VAL C 869 29.28 4.07 3.60
N ILE C 870 28.60 4.25 2.46
CA ILE C 870 28.48 5.56 1.83
C ILE C 870 27.03 6.03 1.78
N LEU C 871 26.73 7.13 2.47
CA LEU C 871 25.37 7.64 2.59
C LEU C 871 25.17 8.98 1.90
N ASN C 872 24.27 9.01 0.92
CA ASN C 872 23.99 10.23 0.15
C ASN C 872 23.61 11.43 1.05
N PRO C 873 24.25 12.59 0.82
CA PRO C 873 23.91 13.81 1.56
C PRO C 873 22.56 14.38 1.15
N LEU C 874 22.01 13.93 0.03
CA LEU C 874 20.75 14.48 -0.46
C LEU C 874 19.59 13.99 0.39
N GLY C 875 19.85 13.00 1.24
CA GLY C 875 18.82 12.46 2.09
C GLY C 875 18.67 13.29 3.35
N VAL C 876 19.61 14.21 3.58
CA VAL C 876 19.65 14.99 4.82
C VAL C 876 18.81 16.28 4.88
N PRO C 877 18.97 17.19 3.91
CA PRO C 877 18.38 18.51 4.11
C PRO C 877 16.86 18.54 4.07
N SER C 878 16.24 17.58 3.40
CA SER C 878 14.80 17.57 3.20
C SER C 878 14.08 16.84 4.34
N ARG C 879 14.83 16.53 5.39
CA ARG C 879 14.27 15.77 6.51
C ARG C 879 14.78 16.32 7.82
N MET C 880 15.58 17.37 7.73
CA MET C 880 16.05 18.11 8.91
C MET C 880 16.48 17.23 10.06
N ASN C 881 17.23 16.17 9.79
CA ASN C 881 17.76 15.38 10.90
C ASN C 881 19.28 15.45 10.97
N LEU C 882 19.80 16.54 11.52
CA LEU C 882 21.24 16.73 11.56
C LEU C 882 21.93 15.85 12.62
N GLY C 883 21.18 14.91 13.19
CA GLY C 883 21.72 14.01 14.19
C GLY C 883 22.80 13.08 13.65
N GLN C 884 22.59 12.54 12.45
CA GLN C 884 23.58 11.69 11.79
C GLN C 884 24.87 12.44 11.68
N ILE C 885 24.75 13.70 11.30
CA ILE C 885 25.88 14.55 11.04
C ILE C 885 26.76 14.60 12.30
N LEU C 886 26.15 14.92 13.44
CA LEU C 886 26.90 14.95 14.70
C LEU C 886 27.43 13.60 15.13
N GLU C 887 26.60 12.56 15.03
CA GLU C 887 27.04 11.22 15.41
C GLU C 887 28.28 10.85 14.61
N THR C 888 28.33 11.30 13.38
CA THR C 888 29.46 11.06 12.50
C THR C 888 30.65 11.86 12.98
N HIS C 889 30.40 13.12 13.33
CA HIS C 889 31.45 14.01 13.79
C HIS C 889 32.17 13.47 15.03
N LEU C 890 31.40 13.11 16.04
CA LEU C 890 31.96 12.53 17.24
C LEU C 890 32.55 11.18 16.90
N GLY C 891 31.92 10.50 15.94
CA GLY C 891 32.38 9.20 15.48
C GLY C 891 33.78 9.20 14.92
N LEU C 892 34.19 10.31 14.30
CA LEU C 892 35.56 10.44 13.81
C LEU C 892 36.57 10.30 14.96
N ALA C 893 36.47 11.21 15.92
CA ALA C 893 37.30 11.15 17.11
C ALA C 893 37.17 9.79 17.80
N GLY C 894 35.98 9.23 17.76
CA GLY C 894 35.74 7.92 18.32
C GLY C 894 36.59 6.87 17.65
N TYR C 895 36.70 6.96 16.33
CA TYR C 895 37.47 6.01 15.54
C TYR C 895 38.96 6.15 15.83
N PHE C 896 39.47 7.38 15.84
CA PHE C 896 40.91 7.57 16.01
C PHE C 896 41.42 7.58 17.44
N LEU C 897 40.51 7.59 18.41
CA LEU C 897 40.89 7.54 19.81
C LEU C 897 40.44 6.23 20.44
N GLY C 898 39.63 5.48 19.70
CA GLY C 898 39.15 4.19 20.15
C GLY C 898 38.32 4.25 21.42
N GLN C 899 37.54 5.32 21.57
CA GLN C 899 36.73 5.46 22.78
C GLN C 899 35.31 5.98 22.54
N ARG C 900 34.33 5.13 22.83
CA ARG C 900 32.94 5.49 22.61
C ARG C 900 32.46 6.52 23.60
N TYR C 901 31.29 7.07 23.36
CA TYR C 901 30.83 8.21 24.13
C TYR C 901 29.40 8.03 24.65
N ILE C 902 29.07 8.73 25.73
CA ILE C 902 27.71 8.75 26.24
C ILE C 902 27.21 10.19 26.28
N SER C 903 26.35 10.50 25.32
CA SER C 903 25.78 11.82 25.17
C SER C 903 24.29 11.76 25.44
N PRO C 904 23.87 12.16 26.65
CA PRO C 904 22.46 12.19 27.06
C PRO C 904 21.60 13.00 26.10
N ILE C 905 20.28 12.85 26.23
CA ILE C 905 19.33 13.38 25.26
C ILE C 905 19.52 14.86 25.02
N PHE C 906 19.12 15.70 25.97
CA PHE C 906 19.24 17.14 25.79
C PHE C 906 20.35 17.75 26.62
N ASP C 907 21.17 16.90 27.24
CA ASP C 907 22.27 17.41 28.03
C ASP C 907 23.57 16.74 27.66
N GLY C 908 23.61 16.21 26.45
CA GLY C 908 24.78 15.52 25.95
C GLY C 908 25.86 16.45 25.42
N ALA C 909 26.52 16.01 24.36
CA ALA C 909 27.66 16.74 23.82
C ALA C 909 27.24 17.91 22.95
N LYS C 910 28.08 18.94 22.89
CA LYS C 910 27.83 20.10 22.06
C LYS C 910 28.95 20.28 21.07
N GLU C 911 28.81 21.28 20.20
CA GLU C 911 29.85 21.56 19.21
C GLU C 911 31.25 21.74 19.80
N PRO C 912 31.41 22.67 20.78
CA PRO C 912 32.76 22.87 21.32
C PRO C 912 33.45 21.59 21.81
N GLU C 913 32.70 20.71 22.47
CA GLU C 913 33.25 19.44 22.93
C GLU C 913 33.66 18.54 21.77
N ILE C 914 32.76 18.31 20.82
CA ILE C 914 33.04 17.46 19.66
C ILE C 914 34.26 17.97 18.90
N LYS C 915 34.23 19.24 18.50
CA LYS C 915 35.35 19.87 17.81
C LYS C 915 36.64 19.70 18.58
N GLU C 916 36.61 19.98 19.89
CA GLU C 916 37.79 19.83 20.74
C GLU C 916 38.36 18.41 20.74
N LEU C 917 37.48 17.40 20.79
CA LEU C 917 37.91 16.02 20.73
C LEU C 917 38.53 15.72 19.36
N LEU C 918 37.91 16.26 18.31
CA LEU C 918 38.41 16.10 16.94
C LEU C 918 39.83 16.63 16.80
N ALA C 919 40.07 17.81 17.38
CA ALA C 919 41.41 18.38 17.44
C ALA C 919 42.38 17.39 18.07
N GLN C 920 41.90 16.67 19.08
CA GLN C 920 42.72 15.67 19.76
C GLN C 920 43.04 14.46 18.88
N ALA C 921 42.03 13.93 18.18
CA ALA C 921 42.24 12.78 17.30
C ALA C 921 43.16 13.12 16.12
N PHE C 922 43.02 14.34 15.62
CA PHE C 922 43.82 14.81 14.49
C PHE C 922 45.31 14.68 14.76
N GLU C 923 45.70 14.85 16.02
CA GLU C 923 47.11 14.75 16.39
C GLU C 923 47.64 13.33 16.23
N VAL C 924 46.77 12.35 16.44
CA VAL C 924 47.15 10.96 16.18
C VAL C 924 47.24 10.77 14.69
N TYR C 925 46.09 10.96 14.04
CA TYR C 925 45.95 10.69 12.61
C TYR C 925 47.02 11.38 11.73
N PHE C 926 47.48 12.55 12.15
CA PHE C 926 48.45 13.31 11.37
C PHE C 926 49.88 13.22 11.90
N GLY C 927 50.00 13.19 13.22
CA GLY C 927 51.30 13.06 13.87
C GLY C 927 51.97 11.78 13.42
N LYS C 928 51.18 10.72 13.24
CA LYS C 928 51.75 9.47 12.76
C LYS C 928 52.50 9.67 11.45
N ARG C 929 51.85 10.30 10.48
CA ARG C 929 52.45 10.52 9.17
C ARG C 929 53.63 11.49 9.20
N LYS C 930 53.41 12.67 9.79
CA LYS C 930 54.45 13.69 9.86
C LYS C 930 55.71 13.15 10.56
N GLY C 931 55.49 12.23 11.49
CA GLY C 931 56.59 11.63 12.22
C GLY C 931 57.27 10.52 11.45
N GLU C 932 56.47 9.65 10.84
CA GLU C 932 56.98 8.44 10.19
C GLU C 932 57.97 8.70 9.06
N GLY C 933 57.83 9.86 8.41
CA GLY C 933 58.69 10.20 7.30
C GLY C 933 57.89 10.60 6.09
N PHE C 934 56.61 10.89 6.30
CA PHE C 934 55.73 11.36 5.23
C PHE C 934 55.18 12.74 5.54
N GLY C 935 54.86 13.48 4.48
CA GLY C 935 54.34 14.83 4.65
C GLY C 935 53.06 15.06 3.87
N VAL C 936 52.80 16.31 3.53
CA VAL C 936 51.60 16.69 2.80
C VAL C 936 51.62 16.18 1.36
N ASP C 937 50.74 15.22 1.08
CA ASP C 937 50.58 14.66 -0.26
C ASP C 937 50.14 15.75 -1.24
N LYS C 938 50.54 15.59 -2.49
CA LYS C 938 50.22 16.55 -3.55
C LYS C 938 48.71 16.66 -3.69
N ARG C 939 48.04 15.52 -3.58
CA ARG C 939 46.61 15.43 -3.68
C ARG C 939 45.93 16.22 -2.56
N GLU C 940 46.41 16.02 -1.33
CA GLU C 940 45.93 16.77 -0.18
C GLU C 940 46.04 18.26 -0.47
N VAL C 941 47.21 18.68 -0.96
CA VAL C 941 47.46 20.07 -1.32
C VAL C 941 46.46 20.62 -2.34
N GLU C 942 46.18 19.83 -3.37
CA GLU C 942 45.17 20.21 -4.36
C GLU C 942 43.82 20.43 -3.68
N VAL C 943 43.39 19.44 -2.89
CA VAL C 943 42.10 19.51 -2.21
C VAL C 943 42.01 20.73 -1.28
N LEU C 944 43.13 21.06 -0.64
CA LEU C 944 43.18 22.23 0.23
C LEU C 944 43.01 23.49 -0.60
N ARG C 945 43.74 23.55 -1.72
CA ARG C 945 43.66 24.69 -2.62
C ARG C 945 42.22 24.93 -3.05
N ARG C 946 41.49 23.85 -3.29
CA ARG C 946 40.10 23.99 -3.70
C ARG C 946 39.22 24.36 -2.51
N ALA C 947 39.58 23.86 -1.34
CA ALA C 947 38.84 24.15 -0.11
C ALA C 947 38.93 25.62 0.26
N GLU C 948 40.04 26.26 -0.09
CA GLU C 948 40.19 27.71 0.15
C GLU C 948 39.12 28.46 -0.60
N LYS C 949 39.01 28.16 -1.90
CA LYS C 949 37.99 28.78 -2.73
C LYS C 949 36.60 28.42 -2.24
N LEU C 950 36.46 27.22 -1.68
CA LEU C 950 35.18 26.76 -1.12
C LEU C 950 34.70 27.62 0.06
N GLY C 951 35.60 27.89 1.00
CA GLY C 951 35.28 28.75 2.12
C GLY C 951 35.45 28.10 3.48
N LEU C 952 35.93 26.85 3.49
CA LEU C 952 36.11 26.11 4.73
C LEU C 952 37.41 26.50 5.43
N VAL C 953 38.54 26.21 4.79
CA VAL C 953 39.84 26.55 5.38
C VAL C 953 40.09 28.05 5.37
N THR C 954 41.01 28.49 6.23
CA THR C 954 41.38 29.90 6.30
C THR C 954 42.60 30.16 5.40
N PRO C 955 42.48 31.14 4.50
CA PRO C 955 43.59 31.50 3.61
C PRO C 955 44.76 32.04 4.40
N GLY C 956 45.90 31.37 4.31
CA GLY C 956 47.10 31.86 4.96
C GLY C 956 47.91 30.78 5.65
N LYS C 957 47.22 29.88 6.33
CA LYS C 957 47.88 28.88 7.17
C LYS C 957 48.69 27.86 6.35
N THR C 958 49.42 27.02 7.07
CA THR C 958 50.22 25.96 6.47
C THR C 958 49.32 24.77 6.23
N PRO C 959 49.60 23.99 5.16
CA PRO C 959 48.78 22.83 4.76
C PRO C 959 48.36 21.93 5.92
N GLU C 960 49.25 21.77 6.90
CA GLU C 960 48.98 20.99 8.11
C GLU C 960 47.84 21.61 8.91
N GLU C 961 47.91 22.93 9.10
CA GLU C 961 46.87 23.67 9.81
C GLU C 961 45.57 23.73 9.01
N GLN C 962 45.67 23.77 7.69
CA GLN C 962 44.50 23.72 6.83
C GLN C 962 43.78 22.40 7.07
N LEU C 963 44.54 21.32 7.00
CA LEU C 963 44.03 19.98 7.30
C LEU C 963 43.44 19.90 8.71
N LYS C 964 44.03 20.64 9.66
CA LYS C 964 43.49 20.70 11.02
C LYS C 964 42.11 21.33 11.02
N GLU C 965 42.01 22.48 10.37
CA GLU C 965 40.75 23.19 10.23
C GLU C 965 39.68 22.32 9.58
N LEU C 966 40.08 21.53 8.58
CA LEU C 966 39.13 20.65 7.91
C LEU C 966 38.68 19.52 8.82
N PHE C 967 39.64 18.95 9.54
CA PHE C 967 39.38 17.81 10.41
C PHE C 967 38.46 18.20 11.54
N LEU C 968 38.60 19.45 12.00
CA LEU C 968 37.72 20.01 13.01
C LEU C 968 36.27 20.02 12.53
N GLN C 969 36.09 20.24 11.23
CA GLN C 969 34.75 20.34 10.67
C GLN C 969 34.20 18.97 10.30
N GLY C 970 34.81 17.92 10.85
CA GLY C 970 34.34 16.57 10.61
C GLY C 970 34.72 16.07 9.24
N LYS C 971 35.25 16.98 8.41
CA LYS C 971 35.60 16.69 7.02
C LYS C 971 37.06 16.30 6.86
N VAL C 972 37.33 15.46 5.86
CA VAL C 972 38.68 14.97 5.64
C VAL C 972 38.91 14.62 4.17
N VAL C 973 40.12 14.85 3.68
CA VAL C 973 40.49 14.51 2.31
C VAL C 973 40.24 13.04 2.03
N LEU C 974 39.55 12.75 0.93
CA LEU C 974 39.29 11.38 0.55
C LEU C 974 39.73 11.12 -0.88
N TYR C 975 40.22 9.92 -1.13
CA TYR C 975 40.67 9.53 -2.46
C TYR C 975 39.65 8.66 -3.13
N ASP C 976 39.44 8.90 -4.42
CA ASP C 976 38.44 8.18 -5.22
C ASP C 976 38.57 6.65 -5.15
N GLY C 977 39.78 6.16 -4.90
CA GLY C 977 39.97 4.73 -4.71
C GLY C 977 40.03 3.93 -6.00
N ARG C 978 39.15 4.24 -6.93
CA ARG C 978 39.16 3.58 -8.22
C ARG C 978 39.93 4.39 -9.25
N THR C 979 40.61 5.43 -8.78
CA THR C 979 41.34 6.32 -9.68
C THR C 979 42.61 6.81 -9.01
N GLY C 980 42.51 7.17 -7.73
CA GLY C 980 43.62 7.77 -7.03
C GLY C 980 43.40 9.26 -6.93
N GLU C 981 42.65 9.80 -7.89
CA GLU C 981 42.33 11.21 -7.89
C GLU C 981 41.52 11.54 -6.65
N PRO C 982 41.99 12.49 -5.85
CA PRO C 982 41.28 12.86 -4.63
C PRO C 982 39.99 13.57 -4.98
N ILE C 983 38.92 13.26 -4.26
CA ILE C 983 37.65 13.92 -4.50
C ILE C 983 37.77 15.41 -4.22
N GLU C 984 37.76 16.20 -5.30
CA GLU C 984 37.98 17.64 -5.18
C GLU C 984 36.93 18.33 -4.31
N GLY C 985 37.23 18.42 -3.03
CA GLY C 985 36.28 18.93 -2.07
C GLY C 985 36.17 17.98 -0.91
N PRO C 986 36.51 18.45 0.29
CA PRO C 986 36.59 17.60 1.47
C PRO C 986 35.22 17.14 1.90
N ILE C 987 35.14 15.90 2.37
CA ILE C 987 33.86 15.33 2.76
C ILE C 987 33.90 14.84 4.19
N VAL C 988 32.79 15.04 4.90
CA VAL C 988 32.71 14.61 6.28
C VAL C 988 32.63 13.08 6.37
N VAL C 989 33.56 12.51 7.13
CA VAL C 989 33.65 11.08 7.35
C VAL C 989 33.71 10.82 8.85
N GLY C 990 33.25 9.65 9.28
CA GLY C 990 33.33 9.26 10.68
C GLY C 990 32.51 8.01 10.87
N GLN C 991 32.78 7.25 11.93
CA GLN C 991 32.01 6.04 12.17
C GLN C 991 30.64 6.35 12.79
N MET C 992 29.60 5.78 12.20
CA MET C 992 28.27 5.92 12.79
C MET C 992 27.67 4.55 13.04
N PHE C 993 26.58 4.54 13.81
CA PHE C 993 25.94 3.32 14.22
C PHE C 993 24.83 3.00 13.24
N ILE C 994 24.98 1.88 12.54
CA ILE C 994 24.00 1.46 11.55
C ILE C 994 23.52 0.06 11.85
N MET C 995 22.20 -0.12 11.77
CA MET C 995 21.59 -1.38 12.13
C MET C 995 20.88 -2.02 10.97
N LYS C 996 21.09 -3.33 10.82
CA LYS C 996 20.40 -4.11 9.82
C LYS C 996 18.99 -4.39 10.31
N LEU C 997 18.01 -3.86 9.61
CA LEU C 997 16.61 -4.04 9.99
C LEU C 997 16.06 -5.42 9.66
N TYR C 998 14.93 -5.75 10.27
CA TYR C 998 14.30 -7.03 10.07
C TYR C 998 13.42 -7.02 8.83
N HIS C 999 14.00 -7.38 7.70
CA HIS C 999 13.25 -7.46 6.44
C HIS C 999 13.92 -8.40 5.46
N MET C 1000 15.22 -8.22 5.28
CA MET C 1000 16.04 -9.04 4.39
C MET C 1000 15.50 -8.99 2.95
N VAL C 1001 16.01 -9.87 2.09
CA VAL C 1001 15.42 -10.02 0.76
C VAL C 1001 14.95 -11.44 0.55
N GLU C 1002 15.67 -12.40 1.12
CA GLU C 1002 15.30 -13.80 1.00
C GLU C 1002 13.95 -14.08 1.64
N ASP C 1003 13.57 -13.24 2.61
CA ASP C 1003 12.27 -13.33 3.23
C ASP C 1003 11.16 -12.97 2.24
N LYS C 1004 11.51 -12.18 1.22
CA LYS C 1004 10.54 -11.70 0.22
C LYS C 1004 11.08 -11.80 -1.20
N MET C 1005 10.92 -12.97 -1.81
CA MET C 1005 11.40 -13.22 -3.17
C MET C 1005 10.42 -14.08 -3.92
N HIS C 1006 9.87 -13.56 -5.00
CA HIS C 1006 8.87 -14.28 -5.73
C HIS C 1006 9.24 -14.38 -7.20
N ALA C 1007 9.13 -15.58 -7.74
CA ALA C 1007 9.43 -15.82 -9.14
C ALA C 1007 8.89 -17.18 -9.55
N ARG C 1008 7.61 -17.22 -9.88
CA ARG C 1008 7.05 -18.44 -10.42
C ARG C 1008 6.37 -18.14 -11.74
N SER C 1009 6.55 -19.03 -12.70
CA SER C 1009 5.99 -18.82 -14.03
C SER C 1009 4.71 -19.62 -14.19
N THR C 1010 4.76 -20.85 -13.71
CA THR C 1010 3.64 -21.77 -13.82
C THR C 1010 3.88 -22.94 -12.86
N GLY C 1011 2.92 -23.19 -11.98
CA GLY C 1011 3.05 -24.23 -10.98
C GLY C 1011 1.72 -24.78 -10.55
N PRO C 1012 1.53 -24.93 -9.23
CA PRO C 1012 0.27 -25.47 -8.69
C PRO C 1012 -0.87 -24.49 -8.79
N TYR C 1013 -2.09 -25.02 -8.78
CA TYR C 1013 -3.28 -24.19 -8.66
C TYR C 1013 -4.14 -24.74 -7.51
N SER C 1014 -5.43 -24.41 -7.50
CA SER C 1014 -6.30 -24.95 -6.48
C SER C 1014 -7.53 -25.62 -7.06
N LEU C 1015 -8.04 -26.62 -6.35
CA LEU C 1015 -9.20 -27.36 -6.81
C LEU C 1015 -10.46 -26.52 -6.71
N ILE C 1016 -10.52 -25.65 -5.71
CA ILE C 1016 -11.69 -24.79 -5.53
C ILE C 1016 -11.62 -23.52 -6.36
N THR C 1017 -10.43 -22.97 -6.53
CA THR C 1017 -10.28 -21.78 -7.35
C THR C 1017 -9.08 -21.94 -8.26
N GLN C 1018 -9.27 -21.67 -9.54
CA GLN C 1018 -8.21 -21.93 -10.51
C GLN C 1018 -7.10 -20.88 -10.47
N GLN C 1019 -7.30 -19.80 -9.72
CA GLN C 1019 -6.25 -18.81 -9.57
C GLN C 1019 -5.04 -19.41 -8.86
N PRO C 1020 -3.86 -19.28 -9.49
CA PRO C 1020 -2.60 -19.95 -9.13
C PRO C 1020 -2.06 -19.55 -7.76
N LEU C 1021 -1.95 -20.51 -6.84
CA LEU C 1021 -1.09 -20.37 -5.66
C LEU C 1021 -0.81 -21.73 -5.01
N GLY C 1022 0.35 -21.83 -4.37
CA GLY C 1022 0.84 -23.07 -3.77
C GLY C 1022 2.34 -22.98 -3.56
N GLY C 1023 2.84 -23.67 -2.55
CA GLY C 1023 4.26 -23.58 -2.19
C GLY C 1023 5.10 -24.83 -2.39
N LYS C 1024 4.66 -25.72 -3.27
CA LYS C 1024 5.42 -26.95 -3.56
C LYS C 1024 6.79 -26.67 -4.18
N ALA C 1025 6.80 -26.23 -5.45
CA ALA C 1025 8.03 -25.88 -6.13
C ALA C 1025 7.99 -24.43 -6.62
N GLN C 1026 6.85 -23.78 -6.38
CA GLN C 1026 6.62 -22.41 -6.82
C GLN C 1026 6.21 -21.57 -5.61
N PHE C 1027 6.34 -20.25 -5.72
CA PHE C 1027 6.06 -19.36 -4.58
C PHE C 1027 4.57 -19.08 -4.41
N GLY C 1028 3.95 -18.60 -5.48
CA GLY C 1028 2.58 -18.13 -5.46
C GLY C 1028 2.44 -17.02 -6.47
N GLY C 1029 1.30 -16.98 -7.16
CA GLY C 1029 1.06 -15.98 -8.18
C GLY C 1029 0.83 -14.60 -7.58
N GLN C 1030 1.25 -13.58 -8.31
CA GLN C 1030 1.11 -12.21 -7.83
C GLN C 1030 -0.31 -11.67 -8.02
N ARG C 1031 -0.72 -10.83 -7.08
CA ARG C 1031 -2.07 -10.31 -7.11
C ARG C 1031 -2.18 -9.18 -8.14
N PHE C 1032 -3.25 -9.24 -8.93
CA PHE C 1032 -3.48 -8.28 -10.00
C PHE C 1032 -4.77 -7.51 -9.76
N GLY C 1033 -4.69 -6.40 -9.05
CA GLY C 1033 -5.87 -5.70 -8.60
C GLY C 1033 -6.48 -4.75 -9.60
N GLU C 1034 -7.52 -4.03 -9.17
CA GLU C 1034 -8.20 -3.07 -10.02
C GLU C 1034 -7.27 -1.92 -10.39
N MET C 1035 -6.39 -1.57 -9.46
CA MET C 1035 -5.40 -0.54 -9.71
C MET C 1035 -4.54 -0.87 -10.94
N GLU C 1036 -4.17 -2.14 -11.06
CA GLU C 1036 -3.31 -2.57 -12.16
C GLU C 1036 -4.09 -2.71 -13.45
N VAL C 1037 -5.31 -3.23 -13.32
CA VAL C 1037 -6.20 -3.40 -14.46
C VAL C 1037 -6.51 -2.05 -15.11
N TRP C 1038 -6.73 -1.02 -14.29
CA TRP C 1038 -6.97 0.32 -14.82
C TRP C 1038 -5.75 0.82 -15.57
N ALA C 1039 -4.57 0.45 -15.08
CA ALA C 1039 -3.35 0.86 -15.76
C ALA C 1039 -3.29 0.22 -17.13
N LEU C 1040 -3.46 -1.09 -17.20
CA LEU C 1040 -3.47 -1.77 -18.50
C LEU C 1040 -4.55 -1.20 -19.43
N GLU C 1041 -5.76 -0.98 -18.93
CA GLU C 1041 -6.83 -0.40 -19.73
C GLU C 1041 -6.45 0.97 -20.27
N ALA C 1042 -5.88 1.80 -19.41
CA ALA C 1042 -5.48 3.15 -19.78
C ALA C 1042 -4.35 3.15 -20.80
N TYR C 1043 -3.50 2.13 -20.76
CA TYR C 1043 -2.48 2.00 -21.81
C TYR C 1043 -3.16 1.61 -23.10
N GLY C 1044 -4.24 0.85 -22.99
CA GLY C 1044 -4.93 0.34 -24.16
C GLY C 1044 -4.34 -0.99 -24.56
N ALA C 1045 -3.65 -1.63 -23.63
CA ALA C 1045 -3.02 -2.91 -23.90
C ALA C 1045 -4.01 -4.07 -23.77
N ALA C 1046 -5.14 -3.96 -24.47
CA ALA C 1046 -6.24 -4.93 -24.37
C ALA C 1046 -5.80 -6.39 -24.43
N HIS C 1047 -4.88 -6.69 -25.34
CA HIS C 1047 -4.41 -8.05 -25.50
C HIS C 1047 -3.73 -8.54 -24.23
N THR C 1048 -2.80 -7.73 -23.73
CA THR C 1048 -2.09 -8.05 -22.50
C THR C 1048 -3.06 -8.22 -21.36
N LEU C 1049 -3.99 -7.28 -21.21
CA LEU C 1049 -4.96 -7.29 -20.12
C LEU C 1049 -5.84 -8.55 -20.12
N GLN C 1050 -6.45 -8.84 -21.26
CA GLN C 1050 -7.31 -10.00 -21.40
C GLN C 1050 -6.52 -11.27 -21.19
N GLU C 1051 -5.29 -11.28 -21.71
CA GLU C 1051 -4.36 -12.36 -21.48
C GLU C 1051 -4.07 -12.52 -19.99
N MET C 1052 -4.13 -11.40 -19.27
CA MET C 1052 -3.79 -11.37 -17.86
C MET C 1052 -4.96 -11.87 -17.01
N LEU C 1053 -6.18 -11.61 -17.46
CA LEU C 1053 -7.38 -11.95 -16.70
C LEU C 1053 -7.81 -13.39 -16.87
N THR C 1054 -7.37 -14.03 -17.95
CA THR C 1054 -7.87 -15.35 -18.29
C THR C 1054 -6.74 -16.36 -18.58
N LEU C 1055 -6.03 -16.14 -19.68
CA LEU C 1055 -4.94 -17.01 -20.12
C LEU C 1055 -3.97 -17.45 -19.01
N LYS C 1056 -3.70 -16.54 -18.09
CA LYS C 1056 -2.69 -16.78 -17.07
C LYS C 1056 -3.30 -16.79 -15.68
N SER C 1057 -4.62 -16.87 -15.60
CA SER C 1057 -5.25 -16.77 -14.30
C SER C 1057 -6.34 -17.80 -14.03
N ASP C 1058 -7.44 -17.73 -14.78
CA ASP C 1058 -8.60 -18.54 -14.45
C ASP C 1058 -9.05 -19.45 -15.60
N ASP C 1059 -8.79 -19.00 -16.82
CA ASP C 1059 -9.11 -19.76 -18.04
C ASP C 1059 -8.23 -21.00 -18.16
N ILE C 1060 -8.70 -22.11 -17.63
CA ILE C 1060 -7.98 -23.37 -17.68
C ILE C 1060 -7.85 -23.88 -19.11
N GLU C 1061 -8.91 -23.68 -19.90
CA GLU C 1061 -8.95 -24.22 -21.27
C GLU C 1061 -7.87 -23.63 -22.16
N GLY C 1062 -7.51 -22.38 -21.91
CA GLY C 1062 -6.49 -21.71 -22.69
C GLY C 1062 -5.10 -21.72 -22.07
N ARG C 1063 -5.04 -21.99 -20.77
CA ARG C 1063 -3.78 -21.99 -20.03
C ARG C 1063 -2.84 -23.04 -20.61
N ASN C 1064 -3.35 -24.26 -20.68
CA ASN C 1064 -2.62 -25.37 -21.27
C ASN C 1064 -2.33 -25.15 -22.75
N ALA C 1065 -3.16 -24.35 -23.40
CA ALA C 1065 -2.94 -24.03 -24.81
C ALA C 1065 -1.63 -23.27 -24.97
N ALA C 1066 -1.47 -22.22 -24.17
CA ALA C 1066 -0.25 -21.41 -24.21
C ALA C 1066 0.94 -22.22 -23.74
N TYR C 1067 0.75 -22.95 -22.63
CA TYR C 1067 1.82 -23.78 -22.09
C TYR C 1067 2.29 -24.84 -23.09
N GLU C 1068 1.41 -25.29 -23.98
CA GLU C 1068 1.80 -26.25 -25.01
C GLU C 1068 2.40 -25.51 -26.20
N ALA C 1069 1.97 -24.26 -26.39
CA ALA C 1069 2.44 -23.44 -27.48
C ALA C 1069 3.91 -23.06 -27.32
N ILE C 1070 4.28 -22.63 -26.11
CA ILE C 1070 5.64 -22.15 -25.85
C ILE C 1070 6.64 -23.29 -25.90
N ILE C 1071 6.23 -24.44 -25.38
CA ILE C 1071 7.07 -25.63 -25.38
C ILE C 1071 7.49 -26.01 -26.79
N LYS C 1072 6.53 -25.99 -27.71
CA LYS C 1072 6.81 -26.30 -29.12
C LYS C 1072 7.50 -25.14 -29.84
N GLY C 1073 7.21 -23.92 -29.40
CA GLY C 1073 7.90 -22.75 -29.91
C GLY C 1073 6.98 -21.83 -30.69
N GLU C 1074 5.73 -22.22 -30.82
CA GLU C 1074 4.77 -21.44 -31.58
C GLU C 1074 4.32 -20.22 -30.79
N ASP C 1075 3.65 -19.30 -31.48
CA ASP C 1075 3.11 -18.12 -30.83
C ASP C 1075 1.97 -18.51 -29.91
N VAL C 1076 1.82 -17.76 -28.83
CA VAL C 1076 0.75 -17.96 -27.87
C VAL C 1076 -0.60 -17.69 -28.51
N PRO C 1077 -1.45 -18.73 -28.57
CA PRO C 1077 -2.80 -18.59 -29.13
C PRO C 1077 -3.69 -17.77 -28.22
N GLU C 1078 -4.48 -16.87 -28.80
CA GLU C 1078 -5.38 -16.04 -28.01
C GLU C 1078 -6.66 -16.82 -27.68
N PRO C 1079 -7.41 -16.35 -26.67
CA PRO C 1079 -8.66 -17.04 -26.36
C PRO C 1079 -9.78 -16.55 -27.29
N SER C 1080 -10.20 -17.42 -28.20
CA SER C 1080 -11.26 -17.09 -29.13
C SER C 1080 -12.53 -16.73 -28.37
N VAL C 1081 -13.14 -17.73 -27.73
CA VAL C 1081 -14.30 -17.51 -26.88
C VAL C 1081 -13.89 -17.27 -25.43
N PRO C 1082 -14.18 -16.07 -24.92
CA PRO C 1082 -13.85 -15.67 -23.54
C PRO C 1082 -14.45 -16.66 -22.56
N GLU C 1083 -13.57 -17.30 -21.79
CA GLU C 1083 -13.97 -18.33 -20.84
C GLU C 1083 -14.95 -17.80 -19.81
N SER C 1084 -14.58 -16.72 -19.16
CA SER C 1084 -15.40 -16.11 -18.10
C SER C 1084 -16.73 -15.57 -18.65
N PHE C 1085 -16.88 -15.59 -19.97
CA PHE C 1085 -18.10 -15.17 -20.65
C PHE C 1085 -19.00 -16.37 -20.93
N ARG C 1086 -18.44 -17.40 -21.55
CA ARG C 1086 -19.20 -18.61 -21.84
C ARG C 1086 -19.67 -19.28 -20.54
N VAL C 1087 -18.91 -19.10 -19.46
CA VAL C 1087 -19.30 -19.65 -18.17
C VAL C 1087 -20.42 -18.83 -17.54
N LEU C 1088 -20.29 -17.51 -17.63
CA LEU C 1088 -21.33 -16.61 -17.16
C LEU C 1088 -22.65 -16.85 -17.88
N VAL C 1089 -22.57 -17.19 -19.16
CA VAL C 1089 -23.76 -17.53 -19.94
C VAL C 1089 -24.51 -18.68 -19.27
N LYS C 1090 -23.79 -19.74 -18.95
CA LYS C 1090 -24.36 -20.89 -18.27
C LYS C 1090 -24.90 -20.56 -16.87
N GLU C 1091 -24.11 -19.84 -16.07
CA GLU C 1091 -24.54 -19.49 -14.72
C GLU C 1091 -25.78 -18.59 -14.74
N LEU C 1092 -26.00 -17.92 -15.86
CA LEU C 1092 -27.18 -17.06 -16.00
C LEU C 1092 -28.38 -17.85 -16.53
N GLN C 1093 -28.14 -18.84 -17.39
CA GLN C 1093 -29.21 -19.65 -17.93
C GLN C 1093 -29.77 -20.64 -16.90
N ALA C 1094 -29.06 -20.79 -15.79
CA ALA C 1094 -29.48 -21.68 -14.71
C ALA C 1094 -30.81 -21.22 -14.14
N LEU C 1095 -31.08 -19.93 -14.25
CA LEU C 1095 -32.31 -19.35 -13.75
C LEU C 1095 -33.26 -19.24 -14.92
N ALA C 1096 -34.40 -18.57 -14.72
CA ALA C 1096 -35.34 -18.36 -15.82
C ALA C 1096 -34.79 -17.32 -16.79
N LEU C 1097 -33.64 -16.73 -16.46
CA LEU C 1097 -33.04 -15.70 -17.31
C LEU C 1097 -32.48 -16.31 -18.58
N ASP C 1098 -32.37 -15.48 -19.61
CA ASP C 1098 -31.78 -15.92 -20.87
C ASP C 1098 -30.77 -14.91 -21.40
N VAL C 1099 -29.56 -15.38 -21.64
CA VAL C 1099 -28.53 -14.53 -22.21
C VAL C 1099 -28.38 -14.80 -23.69
N GLN C 1100 -29.02 -13.97 -24.50
CA GLN C 1100 -28.95 -14.13 -25.95
C GLN C 1100 -27.75 -13.35 -26.47
N THR C 1101 -26.89 -14.03 -27.21
CA THR C 1101 -25.72 -13.40 -27.81
C THR C 1101 -26.00 -13.07 -29.27
N LEU C 1102 -26.57 -11.90 -29.50
CA LEU C 1102 -26.96 -11.49 -30.83
C LEU C 1102 -25.76 -11.06 -31.68
N ASP C 1103 -26.01 -10.92 -32.97
CA ASP C 1103 -24.97 -10.55 -33.93
C ASP C 1103 -25.02 -9.03 -34.18
N GLU C 1104 -24.30 -8.58 -35.22
CA GLU C 1104 -24.19 -7.16 -35.53
C GLU C 1104 -25.53 -6.56 -35.92
N LYS C 1105 -26.34 -7.34 -36.63
CA LYS C 1105 -27.68 -6.90 -37.04
C LYS C 1105 -28.77 -7.71 -36.33
N ASP C 1106 -28.49 -8.08 -35.08
CA ASP C 1106 -29.42 -8.82 -34.22
C ASP C 1106 -29.78 -10.22 -34.76
N ASN C 1107 -28.94 -11.20 -34.43
CA ASN C 1107 -29.16 -12.58 -34.83
C ASN C 1107 -28.35 -13.50 -33.93
N PRO C 1108 -28.92 -14.63 -33.51
CA PRO C 1108 -28.26 -15.57 -32.60
C PRO C 1108 -26.88 -15.99 -33.07
N VAL C 1109 -25.92 -16.08 -32.15
CA VAL C 1109 -24.57 -16.51 -32.45
C VAL C 1109 -24.11 -17.61 -31.50
N ASP C 1110 -23.65 -18.73 -32.04
CA ASP C 1110 -23.19 -19.85 -31.21
C ASP C 1110 -21.95 -19.46 -30.44
N ILE C 1111 -21.71 -20.16 -29.33
CA ILE C 1111 -20.56 -19.89 -28.48
C ILE C 1111 -19.77 -21.18 -28.29
N PHE C 1112 -20.42 -22.30 -28.58
CA PHE C 1112 -19.87 -23.62 -28.30
C PHE C 1112 -19.76 -24.47 -29.58
N LYS D 2 -23.19 -15.66 -38.46
CA LYS D 2 -23.12 -15.46 -37.01
C LYS D 2 -21.76 -15.83 -36.45
N LYS D 3 -20.79 -14.94 -36.60
CA LYS D 3 -19.43 -15.20 -36.13
C LYS D 3 -18.89 -14.11 -35.20
N GLU D 4 -19.56 -12.95 -35.19
CA GLU D 4 -19.09 -11.83 -34.39
C GLU D 4 -20.10 -11.39 -33.34
N VAL D 5 -19.87 -11.77 -32.09
CA VAL D 5 -20.74 -11.35 -31.00
C VAL D 5 -20.63 -9.83 -30.79
N ARG D 6 -21.77 -9.15 -30.87
CA ARG D 6 -21.78 -7.68 -30.82
C ARG D 6 -22.28 -7.15 -29.48
N LYS D 7 -23.50 -7.53 -29.10
CA LYS D 7 -24.10 -7.07 -27.85
C LYS D 7 -24.87 -8.23 -27.21
N VAL D 8 -25.30 -8.06 -25.95
CA VAL D 8 -25.95 -9.16 -25.24
C VAL D 8 -27.24 -8.76 -24.53
N ARG D 9 -28.34 -9.43 -24.84
CA ARG D 9 -29.63 -9.12 -24.24
C ARG D 9 -30.11 -10.18 -23.25
N ILE D 10 -30.82 -9.73 -22.21
CA ILE D 10 -31.39 -10.63 -21.22
C ILE D 10 -32.91 -10.51 -21.19
N ALA D 11 -33.58 -11.64 -21.00
CA ALA D 11 -35.04 -11.66 -20.90
C ALA D 11 -35.52 -12.95 -20.26
N LEU D 12 -36.75 -12.92 -19.76
CA LEU D 12 -37.40 -14.11 -19.22
C LEU D 12 -37.46 -15.19 -20.28
N ALA D 13 -37.39 -16.45 -19.85
CA ALA D 13 -37.45 -17.56 -20.81
C ALA D 13 -38.68 -18.44 -20.63
N SER D 14 -39.32 -18.75 -21.75
CA SER D 14 -40.47 -19.63 -21.76
C SER D 14 -40.06 -21.04 -21.36
N PRO D 15 -41.04 -21.86 -20.89
CA PRO D 15 -40.83 -23.29 -20.61
C PRO D 15 -40.10 -23.97 -21.77
N GLU D 16 -40.51 -23.66 -23.00
CA GLU D 16 -39.86 -24.20 -24.20
C GLU D 16 -38.39 -23.81 -24.30
N LYS D 17 -38.10 -22.52 -24.07
CA LYS D 17 -36.74 -22.02 -24.10
C LYS D 17 -35.91 -22.58 -22.95
N ILE D 18 -36.56 -22.76 -21.81
CA ILE D 18 -35.95 -23.38 -20.64
C ILE D 18 -35.54 -24.82 -20.97
N ARG D 19 -36.34 -25.46 -21.81
CA ARG D 19 -36.06 -26.84 -22.20
C ARG D 19 -35.17 -26.93 -23.44
N SER D 20 -34.95 -25.79 -24.09
CA SER D 20 -34.20 -25.77 -25.35
C SER D 20 -32.72 -25.95 -25.09
N TRP D 21 -32.30 -25.52 -23.91
CA TRP D 21 -30.91 -25.61 -23.51
C TRP D 21 -30.66 -26.93 -22.82
N SER D 22 -31.75 -27.57 -22.38
CA SER D 22 -31.65 -28.82 -21.66
C SER D 22 -31.60 -30.02 -22.59
N TYR D 23 -30.75 -30.97 -22.25
CA TYR D 23 -30.57 -32.17 -23.05
C TYR D 23 -31.08 -33.42 -22.34
N GLY D 24 -32.06 -33.26 -21.45
CA GLY D 24 -32.62 -34.39 -20.75
C GLY D 24 -33.11 -34.01 -19.37
N GLU D 25 -33.81 -34.93 -18.71
CA GLU D 25 -34.39 -34.63 -17.41
C GLU D 25 -33.68 -35.36 -16.28
N VAL D 26 -33.31 -34.61 -15.25
CA VAL D 26 -32.74 -35.19 -14.05
C VAL D 26 -33.85 -35.85 -13.23
N GLU D 27 -34.25 -37.04 -13.63
CA GLU D 27 -35.38 -37.71 -12.98
C GLU D 27 -34.93 -38.60 -11.81
N LYS D 28 -33.78 -38.28 -11.25
CA LYS D 28 -33.22 -38.97 -10.08
C LYS D 28 -32.34 -38.01 -9.28
N PRO D 29 -32.33 -38.16 -7.94
CA PRO D 29 -31.50 -37.37 -7.02
C PRO D 29 -30.12 -38.02 -6.80
N GLU D 30 -29.64 -38.70 -7.84
CA GLU D 30 -28.41 -39.46 -7.73
C GLU D 30 -27.19 -38.68 -8.22
N THR D 31 -26.10 -38.79 -7.47
CA THR D 31 -24.84 -38.15 -7.80
C THR D 31 -23.83 -39.17 -8.31
N ILE D 32 -22.97 -39.65 -7.41
CA ILE D 32 -21.92 -40.61 -7.76
C ILE D 32 -21.83 -41.76 -6.75
N ASN D 33 -21.73 -43.00 -7.25
CA ASN D 33 -21.44 -44.14 -6.37
C ASN D 33 -20.06 -44.04 -5.75
N TYR D 34 -19.96 -44.39 -4.47
CA TYR D 34 -18.69 -44.37 -3.74
C TYR D 34 -17.69 -45.35 -4.37
N ARG D 35 -18.19 -46.51 -4.77
CA ARG D 35 -17.40 -47.51 -5.45
C ARG D 35 -16.96 -47.05 -6.85
N THR D 36 -17.87 -47.15 -7.81
CA THR D 36 -17.62 -46.66 -9.17
C THR D 36 -17.86 -45.15 -9.22
N LEU D 37 -16.81 -44.39 -9.50
CA LEU D 37 -16.90 -42.93 -9.56
C LEU D 37 -17.65 -42.46 -10.82
N LYS D 38 -18.04 -43.42 -11.65
CA LYS D 38 -18.93 -43.18 -12.77
C LYS D 38 -20.26 -42.59 -12.30
N PRO D 39 -20.97 -41.89 -13.21
CA PRO D 39 -22.25 -41.26 -12.86
C PRO D 39 -23.33 -42.28 -12.56
N GLU D 40 -24.35 -41.82 -11.85
CA GLU D 40 -25.38 -42.71 -11.37
C GLU D 40 -26.60 -42.74 -12.28
N ARG D 41 -27.77 -42.74 -11.67
CA ARG D 41 -28.98 -43.21 -12.31
C ARG D 41 -29.62 -42.09 -13.08
N ASP D 42 -28.98 -41.66 -14.16
CA ASP D 42 -29.50 -40.61 -15.02
C ASP D 42 -29.78 -39.33 -14.21
N GLY D 43 -29.09 -39.19 -13.07
CA GLY D 43 -29.29 -38.06 -12.19
C GLY D 43 -28.60 -36.80 -12.65
N LEU D 44 -27.54 -36.42 -11.94
CA LEU D 44 -26.90 -35.12 -12.16
C LEU D 44 -25.62 -35.16 -12.98
N PHE D 45 -25.13 -36.37 -13.28
CA PHE D 45 -23.83 -36.52 -13.94
C PHE D 45 -23.87 -37.47 -15.15
N ASP D 46 -25.04 -38.00 -15.47
CA ASP D 46 -25.20 -38.92 -16.59
C ASP D 46 -24.72 -38.33 -17.91
N GLU D 47 -23.92 -39.11 -18.64
CA GLU D 47 -23.33 -38.68 -19.90
C GLU D 47 -24.38 -38.47 -20.99
N ARG D 48 -25.49 -39.20 -20.87
CA ARG D 48 -26.56 -39.13 -21.85
C ARG D 48 -27.10 -37.71 -21.95
N ILE D 49 -27.52 -37.15 -20.82
CA ILE D 49 -28.02 -35.78 -20.77
C ILE D 49 -26.87 -34.78 -20.84
N PHE D 50 -26.03 -34.77 -19.82
CA PHE D 50 -24.93 -33.83 -19.77
C PHE D 50 -23.88 -34.21 -20.79
N GLY D 51 -22.76 -34.75 -20.33
CA GLY D 51 -21.70 -35.12 -21.24
C GLY D 51 -20.82 -36.27 -20.77
N PRO D 52 -20.07 -36.85 -21.70
CA PRO D 52 -19.10 -37.92 -21.47
C PRO D 52 -18.13 -37.55 -20.35
N ILE D 53 -18.18 -38.31 -19.26
CA ILE D 53 -17.31 -38.08 -18.12
C ILE D 53 -15.83 -38.15 -18.52
N LYS D 54 -15.54 -38.98 -19.51
CA LYS D 54 -14.18 -39.17 -19.97
C LYS D 54 -13.83 -38.09 -21.00
N ASP D 55 -12.77 -38.33 -21.77
CA ASP D 55 -12.35 -37.42 -22.81
C ASP D 55 -13.14 -37.66 -24.09
N TYR D 56 -12.51 -38.30 -25.08
CA TYR D 56 -13.14 -38.55 -26.39
C TYR D 56 -13.82 -39.92 -26.44
N GLU D 57 -13.49 -40.75 -25.46
CA GLU D 57 -14.04 -42.11 -25.33
C GLU D 57 -15.49 -42.08 -24.82
N CYS D 58 -16.31 -42.98 -25.34
CA CYS D 58 -17.74 -43.04 -24.97
C CYS D 58 -18.01 -43.86 -23.70
N ALA D 59 -19.27 -44.27 -23.51
CA ALA D 59 -19.67 -44.99 -22.30
C ALA D 59 -19.12 -46.41 -22.23
N CYS D 60 -19.51 -47.25 -23.18
CA CYS D 60 -19.07 -48.65 -23.22
C CYS D 60 -17.73 -48.77 -23.94
N GLY D 61 -17.67 -48.23 -25.16
CA GLY D 61 -16.42 -48.20 -25.91
C GLY D 61 -16.49 -48.64 -27.37
N LYS D 62 -17.64 -48.44 -28.01
CA LYS D 62 -17.78 -48.77 -29.43
C LYS D 62 -16.97 -47.82 -30.29
N TYR D 63 -17.06 -46.53 -29.98
CA TYR D 63 -16.28 -45.51 -30.66
C TYR D 63 -15.31 -44.91 -29.63
N LYS D 64 -14.03 -44.82 -29.98
CA LYS D 64 -13.03 -44.44 -28.98
C LYS D 64 -12.02 -43.36 -29.38
N ARG D 65 -12.03 -42.90 -30.62
CA ARG D 65 -11.07 -41.88 -31.03
C ARG D 65 -11.68 -40.65 -31.72
N GLN D 66 -10.83 -39.87 -32.39
CA GLN D 66 -11.24 -38.57 -32.93
C GLN D 66 -11.78 -38.65 -34.36
N ARG D 67 -11.36 -39.67 -35.09
CA ARG D 67 -11.72 -39.86 -36.50
C ARG D 67 -13.21 -39.68 -36.77
N PHE D 68 -14.03 -40.20 -35.85
CA PHE D 68 -15.48 -40.02 -35.90
C PHE D 68 -15.91 -38.99 -34.86
N GLU D 69 -15.40 -37.78 -35.00
CA GLU D 69 -15.59 -36.70 -34.01
C GLU D 69 -17.05 -36.32 -33.74
N GLY D 70 -17.84 -36.15 -34.80
CA GLY D 70 -19.22 -35.73 -34.64
C GLY D 70 -20.23 -36.82 -34.94
N LYS D 71 -20.02 -38.00 -34.35
CA LYS D 71 -20.91 -39.14 -34.56
C LYS D 71 -21.40 -39.71 -33.22
N VAL D 72 -22.66 -40.14 -33.19
CA VAL D 72 -23.22 -40.74 -32.00
C VAL D 72 -23.20 -42.26 -32.12
N CYS D 73 -22.88 -42.95 -31.02
CA CYS D 73 -22.86 -44.41 -31.05
C CYS D 73 -24.26 -44.99 -31.25
N GLU D 74 -24.31 -46.05 -32.05
CA GLU D 74 -25.57 -46.65 -32.48
C GLU D 74 -26.42 -47.19 -31.34
N ARG D 75 -25.76 -47.69 -30.29
CA ARG D 75 -26.44 -48.39 -29.21
C ARG D 75 -26.59 -47.55 -27.94
N CYS D 76 -25.67 -46.61 -27.73
CA CYS D 76 -25.82 -45.64 -26.64
C CYS D 76 -25.44 -44.23 -27.08
N GLY D 77 -26.22 -43.24 -26.64
CA GLY D 77 -26.07 -41.87 -27.09
C GLY D 77 -24.90 -41.12 -26.50
N VAL D 78 -23.75 -41.18 -27.19
CA VAL D 78 -22.56 -40.47 -26.73
C VAL D 78 -21.82 -39.74 -27.87
N GLU D 79 -22.07 -38.44 -28.00
CA GLU D 79 -21.29 -37.59 -28.90
C GLU D 79 -20.20 -36.90 -28.09
N VAL D 80 -18.97 -36.89 -28.62
CA VAL D 80 -17.80 -36.60 -27.79
C VAL D 80 -16.81 -35.52 -28.26
N THR D 81 -16.65 -34.49 -27.44
CA THR D 81 -15.44 -33.69 -27.40
C THR D 81 -14.79 -34.11 -26.07
N LYS D 82 -13.94 -33.27 -25.48
CA LYS D 82 -13.31 -33.61 -24.19
C LYS D 82 -14.34 -33.60 -23.05
N SER D 83 -13.86 -33.46 -21.82
CA SER D 83 -14.74 -33.32 -20.66
C SER D 83 -15.40 -31.95 -20.64
N ILE D 84 -15.28 -31.22 -21.75
CA ILE D 84 -15.85 -29.88 -21.86
C ILE D 84 -17.34 -29.93 -22.16
N VAL D 85 -17.73 -30.87 -23.01
CA VAL D 85 -19.14 -31.03 -23.34
C VAL D 85 -19.91 -31.50 -22.11
N ARG D 86 -19.20 -32.16 -21.20
CA ARG D 86 -19.74 -32.46 -19.88
C ARG D 86 -20.09 -31.11 -19.23
N ARG D 87 -19.09 -30.27 -19.04
CA ARG D 87 -19.27 -28.98 -18.36
C ARG D 87 -20.02 -27.88 -19.14
N TYR D 88 -20.51 -28.16 -20.34
CA TYR D 88 -21.17 -27.10 -21.10
C TYR D 88 -22.68 -27.31 -21.27
N ARG D 89 -23.08 -28.58 -21.27
CA ARG D 89 -24.46 -28.94 -21.52
C ARG D 89 -25.32 -28.89 -20.26
N MET D 90 -26.54 -28.37 -20.40
CA MET D 90 -27.47 -28.24 -19.29
C MET D 90 -28.55 -29.33 -19.34
N GLY D 91 -29.06 -29.68 -18.17
CA GLY D 91 -30.18 -30.59 -18.06
C GLY D 91 -31.29 -29.86 -17.33
N HIS D 92 -32.43 -30.53 -17.14
CA HIS D 92 -33.54 -29.86 -16.46
C HIS D 92 -34.35 -30.76 -15.54
N ILE D 93 -35.38 -30.17 -14.95
CA ILE D 93 -36.27 -30.86 -14.03
C ILE D 93 -37.70 -30.42 -14.30
N GLU D 94 -38.59 -31.37 -14.53
CA GLU D 94 -40.00 -31.07 -14.69
C GLU D 94 -40.77 -31.18 -13.37
N LEU D 95 -41.01 -30.03 -12.74
CA LEU D 95 -41.76 -29.97 -11.49
C LEU D 95 -43.20 -30.46 -11.69
N ALA D 96 -43.76 -31.13 -10.68
CA ALA D 96 -45.14 -31.59 -10.77
C ALA D 96 -46.10 -30.41 -10.73
N THR D 97 -45.82 -29.45 -9.85
CA THR D 97 -46.61 -28.25 -9.73
C THR D 97 -45.75 -27.05 -10.04
N PRO D 98 -46.24 -26.13 -10.88
CA PRO D 98 -45.53 -24.88 -11.21
C PRO D 98 -45.07 -24.16 -9.95
N ALA D 99 -43.93 -23.51 -10.05
CA ALA D 99 -43.35 -22.77 -8.94
C ALA D 99 -42.80 -21.46 -9.48
N ALA D 100 -42.91 -20.40 -8.71
CA ALA D 100 -42.45 -19.11 -9.19
C ALA D 100 -41.03 -18.77 -8.77
N HIS D 101 -40.38 -17.97 -9.60
CA HIS D 101 -39.02 -17.54 -9.42
C HIS D 101 -38.95 -16.55 -8.27
N ILE D 102 -38.29 -16.93 -7.20
CA ILE D 102 -38.19 -16.13 -5.99
C ILE D 102 -37.56 -14.75 -6.29
N TRP D 103 -36.79 -14.68 -7.37
CA TRP D 103 -36.15 -13.43 -7.78
C TRP D 103 -37.21 -12.37 -8.10
N PHE D 104 -38.29 -12.79 -8.75
CA PHE D 104 -39.32 -11.86 -9.16
C PHE D 104 -40.36 -11.66 -8.07
N VAL D 105 -40.30 -12.51 -7.06
CA VAL D 105 -41.20 -12.40 -5.91
C VAL D 105 -40.57 -11.53 -4.82
N LYS D 106 -39.49 -12.02 -4.24
CA LYS D 106 -38.78 -11.26 -3.21
C LYS D 106 -37.89 -10.21 -3.87
N ASP D 107 -38.26 -8.94 -3.72
CA ASP D 107 -37.49 -7.85 -4.30
C ASP D 107 -38.02 -6.55 -3.73
N VAL D 108 -37.20 -5.51 -3.72
CA VAL D 108 -37.64 -4.22 -3.18
C VAL D 108 -38.92 -3.74 -3.87
N PRO D 109 -39.00 -3.88 -5.21
CA PRO D 109 -40.33 -3.81 -5.81
C PRO D 109 -40.77 -5.18 -6.30
N SER D 110 -41.89 -5.68 -5.80
CA SER D 110 -42.38 -6.98 -6.23
C SER D 110 -42.63 -6.95 -7.73
N LYS D 111 -41.88 -7.76 -8.47
CA LYS D 111 -41.97 -7.76 -9.93
C LYS D 111 -43.27 -8.42 -10.35
N ILE D 112 -43.99 -8.93 -9.36
CA ILE D 112 -45.22 -9.66 -9.60
C ILE D 112 -46.36 -9.03 -8.81
N GLY D 113 -46.06 -8.47 -7.65
CA GLY D 113 -47.06 -7.83 -6.82
C GLY D 113 -47.47 -6.48 -7.38
N THR D 114 -46.58 -5.89 -8.16
CA THR D 114 -46.85 -4.64 -8.83
C THR D 114 -47.71 -4.91 -10.05
N LEU D 115 -47.35 -5.96 -10.78
CA LEU D 115 -48.02 -6.30 -12.02
C LEU D 115 -49.41 -6.88 -11.75
N LEU D 116 -49.50 -7.81 -10.81
CA LEU D 116 -50.75 -8.50 -10.48
C LEU D 116 -51.56 -7.84 -9.36
N ASP D 117 -51.29 -6.55 -9.10
CA ASP D 117 -51.95 -5.77 -8.05
C ASP D 117 -52.41 -6.54 -6.80
N LEU D 118 -51.50 -7.34 -6.24
CA LEU D 118 -51.75 -7.98 -4.95
C LEU D 118 -50.94 -7.20 -3.94
N SER D 119 -51.23 -7.38 -2.64
CA SER D 119 -50.43 -6.71 -1.61
C SER D 119 -48.96 -7.14 -1.73
N ALA D 120 -48.11 -6.15 -2.03
CA ALA D 120 -46.71 -6.35 -2.43
C ALA D 120 -45.93 -7.43 -1.71
N THR D 121 -46.29 -7.69 -0.46
CA THR D 121 -45.58 -8.69 0.34
C THR D 121 -46.54 -9.66 1.01
N GLU D 122 -47.50 -9.13 1.75
CA GLU D 122 -48.42 -9.95 2.55
C GLU D 122 -49.23 -10.93 1.70
N LEU D 123 -50.15 -10.40 0.90
CA LEU D 123 -50.97 -11.20 -0.01
C LEU D 123 -50.17 -12.21 -0.80
N GLU D 124 -48.99 -11.79 -1.27
CA GLU D 124 -48.12 -12.68 -2.02
C GLU D 124 -47.83 -13.93 -1.21
N GLN D 125 -46.98 -13.77 -0.19
CA GLN D 125 -46.56 -14.86 0.68
C GLN D 125 -47.73 -15.69 1.21
N VAL D 126 -48.85 -15.04 1.52
CA VAL D 126 -50.00 -15.72 2.11
C VAL D 126 -50.57 -16.83 1.23
N LEU D 127 -50.66 -16.58 -0.07
CA LEU D 127 -51.26 -17.55 -0.99
C LEU D 127 -50.23 -18.25 -1.87
N TYR D 128 -48.99 -17.82 -1.74
CA TYR D 128 -47.90 -18.30 -2.60
C TYR D 128 -47.34 -19.64 -2.12
N PHE D 129 -47.25 -19.81 -0.80
CA PHE D 129 -46.76 -21.06 -0.20
C PHE D 129 -47.88 -21.87 0.47
N SER D 130 -48.75 -21.19 1.21
CA SER D 130 -49.83 -21.84 1.92
C SER D 130 -50.88 -22.39 0.97
N LYS D 131 -51.97 -22.90 1.56
CA LYS D 131 -53.10 -23.39 0.77
C LYS D 131 -54.11 -22.26 0.62
N TYR D 132 -53.72 -21.08 1.10
CA TYR D 132 -54.62 -19.93 1.12
C TYR D 132 -55.13 -19.56 -0.25
N ILE D 133 -56.34 -20.05 -0.53
CA ILE D 133 -57.11 -19.81 -1.74
C ILE D 133 -56.99 -18.38 -2.31
N VAL D 134 -56.67 -18.30 -3.59
CA VAL D 134 -56.70 -17.04 -4.32
C VAL D 134 -58.06 -16.88 -4.99
N LEU D 135 -58.53 -15.64 -5.07
CA LEU D 135 -59.80 -15.41 -5.74
C LEU D 135 -59.60 -14.81 -7.13
N ASP D 136 -59.16 -15.67 -8.04
CA ASP D 136 -58.97 -15.37 -9.45
C ASP D 136 -60.38 -15.29 -10.13
N PRO D 137 -60.52 -15.52 -11.47
CA PRO D 137 -61.88 -15.35 -12.00
C PRO D 137 -63.08 -16.05 -11.34
N LYS D 138 -64.27 -15.50 -11.64
CA LYS D 138 -65.58 -15.96 -11.15
C LYS D 138 -65.95 -15.54 -9.73
N GLY D 139 -67.08 -16.05 -9.28
CA GLY D 139 -67.62 -15.70 -7.99
C GLY D 139 -68.67 -14.62 -8.10
N ALA D 140 -69.66 -14.68 -7.21
CA ALA D 140 -70.61 -13.59 -7.01
C ALA D 140 -71.14 -13.61 -5.58
N ILE D 141 -71.27 -14.80 -4.98
CA ILE D 141 -71.70 -14.92 -3.58
C ILE D 141 -70.73 -14.23 -2.63
N LEU D 142 -71.26 -13.67 -1.55
CA LEU D 142 -70.46 -12.82 -0.69
C LEU D 142 -70.41 -13.25 0.77
N ASN D 143 -69.63 -12.51 1.55
CA ASN D 143 -69.58 -12.70 2.99
C ASN D 143 -69.97 -11.39 3.71
N GLY D 144 -70.59 -10.49 2.94
CA GLY D 144 -71.00 -9.17 3.38
C GLY D 144 -70.80 -8.12 2.29
N VAL D 145 -69.68 -8.22 1.60
CA VAL D 145 -69.36 -7.33 0.48
C VAL D 145 -69.26 -8.19 -0.80
N PRO D 146 -69.82 -7.72 -1.92
CA PRO D 146 -69.82 -8.45 -3.20
C PRO D 146 -68.50 -9.10 -3.62
N VAL D 147 -68.54 -9.94 -4.65
CA VAL D 147 -67.38 -10.70 -5.12
C VAL D 147 -66.09 -9.89 -5.22
N GLU D 148 -65.01 -10.47 -4.71
CA GLU D 148 -63.70 -9.86 -4.84
C GLU D 148 -63.10 -10.21 -6.18
N LYS D 149 -62.68 -9.18 -6.92
CA LYS D 149 -62.13 -9.39 -8.26
C LYS D 149 -60.73 -10.02 -8.20
N ARG D 150 -59.86 -9.45 -7.37
CA ARG D 150 -58.48 -9.92 -7.27
C ARG D 150 -58.09 -10.27 -5.84
N GLN D 151 -58.89 -9.80 -4.88
CA GLN D 151 -58.62 -9.99 -3.46
C GLN D 151 -58.52 -11.47 -3.08
N LEU D 152 -58.18 -11.71 -1.81
CA LEU D 152 -57.92 -13.07 -1.34
C LEU D 152 -58.87 -13.43 -0.21
N LEU D 153 -59.04 -14.72 0.01
CA LEU D 153 -59.90 -15.21 1.07
C LEU D 153 -59.24 -16.42 1.72
N THR D 154 -59.54 -16.65 2.98
CA THR D 154 -58.82 -17.67 3.73
C THR D 154 -59.18 -19.10 3.32
N ASP D 155 -58.32 -20.04 3.70
CA ASP D 155 -58.50 -21.47 3.44
C ASP D 155 -59.82 -21.93 4.02
N GLU D 156 -60.32 -21.18 4.98
CA GLU D 156 -61.57 -21.51 5.63
C GLU D 156 -62.71 -20.89 4.86
N GLU D 157 -62.59 -19.62 4.49
CA GLU D 157 -63.63 -18.90 3.73
C GLU D 157 -64.15 -19.68 2.52
N TYR D 158 -63.22 -20.10 1.66
CA TYR D 158 -63.51 -20.88 0.47
C TYR D 158 -64.31 -22.14 0.77
N ARG D 159 -63.66 -23.08 1.46
CA ARG D 159 -64.27 -24.35 1.85
C ARG D 159 -65.64 -24.13 2.47
N GLU D 160 -65.69 -23.28 3.49
CA GLU D 160 -66.90 -22.98 4.25
C GLU D 160 -67.94 -22.20 3.45
N LEU D 161 -67.57 -21.73 2.26
CA LEU D 161 -68.52 -21.03 1.41
C LEU D 161 -69.57 -22.03 0.91
N ARG D 162 -69.13 -23.25 0.62
CA ARG D 162 -70.04 -24.28 0.14
C ARG D 162 -70.99 -24.81 1.23
N TYR D 163 -70.78 -24.42 2.48
CA TYR D 163 -71.58 -24.95 3.58
C TYR D 163 -71.78 -23.98 4.72
N GLY D 164 -71.83 -22.70 4.42
CA GLY D 164 -72.10 -21.69 5.43
C GLY D 164 -73.12 -22.20 6.43
N LYS D 165 -72.78 -22.11 7.71
CA LYS D 165 -73.69 -22.51 8.79
C LYS D 165 -74.03 -24.01 8.82
N GLN D 166 -73.80 -24.72 7.72
CA GLN D 166 -74.17 -26.13 7.64
C GLN D 166 -73.42 -26.97 8.67
N GLU D 167 -73.89 -26.91 9.92
CA GLU D 167 -73.32 -27.68 11.03
C GLU D 167 -74.37 -28.46 11.81
N THR D 168 -74.16 -29.76 11.97
CA THR D 168 -75.10 -30.58 12.73
C THR D 168 -74.82 -30.47 14.23
N TYR D 169 -75.83 -30.03 14.98
CA TYR D 169 -75.71 -29.88 16.43
C TYR D 169 -76.56 -30.91 17.17
N PRO D 170 -75.94 -32.03 17.57
CA PRO D 170 -76.63 -33.13 18.26
C PRO D 170 -77.23 -32.69 19.58
N LEU D 171 -78.40 -33.26 19.88
CA LEU D 171 -79.13 -32.97 21.10
C LEU D 171 -79.31 -34.24 21.89
N PRO D 172 -79.05 -34.18 23.20
CA PRO D 172 -79.33 -35.25 24.14
C PRO D 172 -80.84 -35.50 24.30
N PRO D 173 -81.22 -36.75 24.65
CA PRO D 173 -82.63 -37.11 24.82
C PRO D 173 -83.27 -36.39 26.01
N GLY D 174 -84.55 -36.04 25.89
CA GLY D 174 -85.23 -35.33 26.95
C GLY D 174 -84.83 -33.87 27.02
N VAL D 175 -84.24 -33.38 25.92
CA VAL D 175 -83.84 -31.98 25.80
C VAL D 175 -84.48 -31.41 24.52
N ASP D 176 -85.65 -30.80 24.70
CA ASP D 176 -86.56 -30.42 23.61
C ASP D 176 -85.93 -29.60 22.49
N ALA D 177 -86.07 -28.28 22.61
CA ALA D 177 -85.52 -27.30 21.68
C ALA D 177 -85.92 -25.89 22.13
N LEU D 178 -85.55 -24.91 21.32
CA LEU D 178 -85.98 -23.53 21.50
C LEU D 178 -86.42 -22.98 20.15
N VAL D 179 -86.36 -23.84 19.14
CA VAL D 179 -86.72 -23.46 17.78
C VAL D 179 -87.52 -24.56 17.10
N LYS D 180 -88.72 -24.22 16.62
CA LYS D 180 -89.57 -25.20 15.95
C LYS D 180 -89.22 -25.34 14.47
N ASP D 181 -88.48 -26.40 14.16
CA ASP D 181 -88.11 -26.73 12.78
C ASP D 181 -87.56 -25.55 12.00
N GLY D 182 -88.06 -25.37 10.77
CA GLY D 182 -87.58 -24.31 9.90
C GLY D 182 -87.74 -22.94 10.50
N GLU D 183 -86.66 -22.38 11.07
CA GLU D 183 -86.76 -21.05 11.67
C GLU D 183 -85.44 -20.28 11.84
N GLU D 184 -85.39 -19.08 11.25
CA GLU D 184 -84.20 -18.22 11.23
C GLU D 184 -83.46 -18.11 12.56
N VAL D 185 -82.16 -18.40 12.53
CA VAL D 185 -81.32 -18.33 13.73
C VAL D 185 -80.29 -17.21 13.67
N VAL D 186 -79.84 -16.78 14.84
CA VAL D 186 -78.80 -15.75 14.93
C VAL D 186 -77.46 -16.39 15.33
N LYS D 187 -76.37 -15.84 14.83
CA LYS D 187 -75.03 -16.33 15.13
C LYS D 187 -74.75 -16.24 16.61
N GLY D 188 -74.94 -17.35 17.33
CA GLY D 188 -74.75 -17.38 18.77
C GLY D 188 -76.03 -17.65 19.54
N GLN D 189 -77.16 -17.47 18.88
CA GLN D 189 -78.48 -17.74 19.46
C GLN D 189 -78.61 -19.17 19.96
N GLU D 190 -79.04 -19.34 21.21
CA GLU D 190 -79.26 -20.68 21.75
C GLU D 190 -80.32 -21.40 20.95
N LEU D 191 -79.89 -22.29 20.07
CA LEU D 191 -80.78 -23.15 19.31
C LEU D 191 -81.62 -24.04 20.23
N ALA D 192 -80.97 -24.58 21.26
CA ALA D 192 -81.58 -25.55 22.14
C ALA D 192 -81.16 -25.28 23.59
N PRO D 193 -81.81 -25.94 24.57
CA PRO D 193 -81.33 -25.62 25.92
C PRO D 193 -80.05 -26.36 26.31
N GLY D 194 -79.31 -26.86 25.33
CA GLY D 194 -78.06 -27.56 25.59
C GLY D 194 -77.06 -27.34 24.46
N VAL D 195 -77.48 -26.57 23.45
CA VAL D 195 -76.63 -26.28 22.30
C VAL D 195 -76.64 -24.79 21.95
N VAL D 196 -75.45 -24.23 21.74
CA VAL D 196 -75.29 -22.85 21.29
C VAL D 196 -74.69 -22.78 19.87
N SER D 197 -75.53 -22.45 18.89
CA SER D 197 -75.10 -22.38 17.48
C SER D 197 -73.99 -21.35 17.27
N ARG D 198 -73.18 -21.55 16.24
CA ARG D 198 -72.03 -20.69 15.99
C ARG D 198 -72.05 -20.01 14.62
N LEU D 199 -73.25 -19.92 14.04
CA LEU D 199 -73.44 -19.28 12.74
C LEU D 199 -74.91 -19.00 12.49
N ASP D 200 -75.20 -18.00 11.66
CA ASP D 200 -76.56 -17.56 11.41
C ASP D 200 -77.39 -18.57 10.61
N GLY D 201 -78.30 -18.08 9.78
CA GLY D 201 -79.10 -18.92 8.91
C GLY D 201 -80.43 -19.36 9.48
N VAL D 202 -80.97 -20.44 8.92
CA VAL D 202 -82.23 -20.99 9.36
C VAL D 202 -81.98 -22.27 10.16
N ALA D 203 -82.89 -22.59 11.06
CA ALA D 203 -82.79 -23.81 11.85
C ALA D 203 -83.66 -24.88 11.21
N LEU D 204 -83.25 -26.13 11.43
CA LEU D 204 -83.94 -27.29 10.88
C LEU D 204 -83.90 -28.42 11.91
N TYR D 205 -84.90 -29.29 11.90
CA TYR D 205 -84.90 -30.44 12.81
C TYR D 205 -84.18 -31.62 12.21
N ARG D 206 -84.27 -32.75 12.88
CA ARG D 206 -83.72 -34.00 12.38
C ARG D 206 -84.71 -35.13 12.54
N PHE D 207 -84.85 -35.65 13.76
CA PHE D 207 -85.77 -36.76 14.00
C PHE D 207 -86.62 -36.61 15.26
N PRO D 208 -87.89 -37.08 15.19
CA PRO D 208 -88.87 -36.82 16.24
C PRO D 208 -88.88 -37.87 17.36
N ARG D 209 -89.16 -37.38 18.56
CA ARG D 209 -89.25 -38.23 19.74
C ARG D 209 -90.47 -37.85 20.58
N ARG D 210 -91.11 -36.73 20.23
CA ARG D 210 -92.26 -36.22 20.99
C ARG D 210 -93.15 -35.34 20.11
N VAL D 211 -94.46 -35.49 20.29
CA VAL D 211 -95.47 -34.81 19.46
C VAL D 211 -96.59 -34.20 20.31
N ARG D 212 -96.31 -33.08 20.97
CA ARG D 212 -97.30 -32.45 21.86
C ARG D 212 -98.11 -31.36 21.16
N VAL D 213 -99.42 -31.59 21.03
CA VAL D 213 -100.30 -30.65 20.34
C VAL D 213 -101.79 -30.96 20.56
N GLU D 214 -102.58 -29.91 20.74
CA GLU D 214 -104.03 -30.00 20.96
C GLU D 214 -104.77 -31.01 20.08
N TYR D 215 -105.42 -31.99 20.73
CA TYR D 215 -106.21 -33.04 20.07
C TYR D 215 -107.57 -33.21 20.77
N VAL D 216 -108.65 -32.71 20.17
CA VAL D 216 -109.99 -32.78 20.78
C VAL D 216 -110.39 -34.20 21.20
N THR D 340 -110.09 -29.07 24.16
CA THR D 340 -109.18 -29.89 23.35
C THR D 340 -108.01 -30.43 24.19
N GLU D 341 -107.67 -31.69 23.97
CA GLU D 341 -106.69 -32.41 24.81
C GLU D 341 -105.37 -32.78 24.11
N PRO D 342 -104.29 -32.02 24.35
CA PRO D 342 -103.01 -32.31 23.70
C PRO D 342 -102.32 -33.60 24.22
N LYS D 343 -102.45 -34.70 23.49
CA LYS D 343 -101.74 -35.93 23.86
C LYS D 343 -100.45 -36.10 23.07
N ASP D 344 -99.34 -36.08 23.81
CA ASP D 344 -98.00 -36.18 23.22
C ASP D 344 -97.77 -37.45 22.39
N TYR D 345 -98.05 -38.62 22.97
CA TYR D 345 -97.75 -39.91 22.35
C TYR D 345 -96.26 -40.07 22.06
N ARG D 346 -95.56 -40.81 22.93
CA ARG D 346 -94.13 -41.04 22.75
C ARG D 346 -93.84 -41.82 21.49
N VAL D 347 -93.19 -41.16 20.53
CA VAL D 347 -92.78 -41.81 19.29
C VAL D 347 -91.31 -42.21 19.38
N GLN D 348 -91.07 -43.51 19.27
CA GLN D 348 -89.73 -44.05 19.25
C GLN D 348 -89.05 -43.70 17.94
N PRO D 349 -87.71 -43.48 17.99
CA PRO D 349 -86.91 -43.08 16.82
C PRO D 349 -86.92 -44.10 15.68
N HIS D 350 -87.15 -45.37 16.02
CA HIS D 350 -87.28 -46.41 14.99
C HIS D 350 -88.65 -46.40 14.31
N MET D 351 -89.33 -45.27 14.38
CA MET D 351 -90.61 -45.08 13.73
C MET D 351 -90.59 -43.84 12.83
N ASN D 352 -91.01 -44.00 11.57
CA ASN D 352 -91.07 -42.88 10.64
C ASN D 352 -92.21 -41.92 10.98
N VAL D 353 -92.01 -40.65 10.69
CA VAL D 353 -93.04 -39.63 10.90
C VAL D 353 -93.15 -38.71 9.68
N VAL D 354 -94.24 -38.85 8.92
CA VAL D 354 -94.44 -38.00 7.76
C VAL D 354 -95.35 -36.82 8.11
N VAL D 355 -94.88 -35.96 9.01
CA VAL D 355 -95.64 -34.78 9.41
C VAL D 355 -94.74 -33.56 9.56
N PRO D 356 -95.05 -32.48 8.84
CA PRO D 356 -94.30 -31.23 8.99
C PRO D 356 -94.73 -30.48 10.24
N GLU D 357 -93.87 -29.59 10.73
CA GLU D 357 -94.21 -28.76 11.88
C GLU D 357 -95.34 -27.81 11.53
N GLY D 358 -96.37 -27.80 12.38
CA GLY D 358 -97.52 -26.94 12.14
C GLY D 358 -98.38 -27.42 10.99
N ALA D 359 -98.62 -28.72 10.94
CA ALA D 359 -99.44 -29.31 9.88
C ALA D 359 -100.91 -29.36 10.29
N ARG D 360 -101.74 -29.94 9.44
CA ARG D 360 -103.17 -30.06 9.70
C ARG D 360 -103.60 -31.53 9.67
N VAL D 361 -104.09 -32.03 10.80
CA VAL D 361 -104.51 -33.43 10.93
C VAL D 361 -105.83 -33.60 11.69
N GLU D 362 -106.74 -34.42 11.13
CA GLU D 362 -108.00 -34.76 11.79
C GLU D 362 -108.11 -36.29 11.91
N ALA D 363 -108.95 -36.74 12.83
CA ALA D 363 -109.01 -38.14 13.32
C ALA D 363 -108.88 -39.32 12.32
N GLY D 364 -108.39 -39.05 11.10
CA GLY D 364 -108.26 -40.10 10.10
C GLY D 364 -106.90 -40.22 9.43
N ASP D 365 -106.03 -39.24 9.64
CA ASP D 365 -104.72 -39.19 8.99
C ASP D 365 -103.55 -39.57 9.91
N LYS D 366 -102.93 -40.72 9.64
CA LYS D 366 -101.74 -41.18 10.36
C LYS D 366 -100.67 -40.10 10.52
N ILE D 367 -100.08 -40.03 11.70
CA ILE D 367 -99.05 -39.03 11.95
C ILE D 367 -97.65 -39.63 12.02
N VAL D 368 -97.39 -40.40 13.07
CA VAL D 368 -96.18 -41.21 13.15
C VAL D 368 -96.41 -42.50 12.37
N ALA D 369 -96.05 -42.49 11.08
CA ALA D 369 -96.19 -43.66 10.24
C ALA D 369 -94.92 -44.50 10.27
N ALA D 370 -94.77 -45.27 11.35
CA ALA D 370 -93.61 -46.13 11.58
C ALA D 370 -93.19 -46.92 10.35
N ILE D 371 -91.88 -47.17 10.23
CA ILE D 371 -91.34 -48.00 9.15
C ILE D 371 -92.05 -49.35 9.21
N ASP D 372 -92.20 -49.84 10.44
CA ASP D 372 -92.98 -51.04 10.71
C ASP D 372 -94.46 -50.71 10.78
N PRO D 373 -95.30 -51.56 10.17
CA PRO D 373 -96.76 -51.37 10.21
C PRO D 373 -97.36 -51.88 11.52
N GLU D 374 -98.67 -51.71 11.71
CA GLU D 374 -99.37 -52.13 12.91
C GLU D 374 -98.92 -51.37 14.18
N GLU D 375 -99.89 -51.09 15.04
CA GLU D 375 -99.68 -50.35 16.30
C GLU D 375 -99.29 -48.88 16.10
N GLU D 376 -98.78 -48.55 14.91
CA GLU D 376 -98.43 -47.18 14.55
C GLU D 376 -99.58 -46.22 14.82
N VAL D 377 -99.26 -45.05 15.37
CA VAL D 377 -100.29 -44.12 15.79
C VAL D 377 -101.09 -43.62 14.60
N ILE D 378 -102.39 -43.44 14.82
CA ILE D 378 -103.29 -42.88 13.84
C ILE D 378 -103.60 -41.48 14.32
N ALA D 379 -104.40 -40.75 13.54
CA ALA D 379 -104.80 -39.40 13.91
C ALA D 379 -105.64 -39.42 15.16
N GLU D 380 -105.10 -38.88 16.25
CA GLU D 380 -105.87 -38.74 17.47
C GLU D 380 -106.58 -37.40 17.45
N ALA D 381 -107.89 -37.47 17.20
CA ALA D 381 -108.75 -36.30 17.17
C ALA D 381 -108.33 -35.31 16.10
N GLU D 382 -108.67 -34.04 16.29
CA GLU D 382 -108.40 -33.01 15.29
C GLU D 382 -107.33 -32.01 15.72
N GLY D 383 -106.95 -31.13 14.79
CA GLY D 383 -106.04 -30.04 15.10
C GLY D 383 -104.74 -30.06 14.33
N VAL D 384 -103.82 -29.20 14.74
CA VAL D 384 -102.49 -29.13 14.12
C VAL D 384 -101.58 -30.21 14.72
N VAL D 385 -100.30 -30.18 14.37
CA VAL D 385 -99.30 -31.12 14.90
C VAL D 385 -97.99 -30.39 15.19
N HIS D 386 -97.29 -30.81 16.26
CA HIS D 386 -96.00 -30.25 16.60
C HIS D 386 -94.93 -31.35 16.76
N LEU D 387 -93.66 -30.95 16.71
CA LEU D 387 -92.54 -31.88 16.85
C LEU D 387 -91.59 -31.38 17.92
N HIS D 388 -91.34 -32.24 18.89
CA HIS D 388 -90.52 -31.89 20.05
C HIS D 388 -89.29 -32.80 20.16
N GLU D 389 -88.29 -32.30 20.90
CA GLU D 389 -86.99 -32.97 21.04
C GLU D 389 -86.43 -33.66 19.80
N PRO D 390 -85.95 -32.86 18.82
CA PRO D 390 -85.21 -33.39 17.68
C PRO D 390 -83.85 -33.80 18.21
N ALA D 391 -83.31 -34.92 17.73
CA ALA D 391 -82.02 -35.37 18.20
C ALA D 391 -80.92 -34.43 17.71
N SER D 392 -81.16 -33.79 16.56
CA SER D 392 -80.20 -32.83 16.02
C SER D 392 -80.87 -31.57 15.47
N ILE D 393 -80.44 -30.41 15.96
CA ILE D 393 -80.90 -29.16 15.38
C ILE D 393 -79.79 -28.56 14.53
N LEU D 394 -79.87 -28.78 13.22
CA LEU D 394 -78.80 -28.32 12.35
C LEU D 394 -79.19 -27.09 11.52
N VAL D 395 -78.36 -26.06 11.59
CA VAL D 395 -78.59 -24.86 10.81
C VAL D 395 -77.88 -24.98 9.47
N VAL D 396 -78.41 -24.28 8.47
CA VAL D 396 -77.85 -24.29 7.13
C VAL D 396 -78.00 -22.91 6.50
N LYS D 397 -76.98 -22.48 5.74
CA LYS D 397 -77.10 -21.24 4.97
C LYS D 397 -77.97 -21.46 3.73
N ALA D 398 -79.10 -22.13 3.91
CA ALA D 398 -80.09 -22.25 2.86
C ALA D 398 -81.16 -21.23 3.15
N ARG D 399 -81.96 -20.89 2.15
CA ARG D 399 -83.07 -19.98 2.38
C ARG D 399 -84.37 -20.72 2.18
N VAL D 400 -85.41 -20.29 2.89
CA VAL D 400 -86.69 -20.98 2.87
C VAL D 400 -87.68 -20.38 1.88
N TYR D 401 -88.14 -21.22 0.97
CA TYR D 401 -89.12 -20.84 -0.05
C TYR D 401 -90.23 -21.86 -0.09
N PRO D 402 -91.29 -21.61 0.68
CA PRO D 402 -92.42 -22.54 0.78
C PRO D 402 -93.21 -22.62 -0.52
N PHE D 403 -94.07 -23.63 -0.65
CA PHE D 403 -94.94 -23.76 -1.81
C PHE D 403 -96.18 -24.56 -1.45
N GLU D 404 -97.25 -24.37 -2.21
CA GLU D 404 -98.47 -25.14 -2.01
C GLU D 404 -98.65 -26.22 -3.08
N ASP D 405 -98.14 -25.93 -4.28
CA ASP D 405 -98.23 -26.86 -5.40
C ASP D 405 -97.15 -26.53 -6.43
N ASP D 406 -97.01 -27.40 -7.44
CA ASP D 406 -96.05 -27.21 -8.53
C ASP D 406 -94.59 -27.21 -8.08
N VAL D 407 -93.91 -28.33 -8.33
CA VAL D 407 -92.47 -28.44 -8.04
C VAL D 407 -91.70 -28.69 -9.34
N GLU D 408 -91.20 -27.63 -9.95
CA GLU D 408 -90.47 -27.76 -11.22
C GLU D 408 -88.99 -27.97 -11.01
N VAL D 409 -88.38 -27.11 -10.21
CA VAL D 409 -86.95 -27.23 -9.90
C VAL D 409 -86.67 -28.50 -9.11
N SER D 410 -85.82 -29.36 -9.67
CA SER D 410 -85.47 -30.63 -9.05
C SER D 410 -84.40 -30.46 -7.97
N THR D 411 -83.72 -31.54 -7.62
CA THR D 411 -82.74 -31.50 -6.54
C THR D 411 -81.29 -31.45 -7.02
N GLY D 412 -80.56 -30.42 -6.57
CA GLY D 412 -79.13 -30.36 -6.77
C GLY D 412 -78.64 -29.37 -7.82
N ASP D 413 -79.54 -28.51 -8.29
CA ASP D 413 -79.20 -27.59 -9.37
C ASP D 413 -78.98 -26.15 -8.90
N ARG D 414 -77.81 -25.60 -9.25
CA ARG D 414 -77.50 -24.21 -8.90
C ARG D 414 -78.50 -23.27 -9.54
N VAL D 415 -79.42 -22.74 -8.74
CA VAL D 415 -80.42 -21.84 -9.26
C VAL D 415 -80.05 -20.38 -9.04
N ALA D 416 -80.05 -19.61 -10.12
CA ALA D 416 -79.64 -18.22 -10.08
C ALA D 416 -80.75 -17.36 -9.47
N PRO D 417 -80.37 -16.28 -8.76
CA PRO D 417 -81.27 -15.33 -8.12
C PRO D 417 -82.35 -14.79 -9.05
N GLY D 418 -83.46 -15.52 -9.16
CA GLY D 418 -84.56 -15.10 -10.01
C GLY D 418 -85.23 -16.27 -10.70
N ASP D 419 -84.48 -17.34 -10.90
CA ASP D 419 -85.01 -18.54 -11.55
C ASP D 419 -86.14 -19.14 -10.72
N VAL D 420 -87.25 -19.43 -11.39
CA VAL D 420 -88.43 -19.96 -10.74
C VAL D 420 -88.13 -21.31 -10.08
N LEU D 421 -88.46 -21.43 -8.80
CA LEU D 421 -88.24 -22.67 -8.06
C LEU D 421 -89.50 -23.54 -8.06
N ALA D 422 -90.61 -22.96 -7.62
CA ALA D 422 -91.87 -23.69 -7.49
C ALA D 422 -93.06 -22.72 -7.61
N ASP D 423 -94.24 -23.21 -7.24
CA ASP D 423 -95.48 -22.43 -7.28
C ASP D 423 -95.80 -21.82 -8.65
N GLY D 424 -95.36 -22.49 -9.72
CA GLY D 424 -95.61 -22.02 -11.07
C GLY D 424 -94.69 -20.88 -11.44
N GLY D 425 -94.67 -19.84 -10.62
CA GLY D 425 -93.83 -18.67 -10.87
C GLY D 425 -93.74 -17.70 -9.70
N LYS D 426 -94.50 -17.95 -8.65
CA LYS D 426 -94.50 -17.06 -7.49
C LYS D 426 -93.33 -17.32 -6.55
N VAL D 427 -92.66 -18.47 -6.73
CA VAL D 427 -91.53 -18.82 -5.88
C VAL D 427 -90.23 -18.83 -6.66
N LYS D 428 -89.34 -17.89 -6.34
CA LYS D 428 -88.05 -17.78 -7.03
C LYS D 428 -86.90 -17.71 -6.04
N SER D 429 -85.76 -18.28 -6.41
CA SER D 429 -84.57 -18.26 -5.56
C SER D 429 -83.99 -16.86 -5.46
N ASP D 430 -83.06 -16.68 -4.52
CA ASP D 430 -82.39 -15.40 -4.32
C ASP D 430 -80.88 -15.60 -4.40
N VAL D 431 -80.45 -16.86 -4.38
CA VAL D 431 -79.03 -17.20 -4.45
C VAL D 431 -78.80 -18.54 -5.13
N TYR D 432 -77.58 -18.75 -5.62
CA TYR D 432 -77.20 -19.99 -6.26
C TYR D 432 -77.08 -21.13 -5.24
N GLY D 433 -76.81 -22.34 -5.72
CA GLY D 433 -76.56 -23.45 -4.84
C GLY D 433 -77.52 -24.60 -5.00
N ARG D 434 -77.24 -25.71 -4.33
CA ARG D 434 -78.08 -26.89 -4.46
C ARG D 434 -79.46 -26.65 -3.87
N VAL D 435 -80.47 -27.03 -4.64
CA VAL D 435 -81.85 -26.94 -4.20
C VAL D 435 -82.25 -28.30 -3.65
N GLU D 436 -82.48 -28.37 -2.35
CA GLU D 436 -83.00 -29.58 -1.73
C GLU D 436 -84.51 -29.50 -1.52
N VAL D 437 -85.27 -30.15 -2.39
CA VAL D 437 -86.73 -30.21 -2.24
C VAL D 437 -87.09 -31.10 -1.06
N ASP D 438 -88.05 -30.64 -0.27
CA ASP D 438 -88.53 -31.41 0.88
C ASP D 438 -90.04 -31.47 0.85
N LEU D 439 -90.57 -32.45 0.13
CA LEU D 439 -92.02 -32.65 -0.04
C LEU D 439 -92.69 -32.89 1.31
N VAL D 440 -91.93 -33.44 2.24
CA VAL D 440 -92.40 -33.70 3.61
C VAL D 440 -92.88 -32.42 4.27
N ARG D 441 -91.99 -31.42 4.34
CA ARG D 441 -92.31 -30.14 4.94
C ARG D 441 -92.94 -29.20 3.91
N ASN D 442 -93.12 -29.70 2.70
CA ASN D 442 -93.67 -28.92 1.58
C ASN D 442 -92.94 -27.59 1.35
N VAL D 443 -91.63 -27.66 1.21
CA VAL D 443 -90.81 -26.46 1.01
C VAL D 443 -89.52 -26.78 0.25
N VAL D 444 -89.18 -25.91 -0.70
CA VAL D 444 -87.94 -26.06 -1.43
C VAL D 444 -86.94 -25.00 -0.98
N ARG D 445 -85.76 -25.46 -0.59
CA ARG D 445 -84.72 -24.57 -0.10
C ARG D 445 -83.48 -24.70 -0.96
N VAL D 446 -82.64 -23.68 -0.94
CA VAL D 446 -81.40 -23.70 -1.72
C VAL D 446 -80.22 -23.27 -0.87
N VAL D 447 -79.22 -24.14 -0.75
CA VAL D 447 -78.02 -23.85 0.03
C VAL D 447 -77.13 -22.82 -0.67
N GLU D 448 -77.03 -21.64 -0.08
CA GLU D 448 -76.30 -20.53 -0.72
C GLU D 448 -74.84 -20.87 -0.93
N SER D 449 -74.50 -21.29 -2.16
CA SER D 449 -73.15 -21.69 -2.51
C SER D 449 -72.86 -21.28 -3.94
N TYR D 450 -71.58 -21.24 -4.31
CA TYR D 450 -71.27 -20.91 -5.69
C TYR D 450 -70.11 -21.73 -6.27
N ASP D 451 -69.96 -21.67 -7.57
CA ASP D 451 -68.93 -22.40 -8.29
C ASP D 451 -67.70 -21.53 -8.47
N ILE D 452 -67.24 -20.96 -7.36
CA ILE D 452 -66.10 -20.07 -7.39
C ILE D 452 -64.82 -20.81 -7.77
N ASP D 453 -64.16 -20.34 -8.84
CA ASP D 453 -62.87 -20.87 -9.23
C ASP D 453 -61.80 -20.28 -8.33
N ALA D 454 -60.84 -21.12 -7.93
CA ALA D 454 -59.95 -20.75 -6.84
C ALA D 454 -58.78 -21.70 -6.64
N ARG D 455 -57.57 -21.16 -6.70
CA ARG D 455 -56.40 -22.01 -6.65
C ARG D 455 -55.45 -21.64 -5.51
N MET D 456 -54.36 -22.38 -5.41
CA MET D 456 -53.38 -22.17 -4.37
C MET D 456 -51.98 -22.31 -4.96
N GLY D 457 -50.99 -21.80 -4.23
CA GLY D 457 -49.63 -21.92 -4.68
C GLY D 457 -49.35 -21.11 -5.94
N ALA D 458 -48.47 -21.61 -6.78
CA ALA D 458 -47.98 -20.87 -7.94
C ALA D 458 -48.83 -21.06 -9.20
N GLU D 459 -49.50 -22.21 -9.32
CA GLU D 459 -50.38 -22.41 -10.47
C GLU D 459 -51.56 -21.45 -10.36
N ALA D 460 -51.84 -21.04 -9.13
CA ALA D 460 -52.85 -20.02 -8.85
C ALA D 460 -52.44 -18.70 -9.48
N ILE D 461 -51.18 -18.35 -9.33
CA ILE D 461 -50.69 -17.06 -9.82
C ILE D 461 -50.43 -17.08 -11.33
N GLN D 462 -49.90 -18.18 -11.82
CA GLN D 462 -49.51 -18.31 -13.23
C GLN D 462 -50.66 -18.03 -14.17
N GLN D 463 -51.79 -18.69 -13.93
CA GLN D 463 -52.95 -18.55 -14.80
C GLN D 463 -53.46 -17.11 -14.74
N LEU D 464 -53.42 -16.53 -13.55
CA LEU D 464 -53.84 -15.15 -13.34
C LEU D 464 -52.91 -14.19 -14.07
N LEU D 465 -51.67 -14.62 -14.27
CA LEU D 465 -50.69 -13.83 -15.00
C LEU D 465 -50.96 -13.94 -16.49
N LYS D 466 -51.37 -15.12 -16.93
CA LYS D 466 -51.77 -15.32 -18.32
C LYS D 466 -52.96 -14.43 -18.64
N GLU D 467 -53.97 -14.45 -17.77
CA GLU D 467 -55.19 -13.68 -17.98
C GLU D 467 -54.96 -12.17 -17.99
N LEU D 468 -53.85 -11.71 -17.41
CA LEU D 468 -53.60 -10.28 -17.32
C LEU D 468 -53.36 -9.66 -18.69
N ASP D 469 -54.29 -8.81 -19.11
CA ASP D 469 -54.17 -8.15 -20.39
C ASP D 469 -53.31 -6.90 -20.28
N LEU D 470 -52.11 -6.98 -20.85
CA LEU D 470 -51.13 -5.91 -20.79
C LEU D 470 -51.64 -4.68 -21.53
N GLU D 471 -52.52 -4.90 -22.50
CA GLU D 471 -53.07 -3.84 -23.33
C GLU D 471 -53.98 -2.87 -22.56
N ALA D 472 -55.12 -3.38 -22.09
CA ALA D 472 -56.14 -2.57 -21.42
C ALA D 472 -55.58 -1.87 -20.18
N LEU D 473 -54.76 -2.59 -19.43
CA LEU D 473 -54.16 -2.09 -18.22
C LEU D 473 -53.30 -0.86 -18.49
N GLU D 474 -52.64 -0.87 -19.65
CA GLU D 474 -51.79 0.24 -20.05
C GLU D 474 -52.57 1.55 -20.19
N LYS D 475 -53.72 1.49 -20.86
CA LYS D 475 -54.57 2.67 -20.99
C LYS D 475 -55.17 3.05 -19.63
N GLU D 476 -55.70 2.05 -18.92
CA GLU D 476 -56.31 2.25 -17.60
C GLU D 476 -55.41 3.02 -16.65
N LEU D 477 -54.14 2.61 -16.61
CA LEU D 477 -53.14 3.30 -15.80
C LEU D 477 -52.70 4.60 -16.43
N LEU D 478 -52.72 4.65 -17.75
CA LEU D 478 -52.32 5.85 -18.47
C LEU D 478 -53.24 7.00 -18.06
N GLU D 479 -54.49 6.66 -17.75
CA GLU D 479 -55.43 7.63 -17.19
C GLU D 479 -55.24 7.72 -15.68
N GLU D 480 -54.96 6.58 -15.05
CA GLU D 480 -54.81 6.50 -13.59
C GLU D 480 -53.60 7.30 -13.10
N MET D 481 -52.71 7.66 -14.02
CA MET D 481 -51.49 8.38 -13.69
C MET D 481 -51.72 9.88 -13.67
N LYS D 482 -52.63 10.35 -14.53
CA LYS D 482 -52.88 11.77 -14.72
C LYS D 482 -54.06 12.31 -13.90
N HIS D 483 -55.26 11.82 -14.21
CA HIS D 483 -56.49 12.31 -13.57
C HIS D 483 -56.45 12.25 -12.03
N PRO D 484 -56.08 11.08 -11.45
CA PRO D 484 -55.98 11.03 -9.99
C PRO D 484 -54.90 11.93 -9.41
N SER D 485 -54.94 12.10 -8.09
CA SER D 485 -53.96 12.91 -7.39
C SER D 485 -52.72 12.10 -7.01
N ARG D 486 -51.95 12.64 -6.06
CA ARG D 486 -50.68 12.05 -5.66
C ARG D 486 -50.86 10.69 -5.01
N ALA D 487 -52.05 10.47 -4.46
CA ALA D 487 -52.39 9.21 -3.79
C ALA D 487 -52.27 8.01 -4.73
N ARG D 488 -52.83 8.15 -5.92
CA ARG D 488 -52.84 7.05 -6.89
C ARG D 488 -51.71 7.22 -7.93
N ARG D 489 -51.15 8.43 -7.95
CA ARG D 489 -50.07 8.78 -8.89
C ARG D 489 -48.82 7.94 -8.72
N ALA D 490 -48.29 7.88 -7.50
CA ALA D 490 -47.09 7.11 -7.22
C ALA D 490 -47.32 5.63 -7.47
N LYS D 491 -48.57 5.20 -7.29
CA LYS D 491 -48.99 3.84 -7.60
C LYS D 491 -48.81 3.57 -9.10
N ALA D 492 -49.63 4.23 -9.92
CA ALA D 492 -49.59 4.03 -11.38
C ALA D 492 -48.20 4.34 -11.98
N ARG D 493 -47.44 5.17 -11.28
CA ARG D 493 -46.12 5.59 -11.73
C ARG D 493 -45.21 4.38 -11.91
N LYS D 494 -44.93 3.72 -10.79
CA LYS D 494 -44.12 2.51 -10.80
C LYS D 494 -44.85 1.35 -11.46
N ARG D 495 -46.18 1.36 -11.39
CA ARG D 495 -46.94 0.24 -11.91
C ARG D 495 -46.91 0.13 -13.44
N LEU D 496 -47.10 1.25 -14.13
CA LEU D 496 -47.17 1.24 -15.59
C LEU D 496 -45.85 0.82 -16.24
N GLU D 497 -44.74 1.29 -15.71
CA GLU D 497 -43.42 1.03 -16.28
C GLU D 497 -43.11 -0.45 -16.37
N VAL D 498 -43.63 -1.20 -15.41
CA VAL D 498 -43.45 -2.64 -15.35
C VAL D 498 -44.06 -3.31 -16.59
N VAL D 499 -45.37 -3.18 -16.73
CA VAL D 499 -46.09 -3.74 -17.87
C VAL D 499 -45.51 -3.23 -19.19
N ARG D 500 -45.30 -1.93 -19.25
CA ARG D 500 -44.69 -1.29 -20.42
C ARG D 500 -43.38 -2.00 -20.77
N ALA D 501 -42.64 -2.41 -19.74
CA ALA D 501 -41.39 -3.13 -19.94
C ALA D 501 -41.66 -4.54 -20.47
N PHE D 502 -42.76 -5.16 -20.06
CA PHE D 502 -43.09 -6.50 -20.55
C PHE D 502 -43.59 -6.49 -22.00
N LEU D 503 -44.15 -5.36 -22.40
CA LEU D 503 -44.65 -5.23 -23.77
C LEU D 503 -43.48 -5.15 -24.75
N ASP D 504 -42.58 -4.20 -24.54
CA ASP D 504 -41.44 -4.03 -25.44
C ASP D 504 -40.34 -5.03 -25.13
N SER D 505 -40.69 -6.31 -25.11
CA SER D 505 -39.76 -7.34 -24.63
C SER D 505 -39.88 -8.62 -25.45
N GLY D 506 -41.11 -9.13 -25.53
CA GLY D 506 -41.37 -10.39 -26.21
C GLY D 506 -41.49 -11.52 -25.20
N ASN D 507 -41.36 -11.19 -23.93
CA ASN D 507 -41.50 -12.18 -22.87
C ASN D 507 -42.74 -11.92 -22.00
N ARG D 508 -43.78 -12.72 -22.21
CA ARG D 508 -45.01 -12.59 -21.45
C ARG D 508 -44.73 -12.82 -19.96
N PRO D 509 -45.51 -12.14 -19.08
CA PRO D 509 -45.32 -12.25 -17.63
C PRO D 509 -45.68 -13.63 -17.08
N GLU D 510 -46.28 -14.47 -17.92
CA GLU D 510 -46.55 -15.84 -17.53
C GLU D 510 -45.24 -16.63 -17.39
N TRP D 511 -44.19 -16.16 -18.09
CA TRP D 511 -42.91 -16.86 -18.07
C TRP D 511 -42.20 -16.76 -16.72
N MET D 512 -42.66 -15.87 -15.85
CA MET D 512 -42.03 -15.69 -14.54
C MET D 512 -42.09 -16.97 -13.70
N ILE D 513 -43.26 -17.58 -13.65
CA ILE D 513 -43.39 -18.88 -13.00
C ILE D 513 -42.78 -19.91 -13.92
N LEU D 514 -41.68 -20.51 -13.50
CA LEU D 514 -41.04 -21.54 -14.30
C LEU D 514 -41.55 -22.90 -13.84
N GLU D 515 -41.95 -23.74 -14.79
CA GLU D 515 -42.39 -25.08 -14.45
C GLU D 515 -41.30 -26.11 -14.77
N ALA D 516 -40.24 -25.64 -15.42
CA ALA D 516 -39.08 -26.48 -15.65
C ALA D 516 -37.85 -25.81 -15.06
N VAL D 517 -37.12 -26.56 -14.24
CA VAL D 517 -35.94 -26.05 -13.57
C VAL D 517 -34.68 -26.43 -14.33
N PRO D 518 -33.97 -25.41 -14.87
CA PRO D 518 -32.71 -25.60 -15.57
C PRO D 518 -31.60 -26.00 -14.60
N VAL D 519 -30.96 -27.13 -14.88
CA VAL D 519 -29.87 -27.58 -14.04
C VAL D 519 -28.51 -27.21 -14.64
N LEU D 520 -27.64 -26.65 -13.80
CA LEU D 520 -26.30 -26.24 -14.19
C LEU D 520 -25.49 -27.44 -14.65
N PRO D 521 -24.54 -27.22 -15.57
CA PRO D 521 -23.59 -28.26 -15.98
C PRO D 521 -22.70 -28.77 -14.83
N PRO D 522 -22.19 -30.02 -14.96
CA PRO D 522 -21.29 -30.68 -14.01
C PRO D 522 -20.11 -29.86 -13.48
N ASP D 523 -19.00 -29.81 -14.21
CA ASP D 523 -17.74 -29.26 -13.70
C ASP D 523 -17.87 -27.87 -13.07
N LEU D 524 -18.89 -27.13 -13.49
CA LEU D 524 -19.24 -25.88 -12.84
C LEU D 524 -19.65 -26.15 -11.39
N ARG D 525 -19.97 -27.41 -11.10
CA ARG D 525 -20.28 -27.88 -9.75
C ARG D 525 -19.48 -29.15 -9.50
N PRO D 526 -18.20 -28.99 -9.15
CA PRO D 526 -17.28 -30.13 -9.11
C PRO D 526 -17.49 -31.06 -7.92
N MET D 527 -17.87 -32.30 -8.20
CA MET D 527 -17.91 -33.38 -7.21
C MET D 527 -16.53 -34.03 -7.21
N VAL D 528 -15.59 -33.44 -6.47
CA VAL D 528 -14.18 -33.82 -6.62
C VAL D 528 -13.49 -34.31 -5.34
N GLN D 529 -12.79 -35.43 -5.47
CA GLN D 529 -11.93 -35.95 -4.40
C GLN D 529 -10.80 -34.97 -4.11
N VAL D 530 -10.64 -34.61 -2.83
CA VAL D 530 -9.63 -33.65 -2.41
C VAL D 530 -8.33 -34.32 -1.97
N ASP D 531 -8.30 -34.80 -0.73
CA ASP D 531 -7.14 -35.52 -0.20
C ASP D 531 -7.52 -36.51 0.90
N GLY D 532 -6.82 -37.64 0.93
CA GLY D 532 -7.13 -38.74 1.83
C GLY D 532 -8.39 -39.47 1.39
N GLY D 533 -9.35 -38.73 0.85
CA GLY D 533 -10.62 -39.28 0.47
C GLY D 533 -11.73 -38.27 0.74
N ARG D 534 -11.33 -37.06 1.10
CA ARG D 534 -12.28 -35.97 1.32
C ARG D 534 -12.89 -35.55 -0.02
N PHE D 535 -14.19 -35.34 -0.03
CA PHE D 535 -14.85 -34.96 -1.27
C PHE D 535 -15.46 -33.57 -1.17
N ALA D 536 -14.89 -32.62 -1.91
CA ALA D 536 -15.48 -31.31 -2.04
C ALA D 536 -16.49 -31.31 -3.19
N THR D 537 -17.76 -31.20 -2.84
CA THR D 537 -18.81 -30.96 -3.81
C THR D 537 -19.37 -29.56 -3.55
N SER D 538 -19.50 -28.78 -4.62
CA SER D 538 -20.07 -27.44 -4.49
C SER D 538 -21.48 -27.60 -3.96
N ASP D 539 -21.85 -26.72 -3.03
CA ASP D 539 -23.14 -26.78 -2.35
C ASP D 539 -24.33 -26.96 -3.29
N LEU D 540 -24.14 -26.61 -4.56
CA LEU D 540 -25.16 -26.78 -5.57
C LEU D 540 -25.65 -28.22 -5.71
N ASN D 541 -24.77 -29.21 -5.70
CA ASN D 541 -25.23 -30.60 -5.71
C ASN D 541 -26.17 -30.88 -4.53
N ASP D 542 -25.75 -30.47 -3.33
CA ASP D 542 -26.57 -30.64 -2.14
C ASP D 542 -27.95 -29.98 -2.28
N LEU D 543 -27.99 -28.83 -2.97
CA LEU D 543 -29.26 -28.14 -3.21
C LEU D 543 -30.13 -28.86 -4.25
N TYR D 544 -29.53 -29.27 -5.36
CA TYR D 544 -30.22 -30.00 -6.41
C TYR D 544 -30.71 -31.34 -5.87
N ARG D 545 -30.13 -31.81 -4.78
CA ARG D 545 -30.50 -33.11 -4.21
C ARG D 545 -31.92 -33.09 -3.64
N ARG D 546 -32.16 -32.23 -2.66
CA ARG D 546 -33.47 -32.13 -2.02
C ARG D 546 -34.57 -31.71 -3.01
N LEU D 547 -34.17 -31.02 -4.07
CA LEU D 547 -35.11 -30.56 -5.09
C LEU D 547 -35.73 -31.75 -5.78
N ILE D 548 -34.88 -32.68 -6.20
CA ILE D 548 -35.35 -33.92 -6.80
C ILE D 548 -36.11 -34.72 -5.75
N ASN D 549 -35.59 -34.77 -4.53
CA ASN D 549 -36.27 -35.52 -3.46
C ASN D 549 -37.73 -35.12 -3.28
N ARG D 550 -38.00 -33.82 -3.33
CA ARG D 550 -39.36 -33.33 -3.15
C ARG D 550 -40.16 -33.46 -4.43
N ASN D 551 -39.53 -33.09 -5.54
CA ASN D 551 -40.18 -33.17 -6.85
C ASN D 551 -40.72 -34.57 -7.16
N ASN D 552 -39.86 -35.57 -7.05
CA ASN D 552 -40.28 -36.95 -7.30
C ASN D 552 -41.31 -37.41 -6.28
N ARG D 553 -41.17 -36.92 -5.05
CA ARG D 553 -42.13 -37.24 -4.02
C ARG D 553 -43.47 -36.60 -4.31
N LEU D 554 -43.48 -35.60 -5.19
CA LEU D 554 -44.70 -34.91 -5.55
C LEU D 554 -45.35 -35.58 -6.75
N LYS D 555 -44.55 -35.87 -7.78
CA LYS D 555 -45.08 -36.51 -8.99
C LYS D 555 -45.62 -37.92 -8.72
N LYS D 556 -44.89 -38.70 -7.92
CA LYS D 556 -45.31 -40.05 -7.55
C LYS D 556 -46.56 -40.01 -6.69
N LEU D 557 -46.65 -38.97 -5.87
CA LEU D 557 -47.73 -38.81 -4.92
C LEU D 557 -49.08 -38.70 -5.63
N LEU D 558 -49.14 -37.84 -6.65
CA LEU D 558 -50.35 -37.65 -7.43
C LEU D 558 -50.88 -38.94 -8.06
N ALA D 559 -50.02 -39.95 -8.16
CA ALA D 559 -50.43 -41.23 -8.73
C ALA D 559 -51.21 -42.09 -7.73
N GLN D 560 -50.57 -42.43 -6.62
CA GLN D 560 -51.19 -43.32 -5.62
C GLN D 560 -52.47 -42.73 -5.02
N GLY D 561 -52.33 -41.80 -4.08
CA GLY D 561 -53.48 -41.13 -3.48
C GLY D 561 -53.46 -39.67 -3.87
N ALA D 562 -54.22 -38.84 -3.16
CA ALA D 562 -54.16 -37.40 -3.37
C ALA D 562 -54.68 -36.55 -2.21
N PRO D 563 -54.16 -36.77 -0.99
CA PRO D 563 -54.74 -35.98 0.10
C PRO D 563 -54.39 -34.48 -0.01
N GLU D 564 -55.26 -33.63 0.54
CA GLU D 564 -55.08 -32.19 0.46
C GLU D 564 -53.91 -31.72 1.31
N ILE D 565 -53.89 -32.15 2.56
CA ILE D 565 -52.79 -31.81 3.44
C ILE D 565 -51.48 -32.35 2.89
N ILE D 566 -51.46 -33.63 2.60
CA ILE D 566 -50.28 -34.27 2.04
C ILE D 566 -49.77 -33.52 0.81
N ILE D 567 -50.61 -33.47 -0.22
CA ILE D 567 -50.21 -32.88 -1.49
C ILE D 567 -49.89 -31.39 -1.40
N ARG D 568 -50.75 -30.62 -0.73
CA ARG D 568 -50.52 -29.19 -0.60
C ARG D 568 -49.22 -28.90 0.12
N ASN D 569 -49.06 -29.51 1.30
CA ASN D 569 -47.83 -29.37 2.07
C ASN D 569 -46.64 -29.72 1.17
N GLU D 570 -46.82 -30.74 0.35
CA GLU D 570 -45.79 -31.13 -0.62
C GLU D 570 -45.49 -30.00 -1.60
N LYS D 571 -46.53 -29.33 -2.11
CA LYS D 571 -46.36 -28.24 -3.06
C LYS D 571 -45.56 -27.12 -2.42
N ARG D 572 -45.90 -26.81 -1.17
CA ARG D 572 -45.21 -25.77 -0.43
C ARG D 572 -43.73 -26.13 -0.27
N MET D 573 -43.48 -27.38 0.11
CA MET D 573 -42.13 -27.89 0.28
C MET D 573 -41.32 -27.77 -1.02
N LEU D 574 -41.97 -28.01 -2.16
CA LEU D 574 -41.31 -27.90 -3.45
C LEU D 574 -40.98 -26.46 -3.77
N GLN D 575 -41.97 -25.59 -3.61
CA GLN D 575 -41.83 -24.17 -3.89
C GLN D 575 -40.72 -23.55 -3.05
N GLU D 576 -40.53 -24.07 -1.85
CA GLU D 576 -39.47 -23.60 -0.98
C GLU D 576 -38.11 -24.20 -1.36
N ALA D 577 -38.10 -25.50 -1.62
CA ALA D 577 -36.89 -26.21 -2.02
C ALA D 577 -36.27 -25.65 -3.31
N VAL D 578 -37.09 -25.20 -4.24
CA VAL D 578 -36.57 -24.61 -5.48
C VAL D 578 -36.06 -23.19 -5.23
N ASP D 579 -36.73 -22.47 -4.34
CA ASP D 579 -36.27 -21.14 -3.94
C ASP D 579 -34.89 -21.22 -3.32
N ALA D 580 -34.65 -22.28 -2.55
CA ALA D 580 -33.36 -22.51 -1.91
C ALA D 580 -32.27 -22.59 -2.96
N LEU D 581 -32.56 -23.28 -4.05
CA LEU D 581 -31.65 -23.40 -5.18
C LEU D 581 -31.46 -22.07 -5.89
N LEU D 582 -32.52 -21.28 -5.96
CA LEU D 582 -32.42 -20.03 -6.70
C LEU D 582 -31.75 -18.93 -5.88
N ASP D 583 -32.44 -18.44 -4.85
CA ASP D 583 -31.90 -17.38 -4.01
C ASP D 583 -32.04 -17.75 -2.54
N ASN D 584 -31.02 -18.41 -2.01
CA ASN D 584 -31.05 -18.85 -0.63
C ASN D 584 -30.89 -17.68 0.34
N GLY D 585 -31.70 -17.65 1.38
CA GLY D 585 -31.58 -16.60 2.39
C GLY D 585 -32.77 -15.68 2.44
N ARG D 586 -33.75 -15.93 1.57
CA ARG D 586 -34.96 -15.12 1.54
C ARG D 586 -36.06 -15.73 2.41
N ARG D 587 -35.93 -17.02 2.71
CA ARG D 587 -36.84 -17.68 3.64
C ARG D 587 -36.09 -18.64 4.54
N GLY D 588 -35.79 -18.20 5.75
CA GLY D 588 -34.98 -18.99 6.67
C GLY D 588 -33.59 -19.15 6.09
N ALA D 589 -33.02 -20.34 6.25
CA ALA D 589 -31.73 -20.65 5.64
C ALA D 589 -31.49 -22.15 5.67
N PRO D 590 -31.77 -22.83 4.55
CA PRO D 590 -31.50 -24.26 4.36
C PRO D 590 -30.07 -24.60 4.73
N VAL D 591 -29.91 -25.54 5.65
CA VAL D 591 -28.58 -25.91 6.12
C VAL D 591 -28.35 -27.41 5.98
N THR D 592 -27.11 -27.78 5.71
CA THR D 592 -26.72 -29.17 5.77
C THR D 592 -26.82 -29.57 7.23
N ASN D 593 -27.33 -30.78 7.48
CA ASN D 593 -27.52 -31.31 8.82
C ASN D 593 -26.34 -31.04 9.76
N PRO D 594 -26.65 -30.80 11.06
CA PRO D 594 -25.71 -30.37 12.12
C PRO D 594 -24.24 -30.71 11.88
N GLY D 595 -23.52 -29.73 11.35
CA GLY D 595 -22.09 -29.84 11.07
C GLY D 595 -21.59 -28.49 10.62
N SER D 596 -22.47 -27.76 9.94
CA SER D 596 -22.19 -26.40 9.50
C SER D 596 -23.51 -25.64 9.33
N ASP D 597 -23.72 -24.65 10.19
CA ASP D 597 -24.95 -23.85 10.16
C ASP D 597 -24.98 -22.89 9.00
N ARG D 598 -23.94 -22.95 8.17
CA ARG D 598 -23.83 -22.06 7.02
C ARG D 598 -24.91 -22.39 5.99
N PRO D 599 -25.39 -21.37 5.28
CA PRO D 599 -26.32 -21.61 4.18
C PRO D 599 -25.55 -22.09 2.96
N LEU D 600 -26.15 -22.98 2.17
CA LEU D 600 -25.55 -23.45 0.93
C LEU D 600 -25.51 -22.32 -0.09
N ARG D 601 -24.36 -22.12 -0.72
CA ARG D 601 -24.22 -21.02 -1.67
C ARG D 601 -25.13 -21.22 -2.86
N SER D 602 -26.23 -20.46 -2.90
CA SER D 602 -27.20 -20.58 -3.97
C SER D 602 -26.67 -20.01 -5.27
N LEU D 603 -27.37 -20.30 -6.36
CA LEU D 603 -27.04 -19.78 -7.68
C LEU D 603 -26.95 -18.25 -7.69
N THR D 604 -27.75 -17.60 -6.85
CA THR D 604 -27.71 -16.13 -6.77
C THR D 604 -26.38 -15.67 -6.16
N ASP D 605 -25.86 -16.45 -5.23
CA ASP D 605 -24.60 -16.13 -4.55
C ASP D 605 -23.37 -16.43 -5.42
N ILE D 606 -23.56 -17.25 -6.44
CA ILE D 606 -22.47 -17.63 -7.34
C ILE D 606 -22.09 -16.45 -8.24
N LEU D 607 -22.88 -15.38 -8.13
CA LEU D 607 -22.68 -14.19 -8.94
C LEU D 607 -22.46 -12.95 -8.08
N SER D 608 -23.44 -12.61 -7.25
CA SER D 608 -23.36 -11.44 -6.38
C SER D 608 -22.35 -11.63 -5.25
N GLY D 609 -21.51 -10.62 -5.02
CA GLY D 609 -20.52 -10.67 -3.97
C GLY D 609 -19.10 -10.46 -4.46
N LYS D 610 -18.19 -10.15 -3.52
CA LYS D 610 -16.79 -9.88 -3.83
C LYS D 610 -16.14 -10.98 -4.65
N GLN D 611 -16.45 -12.23 -4.31
CA GLN D 611 -15.87 -13.39 -4.98
C GLN D 611 -16.94 -14.07 -5.83
N GLY D 612 -17.46 -13.31 -6.80
CA GLY D 612 -18.54 -13.80 -7.64
C GLY D 612 -18.15 -13.95 -9.10
N ARG D 613 -19.10 -13.66 -9.98
CA ARG D 613 -18.86 -13.76 -11.41
C ARG D 613 -19.10 -12.39 -12.03
N PHE D 614 -19.30 -11.38 -11.18
CA PHE D 614 -19.41 -10.02 -11.66
C PHE D 614 -18.25 -9.17 -11.15
N ARG D 615 -17.99 -9.26 -9.85
CA ARG D 615 -16.85 -8.58 -9.25
C ARG D 615 -15.57 -9.38 -9.53
N GLN D 616 -15.73 -10.46 -10.28
CA GLN D 616 -14.67 -11.43 -10.52
C GLN D 616 -13.44 -10.82 -11.20
N ASN D 617 -13.50 -10.71 -12.52
CA ASN D 617 -12.37 -10.22 -13.30
C ASN D 617 -12.00 -8.77 -13.01
N LEU D 618 -12.98 -8.00 -12.54
CA LEU D 618 -12.80 -6.56 -12.38
C LEU D 618 -11.68 -6.19 -11.45
N LEU D 619 -11.56 -6.94 -10.36
CA LEU D 619 -10.62 -6.57 -9.32
C LEU D 619 -9.66 -7.69 -8.95
N GLY D 620 -10.03 -8.93 -9.27
CA GLY D 620 -9.29 -10.08 -8.80
C GLY D 620 -8.32 -10.68 -9.79
N LYS D 621 -8.24 -12.01 -9.77
CA LYS D 621 -7.38 -12.79 -10.66
C LYS D 621 -5.90 -12.69 -10.32
N ARG D 622 -5.29 -13.83 -9.98
CA ARG D 622 -3.85 -13.90 -9.75
C ARG D 622 -3.16 -14.36 -11.01
N VAL D 623 -2.18 -13.59 -11.45
CA VAL D 623 -1.50 -13.89 -12.70
C VAL D 623 -0.54 -15.05 -12.53
N ASP D 624 -0.20 -15.68 -13.64
CA ASP D 624 0.63 -16.87 -13.61
C ASP D 624 2.10 -16.53 -13.71
N TYR D 625 2.57 -16.30 -14.94
CA TYR D 625 3.97 -16.01 -15.19
C TYR D 625 4.34 -14.65 -14.57
N SER D 626 4.85 -14.67 -13.34
CA SER D 626 5.09 -13.43 -12.60
C SER D 626 6.01 -13.58 -11.39
N GLY D 627 6.21 -12.46 -10.67
CA GLY D 627 6.99 -12.47 -9.45
C GLY D 627 7.09 -11.09 -8.79
N ARG D 628 8.00 -10.94 -7.83
CA ARG D 628 8.25 -9.66 -7.19
C ARG D 628 9.50 -9.67 -6.32
N SER D 629 10.05 -8.48 -6.05
CA SER D 629 11.18 -8.35 -5.12
C SER D 629 11.43 -6.91 -4.66
N VAL D 630 12.54 -6.70 -3.97
CA VAL D 630 12.88 -5.37 -3.45
C VAL D 630 13.57 -4.54 -4.52
N ILE D 631 13.16 -3.30 -4.67
CA ILE D 631 13.75 -2.45 -5.70
C ILE D 631 15.07 -1.85 -5.23
N VAL D 632 15.97 -1.65 -6.19
CA VAL D 632 17.31 -1.15 -5.94
C VAL D 632 17.62 -0.18 -7.08
N VAL D 633 18.47 0.82 -6.87
CA VAL D 633 18.84 1.70 -7.97
C VAL D 633 19.59 0.88 -9.04
N GLY D 634 19.44 1.28 -10.31
CA GLY D 634 20.07 0.58 -11.41
C GLY D 634 20.87 1.55 -12.28
N PRO D 635 22.04 1.95 -11.79
CA PRO D 635 22.85 2.99 -12.42
C PRO D 635 23.34 2.61 -13.82
N GLN D 636 23.89 1.41 -13.96
CA GLN D 636 24.52 1.03 -15.21
C GLN D 636 23.57 0.37 -16.19
N LEU D 637 22.46 1.05 -16.46
CA LEU D 637 21.51 0.59 -17.45
C LEU D 637 20.61 1.74 -17.88
N LYS D 638 19.99 1.61 -19.05
CA LYS D 638 19.23 2.69 -19.64
C LYS D 638 17.74 2.54 -19.35
N LEU D 639 16.96 3.56 -19.73
CA LEU D 639 15.51 3.53 -19.58
C LEU D 639 14.93 2.30 -20.25
N HIS D 640 15.50 1.97 -21.40
CA HIS D 640 15.04 0.87 -22.23
C HIS D 640 15.02 -0.46 -21.48
N GLN D 641 15.72 -0.52 -20.36
CA GLN D 641 15.94 -1.79 -19.69
C GLN D 641 15.85 -1.69 -18.18
N CYS D 642 15.92 -2.85 -17.53
CA CYS D 642 15.92 -2.91 -16.07
C CYS D 642 16.69 -4.15 -15.62
N GLY D 643 17.06 -4.16 -14.34
CA GLY D 643 17.79 -5.27 -13.77
C GLY D 643 16.86 -6.23 -13.07
N LEU D 644 16.93 -7.49 -13.49
CA LEU D 644 16.09 -8.54 -12.97
C LEU D 644 16.99 -9.73 -12.67
N PRO D 645 17.06 -10.15 -11.40
CA PRO D 645 17.97 -11.20 -10.93
C PRO D 645 17.86 -12.53 -11.68
N LYS D 646 18.98 -13.25 -11.79
CA LYS D 646 19.09 -14.48 -12.57
C LYS D 646 17.97 -15.48 -12.31
N ARG D 647 17.79 -15.83 -11.05
CA ARG D 647 16.80 -16.83 -10.66
C ARG D 647 15.43 -16.50 -11.24
N MET D 648 15.03 -15.24 -11.13
CA MET D 648 13.75 -14.80 -11.65
C MET D 648 13.67 -14.94 -13.16
N ALA D 649 14.70 -14.44 -13.85
CA ALA D 649 14.76 -14.53 -15.30
C ALA D 649 14.63 -15.98 -15.76
N LEU D 650 15.23 -16.90 -15.02
CA LEU D 650 15.14 -18.30 -15.36
C LEU D 650 13.73 -18.83 -15.11
N GLU D 651 13.21 -18.61 -13.91
CA GLU D 651 11.90 -19.16 -13.55
C GLU D 651 10.78 -18.63 -14.43
N LEU D 652 10.65 -17.31 -14.52
CA LEU D 652 9.66 -16.64 -15.36
C LEU D 652 9.66 -17.14 -16.80
N PHE D 653 10.85 -17.26 -17.37
CA PHE D 653 10.97 -17.67 -18.76
C PHE D 653 11.34 -19.16 -18.87
N LYS D 654 10.66 -20.00 -18.10
CA LYS D 654 10.98 -21.43 -18.09
C LYS D 654 10.74 -22.18 -19.41
N PRO D 655 9.51 -22.11 -19.98
CA PRO D 655 9.21 -22.91 -21.17
C PRO D 655 9.97 -22.49 -22.44
N PHE D 656 10.07 -21.17 -22.65
CA PHE D 656 10.86 -20.62 -23.74
C PHE D 656 12.27 -21.21 -23.67
N LEU D 657 12.84 -21.15 -22.46
CA LEU D 657 14.17 -21.68 -22.20
C LEU D 657 14.23 -23.19 -22.46
N LEU D 658 13.12 -23.88 -22.21
CA LEU D 658 13.07 -25.31 -22.51
C LEU D 658 13.22 -25.54 -24.00
N LYS D 659 12.37 -24.88 -24.80
CA LYS D 659 12.41 -25.08 -26.25
C LYS D 659 13.77 -24.68 -26.84
N LYS D 660 14.31 -23.54 -26.40
CA LYS D 660 15.61 -23.09 -26.87
C LYS D 660 16.73 -24.03 -26.42
N MET D 661 16.52 -24.71 -25.30
CA MET D 661 17.47 -25.73 -24.87
C MET D 661 17.38 -26.95 -25.76
N GLU D 662 16.20 -27.19 -26.33
CA GLU D 662 16.05 -28.27 -27.28
C GLU D 662 16.66 -27.93 -28.63
N GLU D 663 16.54 -26.67 -29.03
CA GLU D 663 17.06 -26.23 -30.33
C GLU D 663 18.57 -26.37 -30.41
N LYS D 664 19.22 -26.39 -29.25
CA LYS D 664 20.67 -26.49 -29.21
C LYS D 664 21.08 -27.76 -28.47
N GLY D 665 22.38 -27.93 -28.26
CA GLY D 665 22.89 -29.12 -27.62
C GLY D 665 22.90 -29.04 -26.10
N ILE D 666 21.80 -28.55 -25.54
CA ILE D 666 21.71 -28.38 -24.10
C ILE D 666 20.87 -29.48 -23.47
N ALA D 667 19.95 -30.02 -24.26
CA ALA D 667 19.09 -31.10 -23.80
C ALA D 667 18.53 -31.86 -24.99
N PRO D 668 18.37 -33.19 -24.85
CA PRO D 668 17.80 -34.06 -25.89
C PRO D 668 16.41 -33.59 -26.32
N ASN D 669 15.45 -33.63 -25.41
CA ASN D 669 14.10 -33.16 -25.70
C ASN D 669 13.53 -32.29 -24.60
N VAL D 670 12.25 -31.97 -24.72
CA VAL D 670 11.57 -31.07 -23.79
C VAL D 670 11.66 -31.57 -22.34
N LYS D 671 11.26 -32.82 -22.13
CA LYS D 671 11.21 -33.42 -20.80
C LYS D 671 12.56 -33.48 -20.12
N ALA D 672 13.58 -33.88 -20.88
CA ALA D 672 14.95 -33.94 -20.39
C ALA D 672 15.43 -32.57 -19.96
N ALA D 673 14.92 -31.55 -20.63
CA ALA D 673 15.25 -30.17 -20.30
C ALA D 673 14.48 -29.74 -19.06
N ARG D 674 13.28 -30.30 -18.90
CA ARG D 674 12.46 -30.03 -17.72
C ARG D 674 13.15 -30.58 -16.48
N ARG D 675 13.70 -31.79 -16.60
CA ARG D 675 14.44 -32.42 -15.52
C ARG D 675 15.82 -31.78 -15.37
N MET D 676 16.27 -31.16 -16.45
CA MET D 676 17.56 -30.48 -16.48
C MET D 676 17.60 -29.31 -15.51
N LEU D 677 16.45 -28.69 -15.26
CA LEU D 677 16.42 -27.53 -14.36
C LEU D 677 15.81 -27.87 -13.00
N GLU D 678 15.63 -29.16 -12.74
CA GLU D 678 14.95 -29.62 -11.53
C GLU D 678 15.65 -29.20 -10.24
N ARG D 679 16.90 -29.63 -10.09
CA ARG D 679 17.69 -29.24 -8.93
C ARG D 679 18.47 -27.96 -9.25
N GLN D 680 18.74 -27.17 -8.22
CA GLN D 680 19.28 -25.83 -8.40
C GLN D 680 20.74 -25.79 -8.78
N ARG D 681 21.40 -26.94 -8.78
CA ARG D 681 22.83 -26.99 -9.10
C ARG D 681 23.10 -27.33 -10.56
N ASP D 682 22.04 -27.58 -11.32
CA ASP D 682 22.20 -27.99 -12.72
C ASP D 682 22.46 -26.83 -13.66
N ILE D 683 22.10 -25.62 -13.23
CA ILE D 683 22.22 -24.44 -14.08
C ILE D 683 23.66 -24.19 -14.52
N LYS D 684 23.99 -24.64 -15.72
CA LYS D 684 25.32 -24.42 -16.29
C LYS D 684 25.29 -23.27 -17.30
N ASP D 685 26.46 -22.92 -17.81
CA ASP D 685 26.64 -21.80 -18.72
C ASP D 685 25.74 -21.87 -19.94
N GLU D 686 25.62 -23.07 -20.50
CA GLU D 686 24.78 -23.35 -21.65
C GLU D 686 23.37 -22.79 -21.44
N VAL D 687 22.79 -23.14 -20.30
CA VAL D 687 21.43 -22.76 -19.98
C VAL D 687 21.28 -21.25 -19.88
N TRP D 688 22.27 -20.59 -19.28
CA TRP D 688 22.22 -19.14 -19.14
C TRP D 688 22.30 -18.45 -20.50
N ASP D 689 23.27 -18.87 -21.32
CA ASP D 689 23.43 -18.31 -22.67
C ASP D 689 22.16 -18.49 -23.46
N ALA D 690 21.57 -19.67 -23.34
CA ALA D 690 20.27 -19.93 -23.95
C ALA D 690 19.28 -18.90 -23.43
N LEU D 691 19.28 -18.69 -22.13
CA LEU D 691 18.33 -17.77 -21.50
C LEU D 691 18.46 -16.35 -22.03
N GLU D 692 19.68 -15.97 -22.41
CA GLU D 692 19.86 -14.70 -23.10
C GLU D 692 19.30 -14.77 -24.50
N GLU D 693 19.40 -15.94 -25.13
CA GLU D 693 18.83 -16.09 -26.46
C GLU D 693 17.30 -16.22 -26.46
N VAL D 694 16.68 -16.37 -25.29
CA VAL D 694 15.22 -16.48 -25.26
C VAL D 694 14.55 -15.15 -25.04
N ILE D 695 15.33 -14.11 -24.73
CA ILE D 695 14.72 -12.82 -24.50
C ILE D 695 15.09 -11.84 -25.60
N HIS D 696 16.33 -11.38 -25.61
CA HIS D 696 16.76 -10.37 -26.55
C HIS D 696 15.85 -9.14 -26.51
N GLY D 697 14.85 -9.09 -27.39
CA GLY D 697 13.99 -7.94 -27.49
C GLY D 697 12.75 -7.96 -26.60
N LYS D 698 12.47 -9.12 -26.03
CA LYS D 698 11.32 -9.30 -25.14
C LYS D 698 11.40 -8.32 -23.98
N VAL D 699 10.24 -7.90 -23.48
CA VAL D 699 10.20 -6.99 -22.34
C VAL D 699 9.31 -7.55 -21.23
N VAL D 700 9.52 -7.04 -20.02
CA VAL D 700 8.71 -7.41 -18.86
C VAL D 700 8.05 -6.17 -18.27
N LEU D 701 6.92 -6.39 -17.57
CA LEU D 701 6.17 -5.32 -16.95
C LEU D 701 6.51 -5.24 -15.47
N LEU D 702 6.86 -4.04 -15.01
CA LEU D 702 7.18 -3.85 -13.60
C LEU D 702 6.09 -3.03 -12.90
N ASN D 703 5.54 -3.59 -11.83
CA ASN D 703 4.39 -3.00 -11.15
C ASN D 703 4.70 -2.43 -9.76
N ARG D 704 4.24 -1.20 -9.53
CA ARG D 704 4.48 -0.47 -8.30
C ARG D 704 3.54 -0.96 -7.20
N ALA D 705 3.82 -0.61 -5.95
CA ALA D 705 2.93 -1.01 -4.85
C ALA D 705 1.56 -0.32 -4.95
N PRO D 706 1.41 0.98 -4.57
CA PRO D 706 0.08 1.40 -5.00
C PRO D 706 0.15 1.95 -6.42
N THR D 707 -0.53 1.28 -7.35
CA THR D 707 -0.67 1.75 -8.72
C THR D 707 -1.69 2.87 -8.75
N LEU D 708 -1.30 4.04 -9.21
CA LEU D 708 -2.20 5.19 -9.16
C LEU D 708 -2.59 5.67 -10.55
N HIS D 709 -1.63 6.23 -11.26
CA HIS D 709 -1.89 6.72 -12.60
C HIS D 709 -1.36 5.75 -13.66
N ARG D 710 -1.64 6.06 -14.91
CA ARG D 710 -1.24 5.26 -16.08
C ARG D 710 0.22 4.81 -16.02
N LEU D 711 1.12 5.76 -15.79
CA LEU D 711 2.56 5.48 -15.68
C LEU D 711 2.91 4.68 -14.42
N GLY D 712 1.99 3.87 -13.93
CA GLY D 712 2.21 3.08 -12.73
C GLY D 712 2.76 1.70 -13.05
N ILE D 713 2.75 1.36 -14.33
CA ILE D 713 3.34 0.10 -14.77
C ILE D 713 4.05 0.35 -16.09
N GLN D 714 5.34 0.01 -16.12
CA GLN D 714 6.18 0.27 -17.27
C GLN D 714 6.71 -1.05 -17.83
N ALA D 715 7.24 -1.00 -19.05
CA ALA D 715 7.85 -2.16 -19.66
C ALA D 715 9.32 -1.90 -19.89
N PHE D 716 10.16 -2.78 -19.36
CA PHE D 716 11.60 -2.64 -19.48
C PHE D 716 12.14 -3.91 -20.10
N GLN D 717 13.32 -3.83 -20.72
CA GLN D 717 13.98 -5.03 -21.20
C GLN D 717 14.83 -5.62 -20.09
N PRO D 718 14.60 -6.91 -19.76
CA PRO D 718 15.30 -7.60 -18.67
C PRO D 718 16.79 -7.77 -18.95
N VAL D 719 17.62 -7.42 -17.98
CA VAL D 719 19.06 -7.67 -18.04
C VAL D 719 19.40 -8.65 -16.93
N LEU D 720 20.05 -9.76 -17.29
CA LEU D 720 20.38 -10.78 -16.30
C LEU D 720 21.42 -10.27 -15.32
N VAL D 721 20.96 -9.80 -14.16
CA VAL D 721 21.82 -9.21 -13.15
C VAL D 721 21.97 -10.14 -11.96
N GLU D 722 23.14 -10.16 -11.34
CA GLU D 722 23.31 -10.91 -10.11
C GLU D 722 22.68 -10.18 -8.94
N GLY D 723 22.81 -10.73 -7.74
CA GLY D 723 22.10 -10.21 -6.60
C GLY D 723 20.75 -10.88 -6.58
N GLN D 724 19.85 -10.42 -5.71
CA GLN D 724 18.55 -11.07 -5.58
C GLN D 724 17.38 -10.07 -5.63
N SER D 725 17.73 -8.79 -5.70
CA SER D 725 16.74 -7.72 -5.79
C SER D 725 16.58 -7.18 -7.21
N ILE D 726 15.36 -6.75 -7.55
CA ILE D 726 15.08 -6.11 -8.83
C ILE D 726 15.79 -4.75 -8.93
N GLN D 727 16.63 -4.58 -9.95
CA GLN D 727 17.24 -3.29 -10.20
C GLN D 727 16.39 -2.45 -11.13
N LEU D 728 16.14 -1.22 -10.73
CA LEU D 728 15.25 -0.34 -11.47
C LEU D 728 15.95 0.98 -11.78
N HIS D 729 15.64 1.56 -12.94
CA HIS D 729 16.30 2.78 -13.39
C HIS D 729 15.94 3.96 -12.48
N PRO D 730 16.90 4.87 -12.26
CA PRO D 730 16.71 6.07 -11.44
C PRO D 730 15.57 6.98 -11.90
N LEU D 731 15.53 7.28 -13.19
CA LEU D 731 14.62 8.31 -13.72
C LEU D 731 13.14 7.94 -13.64
N VAL D 732 12.81 6.65 -13.74
CA VAL D 732 11.41 6.24 -13.73
C VAL D 732 10.84 6.05 -12.33
N CYS D 733 11.58 6.52 -11.31
CA CYS D 733 11.12 6.40 -9.94
C CYS D 733 9.98 7.36 -9.65
N GLU D 734 10.22 8.66 -9.85
CA GLU D 734 9.24 9.67 -9.51
C GLU D 734 7.94 9.49 -10.28
N ALA D 735 8.02 8.78 -11.41
CA ALA D 735 6.83 8.37 -12.13
C ALA D 735 5.87 7.67 -11.16
N PHE D 736 6.14 6.41 -10.84
CA PHE D 736 5.26 5.67 -9.95
C PHE D 736 5.66 5.79 -8.48
N ASN D 737 6.32 6.89 -8.15
CA ASN D 737 6.71 7.24 -6.77
C ASN D 737 7.33 6.10 -5.99
N ALA D 738 8.58 5.79 -6.34
CA ALA D 738 9.32 4.74 -5.66
C ALA D 738 10.63 5.28 -5.13
N ASP D 739 10.93 4.94 -3.88
CA ASP D 739 12.21 5.27 -3.28
C ASP D 739 12.84 3.96 -2.85
N PHE D 740 14.14 4.00 -2.56
CA PHE D 740 14.87 2.78 -2.24
C PHE D 740 15.09 2.64 -0.74
N ASP D 741 14.02 2.28 -0.05
CA ASP D 741 14.08 2.14 1.39
C ASP D 741 13.16 1.04 1.85
N GLY D 742 13.05 -0.01 1.05
CA GLY D 742 12.29 -1.19 1.44
C GLY D 742 11.20 -1.54 0.46
N ASP D 743 11.04 -0.71 -0.57
CA ASP D 743 9.95 -0.85 -1.52
C ASP D 743 10.02 -2.15 -2.27
N GLN D 744 8.87 -2.59 -2.77
CA GLN D 744 8.81 -3.80 -3.57
C GLN D 744 8.18 -3.49 -4.92
N MET D 745 8.49 -4.32 -5.90
CA MET D 745 7.83 -4.23 -7.20
C MET D 745 7.57 -5.62 -7.75
N ALA D 746 6.48 -5.72 -8.51
CA ALA D 746 6.09 -6.97 -9.15
C ALA D 746 6.57 -6.99 -10.60
N VAL D 747 6.51 -8.17 -11.22
CA VAL D 747 6.99 -8.34 -12.58
C VAL D 747 6.15 -9.38 -13.33
N HIS D 748 5.78 -9.06 -14.58
CA HIS D 748 5.02 -9.98 -15.42
C HIS D 748 5.69 -10.13 -16.78
N VAL D 749 5.26 -11.14 -17.55
CA VAL D 749 5.77 -11.31 -18.90
C VAL D 749 4.66 -11.42 -19.95
N PRO D 750 4.42 -10.32 -20.68
CA PRO D 750 3.49 -10.32 -21.81
C PRO D 750 3.83 -11.42 -22.80
N LEU D 751 3.22 -12.57 -22.62
CA LEU D 751 3.56 -13.78 -23.38
C LEU D 751 3.25 -13.63 -24.86
N SER D 752 1.97 -13.42 -25.18
CA SER D 752 1.54 -13.40 -26.57
C SER D 752 2.30 -12.37 -27.40
N SER D 753 2.59 -12.73 -28.64
CA SER D 753 3.36 -11.87 -29.54
C SER D 753 2.64 -10.55 -29.73
N PHE D 754 1.33 -10.59 -29.62
CA PHE D 754 0.51 -9.39 -29.67
C PHE D 754 0.75 -8.57 -28.41
N ALA D 755 0.68 -9.22 -27.26
CA ALA D 755 0.92 -8.58 -25.98
C ALA D 755 2.32 -8.00 -25.93
N GLN D 756 3.29 -8.75 -26.44
CA GLN D 756 4.66 -8.30 -26.53
C GLN D 756 4.73 -7.03 -27.38
N ALA D 757 4.23 -7.14 -28.60
CA ALA D 757 4.16 -6.03 -29.55
C ALA D 757 3.62 -4.74 -28.95
N GLU D 758 2.47 -4.83 -28.30
CA GLU D 758 1.88 -3.62 -27.72
C GLU D 758 2.66 -3.15 -26.49
N ALA D 759 3.20 -4.11 -25.72
CA ALA D 759 3.97 -3.78 -24.52
C ALA D 759 5.20 -2.95 -24.82
N ARG D 760 5.99 -3.38 -25.79
CA ARG D 760 7.22 -2.66 -26.12
C ARG D 760 7.00 -1.45 -27.00
N ILE D 761 5.75 -1.17 -27.36
CA ILE D 761 5.44 0.01 -28.16
C ILE D 761 4.78 1.11 -27.32
N GLN D 762 3.69 0.76 -26.64
CA GLN D 762 2.94 1.75 -25.87
C GLN D 762 3.21 1.70 -24.35
N MET D 763 3.77 0.59 -23.87
CA MET D 763 4.00 0.43 -22.44
C MET D 763 5.47 0.52 -22.04
N LEU D 764 6.35 0.67 -23.02
CA LEU D 764 7.77 0.76 -22.74
C LEU D 764 8.13 2.11 -22.12
N SER D 765 9.03 2.08 -21.13
CA SER D 765 9.34 3.25 -20.33
C SER D 765 9.90 4.42 -21.15
N ALA D 766 10.83 4.13 -22.06
CA ALA D 766 11.49 5.16 -22.84
C ALA D 766 10.54 5.85 -23.81
N HIS D 767 9.37 5.25 -24.03
CA HIS D 767 8.36 5.85 -24.90
C HIS D 767 7.38 6.73 -24.12
N ASN D 768 7.24 6.47 -22.83
CA ASN D 768 6.35 7.27 -22.00
C ASN D 768 7.11 8.33 -21.22
N LEU D 769 7.60 9.34 -21.93
CA LEU D 769 8.45 10.36 -21.32
C LEU D 769 7.70 11.61 -20.89
N LEU D 770 6.38 11.59 -21.08
CA LEU D 770 5.56 12.73 -20.65
C LEU D 770 4.33 12.23 -19.92
N SER D 771 3.89 13.01 -18.93
CA SER D 771 2.75 12.63 -18.10
C SER D 771 1.46 12.97 -18.80
N PRO D 772 0.55 11.99 -18.91
CA PRO D 772 -0.78 12.19 -19.50
C PRO D 772 -1.53 13.34 -18.85
N ALA D 773 -1.21 13.65 -17.60
CA ALA D 773 -1.88 14.73 -16.90
C ALA D 773 -1.52 16.09 -17.48
N SER D 774 -0.24 16.30 -17.75
CA SER D 774 0.21 17.61 -18.22
C SER D 774 1.45 17.51 -19.11
N GLY D 775 1.59 18.47 -20.01
CA GLY D 775 2.72 18.51 -20.92
C GLY D 775 4.01 18.85 -20.22
N GLU D 776 4.35 18.09 -19.17
CA GLU D 776 5.60 18.25 -18.45
C GLU D 776 6.33 16.91 -18.44
N PRO D 777 7.66 16.94 -18.56
CA PRO D 777 8.47 15.71 -18.54
C PRO D 777 8.43 15.06 -17.17
N LEU D 778 8.00 13.80 -17.13
CA LEU D 778 7.92 13.10 -15.87
C LEU D 778 9.13 12.18 -15.66
N ALA D 779 9.97 12.10 -16.68
CA ALA D 779 11.24 11.39 -16.58
C ALA D 779 12.40 12.37 -16.52
N LYS D 780 12.12 13.57 -16.01
CA LYS D 780 13.14 14.59 -15.84
C LYS D 780 14.21 14.14 -14.85
N PRO D 781 15.40 14.75 -14.90
CA PRO D 781 16.45 14.54 -13.91
C PRO D 781 15.95 14.81 -12.49
N SER D 782 16.28 13.94 -11.55
CA SER D 782 15.73 14.02 -10.22
C SER D 782 16.67 14.63 -9.17
N ARG D 783 17.27 13.78 -8.35
CA ARG D 783 17.96 14.28 -7.18
C ARG D 783 19.47 14.45 -7.38
N ASP D 784 20.16 13.32 -7.51
CA ASP D 784 21.62 13.31 -7.64
C ASP D 784 22.08 13.95 -8.95
N ILE D 785 21.42 13.56 -10.04
CA ILE D 785 21.72 14.07 -11.37
C ILE D 785 21.82 15.59 -11.39
N ILE D 786 20.72 16.23 -10.99
CA ILE D 786 20.65 17.69 -10.97
C ILE D 786 21.74 18.31 -10.12
N LEU D 787 22.04 17.71 -8.98
CA LEU D 787 23.12 18.21 -8.13
C LEU D 787 24.41 18.23 -8.94
N GLY D 788 24.80 17.07 -9.46
CA GLY D 788 26.01 16.95 -10.24
C GLY D 788 26.13 17.91 -11.41
N LEU D 789 25.02 18.10 -12.14
CA LEU D 789 25.01 19.00 -13.28
C LEU D 789 25.14 20.46 -12.84
N TYR D 790 24.41 20.83 -11.78
CA TYR D 790 24.39 22.20 -11.28
C TYR D 790 25.76 22.59 -10.78
N TYR D 791 26.44 21.63 -10.16
CA TYR D 791 27.75 21.91 -9.58
C TYR D 791 28.76 22.37 -10.63
N ILE D 792 28.74 21.73 -11.80
CA ILE D 792 29.73 22.01 -12.84
C ILE D 792 29.35 23.18 -13.75
N THR D 793 28.10 23.62 -13.68
CA THR D 793 27.65 24.67 -14.58
C THR D 793 27.42 26.03 -13.89
N GLN D 794 28.09 26.25 -12.77
CA GLN D 794 28.02 27.55 -12.12
C GLN D 794 29.38 28.24 -12.01
N VAL D 795 29.37 29.56 -12.18
CA VAL D 795 30.60 30.36 -12.15
C VAL D 795 31.00 30.67 -10.72
N ARG D 796 32.24 31.10 -10.54
CA ARG D 796 32.73 31.50 -9.23
C ARG D 796 32.95 33.01 -9.19
N LYS D 797 32.94 33.57 -7.98
CA LYS D 797 33.24 34.99 -7.77
C LYS D 797 33.95 35.15 -6.42
N GLU D 798 35.21 35.59 -6.44
CA GLU D 798 35.98 35.71 -5.19
C GLU D 798 36.15 37.18 -4.76
N LYS D 799 37.11 37.43 -3.88
CA LYS D 799 37.44 38.78 -3.42
C LYS D 799 37.95 39.65 -4.56
N LYS D 800 37.49 40.90 -4.61
CA LYS D 800 37.83 41.80 -5.71
C LYS D 800 39.34 41.97 -5.85
N GLY D 801 40.04 41.81 -4.73
CA GLY D 801 41.49 41.89 -4.71
C GLY D 801 42.03 43.29 -4.86
N ALA D 802 42.05 43.80 -6.09
CA ALA D 802 42.56 45.14 -6.36
C ALA D 802 42.06 45.68 -7.71
N GLY D 803 41.24 46.73 -7.66
CA GLY D 803 40.73 47.36 -8.85
C GLY D 803 39.61 46.59 -9.52
N LEU D 804 38.53 47.26 -9.89
CA LEU D 804 37.40 46.59 -10.52
C LEU D 804 36.87 47.34 -11.74
N GLU D 805 37.63 47.29 -12.83
CA GLU D 805 37.20 47.95 -14.06
C GLU D 805 37.92 47.44 -15.31
N PHE D 806 37.17 47.40 -16.41
CA PHE D 806 37.69 47.08 -17.74
C PHE D 806 36.53 47.22 -18.72
N ALA D 807 35.56 48.05 -18.36
CA ALA D 807 34.37 48.27 -19.18
C ALA D 807 34.77 48.94 -20.48
N THR D 808 35.94 49.58 -20.44
CA THR D 808 36.53 50.29 -21.57
C THR D 808 38.04 50.61 -21.46
N PRO D 809 38.62 50.66 -20.23
CA PRO D 809 40.06 50.96 -20.16
C PRO D 809 40.97 50.17 -21.12
N GLU D 810 41.44 50.87 -22.15
CA GLU D 810 42.31 50.32 -23.21
C GLU D 810 43.58 49.68 -22.65
N GLU D 811 44.08 50.22 -21.56
CA GLU D 811 45.29 49.70 -20.93
C GLU D 811 44.98 48.45 -20.13
N ALA D 812 43.78 48.39 -19.57
CA ALA D 812 43.44 47.34 -18.63
C ALA D 812 43.62 45.90 -19.13
N LEU D 813 43.60 45.70 -20.46
CA LEU D 813 43.80 44.35 -20.99
C LEU D 813 45.17 43.78 -20.65
N ALA D 814 46.23 44.44 -21.12
CA ALA D 814 47.59 43.94 -20.91
C ALA D 814 48.05 44.21 -19.49
N ALA D 815 47.44 45.18 -18.82
CA ALA D 815 47.88 45.62 -17.50
C ALA D 815 47.26 44.80 -16.35
N HIS D 816 45.96 44.99 -16.13
CA HIS D 816 45.25 44.28 -15.05
C HIS D 816 45.54 42.79 -15.04
N GLU D 817 45.71 42.21 -16.23
CA GLU D 817 46.04 40.80 -16.38
C GLU D 817 47.24 40.46 -15.51
N ARG D 818 48.35 41.16 -15.75
CA ARG D 818 49.58 40.98 -14.98
C ARG D 818 49.32 41.11 -13.48
N GLY D 819 48.37 41.96 -13.12
CA GLY D 819 47.93 42.12 -11.75
C GLY D 819 47.69 40.78 -11.07
N GLU D 820 46.91 39.92 -11.70
CA GLU D 820 46.63 38.61 -11.12
C GLU D 820 47.93 37.82 -10.94
N VAL D 821 48.81 37.90 -11.94
CA VAL D 821 50.10 37.22 -11.86
C VAL D 821 50.95 37.82 -10.74
N ALA D 822 50.73 39.10 -10.44
CA ALA D 822 51.40 39.70 -9.29
C ALA D 822 50.79 39.08 -8.05
N LEU D 823 49.69 39.66 -7.59
CA LEU D 823 48.92 39.11 -6.47
C LEU D 823 47.63 39.87 -6.29
N ASN D 824 47.44 40.90 -7.12
CA ASN D 824 46.38 41.87 -6.92
C ASN D 824 44.94 41.32 -6.94
N ALA D 825 44.49 40.81 -8.09
CA ALA D 825 43.11 40.33 -8.23
C ALA D 825 43.01 38.90 -8.75
N PRO D 826 42.34 38.01 -8.00
CA PRO D 826 42.16 36.58 -8.33
C PRO D 826 41.49 36.34 -9.68
N ILE D 827 41.37 35.07 -10.04
CA ILE D 827 41.08 34.67 -11.42
C ILE D 827 39.67 34.95 -11.96
N LYS D 828 38.66 34.42 -11.31
CA LYS D 828 37.27 34.57 -11.76
C LYS D 828 36.64 35.79 -11.11
N VAL D 829 37.45 36.80 -10.85
CA VAL D 829 37.01 37.99 -10.13
C VAL D 829 36.19 38.94 -10.98
N ALA D 830 35.05 39.38 -10.45
CA ALA D 830 34.28 40.45 -11.07
C ALA D 830 35.11 41.72 -11.27
N GLY D 831 36.15 41.64 -12.08
CA GLY D 831 36.99 42.79 -12.38
C GLY D 831 36.37 43.65 -13.45
N ARG D 832 35.04 43.59 -13.54
CA ARG D 832 34.22 44.31 -14.52
C ARG D 832 34.47 43.86 -15.97
N GLU D 833 33.37 43.73 -16.72
CA GLU D 833 33.41 43.30 -18.12
C GLU D 833 34.01 41.92 -18.30
N THR D 834 35.28 41.77 -17.93
CA THR D 834 35.93 40.49 -17.99
C THR D 834 36.55 40.11 -16.65
N SER D 835 37.48 39.16 -16.71
CA SER D 835 38.22 38.69 -15.55
C SER D 835 39.50 38.06 -16.09
N VAL D 836 40.56 38.09 -15.29
CA VAL D 836 41.87 37.62 -15.75
C VAL D 836 41.81 36.21 -16.30
N GLY D 837 40.84 35.43 -15.84
CA GLY D 837 40.64 34.08 -16.34
C GLY D 837 40.15 34.08 -17.77
N ARG D 838 39.59 35.20 -18.20
CA ARG D 838 39.14 35.32 -19.57
C ARG D 838 40.27 35.82 -20.47
N LEU D 839 41.11 36.70 -19.94
CA LEU D 839 42.21 37.25 -20.73
C LEU D 839 43.40 36.31 -20.78
N LYS D 840 43.81 35.82 -19.61
CA LYS D 840 44.98 34.94 -19.51
C LYS D 840 44.77 33.65 -20.30
N TYR D 841 43.66 32.98 -20.04
CA TYR D 841 43.34 31.72 -20.70
C TYR D 841 42.31 31.89 -21.80
N VAL D 842 42.76 31.98 -23.05
CA VAL D 842 41.86 31.84 -24.19
C VAL D 842 42.18 30.53 -24.88
N PHE D 843 41.19 29.63 -24.91
CA PHE D 843 41.39 28.32 -25.50
C PHE D 843 40.86 28.31 -26.94
N ALA D 844 41.70 27.87 -27.86
CA ALA D 844 41.35 27.83 -29.28
C ALA D 844 40.15 26.92 -29.52
N ASN D 845 40.43 25.62 -29.51
CA ASN D 845 39.40 24.61 -29.65
C ASN D 845 38.51 24.57 -28.43
N PRO D 846 37.23 24.28 -28.63
CA PRO D 846 36.35 24.02 -27.50
C PRO D 846 36.84 22.80 -26.75
N ASP D 847 37.38 21.81 -27.45
CA ASP D 847 37.83 20.58 -26.81
C ASP D 847 39.05 20.81 -25.93
N GLU D 848 39.95 21.67 -26.39
CA GLU D 848 41.24 21.88 -25.74
C GLU D 848 41.12 22.47 -24.34
N ALA D 849 40.18 23.40 -24.18
CA ALA D 849 39.83 23.95 -22.87
C ALA D 849 39.62 22.83 -21.85
N LEU D 850 38.88 21.81 -22.26
CA LEU D 850 38.62 20.68 -21.38
C LEU D 850 39.87 19.84 -21.15
N LEU D 851 40.78 19.84 -22.11
CA LEU D 851 42.04 19.12 -21.93
C LEU D 851 42.90 19.83 -20.90
N ALA D 852 42.79 21.16 -20.86
CA ALA D 852 43.54 21.95 -19.89
C ALA D 852 43.05 21.67 -18.48
N VAL D 853 41.76 21.42 -18.35
CA VAL D 853 41.16 21.15 -17.04
C VAL D 853 41.79 19.92 -16.37
N ALA D 854 42.13 18.92 -17.19
CA ALA D 854 42.72 17.69 -16.67
C ALA D 854 44.17 17.88 -16.23
N HIS D 855 44.64 19.13 -16.34
CA HIS D 855 45.99 19.49 -15.91
C HIS D 855 45.92 20.55 -14.81
N GLY D 856 44.77 20.59 -14.13
CA GLY D 856 44.57 21.41 -12.95
C GLY D 856 44.96 22.88 -13.06
N ILE D 857 44.75 23.46 -14.22
CA ILE D 857 45.10 24.87 -14.42
C ILE D 857 43.87 25.76 -14.36
N VAL D 858 42.74 25.23 -14.82
CA VAL D 858 41.47 25.92 -14.69
C VAL D 858 40.36 24.91 -14.32
N ASP D 859 39.58 25.25 -13.30
CA ASP D 859 38.51 24.36 -12.84
C ASP D 859 37.32 24.50 -13.77
N LEU D 860 36.43 23.52 -13.73
CA LEU D 860 35.22 23.53 -14.56
C LEU D 860 34.20 24.59 -14.15
N GLN D 861 34.59 25.48 -13.24
CA GLN D 861 33.71 26.56 -12.80
C GLN D 861 34.36 27.91 -12.98
N ASP D 862 35.64 27.93 -13.33
CA ASP D 862 36.35 29.19 -13.58
C ASP D 862 35.97 29.75 -14.94
N VAL D 863 35.52 31.00 -14.97
CA VAL D 863 35.12 31.62 -16.22
C VAL D 863 36.32 31.91 -17.11
N VAL D 864 36.30 31.34 -18.31
CA VAL D 864 37.35 31.57 -19.29
C VAL D 864 36.74 31.89 -20.64
N THR D 865 37.57 31.85 -21.68
CA THR D 865 37.12 32.15 -23.03
C THR D 865 37.33 30.95 -23.92
N VAL D 866 36.26 30.46 -24.55
CA VAL D 866 36.38 29.36 -25.49
C VAL D 866 35.89 29.77 -26.86
N ARG D 867 35.79 28.81 -27.77
CA ARG D 867 35.42 29.12 -29.14
C ARG D 867 34.64 27.97 -29.79
N TYR D 868 33.34 27.94 -29.52
CA TYR D 868 32.46 26.92 -30.08
C TYR D 868 31.89 27.39 -31.43
N MET D 869 32.09 26.54 -32.44
CA MET D 869 31.65 26.83 -33.81
C MET D 869 32.22 28.14 -34.39
N GLY D 870 33.33 28.62 -33.81
CA GLY D 870 34.09 29.68 -34.44
C GLY D 870 33.89 31.09 -33.88
N LYS D 871 33.43 31.19 -32.63
CA LYS D 871 33.26 32.50 -32.01
C LYS D 871 33.65 32.52 -30.54
N ARG D 872 34.20 33.65 -30.11
CA ARG D 872 34.62 33.85 -28.73
C ARG D 872 33.43 33.76 -27.77
N LEU D 873 33.51 32.82 -26.84
CA LEU D 873 32.47 32.67 -25.82
C LEU D 873 33.04 32.83 -24.40
N GLU D 874 32.43 33.76 -23.66
CA GLU D 874 32.76 33.95 -22.27
C GLU D 874 32.00 32.91 -21.46
N THR D 875 32.69 31.86 -21.03
CA THR D 875 32.06 30.81 -20.26
C THR D 875 33.07 29.87 -19.60
N SER D 876 32.57 28.98 -18.75
CA SER D 876 33.40 28.03 -18.02
C SER D 876 33.48 26.71 -18.76
N PRO D 877 34.62 25.99 -18.62
CA PRO D 877 34.83 24.69 -19.26
C PRO D 877 33.71 23.70 -18.96
N GLY D 878 33.18 23.74 -17.74
CA GLY D 878 32.10 22.84 -17.36
C GLY D 878 30.87 23.08 -18.21
N ARG D 879 30.57 24.35 -18.46
CA ARG D 879 29.39 24.74 -19.20
C ARG D 879 29.48 24.30 -20.67
N ILE D 880 30.64 24.53 -21.27
CA ILE D 880 30.89 24.06 -22.62
C ILE D 880 30.92 22.54 -22.67
N LEU D 881 31.21 21.91 -21.53
CA LEU D 881 31.20 20.46 -21.43
C LEU D 881 29.75 19.97 -21.39
N PHE D 882 28.88 20.72 -20.72
CA PHE D 882 27.45 20.43 -20.71
C PHE D 882 26.90 20.53 -22.12
N ALA D 883 27.22 21.64 -22.78
CA ALA D 883 26.88 21.84 -24.19
C ALA D 883 27.33 20.65 -25.03
N ARG D 884 28.59 20.25 -24.88
CA ARG D 884 29.09 19.09 -25.63
C ARG D 884 28.34 17.80 -25.31
N ILE D 885 27.95 17.63 -24.04
CA ILE D 885 27.22 16.45 -23.62
C ILE D 885 25.90 16.36 -24.35
N VAL D 886 25.12 17.43 -24.28
CA VAL D 886 23.84 17.49 -25.00
C VAL D 886 24.07 17.27 -26.50
N ALA D 887 25.14 17.86 -27.03
CA ALA D 887 25.47 17.73 -28.45
C ALA D 887 25.65 16.29 -28.89
N GLU D 888 26.61 15.61 -28.27
CA GLU D 888 26.94 14.25 -28.66
C GLU D 888 25.91 13.24 -28.16
N ALA D 889 24.97 13.71 -27.35
CA ALA D 889 23.90 12.85 -26.87
C ALA D 889 22.90 12.56 -27.98
N VAL D 890 22.62 13.58 -28.78
CA VAL D 890 21.59 13.49 -29.81
C VAL D 890 22.18 13.64 -31.22
N GLU D 891 23.52 13.66 -31.29
CA GLU D 891 24.26 13.71 -32.55
C GLU D 891 24.11 15.04 -33.31
N ASP D 892 23.07 15.80 -33.01
CA ASP D 892 22.83 17.07 -33.68
C ASP D 892 23.48 18.23 -32.94
N GLU D 893 24.68 18.63 -33.38
CA GLU D 893 25.44 19.67 -32.69
C GLU D 893 24.83 21.07 -32.81
N LYS D 894 24.09 21.31 -33.89
CA LYS D 894 23.58 22.66 -34.16
C LYS D 894 22.52 23.08 -33.15
N VAL D 895 21.43 22.33 -33.08
CA VAL D 895 20.33 22.65 -32.19
C VAL D 895 20.70 22.44 -30.72
N ALA D 896 21.74 21.64 -30.49
CA ALA D 896 22.19 21.35 -29.14
C ALA D 896 22.65 22.61 -28.43
N TRP D 897 23.29 23.52 -29.16
CA TRP D 897 23.73 24.77 -28.57
C TRP D 897 22.59 25.78 -28.56
N GLU D 898 21.55 25.48 -29.35
CA GLU D 898 20.40 26.35 -29.44
C GLU D 898 19.35 26.02 -28.38
N LEU D 899 19.20 24.73 -28.09
CA LEU D 899 18.18 24.26 -27.15
C LEU D 899 18.54 24.58 -25.71
N ILE D 900 19.80 24.35 -25.35
CA ILE D 900 20.27 24.64 -24.00
C ILE D 900 20.34 26.14 -23.74
N GLN D 901 20.89 26.51 -22.59
CA GLN D 901 21.22 27.89 -22.29
C GLN D 901 22.54 27.96 -21.52
N LEU D 902 23.45 28.79 -22.02
CA LEU D 902 24.80 28.85 -21.48
C LEU D 902 25.09 30.19 -20.81
N ASP D 903 24.14 30.67 -20.01
CA ASP D 903 24.32 31.94 -19.32
C ASP D 903 24.00 31.84 -17.83
N VAL D 904 23.38 30.75 -17.42
CA VAL D 904 22.99 30.51 -16.03
C VAL D 904 23.24 29.03 -15.71
N PRO D 905 23.30 28.68 -14.41
CA PRO D 905 23.51 27.27 -14.06
C PRO D 905 22.31 26.41 -14.41
N GLN D 906 22.46 25.10 -14.24
CA GLN D 906 21.39 24.16 -14.62
C GLN D 906 20.61 23.68 -13.41
N GLU D 907 19.32 23.97 -13.38
CA GLU D 907 18.48 23.53 -12.27
C GLU D 907 17.33 22.68 -12.77
N LYS D 908 16.38 22.41 -11.88
CA LYS D 908 15.18 21.65 -12.21
C LYS D 908 14.47 22.23 -13.41
N ASN D 909 14.19 23.53 -13.35
CA ASN D 909 13.49 24.20 -14.43
C ASN D 909 14.23 24.13 -15.76
N SER D 910 15.49 24.51 -15.74
CA SER D 910 16.34 24.49 -16.92
C SER D 910 16.35 23.11 -17.58
N LEU D 911 16.68 22.09 -16.80
CA LEU D 911 16.80 20.74 -17.33
C LEU D 911 15.46 20.21 -17.83
N LYS D 912 14.42 20.33 -17.01
CA LYS D 912 13.09 19.87 -17.37
C LYS D 912 12.60 20.50 -18.67
N ASP D 913 12.66 21.83 -18.75
CA ASP D 913 12.26 22.55 -19.95
C ASP D 913 13.08 22.08 -21.15
N LEU D 914 14.37 21.87 -20.94
CA LEU D 914 15.27 21.42 -22.00
C LEU D 914 14.86 20.04 -22.52
N VAL D 915 14.48 19.16 -21.62
CA VAL D 915 14.07 17.82 -22.00
C VAL D 915 12.78 17.93 -22.79
N TYR D 916 11.89 18.80 -22.33
CA TYR D 916 10.63 19.02 -23.05
C TYR D 916 10.84 19.53 -24.47
N GLN D 917 11.58 20.63 -24.64
CA GLN D 917 11.86 21.17 -25.97
C GLN D 917 12.59 20.18 -26.88
N ALA D 918 13.61 19.51 -26.34
CA ALA D 918 14.35 18.51 -27.11
C ALA D 918 13.46 17.33 -27.47
N PHE D 919 12.39 17.13 -26.70
CA PHE D 919 11.48 16.04 -26.99
C PHE D 919 10.72 16.31 -28.27
N LEU D 920 10.23 17.54 -28.42
CA LEU D 920 9.45 17.88 -29.59
C LEU D 920 10.30 18.36 -30.76
N ARG D 921 11.59 18.59 -30.53
CA ARG D 921 12.45 19.01 -31.63
C ARG D 921 13.29 17.88 -32.19
N LEU D 922 13.82 17.02 -31.32
CA LEU D 922 14.68 15.95 -31.80
C LEU D 922 13.96 14.62 -31.83
N GLY D 923 12.86 14.53 -31.08
CA GLY D 923 12.10 13.30 -31.04
C GLY D 923 12.02 12.67 -29.66
N MET D 924 11.50 11.46 -29.61
CA MET D 924 11.25 10.74 -28.37
C MET D 924 12.44 9.83 -28.06
N GLU D 925 12.76 8.99 -29.04
CA GLU D 925 13.88 8.06 -28.96
C GLU D 925 15.20 8.77 -28.71
N LYS D 926 15.29 10.00 -29.17
CA LYS D 926 16.49 10.80 -28.97
C LYS D 926 16.52 11.32 -27.54
N THR D 927 15.37 11.81 -27.08
CA THR D 927 15.23 12.28 -25.71
C THR D 927 15.59 11.18 -24.73
N ALA D 928 15.28 9.93 -25.04
CA ALA D 928 15.74 8.82 -24.21
C ALA D 928 17.27 8.88 -23.99
N ARG D 929 18.01 8.85 -25.09
CA ARG D 929 19.47 8.95 -25.04
C ARG D 929 19.96 10.18 -24.31
N LEU D 930 19.35 11.33 -24.58
CA LEU D 930 19.72 12.58 -23.90
C LEU D 930 19.57 12.43 -22.39
N LEU D 931 18.41 11.93 -21.99
CA LEU D 931 18.09 11.72 -20.59
C LEU D 931 19.14 10.83 -19.93
N ASP D 932 19.45 9.71 -20.56
CA ASP D 932 20.42 8.79 -19.96
C ASP D 932 21.84 9.37 -19.91
N ALA D 933 22.16 10.22 -20.88
CA ALA D 933 23.44 10.89 -20.83
C ALA D 933 23.49 11.79 -19.61
N LEU D 934 22.42 12.56 -19.39
CA LEU D 934 22.34 13.41 -18.21
C LEU D 934 22.45 12.60 -16.92
N LYS D 935 21.72 11.50 -16.86
CA LYS D 935 21.73 10.63 -15.70
C LYS D 935 23.14 10.11 -15.44
N TYR D 936 23.90 9.88 -16.50
CA TYR D 936 25.26 9.42 -16.35
C TYR D 936 26.19 10.52 -15.85
N TYR D 937 26.43 11.51 -16.70
CA TYR D 937 27.38 12.56 -16.39
C TYR D 937 27.07 13.28 -15.08
N GLY D 938 25.78 13.48 -14.82
CA GLY D 938 25.33 14.11 -13.59
C GLY D 938 25.79 13.36 -12.36
N PHE D 939 25.63 12.04 -12.37
CA PHE D 939 26.14 11.20 -11.30
C PHE D 939 27.65 11.36 -11.21
N THR D 940 28.32 10.95 -12.28
CA THR D 940 29.78 10.97 -12.37
C THR D 940 30.41 12.26 -11.85
N PHE D 941 29.73 13.39 -12.03
CA PHE D 941 30.25 14.65 -11.51
C PHE D 941 29.75 14.96 -10.11
N SER D 942 28.62 14.37 -9.74
CA SER D 942 28.08 14.58 -8.41
C SER D 942 28.98 13.90 -7.40
N THR D 943 29.78 12.93 -7.84
CA THR D 943 30.70 12.27 -6.93
C THR D 943 32.11 12.87 -6.91
N THR D 944 32.47 13.57 -7.98
CA THR D 944 33.75 14.25 -8.04
C THR D 944 33.65 15.57 -7.29
N SER D 945 32.47 16.16 -7.32
CA SER D 945 32.21 17.45 -6.67
C SER D 945 32.60 17.51 -5.19
N GLY D 946 32.42 16.39 -4.48
CA GLY D 946 32.70 16.34 -3.05
C GLY D 946 31.68 17.12 -2.24
N ILE D 947 30.42 17.06 -2.67
CA ILE D 947 29.34 17.72 -1.95
C ILE D 947 28.87 16.84 -0.80
N THR D 948 28.87 17.40 0.41
CA THR D 948 28.58 16.60 1.60
C THR D 948 27.95 17.44 2.69
N ILE D 949 27.34 16.82 3.69
CA ILE D 949 26.71 17.58 4.76
C ILE D 949 27.44 17.47 6.10
N GLY D 950 28.13 18.54 6.45
CA GLY D 950 28.83 18.62 7.71
C GLY D 950 28.07 19.51 8.67
N ILE D 951 28.42 19.43 9.95
CA ILE D 951 27.72 20.19 10.98
C ILE D 951 27.84 21.69 10.72
N ASP D 952 28.97 22.09 10.14
CA ASP D 952 29.23 23.51 9.90
C ASP D 952 28.53 23.95 8.63
N ASP D 953 28.30 23.00 7.73
CA ASP D 953 27.73 23.31 6.42
C ASP D 953 26.43 24.11 6.55
N ALA D 954 25.65 23.80 7.57
CA ALA D 954 24.41 24.52 7.81
C ALA D 954 24.69 25.90 8.39
N VAL D 955 25.36 26.74 7.61
CA VAL D 955 25.79 28.06 8.07
C VAL D 955 24.63 28.96 8.50
N ILE D 956 24.60 29.26 9.80
CA ILE D 956 23.58 30.13 10.37
C ILE D 956 23.84 31.60 10.03
N PRO D 957 22.80 32.31 9.56
CA PRO D 957 22.83 33.75 9.25
C PRO D 957 23.50 34.55 10.36
N GLU D 958 24.25 35.59 9.98
CA GLU D 958 24.97 36.41 10.94
C GLU D 958 24.05 37.38 11.68
N GLU D 959 23.05 37.88 10.98
CA GLU D 959 22.15 38.89 11.54
C GLU D 959 21.10 38.30 12.48
N LYS D 960 21.17 36.99 12.68
CA LYS D 960 20.23 36.26 13.52
C LYS D 960 19.90 37.00 14.81
N LYS D 961 20.91 37.14 15.67
CA LYS D 961 20.75 37.80 16.96
C LYS D 961 20.05 39.16 16.84
N GLN D 962 20.34 39.90 15.78
CA GLN D 962 19.71 41.22 15.62
C GLN D 962 18.26 41.11 15.15
N TYR D 963 17.99 40.17 14.24
CA TYR D 963 16.63 39.93 13.79
C TYR D 963 15.74 39.49 14.96
N LEU D 964 16.35 38.81 15.92
CA LEU D 964 15.66 38.48 17.16
C LEU D 964 15.63 39.70 18.08
N GLU D 965 16.74 40.42 18.15
CA GLU D 965 16.87 41.53 19.09
C GLU D 965 15.77 42.55 18.82
N GLU D 966 15.80 43.10 17.61
CA GLU D 966 14.77 44.03 17.17
C GLU D 966 13.36 43.47 17.32
N ALA D 967 13.21 42.16 17.28
CA ALA D 967 11.91 41.53 17.52
C ALA D 967 11.55 41.65 18.99
N ASP D 968 12.44 41.20 19.87
CA ASP D 968 12.20 41.25 21.31
C ASP D 968 11.86 42.67 21.75
N ARG D 969 12.78 43.60 21.51
CA ARG D 969 12.57 45.02 21.85
C ARG D 969 11.32 45.61 21.19
N LYS D 970 10.80 44.93 20.17
CA LYS D 970 9.52 45.32 19.61
C LYS D 970 8.38 44.83 20.51
N LEU D 971 8.32 43.53 20.76
CA LEU D 971 7.25 42.96 21.57
C LEU D 971 7.18 43.59 22.97
N LEU D 972 8.35 43.89 23.53
CA LEU D 972 8.45 44.57 24.82
C LEU D 972 7.58 45.81 24.87
N GLN D 973 7.57 46.56 23.79
CA GLN D 973 6.69 47.71 23.68
C GLN D 973 5.25 47.22 23.56
N ILE D 974 5.00 46.37 22.57
CA ILE D 974 3.66 45.91 22.24
C ILE D 974 2.96 45.34 23.46
N GLU D 975 3.62 44.40 24.13
CA GLU D 975 3.15 43.82 25.38
C GLU D 975 2.68 44.89 26.37
N GLN D 976 3.54 45.88 26.61
CA GLN D 976 3.19 46.98 27.52
C GLN D 976 1.90 47.68 27.12
N ALA D 977 1.72 47.89 25.82
CA ALA D 977 0.49 48.52 25.30
C ALA D 977 -0.77 47.78 25.73
N TYR D 978 -0.67 46.45 25.88
CA TYR D 978 -1.78 45.65 26.40
C TYR D 978 -2.02 45.92 27.87
N GLU D 979 -0.94 45.98 28.63
CA GLU D 979 -1.00 46.09 30.08
C GLU D 979 -1.52 47.45 30.51
N MET D 980 -1.34 48.44 29.65
CA MET D 980 -1.87 49.77 29.89
C MET D 980 -3.36 49.83 29.54
N GLY D 981 -3.77 49.04 28.56
CA GLY D 981 -5.16 48.97 28.16
C GLY D 981 -5.43 49.67 26.83
N PHE D 982 -4.56 49.43 25.85
CA PHE D 982 -4.73 50.02 24.52
C PHE D 982 -5.43 49.04 23.57
N LEU D 983 -4.71 48.00 23.19
CA LEU D 983 -5.25 46.97 22.28
C LEU D 983 -5.98 45.89 23.08
N THR D 984 -6.71 45.02 22.40
CA THR D 984 -7.45 43.95 23.07
C THR D 984 -6.71 42.62 23.00
N ASP D 985 -7.29 41.58 23.61
CA ASP D 985 -6.73 40.23 23.61
C ASP D 985 -6.49 39.73 22.19
N ARG D 986 -7.56 39.73 21.39
CA ARG D 986 -7.51 39.33 19.98
C ARG D 986 -6.45 40.11 19.23
N GLU D 987 -6.49 41.43 19.36
CA GLU D 987 -5.58 42.31 18.66
C GLU D 987 -4.10 42.03 18.96
N ARG D 988 -3.75 41.81 20.23
CA ARG D 988 -2.36 41.53 20.57
C ARG D 988 -1.96 40.13 20.15
N TYR D 989 -2.92 39.21 20.26
CA TYR D 989 -2.70 37.86 19.76
C TYR D 989 -2.29 37.92 18.29
N ASP D 990 -2.96 38.79 17.53
CA ASP D 990 -2.61 39.00 16.13
C ASP D 990 -1.28 39.76 16.01
N GLN D 991 -0.99 40.60 16.99
CA GLN D 991 0.23 41.41 16.99
C GLN D 991 1.47 40.52 17.04
N ILE D 992 1.53 39.65 18.04
CA ILE D 992 2.63 38.71 18.18
C ILE D 992 2.78 37.90 16.90
N LEU D 993 1.64 37.45 16.37
CA LEU D 993 1.59 36.73 15.10
C LEU D 993 2.29 37.48 13.97
N GLN D 994 1.90 38.74 13.75
CA GLN D 994 2.50 39.55 12.70
C GLN D 994 4.01 39.74 12.92
N LEU D 995 4.38 40.02 14.17
CA LEU D 995 5.79 40.17 14.54
C LEU D 995 6.62 38.97 14.13
N TRP D 996 6.25 37.79 14.62
CA TRP D 996 7.06 36.60 14.37
C TRP D 996 6.97 36.06 12.95
N THR D 997 5.80 36.20 12.33
CA THR D 997 5.61 35.80 10.94
C THR D 997 6.50 36.65 10.05
N GLU D 998 6.60 37.93 10.35
CA GLU D 998 7.53 38.79 9.63
C GLU D 998 8.98 38.44 9.95
N THR D 999 9.23 38.12 11.22
CA THR D 999 10.59 37.86 11.66
C THR D 999 11.19 36.63 11.00
N THR D 1000 10.45 35.52 11.02
CA THR D 1000 10.91 34.28 10.44
C THR D 1000 11.20 34.43 8.93
N GLU D 1001 10.24 35.00 8.22
CA GLU D 1001 10.37 35.30 6.79
C GLU D 1001 11.57 36.21 6.52
N LYS D 1002 11.86 37.11 7.45
CA LYS D 1002 13.04 37.98 7.35
C LYS D 1002 14.36 37.24 7.52
N VAL D 1003 14.42 36.35 8.49
CA VAL D 1003 15.62 35.56 8.74
C VAL D 1003 15.88 34.59 7.59
N THR D 1004 14.80 34.08 7.00
CA THR D 1004 14.91 33.22 5.81
C THR D 1004 15.77 33.90 4.77
N GLN D 1005 15.45 35.18 4.50
CA GLN D 1005 16.20 35.99 3.56
C GLN D 1005 17.68 36.02 3.91
N ALA D 1006 17.97 36.08 5.21
CA ALA D 1006 19.35 36.05 5.68
C ALA D 1006 20.03 34.70 5.42
N VAL D 1007 19.31 33.60 5.66
CA VAL D 1007 19.85 32.28 5.38
C VAL D 1007 20.22 32.16 3.91
N PHE D 1008 19.29 32.57 3.05
CA PHE D 1008 19.50 32.37 1.62
C PHE D 1008 20.47 33.37 1.01
N LYS D 1009 20.62 34.52 1.63
CA LYS D 1009 21.48 35.55 1.07
C LYS D 1009 22.91 35.35 1.51
N ASN D 1010 23.10 34.98 2.77
CA ASN D 1010 24.44 34.76 3.30
C ASN D 1010 25.22 33.79 2.43
N PHE D 1011 24.52 32.75 1.96
CA PHE D 1011 25.10 31.79 1.05
C PHE D 1011 25.49 32.46 -0.25
N GLU D 1012 24.50 33.05 -0.92
CA GLU D 1012 24.69 33.66 -2.23
C GLU D 1012 25.79 34.72 -2.23
N GLU D 1013 26.08 35.29 -1.08
CA GLU D 1013 27.12 36.30 -0.97
C GLU D 1013 28.49 35.72 -0.62
N ASN D 1014 28.58 35.01 0.50
CA ASN D 1014 29.89 34.55 0.97
C ASN D 1014 30.18 33.05 0.83
N TYR D 1015 29.16 32.27 0.51
CA TYR D 1015 29.32 30.84 0.33
C TYR D 1015 28.51 30.31 -0.84
N PRO D 1016 28.86 30.72 -2.06
CA PRO D 1016 28.08 30.45 -3.28
C PRO D 1016 27.86 28.95 -3.52
N PHE D 1017 28.93 28.17 -3.46
CA PHE D 1017 28.82 26.72 -3.57
C PHE D 1017 28.76 26.10 -2.18
N ASN D 1018 27.67 26.36 -1.47
CA ASN D 1018 27.44 25.71 -0.18
C ASN D 1018 26.71 24.40 -0.38
N PRO D 1019 27.33 23.29 0.07
CA PRO D 1019 26.80 21.93 -0.07
C PRO D 1019 25.33 21.80 0.33
N LEU D 1020 24.85 22.71 1.17
CA LEU D 1020 23.45 22.70 1.58
C LEU D 1020 22.66 23.63 0.67
N TYR D 1021 23.35 24.62 0.12
CA TYR D 1021 22.71 25.63 -0.70
C TYR D 1021 22.50 25.17 -2.14
N VAL D 1022 23.50 24.50 -2.71
CA VAL D 1022 23.39 24.04 -4.10
C VAL D 1022 22.31 22.99 -4.28
N MET D 1023 22.02 22.25 -3.21
CA MET D 1023 20.94 21.26 -3.25
C MET D 1023 19.59 21.95 -3.22
N ALA D 1024 19.45 22.90 -2.31
CA ALA D 1024 18.19 23.60 -2.11
C ALA D 1024 17.90 24.55 -3.28
N GLN D 1025 18.94 24.90 -4.02
CA GLN D 1025 18.81 25.88 -5.10
C GLN D 1025 18.47 25.20 -6.43
N SER D 1026 19.22 24.16 -6.76
CA SER D 1026 18.93 23.35 -7.93
C SER D 1026 17.70 22.49 -7.69
N GLY D 1027 17.42 21.61 -8.63
CA GLY D 1027 16.33 20.66 -8.47
C GLY D 1027 16.64 19.48 -7.58
N ALA D 1028 17.78 19.54 -6.87
CA ALA D 1028 18.11 18.51 -5.92
C ALA D 1028 17.16 18.57 -4.72
N ARG D 1029 17.44 17.76 -3.70
CA ARG D 1029 16.62 17.76 -2.48
C ARG D 1029 16.89 19.00 -1.63
N GLY D 1030 15.82 19.63 -1.18
CA GLY D 1030 15.95 20.85 -0.38
C GLY D 1030 14.71 21.70 -0.59
N ASN D 1031 14.45 22.60 0.35
CA ASN D 1031 13.27 23.44 0.31
C ASN D 1031 13.57 24.72 1.08
N PRO D 1032 13.08 25.86 0.58
CA PRO D 1032 13.31 27.19 1.17
C PRO D 1032 13.04 27.26 2.66
N GLN D 1033 11.77 27.13 3.04
CA GLN D 1033 11.38 27.18 4.45
C GLN D 1033 11.98 26.02 5.27
N GLN D 1034 12.47 24.98 4.59
CA GLN D 1034 13.15 23.87 5.26
C GLN D 1034 14.61 24.24 5.61
N ILE D 1035 15.30 24.86 4.65
CA ILE D 1035 16.64 25.39 4.92
C ILE D 1035 16.52 26.45 6.00
N ARG D 1036 15.40 27.16 6.03
CA ARG D 1036 15.18 28.17 7.06
C ARG D 1036 15.14 27.54 8.45
N GLN D 1037 14.97 26.22 8.50
CA GLN D 1037 14.90 25.54 9.79
C GLN D 1037 16.22 24.93 10.23
N LEU D 1038 17.12 24.69 9.27
CA LEU D 1038 18.42 24.12 9.60
C LEU D 1038 19.39 25.16 10.12
N CYS D 1039 19.33 26.37 9.57
CA CYS D 1039 20.26 27.44 9.93
C CYS D 1039 19.56 28.55 10.69
N GLY D 1040 18.46 29.05 10.12
CA GLY D 1040 17.61 29.99 10.82
C GLY D 1040 16.71 29.23 11.77
N LEU D 1041 15.74 29.90 12.39
CA LEU D 1041 14.89 29.26 13.39
C LEU D 1041 13.52 28.81 12.88
N ARG D 1042 12.99 27.75 13.48
CA ARG D 1042 11.61 27.35 13.21
C ARG D 1042 10.69 28.45 13.69
N GLY D 1043 9.52 28.57 13.05
CA GLY D 1043 8.58 29.60 13.44
C GLY D 1043 7.77 29.20 14.65
N LEU D 1044 6.68 29.94 14.87
CA LEU D 1044 5.70 29.57 15.87
C LEU D 1044 5.04 28.26 15.45
N MET D 1045 4.78 27.38 16.41
CA MET D 1045 4.15 26.11 16.11
C MET D 1045 2.65 26.12 16.37
N GLN D 1046 1.96 25.23 15.70
CA GLN D 1046 0.54 25.08 15.86
C GLN D 1046 0.23 24.35 17.17
N LYS D 1047 -0.64 24.95 17.98
CA LYS D 1047 -1.20 24.29 19.15
C LYS D 1047 -2.01 23.06 18.70
N PRO D 1048 -2.41 22.20 19.65
CA PRO D 1048 -3.31 21.08 19.32
C PRO D 1048 -4.62 21.55 18.67
N SER D 1049 -5.01 22.78 18.93
CA SER D 1049 -6.20 23.36 18.31
C SER D 1049 -5.79 24.22 17.12
N GLY D 1050 -6.76 24.89 16.49
CA GLY D 1050 -6.50 25.70 15.32
C GLY D 1050 -5.69 26.96 15.60
N GLU D 1051 -5.38 27.18 16.87
CA GLU D 1051 -4.61 28.35 17.29
C GLU D 1051 -3.12 28.07 17.20
N THR D 1052 -2.30 29.05 17.60
CA THR D 1052 -0.86 28.93 17.54
C THR D 1052 -0.18 29.40 18.83
N PHE D 1053 0.97 28.81 19.15
CA PHE D 1053 1.74 29.22 20.32
C PHE D 1053 2.29 30.62 20.09
N GLU D 1054 2.11 31.50 21.08
CA GLU D 1054 2.59 32.88 20.98
C GLU D 1054 4.11 32.95 21.17
N VAL D 1055 4.69 31.82 21.54
CA VAL D 1055 6.13 31.72 21.70
C VAL D 1055 6.72 30.78 20.65
N PRO D 1056 7.39 31.36 19.65
CA PRO D 1056 7.95 30.56 18.54
C PRO D 1056 9.22 29.80 18.98
N VAL D 1057 9.47 28.67 18.33
CA VAL D 1057 10.69 27.91 18.58
C VAL D 1057 11.88 28.76 18.13
N ARG D 1058 12.42 29.57 19.04
CA ARG D 1058 13.44 30.55 18.67
C ARG D 1058 14.82 29.95 18.41
N SER D 1059 14.87 28.66 18.15
CA SER D 1059 16.15 28.00 17.89
C SER D 1059 16.15 27.21 16.59
N SER D 1060 17.35 26.86 16.14
CA SER D 1060 17.54 26.15 14.89
C SER D 1060 17.95 24.71 15.13
N PHE D 1061 17.77 23.86 14.12
CA PHE D 1061 18.14 22.46 14.24
C PHE D 1061 19.64 22.27 14.32
N ARG D 1062 20.42 23.26 13.91
CA ARG D 1062 21.86 23.12 13.99
C ARG D 1062 22.30 23.26 15.42
N GLU D 1063 21.84 24.29 16.09
CA GLU D 1063 22.15 24.49 17.49
C GLU D 1063 21.20 23.68 18.36
N GLY D 1064 21.39 23.75 19.67
CA GLY D 1064 20.60 22.98 20.61
C GLY D 1064 19.16 23.42 20.69
N LEU D 1065 18.28 22.69 20.01
CA LEU D 1065 16.85 22.93 20.11
C LEU D 1065 16.36 22.38 21.46
N THR D 1066 15.84 23.26 22.28
CA THR D 1066 15.57 22.96 23.69
C THR D 1066 14.35 22.06 23.88
N VAL D 1067 14.41 21.25 24.95
CA VAL D 1067 13.37 20.31 25.35
C VAL D 1067 11.93 20.75 25.11
N LEU D 1068 11.57 21.90 25.66
CA LEU D 1068 10.20 22.40 25.61
C LEU D 1068 9.74 22.73 24.19
N GLU D 1069 10.62 23.39 23.43
CA GLU D 1069 10.37 23.69 22.02
C GLU D 1069 9.98 22.45 21.24
N TYR D 1070 10.74 21.37 21.47
CA TYR D 1070 10.47 20.10 20.82
C TYR D 1070 9.05 19.65 21.13
N PHE D 1071 8.65 19.84 22.38
CA PHE D 1071 7.32 19.41 22.80
C PHE D 1071 6.20 20.23 22.16
N ILE D 1072 6.36 21.54 22.11
CA ILE D 1072 5.35 22.36 21.43
C ILE D 1072 5.40 22.17 19.91
N SER D 1073 6.44 21.49 19.42
CA SER D 1073 6.55 21.21 18.00
C SER D 1073 5.89 19.88 17.62
N SER D 1074 6.00 18.90 18.52
CA SER D 1074 5.43 17.58 18.28
C SER D 1074 3.93 17.64 18.01
N HIS D 1075 3.27 18.66 18.57
CA HIS D 1075 1.84 18.87 18.35
C HIS D 1075 1.47 18.84 16.88
N GLY D 1076 2.09 19.71 16.08
CA GLY D 1076 1.86 19.72 14.65
C GLY D 1076 2.56 18.56 13.97
N ALA D 1077 3.73 18.19 14.50
CA ALA D 1077 4.49 17.07 13.97
C ALA D 1077 3.62 15.83 13.77
N ARG D 1078 2.87 15.45 14.81
CA ARG D 1078 1.99 14.28 14.73
C ARG D 1078 0.80 14.52 13.80
N LYS D 1079 0.36 15.77 13.73
CA LYS D 1079 -0.75 16.12 12.83
C LYS D 1079 -0.38 15.79 11.40
N GLY D 1080 0.87 16.08 11.04
CA GLY D 1080 1.36 15.76 9.70
C GLY D 1080 1.17 14.30 9.33
N GLY D 1081 1.59 13.41 10.23
CA GLY D 1081 1.44 11.98 10.03
C GLY D 1081 0.01 11.59 9.73
N ALA D 1082 -0.93 12.19 10.46
CA ALA D 1082 -2.35 11.98 10.17
C ALA D 1082 -2.68 12.50 8.78
N ASP D 1083 -2.21 13.70 8.45
CA ASP D 1083 -2.58 14.34 7.18
C ASP D 1083 -2.02 13.60 5.97
N THR D 1084 -1.00 12.76 6.18
CA THR D 1084 -0.48 11.94 5.08
C THR D 1084 -0.89 10.47 5.17
N ALA D 1085 -0.63 9.84 6.30
CA ALA D 1085 -0.80 8.40 6.43
C ALA D 1085 -2.24 7.90 6.49
N LEU D 1086 -3.18 8.82 6.78
CA LEU D 1086 -4.60 8.49 6.76
C LEU D 1086 -5.10 8.47 5.33
N ARG D 1087 -4.53 9.35 4.53
CA ARG D 1087 -4.91 9.49 3.14
C ARG D 1087 -4.12 8.53 2.25
N THR D 1088 -3.28 7.71 2.87
CA THR D 1088 -2.53 6.67 2.14
C THR D 1088 -3.47 5.53 1.77
N ALA D 1089 -4.63 5.47 2.43
CA ALA D 1089 -5.63 4.46 2.12
C ALA D 1089 -6.62 4.95 1.06
N ASP D 1090 -6.89 6.24 1.09
CA ASP D 1090 -7.85 6.87 0.16
C ASP D 1090 -7.33 7.01 -1.27
N SER D 1091 -6.20 6.36 -1.55
CA SER D 1091 -5.56 6.44 -2.86
C SER D 1091 -6.32 5.68 -3.93
N GLY D 1092 -7.13 4.71 -3.51
CA GLY D 1092 -7.92 3.94 -4.45
C GLY D 1092 -9.41 4.27 -4.39
N TYR D 1093 -9.75 5.49 -4.00
CA TYR D 1093 -11.15 5.84 -3.82
C TYR D 1093 -11.67 6.78 -4.88
N LEU D 1094 -10.91 7.82 -5.19
CA LEU D 1094 -11.36 8.81 -6.15
C LEU D 1094 -11.16 8.34 -7.57
N THR D 1095 -10.03 7.68 -7.83
CA THR D 1095 -9.80 7.06 -9.12
C THR D 1095 -10.92 6.05 -9.37
N ARG D 1096 -11.33 5.37 -8.31
CA ARG D 1096 -12.45 4.42 -8.34
C ARG D 1096 -13.77 5.04 -8.78
N LYS D 1097 -14.21 6.05 -8.04
CA LYS D 1097 -15.48 6.72 -8.33
C LYS D 1097 -15.46 7.37 -9.70
N LEU D 1098 -14.29 7.84 -10.12
CA LEU D 1098 -14.16 8.49 -11.42
C LEU D 1098 -14.13 7.48 -12.56
N VAL D 1099 -13.61 6.29 -12.29
CA VAL D 1099 -13.56 5.26 -13.32
C VAL D 1099 -14.96 4.77 -13.68
N ASP D 1100 -15.78 4.54 -12.65
CA ASP D 1100 -17.12 3.96 -12.84
C ASP D 1100 -17.98 4.60 -13.92
N VAL D 1101 -17.68 5.85 -14.24
CA VAL D 1101 -18.51 6.59 -15.19
C VAL D 1101 -17.72 6.98 -16.46
N THR D 1102 -16.40 6.88 -16.37
CA THR D 1102 -15.53 7.30 -17.47
C THR D 1102 -14.99 6.14 -18.31
N HIS D 1103 -15.24 4.91 -17.90
CA HIS D 1103 -14.74 3.75 -18.62
C HIS D 1103 -15.42 3.60 -19.97
N GLU D 1104 -16.57 4.26 -20.13
CA GLU D 1104 -17.31 4.20 -21.38
C GLU D 1104 -16.75 5.20 -22.40
N ILE D 1105 -16.13 6.27 -21.91
CA ILE D 1105 -15.55 7.31 -22.76
C ILE D 1105 -14.21 6.90 -23.38
N VAL D 1106 -14.10 6.94 -24.70
CA VAL D 1106 -12.85 6.66 -25.41
C VAL D 1106 -12.80 7.40 -26.74
N VAL D 1107 -11.62 7.79 -27.18
CA VAL D 1107 -11.51 8.49 -28.46
C VAL D 1107 -11.45 7.53 -29.64
N ARG D 1108 -12.63 7.20 -30.18
CA ARG D 1108 -12.77 6.29 -31.31
C ARG D 1108 -13.37 6.97 -32.54
N GLU D 1109 -13.17 8.28 -32.67
CA GLU D 1109 -13.64 9.04 -33.84
C GLU D 1109 -12.56 10.00 -34.34
N ALA D 1110 -12.59 10.31 -35.63
CA ALA D 1110 -11.64 11.27 -36.20
C ALA D 1110 -12.10 12.69 -35.94
N ASP D 1111 -13.37 12.96 -36.24
CA ASP D 1111 -13.96 14.26 -36.03
C ASP D 1111 -15.48 14.16 -35.95
N CYS D 1112 -16.11 15.13 -35.30
CA CYS D 1112 -17.56 15.17 -35.16
C CYS D 1112 -18.15 16.26 -36.04
N GLY D 1113 -19.43 16.11 -36.37
CA GLY D 1113 -20.10 17.08 -37.22
C GLY D 1113 -20.47 18.39 -36.54
N THR D 1114 -20.16 18.51 -35.26
CA THR D 1114 -20.52 19.74 -34.53
C THR D 1114 -19.42 20.79 -34.58
N THR D 1115 -19.76 21.99 -34.11
CA THR D 1115 -18.84 23.10 -34.15
C THR D 1115 -18.94 23.90 -32.87
N ASN D 1116 -19.31 23.22 -31.79
CA ASN D 1116 -19.45 23.87 -30.50
C ASN D 1116 -18.16 23.95 -29.70
N TYR D 1117 -17.92 25.12 -29.13
CA TYR D 1117 -16.68 25.39 -28.45
C TYR D 1117 -16.94 26.12 -27.14
N ILE D 1118 -15.87 26.43 -26.42
CA ILE D 1118 -15.99 27.34 -25.29
C ILE D 1118 -14.85 28.33 -25.29
N SER D 1119 -15.06 29.46 -24.62
CA SER D 1119 -14.05 30.50 -24.54
C SER D 1119 -13.41 30.42 -23.16
N VAL D 1120 -12.16 29.98 -23.12
CA VAL D 1120 -11.46 29.89 -21.85
C VAL D 1120 -10.92 31.27 -21.45
N PRO D 1121 -11.38 31.77 -20.30
CA PRO D 1121 -11.06 33.13 -19.83
C PRO D 1121 -9.57 33.35 -19.64
N LEU D 1122 -9.02 34.38 -20.30
CA LEU D 1122 -7.63 34.75 -20.11
C LEU D 1122 -7.52 35.85 -19.06
N PHE D 1123 -8.63 36.11 -18.38
CA PHE D 1123 -8.68 37.14 -17.35
C PHE D 1123 -9.49 36.68 -16.14
N GLN D 1124 -8.96 36.94 -14.94
CA GLN D 1124 -9.64 36.59 -13.69
C GLN D 1124 -10.37 37.79 -13.10
N PRO D 1125 -11.71 37.73 -13.08
CA PRO D 1125 -12.56 38.83 -12.61
C PRO D 1125 -12.65 38.93 -11.09
N ASP D 1126 -12.18 37.92 -10.36
CA ASP D 1126 -12.44 37.86 -8.93
C ASP D 1126 -11.23 37.54 -8.02
N GLU D 1127 -10.24 38.43 -8.01
CA GLU D 1127 -9.17 38.36 -7.02
C GLU D 1127 -9.43 39.37 -5.91
N VAL D 1128 -9.62 40.62 -6.30
CA VAL D 1128 -10.12 41.70 -5.47
C VAL D 1128 -11.64 41.60 -5.66
N THR D 1129 -12.40 42.52 -5.06
CA THR D 1129 -13.87 42.50 -5.10
C THR D 1129 -14.45 42.25 -6.51
N ARG D 1130 -13.98 43.01 -7.49
CA ARG D 1130 -14.37 42.81 -8.89
C ARG D 1130 -13.41 43.57 -9.80
N SER D 1131 -12.26 42.97 -10.06
CA SER D 1131 -11.26 43.60 -10.93
C SER D 1131 -10.63 42.61 -11.89
N LEU D 1132 -10.80 42.90 -13.18
CA LEU D 1132 -10.32 42.03 -14.23
C LEU D 1132 -8.82 42.24 -14.44
N ARG D 1133 -8.09 41.13 -14.59
CA ARG D 1133 -6.64 41.18 -14.74
C ARG D 1133 -6.12 39.89 -15.38
N LEU D 1134 -4.84 39.88 -15.71
CA LEU D 1134 -4.20 38.74 -16.35
C LEU D 1134 -4.40 37.44 -15.55
N ARG D 1135 -4.98 36.45 -16.20
CA ARG D 1135 -5.16 35.12 -15.59
C ARG D 1135 -3.78 34.53 -15.26
N LYS D 1136 -3.73 33.68 -14.24
CA LYS D 1136 -2.48 33.09 -13.77
C LYS D 1136 -1.66 32.45 -14.88
N ARG D 1137 -0.36 32.72 -14.83
CA ARG D 1137 0.64 32.20 -15.77
C ARG D 1137 0.49 30.70 -16.03
N ALA D 1138 0.21 29.97 -14.97
CA ALA D 1138 0.11 28.52 -15.04
C ALA D 1138 -1.24 28.07 -15.58
N ASP D 1139 -2.31 28.68 -15.07
CA ASP D 1139 -3.67 28.23 -15.36
C ASP D 1139 -3.95 28.19 -16.84
N ILE D 1140 -3.67 29.29 -17.54
CA ILE D 1140 -3.98 29.43 -18.95
C ILE D 1140 -3.40 28.29 -19.76
N GLU D 1141 -2.16 27.94 -19.46
CA GLU D 1141 -1.48 26.86 -20.16
C GLU D 1141 -2.23 25.54 -20.09
N ALA D 1142 -2.93 25.29 -18.99
CA ALA D 1142 -3.63 24.01 -18.84
C ALA D 1142 -5.01 24.05 -19.49
N GLY D 1143 -5.40 25.22 -19.97
CA GLY D 1143 -6.69 25.40 -20.60
C GLY D 1143 -6.63 25.61 -22.10
N LEU D 1144 -5.42 25.63 -22.64
CA LEU D 1144 -5.21 25.88 -24.07
C LEU D 1144 -4.22 24.93 -24.72
N TYR D 1145 -3.32 24.37 -23.92
CA TYR D 1145 -2.28 23.49 -24.44
C TYR D 1145 -2.88 22.32 -25.20
N GLY D 1146 -2.48 22.17 -26.46
CA GLY D 1146 -2.83 20.99 -27.22
C GLY D 1146 -4.31 20.82 -27.44
N ARG D 1147 -4.97 21.90 -27.83
CA ARG D 1147 -6.40 21.88 -28.09
C ARG D 1147 -6.65 22.29 -29.54
N VAL D 1148 -7.93 22.30 -29.92
CA VAL D 1148 -8.32 22.61 -31.28
C VAL D 1148 -9.27 23.81 -31.33
N LEU D 1149 -8.93 24.80 -32.13
CA LEU D 1149 -9.73 26.01 -32.25
C LEU D 1149 -11.05 25.75 -32.95
N ALA D 1150 -11.98 26.70 -32.85
CA ALA D 1150 -13.27 26.55 -33.50
C ALA D 1150 -13.44 27.50 -34.69
N ARG D 1151 -12.70 28.60 -34.66
CA ARG D 1151 -12.67 29.55 -35.77
C ARG D 1151 -11.32 30.26 -35.79
N GLU D 1152 -10.79 30.52 -36.98
CA GLU D 1152 -9.47 31.12 -37.13
C GLU D 1152 -9.37 32.47 -36.40
N VAL D 1153 -8.29 32.65 -35.65
CA VAL D 1153 -8.07 33.89 -34.89
C VAL D 1153 -6.64 34.39 -35.02
N GLU D 1154 -6.49 35.61 -35.53
CA GLU D 1154 -5.19 36.23 -35.67
C GLU D 1154 -5.02 37.28 -34.57
N VAL D 1155 -3.81 37.41 -34.04
CA VAL D 1155 -3.56 38.27 -32.88
C VAL D 1155 -2.30 39.14 -32.95
N LEU D 1156 -1.15 38.52 -32.73
CA LEU D 1156 0.10 39.26 -32.65
C LEU D 1156 0.61 39.62 -34.05
N GLY D 1157 0.17 38.86 -35.04
CA GLY D 1157 0.53 39.13 -36.42
C GLY D 1157 0.39 37.90 -37.29
N VAL D 1158 0.52 36.74 -36.67
CA VAL D 1158 0.37 35.48 -37.38
C VAL D 1158 -1.07 35.02 -37.23
N ARG D 1159 -1.60 34.35 -38.26
CA ARG D 1159 -2.97 33.88 -38.25
C ARG D 1159 -3.04 32.40 -37.85
N LEU D 1160 -3.60 32.15 -36.68
CA LEU D 1160 -3.74 30.79 -36.18
C LEU D 1160 -4.76 30.02 -37.01
N GLU D 1161 -4.33 28.86 -37.52
CA GLU D 1161 -5.16 28.05 -38.39
C GLU D 1161 -6.48 27.68 -37.75
N GLU D 1162 -7.50 27.47 -38.58
CA GLU D 1162 -8.78 27.01 -38.07
C GLU D 1162 -8.66 25.52 -37.77
N GLY D 1163 -9.10 25.13 -36.58
CA GLY D 1163 -9.11 23.72 -36.21
C GLY D 1163 -7.70 23.17 -36.13
N ARG D 1164 -6.81 23.95 -35.54
CA ARG D 1164 -5.41 23.58 -35.47
C ARG D 1164 -5.05 23.09 -34.08
N TYR D 1165 -4.15 22.13 -34.04
CA TYR D 1165 -3.67 21.55 -32.79
C TYR D 1165 -2.62 22.46 -32.16
N LEU D 1166 -3.04 23.25 -31.18
CA LEU D 1166 -2.19 24.29 -30.56
C LEU D 1166 -1.02 23.73 -29.74
N SER D 1167 0.20 24.07 -30.13
CA SER D 1167 1.35 23.75 -29.28
C SER D 1167 1.44 24.80 -28.18
N MET D 1168 2.40 24.65 -27.27
CA MET D 1168 2.49 25.53 -26.10
C MET D 1168 2.79 26.99 -26.47
N ASP D 1169 3.64 27.16 -27.47
CA ASP D 1169 4.04 28.48 -27.97
C ASP D 1169 2.88 29.29 -28.52
N ASP D 1170 1.92 28.56 -29.09
CA ASP D 1170 0.70 29.16 -29.57
C ASP D 1170 0.09 29.91 -28.40
N VAL D 1171 0.04 29.24 -27.25
CA VAL D 1171 -0.54 29.83 -26.06
C VAL D 1171 0.32 30.98 -25.55
N HIS D 1172 1.64 30.79 -25.62
CA HIS D 1172 2.59 31.83 -25.23
C HIS D 1172 2.31 33.17 -25.92
N LEU D 1173 2.34 33.16 -27.25
CA LEU D 1173 2.12 34.40 -28.00
C LEU D 1173 0.68 34.90 -27.83
N LEU D 1174 -0.21 33.98 -27.46
CA LEU D 1174 -1.60 34.34 -27.18
C LEU D 1174 -1.69 35.18 -25.91
N ILE D 1175 -0.94 34.79 -24.87
CA ILE D 1175 -0.92 35.57 -23.64
C ILE D 1175 -0.20 36.89 -23.88
N LYS D 1176 0.94 36.83 -24.57
CA LYS D 1176 1.67 38.05 -24.92
C LYS D 1176 0.82 39.02 -25.75
N ALA D 1177 -0.15 38.47 -26.48
CA ALA D 1177 -1.09 39.28 -27.25
C ALA D 1177 -2.19 39.82 -26.36
N ALA D 1178 -2.60 39.00 -25.39
CA ALA D 1178 -3.66 39.37 -24.47
C ALA D 1178 -3.22 40.51 -23.55
N GLU D 1179 -1.90 40.62 -23.35
CA GLU D 1179 -1.37 41.71 -22.53
C GLU D 1179 -1.59 43.07 -23.18
N ALA D 1180 -1.39 43.14 -24.50
CA ALA D 1180 -1.60 44.38 -25.23
C ALA D 1180 -3.09 44.65 -25.47
N GLY D 1181 -3.93 43.74 -25.01
CA GLY D 1181 -5.36 43.87 -25.16
C GLY D 1181 -5.82 43.53 -26.57
N GLU D 1182 -5.52 42.32 -27.02
CA GLU D 1182 -5.94 41.89 -28.34
C GLU D 1182 -7.18 41.00 -28.27
N ILE D 1183 -7.01 39.78 -27.77
CA ILE D 1183 -8.16 38.90 -27.55
C ILE D 1183 -8.37 38.63 -26.06
N GLN D 1184 -9.63 38.53 -25.67
CA GLN D 1184 -10.00 38.29 -24.28
C GLN D 1184 -10.10 36.80 -24.00
N GLU D 1185 -10.65 36.05 -24.95
CA GLU D 1185 -10.78 34.60 -24.81
C GLU D 1185 -10.37 33.87 -26.08
N VAL D 1186 -10.36 32.55 -26.02
CA VAL D 1186 -9.97 31.71 -27.15
C VAL D 1186 -11.02 30.64 -27.41
N PRO D 1187 -11.54 30.56 -28.65
CA PRO D 1187 -12.52 29.53 -29.01
C PRO D 1187 -11.90 28.14 -29.02
N VAL D 1188 -12.51 27.17 -28.34
CA VAL D 1188 -11.91 25.84 -28.30
C VAL D 1188 -12.84 24.63 -28.18
N ARG D 1189 -12.56 23.62 -29.00
CA ARG D 1189 -13.23 22.33 -28.94
C ARG D 1189 -12.92 21.63 -27.63
N SER D 1190 -13.90 20.92 -27.09
CA SER D 1190 -13.75 20.27 -25.79
C SER D 1190 -14.71 19.10 -25.69
N PRO D 1191 -14.33 18.06 -24.93
CA PRO D 1191 -15.22 16.94 -24.64
C PRO D 1191 -16.58 17.41 -24.12
N LEU D 1192 -16.58 18.52 -23.38
CA LEU D 1192 -17.81 19.14 -22.88
C LEU D 1192 -18.92 19.22 -23.91
N THR D 1193 -18.54 19.36 -25.18
CA THR D 1193 -19.51 19.56 -26.24
C THR D 1193 -19.32 18.63 -27.44
N CYS D 1194 -18.86 17.41 -27.19
CA CYS D 1194 -18.73 16.44 -28.27
C CYS D 1194 -20.10 15.83 -28.59
N GLN D 1195 -20.28 15.44 -29.86
CA GLN D 1195 -21.55 14.86 -30.31
C GLN D 1195 -21.61 13.35 -30.12
N THR D 1196 -20.44 12.71 -30.02
CA THR D 1196 -20.39 11.26 -29.88
C THR D 1196 -21.00 10.82 -28.56
N ARG D 1197 -22.07 10.04 -28.64
CA ARG D 1197 -22.83 9.60 -27.49
C ARG D 1197 -21.91 9.07 -26.40
N TYR D 1198 -21.36 7.90 -26.68
CA TYR D 1198 -20.44 7.22 -25.80
C TYR D 1198 -19.06 7.32 -26.42
N GLY D 1199 -18.25 8.26 -25.92
CA GLY D 1199 -16.95 8.50 -26.51
C GLY D 1199 -16.71 9.97 -26.79
N VAL D 1200 -15.51 10.27 -27.29
CA VAL D 1200 -15.11 11.63 -27.66
C VAL D 1200 -14.31 11.49 -28.95
N CYS D 1201 -14.23 12.56 -29.74
CA CYS D 1201 -13.48 12.49 -30.99
C CYS D 1201 -12.08 13.10 -30.88
N GLN D 1202 -11.27 12.84 -31.90
CA GLN D 1202 -9.87 13.26 -31.90
C GLN D 1202 -9.71 14.77 -31.78
N LYS D 1203 -10.40 15.52 -32.64
CA LYS D 1203 -10.34 16.99 -32.58
C LYS D 1203 -10.82 17.53 -31.24
N CYS D 1204 -11.89 16.95 -30.72
CA CYS D 1204 -12.48 17.47 -29.50
C CYS D 1204 -11.59 17.28 -28.28
N TYR D 1205 -10.94 16.12 -28.18
CA TYR D 1205 -10.03 15.88 -27.07
C TYR D 1205 -8.86 16.84 -27.17
N GLY D 1206 -7.89 16.51 -28.01
CA GLY D 1206 -6.79 17.43 -28.28
C GLY D 1206 -5.45 16.82 -28.62
N TYR D 1207 -4.52 16.90 -27.67
CA TYR D 1207 -3.14 16.49 -27.89
C TYR D 1207 -2.79 15.21 -27.15
N ASP D 1208 -2.50 15.38 -25.86
CA ASP D 1208 -1.79 14.42 -24.99
C ASP D 1208 -1.84 12.96 -25.45
N LEU D 1209 -0.67 12.35 -25.53
CA LEU D 1209 -0.55 10.97 -25.97
C LEU D 1209 0.78 10.47 -25.44
N SER D 1210 1.01 10.73 -24.16
CA SER D 1210 2.32 10.52 -23.51
C SER D 1210 3.39 11.34 -24.22
N MET D 1211 2.93 12.23 -25.10
CA MET D 1211 3.81 13.03 -25.96
C MET D 1211 2.97 14.08 -26.68
N ALA D 1212 3.65 15.04 -27.29
CA ALA D 1212 2.97 16.13 -27.97
C ALA D 1212 2.65 15.78 -29.42
N ARG D 1213 1.63 14.94 -29.59
CA ARG D 1213 1.21 14.45 -30.90
C ARG D 1213 -0.31 14.54 -30.93
N PRO D 1214 -0.92 14.63 -32.12
CA PRO D 1214 -2.37 14.44 -32.17
C PRO D 1214 -2.76 13.13 -31.51
N VAL D 1215 -3.70 13.19 -30.57
CA VAL D 1215 -4.17 12.01 -29.85
C VAL D 1215 -4.59 10.87 -30.78
N SER D 1216 -3.98 9.71 -30.59
CA SER D 1216 -4.26 8.57 -31.46
C SER D 1216 -5.72 8.14 -31.39
N ILE D 1217 -6.24 7.61 -32.51
CA ILE D 1217 -7.63 7.20 -32.59
C ILE D 1217 -7.81 5.83 -31.94
N GLY D 1218 -8.45 5.80 -30.78
CA GLY D 1218 -8.72 4.54 -30.09
C GLY D 1218 -8.22 4.51 -28.64
N GLU D 1219 -7.76 5.65 -28.15
CA GLU D 1219 -7.18 5.72 -26.81
C GLU D 1219 -8.24 5.67 -25.72
N ALA D 1220 -7.93 4.97 -24.63
CA ALA D 1220 -8.85 4.89 -23.50
C ALA D 1220 -8.73 6.13 -22.63
N VAL D 1221 -9.21 7.26 -23.14
CA VAL D 1221 -9.01 8.54 -22.47
C VAL D 1221 -9.79 8.67 -21.16
N GLY D 1222 -10.87 7.90 -21.02
CA GLY D 1222 -11.65 7.94 -19.80
C GLY D 1222 -10.83 7.53 -18.59
N ILE D 1223 -10.28 6.33 -18.66
CA ILE D 1223 -9.47 5.79 -17.59
C ILE D 1223 -8.26 6.69 -17.34
N VAL D 1224 -7.61 7.11 -18.41
CA VAL D 1224 -6.43 7.98 -18.34
C VAL D 1224 -6.72 9.27 -17.59
N ALA D 1225 -7.85 9.89 -17.88
CA ALA D 1225 -8.22 11.13 -17.23
C ALA D 1225 -8.59 10.91 -15.77
N ALA D 1226 -9.41 9.88 -15.53
CA ALA D 1226 -9.81 9.53 -14.17
C ALA D 1226 -8.58 9.31 -13.29
N GLN D 1227 -7.59 8.63 -13.85
CA GLN D 1227 -6.31 8.39 -13.17
C GLN D 1227 -5.54 9.69 -12.98
N SER D 1228 -5.53 10.54 -14.00
CA SER D 1228 -4.86 11.83 -13.93
C SER D 1228 -5.43 12.69 -12.81
N ILE D 1229 -6.72 12.50 -12.52
CA ILE D 1229 -7.36 13.27 -11.47
C ILE D 1229 -7.19 12.55 -10.12
N GLY D 1230 -7.04 11.23 -10.17
CA GLY D 1230 -6.95 10.40 -8.98
C GLY D 1230 -5.59 10.43 -8.31
N GLU D 1231 -4.53 10.39 -9.12
CA GLU D 1231 -3.15 10.41 -8.63
C GLU D 1231 -2.83 11.55 -7.65
N PRO D 1232 -3.20 12.80 -7.99
CA PRO D 1232 -2.82 13.85 -7.04
C PRO D 1232 -3.93 14.17 -6.06
N GLY D 1233 -4.80 13.20 -5.80
CA GLY D 1233 -5.90 13.39 -4.89
C GLY D 1233 -5.43 13.28 -3.46
N THR D 1234 -4.44 12.42 -3.25
CA THR D 1234 -3.91 12.16 -1.93
C THR D 1234 -3.05 13.32 -1.41
N GLN D 1235 -2.67 14.23 -2.31
CA GLN D 1235 -1.87 15.39 -1.91
C GLN D 1235 -2.70 16.47 -1.24
N LEU D 1236 -4.01 16.34 -1.26
CA LEU D 1236 -4.90 17.40 -0.79
C LEU D 1236 -5.40 17.14 0.64
N GLN D 1254 -11.71 20.33 2.69
CA GLN D 1254 -11.73 21.50 1.82
C GLN D 1254 -10.79 21.32 0.63
N GLY D 1255 -10.00 20.25 0.66
CA GLY D 1255 -9.14 19.92 -0.45
C GLY D 1255 -9.81 18.80 -1.23
N LEU D 1256 -9.40 17.56 -0.95
CA LEU D 1256 -10.05 16.40 -1.52
C LEU D 1256 -11.58 16.36 -1.28
N PRO D 1257 -12.03 16.70 -0.05
CA PRO D 1257 -13.49 16.69 0.17
C PRO D 1257 -14.24 17.65 -0.74
N ARG D 1258 -13.71 18.86 -0.93
CA ARG D 1258 -14.32 19.85 -1.81
C ARG D 1258 -14.40 19.30 -3.22
N VAL D 1259 -13.29 18.72 -3.67
CA VAL D 1259 -13.26 18.03 -4.95
C VAL D 1259 -14.44 17.05 -5.02
N ILE D 1260 -14.61 16.19 -4.00
CA ILE D 1260 -15.74 15.27 -3.96
C ILE D 1260 -17.09 15.98 -4.12
N GLU D 1261 -17.32 17.00 -3.30
CA GLU D 1261 -18.56 17.77 -3.35
C GLU D 1261 -18.81 18.32 -4.75
N LEU D 1262 -17.72 18.61 -5.45
CA LEU D 1262 -17.83 19.08 -6.82
C LEU D 1262 -18.22 17.94 -7.75
N PHE D 1263 -17.49 16.81 -7.70
CA PHE D 1263 -17.78 15.69 -8.58
C PHE D 1263 -19.08 14.95 -8.22
N GLU D 1264 -19.43 14.97 -6.94
CA GLU D 1264 -20.64 14.31 -6.47
C GLU D 1264 -21.86 15.23 -6.58
N ALA D 1265 -21.62 16.46 -7.02
CA ALA D 1265 -22.69 17.44 -7.20
C ALA D 1265 -23.49 17.63 -5.92
N ARG D 1266 -22.89 17.31 -4.78
CA ARG D 1266 -23.56 17.40 -3.49
C ARG D 1266 -23.83 18.86 -3.15
N ARG D 1267 -24.87 19.09 -2.35
CA ARG D 1267 -25.18 20.42 -1.84
C ARG D 1267 -24.00 20.97 -1.06
N PRO D 1268 -23.45 22.11 -1.52
CA PRO D 1268 -22.27 22.75 -0.93
C PRO D 1268 -22.34 22.85 0.59
N LYS D 1269 -21.18 22.78 1.24
CA LYS D 1269 -21.07 22.84 2.70
C LYS D 1269 -21.89 23.98 3.30
N ALA D 1270 -21.37 25.19 3.17
CA ALA D 1270 -22.12 26.39 3.53
C ALA D 1270 -22.75 26.97 2.28
N LYS D 1271 -24.02 26.68 2.05
CA LYS D 1271 -24.74 27.20 0.89
C LYS D 1271 -24.75 28.73 0.92
N ALA D 1272 -24.86 29.36 -0.25
CA ALA D 1272 -24.88 30.82 -0.32
C ALA D 1272 -26.04 31.38 -1.15
N VAL D 1273 -27.19 30.70 -1.11
CA VAL D 1273 -28.39 31.06 -1.89
C VAL D 1273 -28.07 31.08 -3.40
N ILE D 1274 -28.98 31.59 -4.23
CA ILE D 1274 -28.78 31.63 -5.68
C ILE D 1274 -29.67 32.70 -6.32
N SER D 1275 -29.14 33.45 -7.29
CA SER D 1275 -29.96 34.44 -7.98
C SER D 1275 -30.81 33.78 -9.06
N GLU D 1276 -32.01 34.32 -9.28
CA GLU D 1276 -32.90 33.77 -10.30
C GLU D 1276 -32.70 34.48 -11.63
N ILE D 1277 -33.40 35.61 -11.78
CA ILE D 1277 -33.38 36.38 -13.02
C ILE D 1277 -32.43 37.57 -12.97
N ASP D 1278 -32.32 38.28 -14.09
CA ASP D 1278 -31.41 39.40 -14.23
C ASP D 1278 -32.11 40.76 -14.09
N GLY D 1279 -31.36 41.84 -14.32
CA GLY D 1279 -31.87 43.18 -14.15
C GLY D 1279 -30.92 44.03 -13.32
N VAL D 1280 -31.41 45.16 -12.81
CA VAL D 1280 -30.59 46.01 -11.97
C VAL D 1280 -30.51 45.43 -10.56
N VAL D 1281 -29.31 45.19 -10.05
CA VAL D 1281 -29.18 44.79 -8.66
C VAL D 1281 -29.88 45.83 -7.81
N ARG D 1282 -30.90 45.41 -7.07
CA ARG D 1282 -31.52 46.26 -6.06
C ARG D 1282 -31.98 45.39 -4.89
N ILE D 1283 -31.42 45.65 -3.72
CA ILE D 1283 -31.71 44.89 -2.51
C ILE D 1283 -32.13 45.84 -1.39
N GLU D 1284 -32.93 45.34 -0.46
CA GLU D 1284 -33.35 46.17 0.67
C GLU D 1284 -32.19 46.41 1.65
N GLU D 1285 -32.54 46.65 2.91
CA GLU D 1285 -31.54 46.98 3.92
C GLU D 1285 -31.66 46.05 5.13
N THR D 1286 -32.41 46.49 6.12
CA THR D 1286 -32.57 45.71 7.35
C THR D 1286 -33.63 44.59 7.24
N GLU D 1287 -34.24 44.28 8.39
CA GLU D 1287 -35.21 43.20 8.58
C GLU D 1287 -34.58 41.79 8.48
N GLU D 1288 -35.13 40.85 9.25
CA GLU D 1288 -34.64 39.47 9.28
C GLU D 1288 -34.66 38.84 7.89
N LYS D 1289 -35.71 39.11 7.14
CA LYS D 1289 -35.77 38.72 5.74
C LYS D 1289 -35.46 39.90 4.82
N LEU D 1290 -34.30 39.84 4.17
CA LEU D 1290 -33.88 40.86 3.21
C LEU D 1290 -34.90 41.03 2.09
N SER D 1291 -35.54 42.19 2.05
CA SER D 1291 -36.60 42.45 1.08
C SER D 1291 -36.02 42.92 -0.25
N VAL D 1292 -35.24 42.04 -0.88
CA VAL D 1292 -34.61 42.33 -2.16
C VAL D 1292 -35.67 42.70 -3.20
N PHE D 1293 -35.32 43.60 -4.12
CA PHE D 1293 -36.24 44.01 -5.18
C PHE D 1293 -35.48 44.42 -6.44
N VAL D 1294 -35.08 43.44 -7.24
CA VAL D 1294 -34.35 43.71 -8.48
C VAL D 1294 -35.15 44.61 -9.46
N GLU D 1295 -35.85 44.01 -10.43
CA GLU D 1295 -36.65 44.72 -11.44
C GLU D 1295 -37.02 43.79 -12.59
N SER D 1296 -36.40 44.05 -13.74
CA SER D 1296 -36.59 43.32 -15.00
C SER D 1296 -38.03 43.47 -15.53
N GLU D 1297 -38.41 42.61 -16.45
CA GLU D 1297 -39.71 42.69 -17.12
C GLU D 1297 -40.81 41.92 -16.40
N GLY D 1298 -41.56 42.62 -15.56
CA GLY D 1298 -42.75 42.06 -14.94
C GLY D 1298 -42.46 41.33 -13.65
N PHE D 1299 -41.22 40.84 -13.52
CA PHE D 1299 -40.78 40.16 -12.30
C PHE D 1299 -40.32 41.15 -11.23
N SER D 1300 -39.55 40.63 -10.27
CA SER D 1300 -38.95 41.42 -9.21
C SER D 1300 -37.95 40.52 -8.48
N LYS D 1301 -37.79 40.73 -7.17
CA LYS D 1301 -36.95 39.86 -6.35
C LYS D 1301 -37.49 39.80 -4.92
N GLU D 1302 -37.04 38.80 -4.17
CA GLU D 1302 -37.39 38.62 -2.76
C GLU D 1302 -36.70 37.36 -2.28
N TYR D 1303 -35.83 37.49 -1.28
CA TYR D 1303 -35.13 36.32 -0.74
C TYR D 1303 -35.24 36.18 0.77
N LYS D 1304 -34.72 35.07 1.28
CA LYS D 1304 -34.76 34.78 2.71
C LYS D 1304 -33.65 33.80 3.11
N LEU D 1305 -32.91 34.18 4.16
CA LEU D 1305 -31.79 33.37 4.66
C LEU D 1305 -31.49 33.71 6.14
N PRO D 1306 -30.69 32.86 6.83
CA PRO D 1306 -30.23 33.17 8.20
C PRO D 1306 -29.51 34.52 8.34
N LYS D 1307 -29.16 34.85 9.57
CA LYS D 1307 -28.58 36.16 9.88
C LYS D 1307 -27.25 36.40 9.17
N GLU D 1308 -26.21 35.70 9.60
CA GLU D 1308 -24.86 35.91 9.06
C GLU D 1308 -24.76 35.66 7.55
N ALA D 1309 -24.53 36.76 6.81
CA ALA D 1309 -24.51 36.73 5.35
C ALA D 1309 -23.92 38.03 4.81
N ARG D 1310 -23.04 37.92 3.81
CA ARG D 1310 -22.52 39.10 3.13
C ARG D 1310 -22.94 39.11 1.67
N LEU D 1311 -23.07 40.29 1.10
CA LEU D 1311 -23.67 40.45 -0.22
C LEU D 1311 -22.68 40.85 -1.31
N LEU D 1312 -21.82 41.81 -0.99
CA LEU D 1312 -20.80 42.34 -1.90
C LEU D 1312 -21.34 43.18 -3.05
N VAL D 1313 -22.66 43.40 -3.08
CA VAL D 1313 -23.23 44.15 -4.18
C VAL D 1313 -24.49 44.95 -3.82
N LYS D 1314 -24.32 46.26 -3.65
CA LYS D 1314 -25.40 47.18 -3.32
C LYS D 1314 -26.39 47.32 -4.49
N ASP D 1315 -27.26 48.33 -4.45
CA ASP D 1315 -28.25 48.55 -5.51
C ASP D 1315 -27.66 49.30 -6.70
N GLY D 1316 -27.96 48.88 -7.92
CA GLY D 1316 -27.46 49.62 -9.08
C GLY D 1316 -27.03 48.80 -10.30
N ASP D 1317 -25.96 48.03 -10.15
CA ASP D 1317 -25.34 47.29 -11.28
C ASP D 1317 -26.13 46.05 -11.74
N TYR D 1318 -25.42 45.09 -12.34
CA TYR D 1318 -26.04 43.92 -12.96
C TYR D 1318 -26.10 42.72 -12.00
N VAL D 1319 -27.30 42.15 -11.85
CA VAL D 1319 -27.53 41.02 -10.95
C VAL D 1319 -27.35 39.68 -11.66
N GLU D 1320 -27.89 39.56 -12.87
CA GLU D 1320 -27.80 38.33 -13.66
C GLU D 1320 -28.32 37.09 -12.91
N ALA D 1321 -27.89 35.92 -13.38
CA ALA D 1321 -28.26 34.66 -12.75
C ALA D 1321 -27.04 33.96 -12.17
N GLY D 1322 -27.16 33.46 -10.95
CA GLY D 1322 -26.08 32.75 -10.30
C GLY D 1322 -24.90 33.65 -9.97
N GLN D 1323 -25.21 34.81 -9.39
CA GLN D 1323 -24.18 35.78 -9.06
C GLN D 1323 -23.79 35.65 -7.59
N PRO D 1324 -22.82 36.46 -7.11
CA PRO D 1324 -22.56 36.43 -5.67
C PRO D 1324 -23.74 36.98 -4.85
N LEU D 1325 -24.34 36.11 -4.04
CA LEU D 1325 -25.45 36.51 -3.17
C LEU D 1325 -24.97 36.57 -1.73
N THR D 1326 -24.87 35.39 -1.12
CA THR D 1326 -24.43 35.22 0.26
C THR D 1326 -22.93 34.86 0.24
N ARG D 1327 -22.30 35.08 -0.91
CA ARG D 1327 -20.87 34.89 -1.15
C ARG D 1327 -20.21 33.66 -0.48
N GLY D 1328 -20.07 32.59 -1.25
CA GLY D 1328 -19.43 31.39 -0.75
C GLY D 1328 -19.44 30.27 -1.76
N ALA D 1329 -19.90 29.10 -1.33
CA ALA D 1329 -20.01 27.95 -2.22
C ALA D 1329 -21.36 27.95 -2.94
N ILE D 1330 -21.30 28.11 -4.26
CA ILE D 1330 -22.51 28.14 -5.07
C ILE D 1330 -23.04 26.73 -5.32
N ASP D 1331 -24.34 26.56 -5.08
CA ASP D 1331 -25.02 25.31 -5.37
C ASP D 1331 -25.09 25.11 -6.88
N PRO D 1332 -24.43 24.07 -7.39
CA PRO D 1332 -24.43 23.77 -8.83
C PRO D 1332 -25.81 23.34 -9.30
N HIS D 1333 -26.55 22.68 -8.42
CA HIS D 1333 -27.91 22.25 -8.72
C HIS D 1333 -28.83 23.43 -9.03
N GLN D 1334 -28.92 24.38 -8.11
CA GLN D 1334 -29.74 25.56 -8.31
C GLN D 1334 -29.21 26.40 -9.46
N LEU D 1335 -27.89 26.40 -9.62
CA LEU D 1335 -27.26 27.15 -10.71
C LEU D 1335 -27.60 26.55 -12.07
N LEU D 1336 -27.93 25.26 -12.09
CA LEU D 1336 -28.30 24.61 -13.34
C LEU D 1336 -29.59 25.22 -13.90
N GLU D 1337 -30.55 25.42 -13.01
CA GLU D 1337 -31.83 26.00 -13.40
C GLU D 1337 -31.74 27.53 -13.42
N ALA D 1338 -30.68 28.07 -12.83
CA ALA D 1338 -30.51 29.52 -12.79
C ALA D 1338 -29.86 30.07 -14.06
N LYS D 1339 -28.80 29.41 -14.53
CA LYS D 1339 -28.00 29.95 -15.62
C LYS D 1339 -27.83 28.98 -16.80
N GLY D 1340 -28.23 27.73 -16.61
CA GLY D 1340 -28.24 26.78 -17.70
C GLY D 1340 -27.11 25.76 -17.65
N PRO D 1341 -27.16 24.75 -18.53
CA PRO D 1341 -26.20 23.66 -18.61
C PRO D 1341 -24.80 24.16 -18.94
N GLU D 1342 -24.72 25.12 -19.86
CA GLU D 1342 -23.43 25.61 -20.35
C GLU D 1342 -22.58 26.23 -19.24
N ALA D 1343 -23.22 26.92 -18.30
CA ALA D 1343 -22.54 27.66 -17.25
C ALA D 1343 -21.91 26.77 -16.18
N VAL D 1344 -22.62 25.71 -15.82
CA VAL D 1344 -22.21 24.80 -14.75
C VAL D 1344 -20.91 24.12 -15.10
N GLU D 1345 -20.83 23.64 -16.33
CA GLU D 1345 -19.65 22.96 -16.84
C GLU D 1345 -18.43 23.86 -16.74
N ARG D 1346 -18.64 25.17 -16.88
CA ARG D 1346 -17.55 26.14 -16.81
C ARG D 1346 -17.24 26.49 -15.37
N TYR D 1347 -18.23 26.32 -14.49
CA TYR D 1347 -18.05 26.58 -13.07
C TYR D 1347 -17.27 25.49 -12.35
N LEU D 1348 -17.81 24.27 -12.42
CA LEU D 1348 -17.25 23.11 -11.74
C LEU D 1348 -15.78 22.92 -12.09
N VAL D 1349 -15.48 22.65 -13.35
CA VAL D 1349 -14.09 22.56 -13.82
C VAL D 1349 -13.21 23.65 -13.23
N GLU D 1350 -13.68 24.89 -13.25
CA GLU D 1350 -12.88 26.00 -12.73
C GLU D 1350 -12.56 25.86 -11.23
N GLU D 1351 -13.55 25.61 -10.39
CA GLU D 1351 -13.27 25.55 -8.95
C GLU D 1351 -12.54 24.27 -8.51
N ILE D 1352 -12.89 23.16 -9.16
CA ILE D 1352 -12.15 21.92 -8.97
C ILE D 1352 -10.69 22.15 -9.29
N GLN D 1353 -10.44 22.78 -10.44
CA GLN D 1353 -9.08 23.02 -10.88
C GLN D 1353 -8.37 23.97 -9.91
N LYS D 1354 -9.12 24.92 -9.37
CA LYS D 1354 -8.61 25.83 -8.34
C LYS D 1354 -8.06 25.06 -7.14
N VAL D 1355 -8.82 24.08 -6.66
CA VAL D 1355 -8.35 23.24 -5.56
C VAL D 1355 -6.99 22.59 -5.83
N TYR D 1356 -6.83 21.97 -6.99
CA TYR D 1356 -5.58 21.31 -7.37
C TYR D 1356 -4.45 22.33 -7.58
N ARG D 1357 -4.80 23.49 -8.11
CA ARG D 1357 -3.87 24.58 -8.32
C ARG D 1357 -3.27 24.97 -6.99
N ALA D 1358 -4.11 25.01 -5.96
CA ALA D 1358 -3.67 25.43 -4.64
C ALA D 1358 -2.47 24.64 -4.13
N GLN D 1359 -2.50 23.32 -4.30
CA GLN D 1359 -1.42 22.48 -3.78
C GLN D 1359 -0.32 22.17 -4.80
N GLY D 1360 -0.18 23.05 -5.79
CA GLY D 1360 0.94 22.98 -6.71
C GLY D 1360 0.82 21.99 -7.85
N VAL D 1361 0.14 20.87 -7.62
CA VAL D 1361 0.04 19.85 -8.65
C VAL D 1361 -0.94 20.28 -9.74
N LYS D 1362 -0.47 20.25 -10.99
CA LYS D 1362 -1.20 20.81 -12.11
C LYS D 1362 -1.44 19.79 -13.22
N LEU D 1363 -2.72 19.61 -13.56
CA LEU D 1363 -3.12 18.75 -14.66
C LEU D 1363 -3.96 19.53 -15.67
N HIS D 1364 -4.06 19.01 -16.88
CA HIS D 1364 -4.81 19.68 -17.94
C HIS D 1364 -6.31 19.66 -17.66
N ASP D 1365 -7.01 20.68 -18.15
CA ASP D 1365 -8.44 20.83 -17.89
C ASP D 1365 -9.29 19.76 -18.58
N LYS D 1366 -8.78 19.25 -19.70
CA LYS D 1366 -9.49 18.22 -20.50
C LYS D 1366 -10.03 17.10 -19.64
N HIS D 1367 -9.17 16.54 -18.81
CA HIS D 1367 -9.50 15.40 -17.96
C HIS D 1367 -10.74 15.66 -17.12
N ILE D 1368 -10.70 16.74 -16.35
CA ILE D 1368 -11.82 17.15 -15.52
C ILE D 1368 -13.04 17.37 -16.39
N GLU D 1369 -12.81 17.94 -17.58
CA GLU D 1369 -13.90 18.29 -18.47
C GLU D 1369 -14.67 17.06 -18.95
N ILE D 1370 -13.97 15.93 -19.08
CA ILE D 1370 -14.62 14.67 -19.45
C ILE D 1370 -15.57 14.18 -18.36
N VAL D 1371 -15.06 14.14 -17.12
CA VAL D 1371 -15.89 13.74 -16.00
C VAL D 1371 -17.11 14.67 -15.86
N VAL D 1372 -16.88 15.97 -15.82
CA VAL D 1372 -18.00 16.91 -15.66
C VAL D 1372 -18.99 16.84 -16.83
N ARG D 1373 -18.51 16.52 -18.03
CA ARG D 1373 -19.45 16.30 -19.13
C ARG D 1373 -20.25 15.02 -18.88
N GLN D 1374 -19.64 14.05 -18.20
CA GLN D 1374 -20.33 12.81 -17.90
C GLN D 1374 -21.38 13.00 -16.82
N MET D 1375 -21.19 14.02 -15.99
CA MET D 1375 -22.18 14.35 -14.97
C MET D 1375 -23.37 15.10 -15.57
N MET D 1376 -23.29 15.41 -16.86
CA MET D 1376 -24.31 16.20 -17.52
C MET D 1376 -24.92 15.47 -18.71
N LYS D 1377 -25.05 14.15 -18.62
CA LYS D 1377 -25.56 13.37 -19.74
C LYS D 1377 -27.05 13.12 -19.67
N TYR D 1378 -27.58 12.96 -18.46
CA TYR D 1378 -29.01 12.67 -18.28
C TYR D 1378 -29.85 13.94 -18.19
N VAL D 1379 -31.07 13.85 -18.71
CA VAL D 1379 -32.03 14.95 -18.69
C VAL D 1379 -33.46 14.46 -18.39
N GLU D 1380 -34.13 15.10 -17.43
CA GLU D 1380 -35.46 14.69 -16.99
C GLU D 1380 -36.61 15.24 -17.85
N VAL D 1381 -37.47 14.35 -18.33
CA VAL D 1381 -38.57 14.71 -19.24
C VAL D 1381 -39.50 15.78 -18.66
N THR D 1382 -39.96 16.69 -19.52
CA THR D 1382 -40.87 17.75 -19.10
C THR D 1382 -42.15 17.72 -19.94
N ASP D 1383 -42.08 17.04 -21.08
CA ASP D 1383 -43.22 16.91 -21.98
C ASP D 1383 -43.20 15.54 -22.67
N PRO D 1384 -44.09 14.64 -22.27
CA PRO D 1384 -44.13 13.27 -22.80
C PRO D 1384 -44.69 13.20 -24.22
N GLY D 1385 -44.14 12.32 -25.03
CA GLY D 1385 -44.61 12.11 -26.38
C GLY D 1385 -44.72 10.62 -26.68
N ASP D 1386 -43.69 9.89 -26.25
CA ASP D 1386 -43.66 8.43 -26.35
C ASP D 1386 -43.43 7.80 -24.98
N SER D 1387 -42.49 8.37 -24.23
CA SER D 1387 -42.14 7.89 -22.89
C SER D 1387 -42.84 8.73 -21.82
N ARG D 1388 -42.64 8.36 -20.55
CA ARG D 1388 -43.30 9.07 -19.46
C ARG D 1388 -42.49 10.28 -18.99
N LEU D 1389 -43.18 11.28 -18.46
CA LEU D 1389 -42.50 12.46 -17.90
C LEU D 1389 -41.77 12.10 -16.60
N LEU D 1390 -41.00 13.05 -16.08
CA LEU D 1390 -40.19 12.84 -14.86
C LEU D 1390 -39.22 11.66 -14.95
N GLU D 1391 -38.97 11.19 -16.18
CA GLU D 1391 -38.09 10.05 -16.40
C GLU D 1391 -36.65 10.48 -16.67
N GLY D 1392 -35.71 9.84 -16.00
CA GLY D 1392 -34.29 10.15 -16.19
C GLY D 1392 -33.78 9.55 -17.47
N GLN D 1393 -33.25 10.39 -18.35
CA GLN D 1393 -32.81 9.92 -19.66
C GLN D 1393 -31.66 10.72 -20.27
N VAL D 1394 -30.80 10.01 -21.01
CA VAL D 1394 -29.62 10.60 -21.62
C VAL D 1394 -30.02 11.62 -22.71
N LEU D 1395 -29.26 12.70 -22.79
CA LEU D 1395 -29.47 13.76 -23.75
C LEU D 1395 -29.36 13.26 -25.20
N GLU D 1396 -28.32 12.49 -25.47
CA GLU D 1396 -28.06 11.99 -26.81
C GLU D 1396 -29.17 11.03 -27.25
N LYS D 1397 -29.81 10.35 -26.29
CA LYS D 1397 -30.94 9.49 -26.62
C LYS D 1397 -32.16 10.34 -27.01
N TRP D 1398 -32.20 11.56 -26.50
CA TRP D 1398 -33.22 12.51 -26.92
C TRP D 1398 -32.87 13.19 -28.24
N ASP D 1399 -31.61 13.10 -28.66
CA ASP D 1399 -31.26 13.61 -29.98
C ASP D 1399 -32.06 12.90 -31.07
N VAL D 1400 -32.00 11.56 -31.06
CA VAL D 1400 -32.65 10.76 -32.09
C VAL D 1400 -34.15 10.95 -32.10
N GLU D 1401 -34.69 11.29 -30.93
CA GLU D 1401 -36.11 11.62 -30.80
C GLU D 1401 -36.50 12.69 -31.81
N ALA D 1402 -36.07 13.92 -31.55
CA ALA D 1402 -36.40 15.05 -32.40
C ALA D 1402 -35.92 14.84 -33.82
N LEU D 1403 -34.64 14.47 -33.95
CA LEU D 1403 -34.04 14.28 -35.27
C LEU D 1403 -34.86 13.35 -36.17
N ASN D 1404 -35.05 12.11 -35.73
CA ASN D 1404 -35.80 11.13 -36.50
C ASN D 1404 -37.28 11.46 -36.67
N GLU D 1405 -37.93 11.93 -35.60
CA GLU D 1405 -39.37 12.25 -35.69
C GLU D 1405 -39.64 13.44 -36.61
N ARG D 1406 -38.61 14.24 -36.85
CA ARG D 1406 -38.76 15.41 -37.70
C ARG D 1406 -38.33 15.15 -39.14
N LEU D 1407 -37.04 14.88 -39.34
CA LEU D 1407 -36.50 14.72 -40.69
C LEU D 1407 -37.04 13.49 -41.44
N ILE D 1408 -37.36 12.44 -40.68
CA ILE D 1408 -37.83 11.19 -41.25
C ILE D 1408 -39.35 11.01 -41.11
N ALA D 1409 -39.87 11.36 -39.93
CA ALA D 1409 -41.30 11.22 -39.64
C ALA D 1409 -42.06 12.54 -39.69
N GLU D 1410 -43.37 12.45 -39.57
CA GLU D 1410 -44.21 13.64 -39.51
C GLU D 1410 -44.65 13.93 -38.07
N GLY D 1411 -44.32 13.01 -37.17
CA GLY D 1411 -44.67 13.15 -35.77
C GLY D 1411 -44.15 14.43 -35.14
N LYS D 1412 -44.93 15.50 -35.22
CA LYS D 1412 -44.52 16.79 -34.68
C LYS D 1412 -44.85 16.91 -33.18
N THR D 1413 -44.31 15.98 -32.41
CA THR D 1413 -44.45 16.02 -30.95
C THR D 1413 -43.08 15.96 -30.28
N PRO D 1414 -42.30 17.04 -30.35
CA PRO D 1414 -40.97 17.08 -29.70
C PRO D 1414 -41.09 17.02 -28.19
N VAL D 1415 -40.52 15.99 -27.58
CA VAL D 1415 -40.54 15.88 -26.14
C VAL D 1415 -39.60 16.90 -25.51
N ALA D 1416 -40.12 17.72 -24.60
CA ALA D 1416 -39.32 18.74 -23.97
C ALA D 1416 -38.56 18.15 -22.80
N TRP D 1417 -37.24 18.24 -22.86
CA TRP D 1417 -36.42 17.72 -21.77
C TRP D 1417 -35.91 18.84 -20.88
N LYS D 1418 -35.48 18.47 -19.68
CA LYS D 1418 -34.96 19.40 -18.69
C LYS D 1418 -33.56 18.98 -18.30
N PRO D 1419 -32.59 19.89 -18.43
CA PRO D 1419 -31.19 19.70 -18.04
C PRO D 1419 -31.08 19.13 -16.64
N LEU D 1420 -30.30 18.08 -16.48
CA LEU D 1420 -30.20 17.40 -15.19
C LEU D 1420 -28.74 17.16 -14.80
N LEU D 1421 -28.35 17.78 -13.69
CA LEU D 1421 -27.01 17.65 -13.17
C LEU D 1421 -27.04 16.68 -12.00
N MET D 1422 -26.50 15.49 -12.22
CA MET D 1422 -26.48 14.49 -11.17
C MET D 1422 -25.06 14.07 -10.86
N GLY D 1423 -24.85 13.60 -9.63
CA GLY D 1423 -23.53 13.25 -9.15
C GLY D 1423 -22.87 12.17 -9.98
N VAL D 1424 -21.54 12.08 -9.88
CA VAL D 1424 -20.80 11.08 -10.64
C VAL D 1424 -21.24 9.65 -10.32
N THR D 1425 -21.39 9.35 -9.03
CA THR D 1425 -21.85 8.01 -8.64
C THR D 1425 -23.33 7.83 -8.99
N LYS D 1426 -24.09 8.92 -8.94
CA LYS D 1426 -25.50 8.90 -9.32
C LYS D 1426 -25.60 8.70 -10.82
N SER D 1427 -24.62 9.25 -11.53
CA SER D 1427 -24.53 9.10 -12.97
C SER D 1427 -24.26 7.64 -13.32
N ALA D 1428 -23.18 7.10 -12.78
CA ALA D 1428 -22.75 5.75 -13.13
C ALA D 1428 -23.64 4.68 -12.48
N LEU D 1429 -24.55 5.12 -11.60
CA LEU D 1429 -25.45 4.20 -10.92
C LEU D 1429 -26.53 3.70 -11.88
N SER D 1430 -26.71 4.42 -12.98
CA SER D 1430 -27.79 4.11 -13.91
C SER D 1430 -27.34 4.08 -15.37
N THR D 1431 -26.21 3.44 -15.64
CA THR D 1431 -25.78 3.29 -17.02
C THR D 1431 -26.76 2.35 -17.72
N LYS D 1432 -26.97 2.55 -19.01
CA LYS D 1432 -27.92 1.71 -19.74
C LYS D 1432 -27.48 0.27 -19.67
N SER D 1433 -26.18 0.05 -19.89
CA SER D 1433 -25.63 -1.29 -19.91
C SER D 1433 -25.80 -1.98 -18.56
N TRP D 1434 -26.65 -3.00 -18.53
CA TRP D 1434 -26.91 -3.75 -17.32
C TRP D 1434 -25.72 -4.62 -16.90
N LEU D 1435 -24.85 -4.95 -17.84
CA LEU D 1435 -23.69 -5.78 -17.55
C LEU D 1435 -22.78 -5.09 -16.54
N SER D 1436 -22.66 -3.77 -16.66
CA SER D 1436 -21.85 -2.97 -15.75
C SER D 1436 -22.50 -2.86 -14.37
N ALA D 1437 -23.78 -2.54 -14.33
CA ALA D 1437 -24.49 -2.31 -13.07
C ALA D 1437 -24.68 -3.62 -12.33
N ALA D 1438 -24.56 -4.73 -13.05
CA ALA D 1438 -24.70 -6.06 -12.46
C ALA D 1438 -23.55 -6.37 -11.50
N SER D 1439 -22.45 -5.64 -11.66
CA SER D 1439 -21.27 -5.85 -10.82
C SER D 1439 -21.34 -5.03 -9.54
N PHE D 1440 -21.37 -3.71 -9.69
CA PHE D 1440 -21.39 -2.80 -8.56
C PHE D 1440 -22.70 -2.86 -7.78
N GLN D 1441 -23.78 -2.42 -8.42
CA GLN D 1441 -25.09 -2.38 -7.79
C GLN D 1441 -25.59 -3.77 -7.40
N ASN D 1442 -26.71 -3.82 -6.69
CA ASN D 1442 -27.28 -5.10 -6.26
C ASN D 1442 -27.59 -6.00 -7.46
N THR D 1443 -26.82 -7.09 -7.59
CA THR D 1443 -26.91 -7.94 -8.77
C THR D 1443 -28.29 -8.54 -9.02
N THR D 1444 -28.91 -9.10 -7.99
CA THR D 1444 -30.21 -9.73 -8.15
C THR D 1444 -31.25 -8.73 -8.65
N HIS D 1445 -31.06 -7.47 -8.28
CA HIS D 1445 -31.97 -6.40 -8.71
C HIS D 1445 -31.68 -5.93 -10.13
N VAL D 1446 -30.42 -5.66 -10.42
CA VAL D 1446 -29.99 -5.26 -11.75
C VAL D 1446 -30.35 -6.32 -12.80
N LEU D 1447 -30.42 -7.57 -12.37
CA LEU D 1447 -30.82 -8.63 -13.29
C LEU D 1447 -32.34 -8.78 -13.36
N THR D 1448 -33.00 -8.75 -12.21
CA THR D 1448 -34.45 -8.90 -12.19
C THR D 1448 -35.12 -7.78 -12.99
N GLU D 1449 -34.69 -6.55 -12.75
CA GLU D 1449 -35.26 -5.38 -13.41
C GLU D 1449 -34.96 -5.33 -14.91
N ALA D 1450 -33.74 -5.70 -15.28
CA ALA D 1450 -33.34 -5.65 -16.69
C ALA D 1450 -33.85 -6.86 -17.47
N ALA D 1451 -34.29 -7.89 -16.78
CA ALA D 1451 -34.74 -9.10 -17.48
C ALA D 1451 -36.15 -8.92 -18.04
N ILE D 1452 -37.00 -8.25 -17.27
CA ILE D 1452 -38.39 -8.08 -17.65
C ILE D 1452 -38.51 -7.29 -18.96
N ALA D 1453 -37.55 -6.42 -19.20
CA ALA D 1453 -37.51 -5.64 -20.44
C ALA D 1453 -36.29 -6.03 -21.26
N GLY D 1454 -36.51 -6.74 -22.35
CA GLY D 1454 -35.44 -7.16 -23.24
C GLY D 1454 -34.37 -6.11 -23.44
N LYS D 1455 -33.51 -5.97 -22.43
CA LYS D 1455 -32.46 -4.97 -22.43
C LYS D 1455 -31.25 -5.41 -23.25
N LYS D 1456 -30.98 -4.70 -24.33
CA LYS D 1456 -29.77 -4.94 -25.10
C LYS D 1456 -28.58 -4.25 -24.43
N ASP D 1457 -27.74 -5.05 -23.78
CA ASP D 1457 -26.46 -4.54 -23.30
C ASP D 1457 -25.54 -4.30 -24.48
N GLU D 1458 -25.37 -3.02 -24.79
CA GLU D 1458 -24.44 -2.59 -25.82
C GLU D 1458 -23.02 -2.79 -25.32
N LEU D 1459 -22.40 -3.91 -25.66
CA LEU D 1459 -21.06 -4.22 -25.19
C LEU D 1459 -20.02 -3.19 -25.60
N ILE D 1460 -20.03 -2.03 -24.94
CA ILE D 1460 -19.09 -0.97 -25.29
C ILE D 1460 -18.20 -0.55 -24.11
N GLY D 1461 -18.81 -0.32 -22.96
CA GLY D 1461 -18.07 0.07 -21.77
C GLY D 1461 -17.02 -0.96 -21.43
N LEU D 1462 -15.87 -0.48 -20.96
CA LEU D 1462 -14.78 -1.34 -20.56
C LEU D 1462 -15.20 -2.29 -19.44
N LYS D 1463 -15.47 -1.73 -18.26
CA LYS D 1463 -15.89 -2.51 -17.08
C LYS D 1463 -16.97 -3.51 -17.46
N GLU D 1464 -17.88 -3.04 -18.29
CA GLU D 1464 -18.95 -3.85 -18.87
C GLU D 1464 -18.42 -5.03 -19.70
N ASN D 1465 -17.50 -4.75 -20.63
CA ASN D 1465 -17.00 -5.75 -21.57
C ASN D 1465 -15.88 -6.63 -21.01
N VAL D 1466 -15.48 -6.35 -19.77
CA VAL D 1466 -14.36 -7.04 -19.12
C VAL D 1466 -14.84 -8.27 -18.34
N ILE D 1467 -16.02 -8.15 -17.72
CA ILE D 1467 -16.63 -9.24 -16.97
C ILE D 1467 -16.70 -10.50 -17.82
N LEU D 1468 -16.85 -10.30 -19.12
CA LEU D 1468 -16.97 -11.38 -20.08
C LEU D 1468 -15.59 -11.97 -20.41
N GLY D 1469 -14.71 -11.13 -20.95
CA GLY D 1469 -13.39 -11.57 -21.33
C GLY D 1469 -12.88 -10.86 -22.57
N ARG D 1470 -13.80 -10.60 -23.50
CA ARG D 1470 -13.50 -9.93 -24.77
C ARG D 1470 -12.54 -8.74 -24.60
N LEU D 1471 -11.64 -8.54 -25.57
CA LEU D 1471 -10.75 -7.41 -25.57
C LEU D 1471 -11.51 -6.12 -25.30
N ILE D 1472 -10.92 -5.24 -24.49
CA ILE D 1472 -11.56 -3.99 -24.14
C ILE D 1472 -11.70 -3.14 -25.39
N PRO D 1473 -12.86 -2.50 -25.56
CA PRO D 1473 -13.15 -1.67 -26.73
C PRO D 1473 -12.37 -0.37 -26.74
N ALA D 1474 -11.03 -0.45 -26.70
CA ALA D 1474 -10.16 0.71 -26.88
C ALA D 1474 -8.73 0.26 -27.14
N GLY D 1475 -7.88 1.21 -27.53
CA GLY D 1475 -6.48 0.91 -27.78
C GLY D 1475 -6.25 -0.12 -28.86
N THR D 1476 -5.61 -1.22 -28.51
CA THR D 1476 -5.35 -2.29 -29.46
C THR D 1476 -6.62 -3.08 -29.75
N GLY D 1477 -7.70 -2.72 -29.06
CA GLY D 1477 -8.97 -3.39 -29.23
C GLY D 1477 -10.01 -2.55 -29.95
N SER D 1478 -9.66 -1.28 -30.22
CA SER D 1478 -10.57 -0.38 -30.91
C SER D 1478 -10.93 -0.91 -32.28
N ASP D 1479 -12.19 -0.77 -32.65
CA ASP D 1479 -12.67 -1.26 -33.94
C ASP D 1479 -11.95 -0.56 -35.09
N PHE D 1480 -11.58 0.70 -34.86
CA PHE D 1480 -10.89 1.51 -35.86
C PHE D 1480 -9.54 0.91 -36.26
N VAL D 1481 -9.02 0.04 -35.40
CA VAL D 1481 -7.69 -0.51 -35.58
C VAL D 1481 -7.71 -2.03 -35.62
N ARG D 1482 -8.62 -2.63 -34.85
CA ARG D 1482 -8.67 -4.07 -34.68
C ARG D 1482 -8.66 -4.83 -36.01
N PHE D 1483 -9.49 -4.36 -36.95
CA PHE D 1483 -9.60 -4.98 -38.26
C PHE D 1483 -8.62 -4.38 -39.24
N THR D 1484 -7.34 -4.78 -39.14
CA THR D 1484 -6.33 -4.36 -40.10
C THR D 1484 -5.41 -5.50 -40.46
N GLN D 1485 -5.00 -5.55 -41.72
CA GLN D 1485 -4.12 -6.60 -42.21
C GLN D 1485 -2.86 -6.01 -42.80
N VAL D 1486 -1.82 -6.83 -42.89
CA VAL D 1486 -0.59 -6.42 -43.57
C VAL D 1486 0.01 -7.55 -44.40
N VAL D 1487 0.44 -7.21 -45.62
CA VAL D 1487 1.08 -8.17 -46.51
C VAL D 1487 2.22 -7.56 -47.32
N ASP D 1488 3.01 -8.43 -47.93
CA ASP D 1488 4.11 -8.03 -48.79
C ASP D 1488 3.75 -8.27 -50.26
N GLN D 1489 4.62 -7.82 -51.16
CA GLN D 1489 4.33 -7.91 -52.59
C GLN D 1489 4.35 -9.36 -53.09
N LYS D 1490 5.21 -10.18 -52.49
CA LYS D 1490 5.30 -11.60 -52.83
C LYS D 1490 3.96 -12.32 -52.69
N THR D 1491 3.14 -11.88 -51.73
CA THR D 1491 1.81 -12.45 -51.53
C THR D 1491 0.77 -11.61 -52.26
N LEU D 1492 0.97 -10.29 -52.20
CA LEU D 1492 0.09 -9.33 -52.87
C LEU D 1492 -0.11 -9.69 -54.34
N LYS D 1493 0.95 -10.12 -55.02
CA LYS D 1493 0.87 -10.52 -56.43
C LYS D 1493 0.06 -11.80 -56.58
N ALA D 1494 0.39 -12.83 -55.79
CA ALA D 1494 -0.33 -14.10 -55.83
C ALA D 1494 -1.84 -13.93 -55.64
N ILE D 1495 -2.22 -13.09 -54.69
CA ILE D 1495 -3.63 -12.75 -54.48
C ILE D 1495 -4.15 -11.91 -55.65
N GLU D 1496 -3.28 -11.06 -56.18
CA GLU D 1496 -3.63 -10.14 -57.27
C GLU D 1496 -4.06 -10.92 -58.51
N GLU D 1497 -3.46 -12.08 -58.72
CA GLU D 1497 -3.74 -12.88 -59.91
C GLU D 1497 -5.17 -13.43 -59.96
N ALA D 1498 -5.56 -14.16 -58.93
CA ALA D 1498 -6.86 -14.83 -58.93
C ALA D 1498 -8.01 -13.91 -58.48
N ARG D 1499 -7.74 -12.62 -58.41
CA ARG D 1499 -8.74 -11.63 -58.00
C ARG D 1499 -9.63 -11.22 -59.19
N ALA E 2 15.07 3.36 -25.77
CA ALA E 2 14.61 3.64 -27.13
C ALA E 2 14.48 2.35 -27.98
N GLU E 3 13.84 2.47 -29.13
CA GLU E 3 13.63 1.34 -30.03
C GLU E 3 13.96 1.73 -31.48
N PRO E 4 14.09 0.74 -32.40
CA PRO E 4 14.42 1.02 -33.81
C PRO E 4 13.59 2.12 -34.48
N GLY E 5 13.95 3.39 -34.25
CA GLY E 5 13.35 4.51 -34.95
C GLY E 5 11.86 4.66 -34.82
N ILE E 6 11.34 4.53 -33.60
CA ILE E 6 9.91 4.52 -33.35
C ILE E 6 9.17 5.77 -33.81
N ASP E 7 9.85 6.91 -33.83
CA ASP E 7 9.20 8.14 -34.26
C ASP E 7 8.76 8.05 -35.71
N LYS E 8 9.56 7.34 -36.51
CA LYS E 8 9.23 7.09 -37.90
C LYS E 8 8.01 6.18 -37.96
N LEU E 9 7.96 5.24 -37.01
CA LEU E 9 6.87 4.27 -36.96
C LEU E 9 5.51 4.87 -36.54
N PHE E 10 5.53 5.74 -35.53
CA PHE E 10 4.30 6.35 -35.04
C PHE E 10 3.74 7.28 -36.09
N GLY E 11 4.63 8.05 -36.72
CA GLY E 11 4.24 8.94 -37.79
C GLY E 11 3.76 8.15 -39.01
N MET E 12 4.31 6.95 -39.17
CA MET E 12 3.97 6.10 -40.31
C MET E 12 2.47 5.74 -40.35
N VAL E 13 1.81 5.79 -39.20
CA VAL E 13 0.39 5.43 -39.13
C VAL E 13 -0.55 6.54 -38.64
N ASP E 14 -1.85 6.30 -38.77
CA ASP E 14 -2.88 7.24 -38.32
C ASP E 14 -3.01 7.26 -36.79
N SER E 15 -3.19 6.09 -36.20
CA SER E 15 -3.24 5.95 -34.74
C SER E 15 -2.05 5.13 -34.27
N LYS E 16 -1.62 5.33 -33.03
CA LYS E 16 -0.47 4.61 -32.50
C LYS E 16 -0.76 3.11 -32.37
N TYR E 17 -2.03 2.79 -32.15
CA TYR E 17 -2.43 1.40 -31.96
C TYR E 17 -2.39 0.64 -33.28
N ARG E 18 -2.63 1.36 -34.37
CA ARG E 18 -2.54 0.79 -35.71
C ARG E 18 -1.18 0.12 -35.90
N LEU E 19 -0.13 0.85 -35.55
CA LEU E 19 1.24 0.33 -35.63
C LEU E 19 1.40 -0.95 -34.82
N THR E 20 0.86 -0.95 -33.60
CA THR E 20 0.95 -2.10 -32.72
C THR E 20 0.30 -3.34 -33.33
N VAL E 21 -0.91 -3.17 -33.88
CA VAL E 21 -1.62 -4.30 -34.48
C VAL E 21 -0.88 -4.81 -35.72
N VAL E 22 -0.39 -3.87 -36.53
CA VAL E 22 0.38 -4.19 -37.72
C VAL E 22 1.60 -5.03 -37.37
N VAL E 23 2.42 -4.50 -36.46
CA VAL E 23 3.62 -5.18 -35.99
C VAL E 23 3.30 -6.57 -35.44
N ALA E 24 2.28 -6.63 -34.59
CA ALA E 24 1.87 -7.89 -33.98
C ALA E 24 1.50 -8.95 -35.01
N LYS E 25 0.54 -8.64 -35.86
CA LYS E 25 0.08 -9.59 -36.88
C LYS E 25 1.24 -9.99 -37.81
N ARG E 26 2.08 -9.03 -38.15
CA ARG E 26 3.25 -9.29 -38.98
C ARG E 26 4.13 -10.34 -38.33
N ALA E 27 4.44 -10.14 -37.06
CA ALA E 27 5.22 -11.10 -36.29
C ALA E 27 4.56 -12.47 -36.29
N GLN E 28 3.24 -12.47 -36.12
CA GLN E 28 2.46 -13.70 -36.08
C GLN E 28 2.63 -14.51 -37.34
N GLN E 29 2.31 -13.92 -38.48
CA GLN E 29 2.41 -14.63 -39.75
C GLN E 29 3.87 -14.97 -40.07
N LEU E 30 4.77 -14.12 -39.59
CA LEU E 30 6.21 -14.33 -39.78
C LEU E 30 6.69 -15.55 -38.99
N LEU E 31 5.96 -15.91 -37.95
CA LEU E 31 6.34 -17.04 -37.12
C LEU E 31 5.57 -18.34 -37.47
N ARG E 32 4.34 -18.18 -37.94
CA ARG E 32 3.44 -19.31 -38.18
C ARG E 32 3.65 -19.98 -39.53
N HIS E 33 4.10 -19.20 -40.51
CA HIS E 33 4.25 -19.70 -41.87
C HIS E 33 5.73 -19.81 -42.26
N GLY E 34 6.57 -20.16 -41.28
CA GLY E 34 8.01 -20.16 -41.45
C GLY E 34 8.55 -18.74 -41.42
N PHE E 35 9.74 -18.56 -40.85
CA PHE E 35 10.36 -17.24 -40.73
C PHE E 35 11.01 -16.79 -42.03
N LYS E 36 10.60 -17.41 -43.13
CA LYS E 36 11.22 -17.12 -44.40
C LYS E 36 10.50 -16.01 -45.15
N ASN E 37 9.21 -15.84 -44.89
CA ASN E 37 8.44 -14.79 -45.57
C ASN E 37 8.78 -13.37 -45.10
N THR E 38 10.05 -13.14 -44.79
CA THR E 38 10.56 -11.82 -44.42
C THR E 38 10.84 -10.99 -45.68
N VAL E 39 10.95 -9.67 -45.51
CA VAL E 39 11.08 -8.78 -46.66
C VAL E 39 12.39 -7.98 -46.64
N LEU E 40 13.40 -8.52 -45.95
CA LEU E 40 14.72 -7.91 -45.90
C LEU E 40 15.78 -8.86 -45.35
N GLU E 41 15.87 -10.05 -45.94
CA GLU E 41 16.81 -11.07 -45.47
C GLU E 41 18.22 -11.17 -46.11
N PRO E 42 18.53 -10.37 -47.15
CA PRO E 42 19.88 -10.67 -47.66
C PRO E 42 21.03 -10.13 -46.80
N GLU E 43 21.14 -8.81 -46.69
CA GLU E 43 22.23 -8.21 -45.93
C GLU E 43 21.72 -7.25 -44.83
N GLU E 44 20.67 -6.50 -45.13
CA GLU E 44 20.13 -5.54 -44.18
C GLU E 44 19.11 -6.22 -43.26
N ARG E 45 19.61 -6.97 -42.27
CA ARG E 45 18.75 -7.78 -41.41
C ARG E 45 19.24 -7.79 -39.95
N PRO E 46 18.30 -7.94 -39.00
CA PRO E 46 18.56 -8.03 -37.56
C PRO E 46 19.44 -9.21 -37.20
N LYS E 47 20.37 -8.99 -36.27
CA LYS E 47 21.31 -10.01 -35.83
C LYS E 47 21.52 -9.99 -34.31
N MET E 48 22.10 -11.06 -33.77
CA MET E 48 22.31 -11.20 -32.32
C MET E 48 23.79 -11.34 -31.97
N GLN E 49 24.09 -11.72 -30.73
CA GLN E 49 25.44 -11.56 -30.18
C GLN E 49 26.26 -12.83 -29.88
N THR E 50 25.61 -13.96 -29.62
CA THR E 50 26.35 -15.20 -29.36
C THR E 50 27.00 -15.66 -30.66
N LEU E 51 26.17 -16.11 -31.60
CA LEU E 51 26.56 -16.17 -32.99
C LEU E 51 25.78 -15.05 -33.68
N GLU E 52 25.82 -14.98 -35.01
CA GLU E 52 25.00 -13.99 -35.72
C GLU E 52 23.64 -14.59 -36.03
N GLY E 53 23.27 -15.60 -35.24
CA GLY E 53 22.11 -16.43 -35.53
C GLY E 53 20.74 -15.86 -35.25
N LEU E 54 20.60 -14.53 -35.24
CA LEU E 54 19.26 -13.96 -35.18
C LEU E 54 18.64 -14.09 -36.56
N PHE E 55 19.46 -14.50 -37.53
CA PHE E 55 19.03 -14.70 -38.90
C PHE E 55 17.87 -15.71 -39.03
N ASP E 56 17.62 -16.48 -37.97
CA ASP E 56 16.56 -17.48 -37.99
C ASP E 56 15.29 -17.13 -37.19
N ASP E 57 15.37 -17.21 -35.86
CA ASP E 57 14.14 -17.06 -35.05
C ASP E 57 14.26 -16.74 -33.54
N PRO E 58 15.02 -15.69 -33.17
CA PRO E 58 14.89 -15.28 -31.76
C PRO E 58 13.62 -14.51 -31.46
N ASN E 59 13.54 -13.26 -31.91
CA ASN E 59 12.36 -12.44 -31.64
C ASN E 59 11.48 -12.23 -32.85
N ALA E 60 10.19 -12.07 -32.62
CA ALA E 60 9.23 -11.88 -33.69
C ALA E 60 8.99 -10.40 -33.97
N VAL E 61 8.85 -9.61 -32.90
CA VAL E 61 8.46 -8.21 -33.03
C VAL E 61 9.55 -7.34 -33.65
N THR E 62 10.79 -7.55 -33.19
CA THR E 62 11.96 -6.84 -33.69
C THR E 62 11.96 -6.81 -35.21
N TRP E 63 11.72 -7.98 -35.79
CA TRP E 63 11.66 -8.12 -37.24
C TRP E 63 10.58 -7.25 -37.83
N ALA E 64 9.39 -7.30 -37.26
CA ALA E 64 8.25 -6.56 -37.81
C ALA E 64 8.53 -5.06 -37.81
N MET E 65 9.09 -4.58 -36.71
CA MET E 65 9.41 -3.17 -36.57
C MET E 65 10.51 -2.74 -37.54
N LYS E 66 11.54 -3.58 -37.69
CA LYS E 66 12.63 -3.22 -38.60
C LYS E 66 12.21 -3.33 -40.06
N GLU E 67 11.17 -4.13 -40.32
CA GLU E 67 10.64 -4.31 -41.66
C GLU E 67 9.80 -3.14 -42.10
N LEU E 68 8.80 -2.81 -41.27
CA LEU E 68 7.92 -1.67 -41.55
C LEU E 68 8.69 -0.40 -41.84
N LEU E 69 9.93 -0.33 -41.34
CA LEU E 69 10.77 0.84 -41.50
C LEU E 69 11.07 1.13 -42.98
N THR E 70 10.88 0.12 -43.82
CA THR E 70 11.08 0.25 -45.26
C THR E 70 9.78 0.05 -46.02
N GLY E 71 9.66 0.70 -47.18
CA GLY E 71 8.44 0.62 -47.96
C GLY E 71 8.26 -0.72 -48.64
N ARG E 72 8.34 -1.80 -47.86
CA ARG E 72 8.18 -3.15 -48.39
C ARG E 72 6.82 -3.72 -48.03
N LEU E 73 6.19 -3.12 -47.02
CA LEU E 73 4.88 -3.56 -46.56
C LEU E 73 3.88 -2.42 -46.49
N VAL E 74 2.61 -2.74 -46.69
CA VAL E 74 1.54 -1.75 -46.66
C VAL E 74 0.37 -2.24 -45.80
N PHE E 75 -0.01 -1.42 -44.82
CA PHE E 75 -1.12 -1.73 -43.94
C PHE E 75 -2.41 -1.12 -44.47
N GLY E 76 -3.50 -1.30 -43.75
CA GLY E 76 -4.77 -0.75 -44.17
C GLY E 76 -5.94 -1.56 -43.67
N GLU E 77 -7.15 -1.06 -43.89
CA GLU E 77 -8.34 -1.74 -43.40
C GLU E 77 -8.57 -3.04 -44.14
N ASN E 78 -9.11 -2.95 -45.34
CA ASN E 78 -9.38 -4.14 -46.12
C ASN E 78 -8.52 -4.18 -47.38
N LEU E 79 -7.73 -5.24 -47.52
CA LEU E 79 -6.82 -5.35 -48.64
C LEU E 79 -7.00 -6.67 -49.39
N VAL E 80 -7.16 -7.75 -48.63
CA VAL E 80 -7.28 -9.09 -49.19
C VAL E 80 -8.40 -9.84 -48.47
N PRO E 81 -9.21 -10.60 -49.22
CA PRO E 81 -10.26 -11.47 -48.66
C PRO E 81 -9.77 -12.28 -47.46
N GLU E 82 -10.66 -12.53 -46.50
CA GLU E 82 -10.29 -13.12 -45.22
C GLU E 82 -9.63 -14.50 -45.32
N ASP E 83 -10.33 -15.44 -45.92
CA ASP E 83 -9.86 -16.83 -46.02
C ASP E 83 -8.69 -17.01 -46.99
N ARG E 84 -8.80 -16.38 -48.16
CA ARG E 84 -7.82 -16.52 -49.25
C ARG E 84 -6.41 -16.18 -48.80
N LEU E 85 -6.28 -15.09 -48.06
CA LEU E 85 -5.02 -14.65 -47.50
C LEU E 85 -4.42 -15.76 -46.64
N GLN E 86 -5.20 -16.22 -45.68
CA GLN E 86 -4.79 -17.30 -44.78
C GLN E 86 -4.34 -18.53 -45.55
N LYS E 87 -5.03 -18.84 -46.64
CA LYS E 87 -4.70 -20.01 -47.46
C LYS E 87 -3.37 -19.86 -48.20
N GLU E 88 -3.32 -18.84 -49.06
CA GLU E 88 -2.14 -18.61 -49.89
C GLU E 88 -0.90 -18.27 -49.08
N MET E 89 -1.07 -17.69 -47.90
CA MET E 89 0.08 -17.36 -47.06
C MET E 89 0.68 -18.64 -46.49
N GLU E 90 -0.13 -19.70 -46.41
CA GLU E 90 0.34 -21.01 -45.98
C GLU E 90 0.81 -21.86 -47.14
N ARG E 91 0.34 -21.53 -48.34
CA ARG E 91 0.74 -22.27 -49.54
C ARG E 91 2.15 -21.90 -50.00
N LEU E 92 2.38 -20.60 -50.23
CA LEU E 92 3.63 -20.13 -50.83
C LEU E 92 4.88 -20.42 -50.00
N TYR E 93 4.67 -20.80 -48.74
CA TYR E 93 5.74 -21.03 -47.79
C TYR E 93 5.53 -22.39 -47.12
N PRO E 94 6.58 -22.93 -46.46
CA PRO E 94 6.45 -24.18 -45.70
C PRO E 94 5.41 -24.11 -44.59
ZN ZN I . -20.68 -47.22 -25.70
ZN ZN J . -16.06 15.58 -30.66
MG MG K . 8.93 3.84 -0.13
#